data_2K60
#
_entry.id   2K60
#
_cell.length_a   1.000
_cell.length_b   1.000
_cell.length_c   1.000
_cell.angle_alpha   90.00
_cell.angle_beta   90.00
_cell.angle_gamma   90.00
#
_symmetry.space_group_name_H-M   'P 1'
#
loop_
_entity.id
_entity.type
_entity.pdbx_description
1 polymer 'PROTEIN (Stromal interaction molecule 1)'
2 non-polymer 'CALCIUM ION'
#
_entity_poly.entity_id   1
_entity_poly.type   'polypeptide(L)'
_entity_poly.pdbx_seq_one_letter_code
;GSHMASSEDEKLSFEAVRNIHKLMDDDANGDVDVEESDEFLREDLNYHDPTVKHSTFHGEDKLISVEDLWKAWKSSEVYN
WTVDEVVQWLITYVELPQYEETFRKLQLSGHAMPRLAVTNTTMTGTVLKMTDRSHRQKLQLKALDTVLFG
;
_entity_poly.pdbx_strand_id   A
#
# COMPACT_ATOMS: atom_id res chain seq x y z
N GLY A 1 -0.04 -18.59 1.70
CA GLY A 1 -0.42 -19.90 1.15
C GLY A 1 -1.53 -19.76 0.15
N SER A 2 -1.24 -19.12 -0.96
CA SER A 2 -2.15 -18.93 -2.06
C SER A 2 -1.33 -18.60 -3.30
N HIS A 3 -1.80 -19.01 -4.46
CA HIS A 3 -1.12 -18.69 -5.73
C HIS A 3 -1.28 -17.20 -6.00
N MET A 4 -2.49 -16.72 -5.73
CA MET A 4 -2.90 -15.35 -5.96
C MET A 4 -1.99 -14.35 -5.22
N ALA A 5 -1.95 -14.45 -3.92
CA ALA A 5 -1.18 -13.55 -3.11
C ALA A 5 -0.66 -14.31 -1.91
N SER A 6 0.54 -13.96 -1.47
CA SER A 6 1.19 -14.60 -0.34
C SER A 6 1.51 -16.09 -0.61
N SER A 7 2.64 -16.33 -1.20
CA SER A 7 3.04 -17.67 -1.52
C SER A 7 4.04 -18.15 -0.46
N GLU A 8 3.99 -19.42 -0.12
CA GLU A 8 4.85 -19.95 0.91
C GLU A 8 6.17 -20.43 0.34
N ASP A 9 7.19 -19.75 0.74
CA ASP A 9 8.59 -20.00 0.40
C ASP A 9 9.36 -18.93 1.09
N GLU A 10 9.15 -17.74 0.63
CA GLU A 10 9.67 -16.56 1.20
C GLU A 10 8.97 -15.42 0.54
N LYS A 11 8.43 -14.54 1.33
CA LYS A 11 7.63 -13.45 0.83
C LYS A 11 8.50 -12.45 0.10
N LEU A 12 8.44 -12.52 -1.19
CA LEU A 12 9.22 -11.66 -2.05
C LEU A 12 8.49 -10.32 -2.20
N SER A 13 9.19 -9.30 -2.63
CA SER A 13 8.60 -7.99 -2.71
C SER A 13 7.56 -7.90 -3.85
N PHE A 14 7.70 -8.74 -4.87
CA PHE A 14 6.77 -8.69 -5.98
C PHE A 14 5.39 -9.23 -5.59
N GLU A 15 5.36 -10.38 -4.94
CA GLU A 15 4.10 -10.94 -4.48
C GLU A 15 3.44 -10.00 -3.47
N ALA A 16 4.28 -9.32 -2.70
CA ALA A 16 3.81 -8.34 -1.76
C ALA A 16 3.17 -7.17 -2.49
N VAL A 17 3.89 -6.59 -3.46
CA VAL A 17 3.40 -5.44 -4.19
C VAL A 17 2.10 -5.78 -4.97
N ARG A 18 2.05 -7.01 -5.54
CA ARG A 18 0.86 -7.44 -6.26
C ARG A 18 -0.27 -7.67 -5.27
N ASN A 19 0.09 -8.04 -4.04
CA ASN A 19 -0.89 -8.29 -2.97
C ASN A 19 -1.60 -6.99 -2.64
N ILE A 20 -0.83 -5.91 -2.41
CA ILE A 20 -1.47 -4.66 -2.07
C ILE A 20 -2.26 -4.13 -3.28
N HIS A 21 -1.77 -4.42 -4.50
CA HIS A 21 -2.55 -4.13 -5.72
C HIS A 21 -3.85 -4.99 -5.72
N LYS A 22 -3.72 -6.23 -5.29
CA LYS A 22 -4.79 -7.20 -5.20
C LYS A 22 -5.88 -6.72 -4.22
N LEU A 23 -5.51 -5.86 -3.28
CA LEU A 23 -6.52 -5.19 -2.44
C LEU A 23 -7.64 -4.57 -3.29
N MET A 24 -7.26 -4.09 -4.48
CA MET A 24 -8.20 -3.57 -5.46
C MET A 24 -8.58 -4.67 -6.42
N ASP A 25 -7.57 -5.34 -6.96
CA ASP A 25 -7.80 -6.40 -7.93
C ASP A 25 -8.07 -7.71 -7.24
N ASP A 26 -9.35 -7.99 -7.04
CA ASP A 26 -9.80 -9.17 -6.29
C ASP A 26 -9.18 -10.48 -6.77
N ASP A 27 -9.15 -10.69 -8.07
CA ASP A 27 -8.64 -11.97 -8.59
C ASP A 27 -7.15 -11.95 -8.77
N ALA A 28 -6.59 -10.76 -8.61
CA ALA A 28 -5.18 -10.49 -8.77
C ALA A 28 -4.63 -11.07 -10.07
N ASN A 29 -5.09 -10.53 -11.15
CA ASN A 29 -4.70 -10.98 -12.46
C ASN A 29 -3.63 -10.07 -12.98
N GLY A 30 -3.27 -9.10 -12.16
CA GLY A 30 -2.26 -8.17 -12.54
C GLY A 30 -2.83 -6.83 -12.92
N ASP A 31 -4.12 -6.79 -13.10
CA ASP A 31 -4.83 -5.57 -13.44
C ASP A 31 -6.22 -5.58 -12.89
N VAL A 32 -6.55 -4.50 -12.23
CA VAL A 32 -7.83 -4.39 -11.64
C VAL A 32 -8.81 -3.85 -12.65
N ASP A 33 -9.91 -4.52 -12.78
CA ASP A 33 -10.97 -4.04 -13.62
C ASP A 33 -11.93 -3.27 -12.76
N VAL A 34 -12.72 -2.44 -13.39
CA VAL A 34 -13.65 -1.55 -12.72
C VAL A 34 -14.57 -2.28 -11.73
N GLU A 35 -15.03 -3.46 -12.12
CA GLU A 35 -15.94 -4.26 -11.32
C GLU A 35 -15.22 -4.82 -10.10
N GLU A 36 -13.95 -5.12 -10.27
CA GLU A 36 -13.17 -5.77 -9.24
C GLU A 36 -12.94 -4.81 -8.09
N SER A 37 -12.67 -3.59 -8.44
CA SER A 37 -12.40 -2.54 -7.49
C SER A 37 -13.63 -1.90 -6.86
N ASP A 38 -14.84 -2.38 -7.23
CA ASP A 38 -16.12 -1.69 -6.90
C ASP A 38 -16.17 -1.09 -5.49
N GLU A 39 -16.15 -1.90 -4.45
CA GLU A 39 -16.07 -1.29 -3.10
C GLU A 39 -14.62 -0.95 -2.78
N PHE A 40 -13.74 -1.85 -3.26
CA PHE A 40 -12.35 -1.91 -2.91
C PHE A 40 -11.57 -0.64 -3.04
N LEU A 41 -11.37 -0.14 -4.25
CA LEU A 41 -10.52 1.04 -4.40
C LEU A 41 -11.10 2.20 -3.59
N ARG A 42 -12.44 2.40 -3.78
CA ARG A 42 -13.17 3.54 -3.22
C ARG A 42 -12.90 3.67 -1.77
N GLU A 43 -13.32 2.72 -1.04
CA GLU A 43 -13.30 2.80 0.36
C GLU A 43 -12.02 2.36 0.93
N ASP A 44 -11.60 1.17 0.48
CA ASP A 44 -10.50 0.45 1.08
C ASP A 44 -9.20 1.22 1.02
N LEU A 45 -9.08 2.17 0.07
CA LEU A 45 -7.94 3.07 0.20
C LEU A 45 -8.30 4.51 -0.09
N ASN A 46 -9.35 4.76 -0.87
CA ASN A 46 -9.60 6.14 -1.24
C ASN A 46 -10.53 6.79 -0.24
N TYR A 47 -11.12 5.95 0.67
CA TYR A 47 -12.03 6.36 1.73
C TYR A 47 -13.21 7.28 1.32
N HIS A 48 -13.46 7.38 0.02
CA HIS A 48 -14.56 8.17 -0.51
C HIS A 48 -14.90 7.71 -1.92
N ASP A 49 -14.22 8.28 -2.89
CA ASP A 49 -14.47 7.94 -4.28
C ASP A 49 -13.15 7.69 -4.96
N PRO A 50 -13.05 6.58 -5.67
CA PRO A 50 -11.79 6.12 -6.28
C PRO A 50 -11.45 6.78 -7.60
N THR A 51 -12.25 7.73 -8.00
CA THR A 51 -12.10 8.46 -9.22
C THR A 51 -10.72 9.09 -9.28
N VAL A 52 -10.23 9.50 -8.10
CA VAL A 52 -8.94 10.10 -7.96
C VAL A 52 -7.88 9.11 -8.39
N LYS A 53 -7.84 7.95 -7.77
CA LYS A 53 -6.84 6.98 -8.12
C LYS A 53 -7.03 6.33 -9.46
N HIS A 54 -8.26 6.03 -9.84
CA HIS A 54 -8.53 5.44 -11.14
C HIS A 54 -8.07 6.37 -12.26
N SER A 55 -8.60 7.58 -12.27
CA SER A 55 -8.32 8.49 -13.36
C SER A 55 -6.94 9.17 -13.24
N THR A 56 -6.34 9.14 -12.06
CA THR A 56 -4.98 9.61 -11.95
C THR A 56 -4.01 8.56 -12.48
N PHE A 57 -4.21 7.29 -12.11
CA PHE A 57 -3.28 6.28 -12.53
C PHE A 57 -3.42 5.93 -14.01
N HIS A 58 -4.60 5.47 -14.39
CA HIS A 58 -4.80 5.09 -15.78
C HIS A 58 -4.96 6.33 -16.62
N GLY A 59 -5.89 7.16 -16.22
CA GLY A 59 -6.12 8.41 -16.86
C GLY A 59 -7.35 8.37 -17.67
N GLU A 60 -7.33 7.53 -18.65
CA GLU A 60 -8.40 7.42 -19.61
C GLU A 60 -9.45 6.40 -19.13
N ASP A 61 -9.05 5.54 -18.22
CA ASP A 61 -9.91 4.49 -17.75
C ASP A 61 -9.55 4.21 -16.30
N LYS A 62 -9.95 3.08 -15.80
CA LYS A 62 -9.90 2.78 -14.43
C LYS A 62 -9.03 1.54 -14.10
N LEU A 63 -8.26 1.06 -15.05
CA LEU A 63 -7.50 -0.17 -14.82
C LEU A 63 -6.15 0.14 -14.20
N ILE A 64 -5.86 -0.51 -13.11
CA ILE A 64 -4.60 -0.38 -12.39
C ILE A 64 -3.85 -1.68 -12.66
N SER A 65 -2.55 -1.63 -12.90
CA SER A 65 -1.80 -2.86 -13.17
C SER A 65 -0.60 -2.97 -12.22
N VAL A 66 -0.30 -4.19 -11.73
CA VAL A 66 0.78 -4.42 -10.74
C VAL A 66 2.12 -3.97 -11.25
N GLU A 67 2.52 -4.47 -12.40
CA GLU A 67 3.84 -4.13 -12.92
C GLU A 67 3.88 -2.65 -13.28
N ASP A 68 2.73 -2.14 -13.67
CA ASP A 68 2.65 -0.75 -14.06
C ASP A 68 2.77 0.11 -12.81
N LEU A 69 2.23 -0.42 -11.70
CA LEU A 69 2.41 0.18 -10.39
C LEU A 69 3.86 0.15 -10.01
N TRP A 70 4.48 -0.98 -10.23
CA TRP A 70 5.94 -1.14 -9.99
C TRP A 70 6.74 0.00 -10.69
N LYS A 71 6.51 0.16 -11.98
CA LYS A 71 7.14 1.21 -12.77
C LYS A 71 6.73 2.60 -12.25
N ALA A 72 5.45 2.77 -11.96
CA ALA A 72 4.90 4.02 -11.46
C ALA A 72 5.53 4.37 -10.12
N TRP A 73 5.56 3.42 -9.22
CA TRP A 73 6.13 3.56 -7.88
C TRP A 73 7.54 4.04 -7.97
N LYS A 74 8.35 3.41 -8.83
CA LYS A 74 9.74 3.85 -9.01
C LYS A 74 9.85 5.31 -9.54
N SER A 75 8.79 5.79 -10.15
CA SER A 75 8.76 7.11 -10.73
C SER A 75 7.95 8.08 -9.84
N SER A 76 7.32 7.54 -8.82
CA SER A 76 6.49 8.32 -7.95
C SER A 76 7.26 8.81 -6.75
N GLU A 77 6.67 9.78 -6.04
CA GLU A 77 7.28 10.42 -4.88
C GLU A 77 7.70 9.39 -3.83
N VAL A 78 6.86 8.37 -3.71
CA VAL A 78 7.03 7.27 -2.78
C VAL A 78 8.42 6.61 -2.81
N TYR A 79 8.89 6.24 -4.00
CA TYR A 79 10.16 5.53 -4.12
C TYR A 79 11.36 6.46 -3.85
N ASN A 80 11.10 7.75 -3.85
CA ASN A 80 12.12 8.74 -3.59
C ASN A 80 12.21 9.04 -2.09
N TRP A 81 11.14 8.77 -1.37
CA TRP A 81 11.08 9.07 0.05
C TRP A 81 11.95 8.17 0.91
N THR A 82 12.89 8.79 1.60
CA THR A 82 13.77 8.09 2.50
C THR A 82 13.06 7.92 3.87
N VAL A 83 13.79 7.47 4.88
CA VAL A 83 13.20 7.19 6.18
C VAL A 83 12.67 8.46 6.84
N ASP A 84 13.40 9.57 6.78
CA ASP A 84 12.94 10.84 7.37
C ASP A 84 11.60 11.29 6.77
N GLU A 85 11.56 11.23 5.46
CA GLU A 85 10.38 11.59 4.69
C GLU A 85 9.22 10.69 5.06
N VAL A 86 9.47 9.38 5.06
CA VAL A 86 8.42 8.43 5.38
C VAL A 86 7.95 8.59 6.83
N VAL A 87 8.86 8.95 7.74
CA VAL A 87 8.53 9.18 9.10
C VAL A 87 7.54 10.31 9.25
N GLN A 88 7.82 11.44 8.59
CA GLN A 88 6.92 12.58 8.70
C GLN A 88 5.62 12.26 7.98
N TRP A 89 5.74 11.42 6.96
CA TRP A 89 4.61 11.03 6.16
C TRP A 89 3.71 10.12 6.96
N LEU A 90 4.30 9.13 7.60
CA LEU A 90 3.55 8.15 8.35
C LEU A 90 2.83 8.85 9.48
N ILE A 91 3.47 9.80 10.11
CA ILE A 91 2.79 10.47 11.17
C ILE A 91 1.67 11.36 10.65
N THR A 92 1.97 12.22 9.65
CA THR A 92 1.02 13.20 9.17
C THR A 92 -0.16 12.53 8.40
N TYR A 93 0.05 11.32 7.97
CA TYR A 93 -0.96 10.61 7.23
C TYR A 93 -1.51 9.42 7.97
N VAL A 94 -0.65 8.55 8.40
CA VAL A 94 -1.06 7.32 9.04
C VAL A 94 -1.53 7.58 10.46
N GLU A 95 -0.99 8.68 11.06
CA GLU A 95 -1.36 9.10 12.40
C GLU A 95 -0.84 8.11 13.42
N LEU A 96 0.32 7.56 13.13
CA LEU A 96 0.97 6.64 14.03
C LEU A 96 2.16 7.31 14.71
N PRO A 97 2.01 7.72 15.97
CA PRO A 97 3.08 8.40 16.70
C PRO A 97 4.08 7.40 17.32
N GLN A 98 4.10 6.22 16.75
CA GLN A 98 4.98 5.14 17.14
C GLN A 98 6.21 5.15 16.21
N TYR A 99 6.32 6.23 15.50
CA TYR A 99 7.30 6.39 14.43
C TYR A 99 8.73 6.16 14.87
N GLU A 100 9.06 6.62 16.07
CA GLU A 100 10.41 6.48 16.62
C GLU A 100 10.77 5.01 16.63
N GLU A 101 9.93 4.25 17.31
CA GLU A 101 10.15 2.85 17.48
C GLU A 101 10.11 2.09 16.17
N THR A 102 9.14 2.36 15.35
CA THR A 102 9.02 1.61 14.11
C THR A 102 10.16 1.90 13.15
N PHE A 103 10.55 3.17 13.00
CA PHE A 103 11.62 3.45 12.08
C PHE A 103 12.93 2.89 12.60
N ARG A 104 13.13 2.91 13.91
CA ARG A 104 14.35 2.33 14.47
C ARG A 104 14.31 0.79 14.41
N LYS A 105 13.10 0.22 14.38
CA LYS A 105 12.93 -1.22 14.28
C LYS A 105 13.15 -1.76 12.88
N LEU A 106 12.51 -1.20 11.88
CA LEU A 106 12.65 -1.74 10.55
C LEU A 106 13.24 -0.79 9.52
N GLN A 107 13.25 0.51 9.85
CA GLN A 107 13.68 1.57 8.92
C GLN A 107 12.82 1.55 7.67
N LEU A 108 11.76 2.28 7.71
CA LEU A 108 10.86 2.29 6.62
C LEU A 108 11.18 3.39 5.65
N SER A 109 10.62 3.33 4.46
CA SER A 109 10.86 4.27 3.41
C SER A 109 9.92 3.92 2.25
N GLY A 110 10.23 4.38 1.05
CA GLY A 110 9.41 4.12 -0.11
C GLY A 110 9.30 2.65 -0.50
N HIS A 111 10.27 1.85 -0.10
CA HIS A 111 10.25 0.39 -0.33
C HIS A 111 9.38 -0.26 0.75
N ALA A 112 9.53 0.27 1.93
CA ALA A 112 8.82 -0.24 3.02
C ALA A 112 7.36 0.06 2.90
N MET A 113 7.03 1.20 2.30
CA MET A 113 5.62 1.60 2.08
C MET A 113 4.75 0.49 1.49
N PRO A 114 5.09 -0.10 0.30
CA PRO A 114 4.33 -1.20 -0.20
C PRO A 114 4.56 -2.42 0.64
N ARG A 115 5.81 -2.64 1.12
CA ARG A 115 6.00 -3.86 1.92
C ARG A 115 5.16 -3.85 3.24
N LEU A 116 4.88 -2.67 3.79
CA LEU A 116 4.12 -2.58 5.02
C LEU A 116 2.62 -2.43 4.78
N ALA A 117 2.24 -2.11 3.54
CA ALA A 117 0.84 -1.88 3.19
C ALA A 117 0.02 -3.18 3.20
N VAL A 118 0.68 -4.31 3.40
CA VAL A 118 -0.02 -5.57 3.46
C VAL A 118 0.23 -6.28 4.81
N THR A 119 -0.87 -6.48 5.55
CA THR A 119 -0.94 -7.17 6.86
C THR A 119 -0.07 -6.52 7.98
N ASN A 120 -0.48 -6.71 9.24
CA ASN A 120 0.29 -6.13 10.36
C ASN A 120 1.57 -6.93 10.53
N THR A 121 1.47 -8.23 10.20
CA THR A 121 2.52 -9.22 10.36
C THR A 121 3.86 -8.73 9.83
N THR A 122 3.83 -8.19 8.64
CA THR A 122 5.00 -7.72 7.97
C THR A 122 5.65 -6.54 8.72
N MET A 123 4.84 -5.55 9.01
CA MET A 123 5.30 -4.27 9.53
C MET A 123 5.62 -4.25 11.04
N THR A 124 4.89 -5.00 11.84
CA THR A 124 5.13 -4.96 13.27
C THR A 124 6.40 -5.74 13.65
N GLY A 125 7.49 -4.99 13.80
CA GLY A 125 8.75 -5.57 14.21
C GLY A 125 8.72 -6.02 15.64
N THR A 126 8.10 -5.24 16.50
CA THR A 126 7.99 -5.57 17.90
C THR A 126 6.70 -5.00 18.46
N VAL A 127 6.68 -3.71 18.73
CA VAL A 127 5.52 -3.06 19.23
C VAL A 127 5.10 -1.96 18.28
N LEU A 128 3.96 -2.15 17.67
CA LEU A 128 3.46 -1.23 16.69
C LEU A 128 1.96 -1.43 16.51
N LYS A 129 1.21 -0.61 17.25
CA LYS A 129 -0.25 -0.53 17.25
C LYS A 129 -0.91 -1.88 17.62
N MET A 130 -1.41 -1.96 18.84
CA MET A 130 -2.03 -3.18 19.37
C MET A 130 -3.24 -3.60 18.52
N THR A 131 -3.98 -2.63 18.04
CA THR A 131 -5.13 -2.90 17.22
C THR A 131 -4.73 -3.29 15.81
N ASP A 132 -4.87 -4.58 15.52
CA ASP A 132 -4.58 -5.16 14.19
C ASP A 132 -5.26 -4.41 13.10
N ARG A 133 -6.57 -4.28 13.21
CA ARG A 133 -7.30 -3.69 12.14
C ARG A 133 -7.00 -2.23 12.02
N SER A 134 -6.87 -1.57 13.15
CA SER A 134 -6.58 -0.15 13.12
C SER A 134 -5.19 0.09 12.52
N HIS A 135 -4.26 -0.80 12.85
CA HIS A 135 -2.91 -0.74 12.34
C HIS A 135 -2.92 -0.91 10.84
N ARG A 136 -3.42 -2.03 10.39
CA ARG A 136 -3.43 -2.34 8.99
C ARG A 136 -4.30 -1.39 8.19
N GLN A 137 -5.36 -0.86 8.82
CA GLN A 137 -6.20 0.10 8.13
C GLN A 137 -5.45 1.40 7.87
N LYS A 138 -4.82 1.97 8.90
CA LYS A 138 -4.10 3.20 8.71
C LYS A 138 -2.93 3.01 7.77
N LEU A 139 -2.16 1.96 7.99
CA LEU A 139 -1.03 1.71 7.15
C LEU A 139 -1.43 1.40 5.73
N GLN A 140 -2.42 0.54 5.50
CA GLN A 140 -2.78 0.21 4.13
C GLN A 140 -3.35 1.44 3.44
N LEU A 141 -4.21 2.21 4.12
CA LEU A 141 -4.84 3.38 3.51
C LEU A 141 -3.80 4.36 3.03
N LYS A 142 -2.91 4.72 3.92
CA LYS A 142 -1.97 5.74 3.57
C LYS A 142 -0.79 5.23 2.76
N ALA A 143 -0.28 4.06 3.09
CA ALA A 143 0.86 3.48 2.36
C ALA A 143 0.46 3.11 0.97
N LEU A 144 -0.70 2.50 0.83
CA LEU A 144 -1.17 2.11 -0.46
C LEU A 144 -1.51 3.33 -1.30
N ASP A 145 -2.20 4.31 -0.71
CA ASP A 145 -2.49 5.55 -1.45
C ASP A 145 -1.16 6.25 -1.84
N THR A 146 -0.14 6.07 -1.01
CA THR A 146 1.16 6.63 -1.29
C THR A 146 1.89 5.88 -2.43
N VAL A 147 1.82 4.56 -2.44
CA VAL A 147 2.49 3.79 -3.50
C VAL A 147 1.75 3.93 -4.81
N LEU A 148 0.47 4.24 -4.72
CA LEU A 148 -0.35 4.38 -5.89
C LEU A 148 -0.38 5.82 -6.39
N PHE A 149 -0.76 6.77 -5.55
CA PHE A 149 -0.85 8.17 -5.96
C PHE A 149 0.40 8.92 -5.52
N GLY A 150 0.71 8.86 -4.25
CA GLY A 150 1.89 9.52 -3.74
C GLY A 150 1.62 10.96 -3.35
N GLY A 1 -7.72 -14.52 -12.26
CA GLY A 1 -7.25 -14.65 -10.89
C GLY A 1 -6.04 -15.53 -10.80
N SER A 2 -5.16 -15.22 -9.87
CA SER A 2 -3.97 -15.98 -9.68
C SER A 2 -3.76 -16.24 -8.19
N HIS A 3 -3.47 -17.48 -7.84
CA HIS A 3 -3.19 -17.86 -6.46
C HIS A 3 -1.87 -17.23 -6.02
N MET A 4 -0.96 -17.10 -6.99
CA MET A 4 0.37 -16.53 -6.76
C MET A 4 0.31 -15.03 -6.40
N ALA A 5 -0.85 -14.41 -6.60
CA ALA A 5 -1.00 -12.98 -6.31
C ALA A 5 -1.00 -12.73 -4.81
N SER A 6 -1.37 -13.74 -4.06
CA SER A 6 -1.39 -13.63 -2.64
C SER A 6 -0.13 -14.30 -2.12
N SER A 7 0.80 -13.50 -1.71
CA SER A 7 2.04 -13.98 -1.18
C SER A 7 1.99 -13.84 0.34
N GLU A 8 1.57 -12.66 0.80
CA GLU A 8 1.33 -12.32 2.23
C GLU A 8 2.61 -12.26 3.12
N ASP A 9 3.49 -13.24 2.97
CA ASP A 9 4.64 -13.39 3.89
C ASP A 9 5.87 -12.60 3.45
N GLU A 10 5.99 -12.36 2.15
CA GLU A 10 7.12 -11.62 1.53
C GLU A 10 8.43 -12.38 1.51
N LYS A 11 8.93 -12.61 0.35
CA LYS A 11 10.28 -13.08 0.17
C LYS A 11 10.95 -12.15 -0.84
N LEU A 12 10.22 -11.80 -1.87
CA LEU A 12 10.65 -10.83 -2.83
C LEU A 12 9.89 -9.51 -2.58
N SER A 13 10.32 -8.43 -3.17
CA SER A 13 9.69 -7.16 -3.01
C SER A 13 8.46 -7.02 -3.93
N PHE A 14 8.58 -7.59 -5.13
CA PHE A 14 7.54 -7.52 -6.15
C PHE A 14 6.24 -8.12 -5.63
N GLU A 15 6.35 -9.26 -4.95
CA GLU A 15 5.19 -9.95 -4.42
C GLU A 15 4.46 -9.11 -3.40
N ALA A 16 5.22 -8.37 -2.59
CA ALA A 16 4.65 -7.49 -1.59
C ALA A 16 3.86 -6.41 -2.27
N VAL A 17 4.54 -5.74 -3.21
CA VAL A 17 3.96 -4.65 -3.98
C VAL A 17 2.67 -5.10 -4.69
N ARG A 18 2.76 -6.19 -5.44
CA ARG A 18 1.63 -6.71 -6.16
C ARG A 18 0.54 -7.17 -5.21
N ASN A 19 0.93 -7.59 -4.00
CA ASN A 19 -0.02 -8.06 -3.01
C ASN A 19 -0.93 -6.90 -2.60
N ILE A 20 -0.32 -5.74 -2.30
CA ILE A 20 -1.16 -4.60 -1.91
C ILE A 20 -1.99 -4.15 -3.09
N HIS A 21 -1.44 -4.31 -4.30
CA HIS A 21 -2.18 -3.96 -5.50
C HIS A 21 -3.31 -4.96 -5.75
N LYS A 22 -3.08 -6.22 -5.43
CA LYS A 22 -4.08 -7.26 -5.60
C LYS A 22 -5.22 -7.05 -4.61
N LEU A 23 -4.91 -6.38 -3.50
CA LEU A 23 -5.92 -5.98 -2.49
C LEU A 23 -7.14 -5.21 -3.08
N MET A 24 -6.97 -4.57 -4.23
CA MET A 24 -8.10 -3.88 -4.88
C MET A 24 -8.81 -4.79 -5.82
N ASP A 25 -8.07 -5.42 -6.72
CA ASP A 25 -8.62 -6.40 -7.64
C ASP A 25 -9.32 -7.55 -6.89
N ASP A 26 -10.60 -7.65 -7.11
CA ASP A 26 -11.47 -8.68 -6.54
C ASP A 26 -10.95 -10.10 -6.78
N ASP A 27 -10.53 -10.38 -8.01
CA ASP A 27 -10.14 -11.74 -8.36
C ASP A 27 -8.66 -11.91 -8.27
N ALA A 28 -7.97 -10.80 -8.06
CA ALA A 28 -6.51 -10.76 -7.98
C ALA A 28 -5.85 -11.42 -9.20
N ASN A 29 -5.96 -10.78 -10.34
CA ASN A 29 -5.40 -11.36 -11.57
C ASN A 29 -4.15 -10.62 -12.01
N GLY A 30 -3.77 -9.62 -11.25
CA GLY A 30 -2.59 -8.84 -11.58
C GLY A 30 -2.96 -7.48 -12.14
N ASP A 31 -4.22 -7.33 -12.48
CA ASP A 31 -4.76 -6.07 -12.93
C ASP A 31 -6.12 -5.84 -12.34
N VAL A 32 -6.22 -4.72 -11.73
CA VAL A 32 -7.39 -4.30 -11.04
C VAL A 32 -8.33 -3.58 -12.01
N ASP A 33 -9.41 -4.22 -12.38
CA ASP A 33 -10.41 -3.56 -13.21
C ASP A 33 -11.36 -2.78 -12.34
N VAL A 34 -11.96 -1.76 -12.92
CA VAL A 34 -12.85 -0.83 -12.27
C VAL A 34 -13.97 -1.53 -11.47
N GLU A 35 -14.50 -2.62 -12.00
CA GLU A 35 -15.57 -3.34 -11.34
C GLU A 35 -15.05 -4.24 -10.23
N GLU A 36 -13.82 -4.70 -10.40
CA GLU A 36 -13.21 -5.61 -9.45
C GLU A 36 -12.85 -4.88 -8.17
N SER A 37 -12.35 -3.71 -8.33
CA SER A 37 -11.98 -2.83 -7.24
C SER A 37 -13.14 -2.07 -6.66
N ASP A 38 -14.35 -2.32 -7.19
CA ASP A 38 -15.53 -1.46 -6.98
C ASP A 38 -15.66 -0.92 -5.56
N GLU A 39 -15.75 -1.75 -4.53
CA GLU A 39 -15.77 -1.20 -3.15
C GLU A 39 -14.34 -0.89 -2.69
N PHE A 40 -13.47 -1.87 -2.93
CA PHE A 40 -12.08 -1.89 -2.47
C PHE A 40 -11.35 -0.60 -2.65
N LEU A 41 -11.11 -0.19 -3.88
CA LEU A 41 -10.29 0.98 -4.12
C LEU A 41 -10.83 2.20 -3.39
N ARG A 42 -12.20 2.39 -3.54
CA ARG A 42 -12.91 3.55 -2.99
C ARG A 42 -12.58 3.69 -1.57
N GLU A 43 -12.98 2.72 -0.81
CA GLU A 43 -12.85 2.79 0.58
C GLU A 43 -11.44 2.58 1.02
N ASP A 44 -10.91 1.41 0.62
CA ASP A 44 -9.69 0.86 1.16
C ASP A 44 -8.48 1.78 1.04
N LEU A 45 -8.48 2.71 0.08
CA LEU A 45 -7.47 3.75 0.20
C LEU A 45 -7.95 5.15 -0.12
N ASN A 46 -9.11 5.29 -0.76
CA ASN A 46 -9.48 6.61 -1.19
C ASN A 46 -10.44 7.21 -0.19
N TYR A 47 -11.08 6.32 0.62
CA TYR A 47 -12.16 6.66 1.57
C TYR A 47 -13.23 7.61 0.96
N HIS A 48 -13.33 7.56 -0.36
CA HIS A 48 -14.17 8.42 -1.20
C HIS A 48 -14.34 7.71 -2.52
N ASP A 49 -14.85 8.41 -3.51
CA ASP A 49 -14.98 7.85 -4.84
C ASP A 49 -13.63 7.79 -5.52
N PRO A 50 -13.25 6.59 -5.98
CA PRO A 50 -11.90 6.30 -6.50
C PRO A 50 -11.65 6.79 -7.90
N THR A 51 -12.55 7.57 -8.42
CA THR A 51 -12.48 8.13 -9.75
C THR A 51 -11.18 8.91 -9.90
N VAL A 52 -10.80 9.59 -8.83
CA VAL A 52 -9.56 10.33 -8.77
C VAL A 52 -8.37 9.38 -8.95
N LYS A 53 -8.33 8.33 -8.15
CA LYS A 53 -7.25 7.38 -8.17
C LYS A 53 -7.23 6.53 -9.48
N HIS A 54 -8.40 6.10 -9.93
CA HIS A 54 -8.52 5.34 -11.19
C HIS A 54 -8.07 6.19 -12.37
N SER A 55 -8.64 7.40 -12.51
CA SER A 55 -8.27 8.28 -13.60
C SER A 55 -6.87 8.87 -13.45
N THR A 56 -6.35 8.96 -12.25
CA THR A 56 -4.98 9.39 -12.11
C THR A 56 -4.03 8.32 -12.65
N PHE A 57 -4.22 7.06 -12.24
CA PHE A 57 -3.31 6.04 -12.72
C PHE A 57 -3.52 5.69 -14.18
N HIS A 58 -4.71 5.21 -14.51
CA HIS A 58 -4.93 4.76 -15.86
C HIS A 58 -5.09 5.93 -16.82
N GLY A 59 -5.66 7.01 -16.33
CA GLY A 59 -5.90 8.19 -17.13
C GLY A 59 -7.17 8.08 -17.90
N GLU A 60 -7.26 7.00 -18.60
CA GLU A 60 -8.42 6.63 -19.38
C GLU A 60 -9.43 5.97 -18.44
N ASP A 61 -8.99 5.74 -17.21
CA ASP A 61 -9.82 5.24 -16.10
C ASP A 61 -10.20 3.79 -16.29
N LYS A 62 -9.26 2.90 -15.98
CA LYS A 62 -9.46 1.49 -16.18
C LYS A 62 -8.74 0.62 -15.14
N LEU A 63 -7.68 -0.03 -15.59
CA LEU A 63 -6.99 -1.03 -14.82
C LEU A 63 -5.87 -0.43 -14.03
N ILE A 64 -5.68 -0.96 -12.88
CA ILE A 64 -4.59 -0.61 -12.04
C ILE A 64 -3.73 -1.89 -11.99
N SER A 65 -2.65 -1.91 -12.71
CA SER A 65 -1.89 -3.16 -12.86
C SER A 65 -0.59 -3.12 -12.10
N VAL A 66 -0.29 -4.25 -11.48
CA VAL A 66 0.82 -4.39 -10.55
C VAL A 66 2.19 -4.01 -11.15
N GLU A 67 2.44 -4.39 -12.39
CA GLU A 67 3.73 -4.12 -13.00
C GLU A 67 3.89 -2.66 -13.37
N ASP A 68 2.84 -2.10 -13.92
CA ASP A 68 2.82 -0.69 -14.29
C ASP A 68 2.91 0.15 -13.04
N LEU A 69 2.24 -0.30 -12.00
CA LEU A 69 2.27 0.34 -10.70
C LEU A 69 3.66 0.28 -10.10
N TRP A 70 4.32 -0.88 -10.24
CA TRP A 70 5.68 -1.08 -9.76
C TRP A 70 6.63 -0.03 -10.39
N LYS A 71 6.55 0.08 -11.72
CA LYS A 71 7.32 1.07 -12.47
C LYS A 71 6.99 2.48 -12.01
N ALA A 72 5.71 2.78 -11.94
CA ALA A 72 5.22 4.08 -11.54
C ALA A 72 5.71 4.44 -10.15
N TRP A 73 5.55 3.51 -9.21
CA TRP A 73 5.98 3.67 -7.84
C TRP A 73 7.45 4.05 -7.74
N LYS A 74 8.29 3.36 -8.51
CA LYS A 74 9.71 3.69 -8.53
C LYS A 74 9.97 5.13 -8.96
N SER A 75 9.20 5.58 -9.94
CA SER A 75 9.40 6.88 -10.52
C SER A 75 8.59 7.94 -9.78
N SER A 76 7.77 7.50 -8.86
CA SER A 76 6.98 8.38 -8.07
C SER A 76 7.79 8.91 -6.91
N GLU A 77 7.26 9.89 -6.22
CA GLU A 77 7.92 10.47 -5.07
C GLU A 77 8.04 9.43 -3.97
N VAL A 78 7.11 8.49 -4.00
CA VAL A 78 7.00 7.41 -3.02
C VAL A 78 8.30 6.65 -2.85
N TYR A 79 8.78 6.01 -3.92
CA TYR A 79 10.00 5.17 -3.82
C TYR A 79 11.23 6.03 -3.51
N ASN A 80 11.12 7.29 -3.85
CA ASN A 80 12.17 8.25 -3.65
C ASN A 80 12.28 8.68 -2.18
N TRP A 81 11.16 8.59 -1.46
CA TRP A 81 11.11 9.00 -0.07
C TRP A 81 11.98 8.18 0.86
N THR A 82 12.85 8.86 1.60
CA THR A 82 13.73 8.25 2.56
C THR A 82 12.97 7.94 3.87
N VAL A 83 13.68 7.45 4.86
CA VAL A 83 13.11 7.05 6.13
C VAL A 83 12.49 8.25 6.85
N ASP A 84 13.18 9.37 6.86
CA ASP A 84 12.68 10.58 7.54
C ASP A 84 11.37 11.05 6.88
N GLU A 85 11.33 10.96 5.56
CA GLU A 85 10.17 11.36 4.78
C GLU A 85 8.98 10.45 5.06
N VAL A 86 9.21 9.15 5.06
CA VAL A 86 8.14 8.21 5.31
C VAL A 86 7.67 8.33 6.76
N VAL A 87 8.59 8.62 7.67
CA VAL A 87 8.29 8.81 9.05
C VAL A 87 7.30 9.96 9.23
N GLN A 88 7.64 11.12 8.69
CA GLN A 88 6.77 12.27 8.80
C GLN A 88 5.46 12.04 8.04
N TRP A 89 5.53 11.25 6.97
CA TRP A 89 4.38 10.97 6.17
C TRP A 89 3.44 10.04 6.93
N LEU A 90 4.01 8.99 7.54
CA LEU A 90 3.24 8.02 8.28
C LEU A 90 2.56 8.70 9.45
N ILE A 91 3.26 9.60 10.11
CA ILE A 91 2.65 10.24 11.24
C ILE A 91 1.55 11.22 10.80
N THR A 92 1.85 12.07 9.81
CA THR A 92 0.90 13.10 9.39
C THR A 92 -0.33 12.48 8.71
N TYR A 93 -0.15 11.29 8.18
CA TYR A 93 -1.22 10.63 7.46
C TYR A 93 -1.85 9.49 8.21
N VAL A 94 -1.03 8.63 8.75
CA VAL A 94 -1.52 7.43 9.37
C VAL A 94 -1.85 7.67 10.83
N GLU A 95 -1.21 8.72 11.40
CA GLU A 95 -1.46 9.14 12.78
C GLU A 95 -0.85 8.14 13.75
N LEU A 96 0.30 7.65 13.39
CA LEU A 96 0.96 6.68 14.21
C LEU A 96 2.24 7.18 14.83
N PRO A 97 2.22 7.45 16.12
CA PRO A 97 3.36 7.97 16.84
C PRO A 97 4.40 6.90 17.29
N GLN A 98 4.30 5.68 16.76
CA GLN A 98 5.29 4.63 17.05
C GLN A 98 6.35 4.59 15.96
N TYR A 99 6.49 5.71 15.27
CA TYR A 99 7.40 5.86 14.16
C TYR A 99 8.83 5.53 14.52
N GLU A 100 9.26 5.97 15.70
CA GLU A 100 10.62 5.67 16.18
C GLU A 100 10.86 4.18 16.18
N GLU A 101 9.95 3.46 16.80
CA GLU A 101 10.04 2.05 16.89
C GLU A 101 10.09 1.38 15.55
N THR A 102 9.15 1.68 14.72
CA THR A 102 9.10 0.99 13.46
C THR A 102 10.27 1.36 12.54
N PHE A 103 10.67 2.63 12.52
CA PHE A 103 11.77 2.99 11.65
C PHE A 103 13.07 2.37 12.14
N ARG A 104 13.23 2.28 13.44
CA ARG A 104 14.46 1.66 13.98
C ARG A 104 14.42 0.13 13.76
N LYS A 105 13.21 -0.43 13.74
CA LYS A 105 13.04 -1.86 13.58
C LYS A 105 13.25 -2.35 12.13
N LEU A 106 12.60 -1.72 11.16
CA LEU A 106 12.76 -2.17 9.78
C LEU A 106 13.28 -1.10 8.81
N GLN A 107 13.38 0.15 9.28
CA GLN A 107 13.73 1.31 8.44
C GLN A 107 12.81 1.45 7.26
N LEU A 108 11.72 2.12 7.46
CA LEU A 108 10.79 2.28 6.42
C LEU A 108 11.19 3.41 5.49
N SER A 109 10.60 3.43 4.32
CA SER A 109 10.88 4.39 3.29
C SER A 109 9.92 4.10 2.15
N GLY A 110 10.23 4.57 0.97
CA GLY A 110 9.39 4.34 -0.18
C GLY A 110 9.25 2.87 -0.57
N HIS A 111 10.20 2.04 -0.17
CA HIS A 111 10.11 0.59 -0.43
C HIS A 111 9.20 -0.03 0.65
N ALA A 112 9.33 0.51 1.82
CA ALA A 112 8.57 0.03 2.89
C ALA A 112 7.13 0.41 2.77
N MET A 113 6.86 1.57 2.18
CA MET A 113 5.48 2.04 1.93
C MET A 113 4.57 0.93 1.37
N PRO A 114 4.92 0.27 0.21
CA PRO A 114 4.16 -0.84 -0.22
C PRO A 114 4.35 -2.03 0.70
N ARG A 115 5.61 -2.32 1.11
CA ARG A 115 5.80 -3.53 1.95
C ARG A 115 5.01 -3.46 3.30
N LEU A 116 4.75 -2.25 3.81
CA LEU A 116 4.02 -2.12 5.07
C LEU A 116 2.52 -1.97 4.85
N ALA A 117 2.13 -1.71 3.61
CA ALA A 117 0.72 -1.51 3.28
C ALA A 117 0.00 -2.86 3.29
N VAL A 118 0.76 -3.93 3.32
CA VAL A 118 0.20 -5.23 3.36
C VAL A 118 0.51 -5.92 4.69
N THR A 119 -0.55 -6.23 5.42
CA THR A 119 -0.53 -6.94 6.72
C THR A 119 0.23 -6.21 7.85
N ASN A 120 -0.47 -5.98 8.95
CA ASN A 120 0.12 -5.33 10.12
C ASN A 120 1.27 -6.14 10.67
N THR A 121 1.14 -7.47 10.59
CA THR A 121 2.14 -8.41 11.08
C THR A 121 3.51 -8.13 10.47
N THR A 122 3.49 -7.80 9.20
CA THR A 122 4.65 -7.48 8.45
C THR A 122 5.36 -6.22 8.99
N MET A 123 4.60 -5.15 9.21
CA MET A 123 5.18 -3.89 9.63
C MET A 123 5.52 -3.85 11.13
N THR A 124 4.69 -4.47 11.95
CA THR A 124 4.92 -4.43 13.37
C THR A 124 6.16 -5.30 13.76
N GLY A 125 7.26 -4.61 13.99
CA GLY A 125 8.50 -5.27 14.35
C GLY A 125 8.44 -5.88 15.73
N THR A 126 7.89 -5.13 16.66
CA THR A 126 7.75 -5.59 18.02
C THR A 126 6.38 -5.15 18.53
N VAL A 127 6.30 -3.90 18.93
CA VAL A 127 5.08 -3.33 19.41
C VAL A 127 4.86 -2.01 18.71
N LEU A 128 4.09 -2.06 17.68
CA LEU A 128 3.75 -0.85 16.97
C LEU A 128 2.41 -0.35 17.44
N LYS A 129 1.40 -1.09 17.14
CA LYS A 129 0.06 -0.74 17.44
C LYS A 129 -0.63 -2.02 17.86
N MET A 130 -1.51 -1.94 18.82
CA MET A 130 -2.13 -3.13 19.38
C MET A 130 -3.17 -3.75 18.48
N THR A 131 -4.01 -2.93 17.91
CA THR A 131 -5.06 -3.40 17.07
C THR A 131 -4.59 -3.74 15.67
N ASP A 132 -4.62 -5.02 15.35
CA ASP A 132 -4.21 -5.52 14.03
C ASP A 132 -4.96 -4.83 12.93
N ARG A 133 -6.30 -4.83 13.00
CA ARG A 133 -7.13 -4.29 11.99
C ARG A 133 -6.90 -2.83 11.83
N SER A 134 -6.93 -2.13 12.95
CA SER A 134 -6.78 -0.71 12.95
C SER A 134 -5.43 -0.34 12.35
N HIS A 135 -4.41 -1.08 12.74
CA HIS A 135 -3.07 -0.84 12.27
C HIS A 135 -3.01 -1.07 10.76
N ARG A 136 -3.38 -2.27 10.32
CA ARG A 136 -3.32 -2.61 8.90
C ARG A 136 -4.19 -1.68 8.07
N GLN A 137 -5.36 -1.31 8.59
CA GLN A 137 -6.24 -0.42 7.87
C GLN A 137 -5.69 0.98 7.74
N LYS A 138 -5.16 1.56 8.83
CA LYS A 138 -4.59 2.91 8.74
C LYS A 138 -3.43 2.92 7.74
N LEU A 139 -2.52 1.95 7.89
CA LEU A 139 -1.38 1.86 7.00
C LEU A 139 -1.80 1.65 5.59
N GLN A 140 -2.61 0.65 5.30
CA GLN A 140 -2.96 0.39 3.92
C GLN A 140 -3.72 1.53 3.31
N LEU A 141 -4.62 2.16 4.06
CA LEU A 141 -5.35 3.29 3.53
C LEU A 141 -4.37 4.36 3.06
N LYS A 142 -3.46 4.77 3.93
CA LYS A 142 -2.57 5.84 3.56
C LYS A 142 -1.39 5.40 2.69
N ALA A 143 -0.77 4.29 3.04
CA ALA A 143 0.39 3.78 2.30
C ALA A 143 0.01 3.32 0.92
N LEU A 144 -1.11 2.62 0.80
CA LEU A 144 -1.56 2.17 -0.48
C LEU A 144 -2.00 3.36 -1.31
N ASP A 145 -2.74 4.32 -0.69
CA ASP A 145 -3.09 5.55 -1.41
C ASP A 145 -1.84 6.25 -1.89
N THR A 146 -0.78 6.16 -1.10
CA THR A 146 0.48 6.78 -1.43
C THR A 146 1.22 6.05 -2.56
N VAL A 147 1.38 4.72 -2.46
CA VAL A 147 2.11 3.96 -3.50
C VAL A 147 1.38 4.02 -4.83
N LEU A 148 0.07 4.25 -4.77
CA LEU A 148 -0.72 4.38 -5.96
C LEU A 148 -0.79 5.82 -6.45
N PHE A 149 -1.19 6.74 -5.59
CA PHE A 149 -1.39 8.14 -5.97
C PHE A 149 -0.32 9.03 -5.31
N GLY A 150 -0.32 9.10 -3.99
CA GLY A 150 0.70 9.89 -3.27
C GLY A 150 0.51 11.41 -3.38
N GLY A 1 -9.23 -12.69 -4.09
CA GLY A 1 -7.84 -12.96 -3.75
C GLY A 1 -7.41 -14.30 -4.26
N SER A 2 -6.23 -14.74 -3.85
CA SER A 2 -5.69 -16.01 -4.25
C SER A 2 -4.46 -16.21 -3.43
N HIS A 3 -4.11 -17.44 -3.16
CA HIS A 3 -2.89 -17.71 -2.46
C HIS A 3 -1.71 -17.49 -3.40
N MET A 4 -1.95 -17.69 -4.71
CA MET A 4 -0.90 -17.50 -5.71
C MET A 4 -0.58 -16.03 -5.90
N ALA A 5 -1.50 -15.20 -5.50
CA ALA A 5 -1.31 -13.79 -5.57
C ALA A 5 -1.41 -13.23 -4.19
N SER A 6 -0.38 -13.42 -3.40
CA SER A 6 -0.42 -12.93 -2.07
C SER A 6 0.96 -12.66 -1.48
N SER A 7 1.49 -13.63 -0.72
CA SER A 7 2.67 -13.49 0.11
C SER A 7 2.27 -12.65 1.34
N GLU A 8 3.07 -12.67 2.35
CA GLU A 8 2.76 -11.95 3.57
C GLU A 8 4.00 -11.26 4.09
N ASP A 9 5.05 -11.28 3.31
CA ASP A 9 6.35 -10.77 3.75
C ASP A 9 7.03 -10.18 2.56
N GLU A 10 7.99 -9.35 2.78
CA GLU A 10 8.77 -8.85 1.70
C GLU A 10 9.94 -9.80 1.46
N LYS A 11 9.68 -10.81 0.69
CA LYS A 11 10.73 -11.70 0.27
C LYS A 11 11.37 -11.01 -0.91
N LEU A 12 10.52 -10.61 -1.79
CA LEU A 12 10.81 -9.76 -2.90
C LEU A 12 9.90 -8.60 -2.73
N SER A 13 10.31 -7.44 -3.14
CA SER A 13 9.47 -6.29 -3.02
C SER A 13 8.29 -6.42 -3.99
N PHE A 14 8.54 -7.05 -5.15
CA PHE A 14 7.52 -7.23 -6.18
C PHE A 14 6.28 -7.95 -5.66
N GLU A 15 6.47 -9.06 -4.97
CA GLU A 15 5.34 -9.82 -4.46
C GLU A 15 4.55 -9.04 -3.43
N ALA A 16 5.25 -8.29 -2.58
CA ALA A 16 4.58 -7.48 -1.59
C ALA A 16 3.81 -6.40 -2.30
N VAL A 17 4.48 -5.75 -3.24
CA VAL A 17 3.92 -4.69 -4.07
C VAL A 17 2.64 -5.17 -4.79
N ARG A 18 2.75 -6.27 -5.52
CA ARG A 18 1.64 -6.82 -6.27
C ARG A 18 0.53 -7.22 -5.31
N ASN A 19 0.89 -7.57 -4.07
CA ASN A 19 -0.08 -7.95 -3.06
C ASN A 19 -0.96 -6.78 -2.68
N ILE A 20 -0.34 -5.65 -2.34
CA ILE A 20 -1.15 -4.52 -1.92
C ILE A 20 -1.97 -4.01 -3.09
N HIS A 21 -1.42 -4.15 -4.29
CA HIS A 21 -2.15 -3.78 -5.49
C HIS A 21 -3.28 -4.78 -5.77
N LYS A 22 -3.06 -6.05 -5.42
CA LYS A 22 -4.03 -7.10 -5.64
C LYS A 22 -5.23 -6.93 -4.71
N LEU A 23 -5.01 -6.21 -3.58
CA LEU A 23 -6.10 -5.85 -2.64
C LEU A 23 -7.32 -5.20 -3.35
N MET A 24 -7.08 -4.62 -4.51
CA MET A 24 -8.13 -4.00 -5.31
C MET A 24 -8.78 -4.97 -6.28
N ASP A 25 -8.03 -5.94 -6.70
CA ASP A 25 -8.54 -6.90 -7.67
C ASP A 25 -9.23 -8.07 -6.95
N ASP A 26 -10.31 -8.52 -7.54
CA ASP A 26 -11.08 -9.62 -7.04
C ASP A 26 -10.39 -10.97 -7.39
N ASP A 27 -9.91 -11.08 -8.65
CA ASP A 27 -9.32 -12.34 -9.16
C ASP A 27 -7.80 -12.29 -9.02
N ALA A 28 -7.31 -11.10 -8.73
CA ALA A 28 -5.90 -10.81 -8.46
C ALA A 28 -4.94 -11.23 -9.61
N ASN A 29 -5.33 -10.99 -10.86
CA ASN A 29 -4.47 -11.35 -12.03
C ASN A 29 -3.40 -10.28 -12.27
N GLY A 30 -3.43 -9.24 -11.48
CA GLY A 30 -2.45 -8.20 -11.63
C GLY A 30 -3.00 -6.95 -12.27
N ASP A 31 -4.23 -7.02 -12.74
CA ASP A 31 -4.93 -5.87 -13.30
C ASP A 31 -6.33 -5.80 -12.80
N VAL A 32 -6.65 -4.74 -12.10
CA VAL A 32 -7.95 -4.63 -11.54
C VAL A 32 -8.88 -4.05 -12.58
N ASP A 33 -9.95 -4.74 -12.85
CA ASP A 33 -10.98 -4.24 -13.73
C ASP A 33 -11.91 -3.37 -12.90
N VAL A 34 -12.71 -2.55 -13.56
CA VAL A 34 -13.60 -1.61 -12.84
C VAL A 34 -14.59 -2.29 -11.92
N GLU A 35 -15.01 -3.49 -12.30
CA GLU A 35 -15.95 -4.25 -11.52
C GLU A 35 -15.30 -4.96 -10.34
N GLU A 36 -14.02 -5.21 -10.46
CA GLU A 36 -13.30 -5.95 -9.43
C GLU A 36 -13.05 -5.09 -8.24
N SER A 37 -12.49 -3.95 -8.49
CA SER A 37 -12.15 -2.99 -7.50
C SER A 37 -13.31 -2.12 -7.09
N ASP A 38 -14.48 -2.35 -7.71
CA ASP A 38 -15.66 -1.47 -7.59
C ASP A 38 -15.86 -0.99 -6.19
N GLU A 39 -16.07 -1.87 -5.24
CA GLU A 39 -16.19 -1.47 -3.83
C GLU A 39 -14.80 -1.27 -3.21
N PHE A 40 -13.91 -2.25 -3.46
CA PHE A 40 -12.55 -2.30 -2.88
C PHE A 40 -11.80 -1.03 -2.95
N LEU A 41 -11.53 -0.54 -4.13
CA LEU A 41 -10.70 0.64 -4.27
C LEU A 41 -11.30 1.82 -3.49
N ARG A 42 -12.65 2.02 -3.69
CA ARG A 42 -13.36 3.16 -3.10
C ARG A 42 -13.12 3.20 -1.65
N GLU A 43 -13.60 2.19 -0.98
CA GLU A 43 -13.59 2.21 0.42
C GLU A 43 -12.24 1.92 0.97
N ASP A 44 -11.72 0.77 0.56
CA ASP A 44 -10.55 0.16 1.15
C ASP A 44 -9.33 1.05 1.13
N LEU A 45 -9.24 2.00 0.17
CA LEU A 45 -8.16 2.97 0.31
C LEU A 45 -8.57 4.38 -0.05
N ASN A 46 -9.66 4.56 -0.75
CA ASN A 46 -10.00 5.90 -1.16
C ASN A 46 -11.03 6.49 -0.24
N TYR A 47 -11.55 5.63 0.68
CA TYR A 47 -12.54 5.97 1.70
C TYR A 47 -13.89 6.52 1.22
N HIS A 48 -13.94 7.19 0.08
CA HIS A 48 -15.18 7.70 -0.45
C HIS A 48 -15.41 7.18 -1.89
N ASP A 49 -14.74 7.76 -2.88
CA ASP A 49 -14.90 7.30 -4.24
C ASP A 49 -13.53 7.17 -4.89
N PRO A 50 -13.32 6.12 -5.68
CA PRO A 50 -12.02 5.76 -6.24
C PRO A 50 -11.69 6.39 -7.58
N THR A 51 -12.51 7.32 -7.99
CA THR A 51 -12.35 8.01 -9.25
C THR A 51 -11.00 8.69 -9.29
N VAL A 52 -10.56 9.16 -8.12
CA VAL A 52 -9.29 9.81 -7.99
C VAL A 52 -8.18 8.83 -8.35
N LYS A 53 -8.11 7.70 -7.68
CA LYS A 53 -7.07 6.74 -7.99
C LYS A 53 -7.20 6.09 -9.34
N HIS A 54 -8.41 5.71 -9.73
CA HIS A 54 -8.64 5.11 -11.03
C HIS A 54 -8.17 6.03 -12.16
N SER A 55 -8.71 7.23 -12.18
CA SER A 55 -8.43 8.14 -13.28
C SER A 55 -7.05 8.82 -13.18
N THR A 56 -6.49 8.87 -11.99
CA THR A 56 -5.15 9.38 -11.87
C THR A 56 -4.18 8.34 -12.41
N PHE A 57 -4.38 7.07 -12.05
CA PHE A 57 -3.44 6.09 -12.44
C PHE A 57 -3.51 5.73 -13.91
N HIS A 58 -4.65 5.20 -14.36
CA HIS A 58 -4.72 4.83 -15.76
C HIS A 58 -4.96 6.06 -16.61
N GLY A 59 -6.05 6.74 -16.29
CA GLY A 59 -6.40 7.96 -16.88
C GLY A 59 -7.81 7.91 -17.33
N GLU A 60 -7.95 7.63 -18.56
CA GLU A 60 -9.21 7.61 -19.25
C GLU A 60 -9.78 6.19 -19.23
N ASP A 61 -9.04 5.33 -18.61
CA ASP A 61 -9.39 3.95 -18.41
C ASP A 61 -9.17 3.76 -16.94
N LYS A 62 -9.55 2.65 -16.38
CA LYS A 62 -9.55 2.58 -14.93
C LYS A 62 -8.85 1.32 -14.40
N LEU A 63 -8.10 0.65 -15.24
CA LEU A 63 -7.41 -0.57 -14.81
C LEU A 63 -6.18 -0.24 -14.01
N ILE A 64 -6.07 -0.84 -12.88
CA ILE A 64 -4.92 -0.66 -12.02
C ILE A 64 -4.05 -1.89 -12.21
N SER A 65 -2.78 -1.73 -12.52
CA SER A 65 -1.95 -2.88 -12.78
C SER A 65 -0.67 -2.84 -11.99
N VAL A 66 -0.29 -3.99 -11.45
CA VAL A 66 0.82 -4.08 -10.52
C VAL A 66 2.14 -3.65 -11.10
N GLU A 67 2.42 -4.02 -12.33
CA GLU A 67 3.70 -3.68 -12.87
C GLU A 67 3.74 -2.25 -13.36
N ASP A 68 2.61 -1.71 -13.79
CA ASP A 68 2.60 -0.32 -14.23
C ASP A 68 2.72 0.56 -13.01
N LEU A 69 2.15 0.07 -11.90
CA LEU A 69 2.30 0.69 -10.60
C LEU A 69 3.73 0.60 -10.15
N TRP A 70 4.37 -0.54 -10.39
CA TRP A 70 5.81 -0.71 -10.14
C TRP A 70 6.60 0.40 -10.86
N LYS A 71 6.31 0.57 -12.14
CA LYS A 71 6.92 1.63 -12.93
C LYS A 71 6.60 3.01 -12.33
N ALA A 72 5.33 3.21 -11.97
CA ALA A 72 4.86 4.46 -11.39
C ALA A 72 5.56 4.74 -10.07
N TRP A 73 5.64 3.75 -9.21
CA TRP A 73 6.33 3.82 -7.91
C TRP A 73 7.78 4.25 -8.10
N LYS A 74 8.42 3.71 -9.13
CA LYS A 74 9.82 4.03 -9.45
C LYS A 74 9.95 5.45 -9.98
N SER A 75 8.82 5.98 -10.37
CA SER A 75 8.71 7.25 -10.96
C SER A 75 7.99 8.22 -10.01
N SER A 76 7.66 7.76 -8.84
CA SER A 76 6.99 8.56 -7.87
C SER A 76 7.96 8.92 -6.77
N GLU A 77 7.60 9.90 -5.96
CA GLU A 77 8.44 10.31 -4.85
C GLU A 77 8.52 9.22 -3.80
N VAL A 78 7.53 8.33 -3.84
CA VAL A 78 7.42 7.20 -2.93
C VAL A 78 8.71 6.41 -2.84
N TYR A 79 9.16 5.86 -3.97
CA TYR A 79 10.37 5.02 -4.01
C TYR A 79 11.64 5.82 -3.64
N ASN A 80 11.54 7.13 -3.77
CA ASN A 80 12.65 8.03 -3.50
C ASN A 80 12.72 8.37 -2.00
N TRP A 81 11.59 8.28 -1.32
CA TRP A 81 11.52 8.62 0.09
C TRP A 81 12.41 7.76 0.95
N THR A 82 13.35 8.43 1.58
CA THR A 82 14.25 7.80 2.49
C THR A 82 13.54 7.59 3.85
N VAL A 83 14.26 7.11 4.84
CA VAL A 83 13.68 6.80 6.13
C VAL A 83 13.12 8.07 6.79
N ASP A 84 13.85 9.15 6.75
CA ASP A 84 13.40 10.43 7.36
C ASP A 84 12.07 10.90 6.75
N GLU A 85 12.00 10.78 5.43
CA GLU A 85 10.84 11.18 4.66
C GLU A 85 9.63 10.36 5.04
N VAL A 86 9.79 9.06 5.07
CA VAL A 86 8.71 8.19 5.40
C VAL A 86 8.31 8.34 6.86
N VAL A 87 9.27 8.61 7.73
CA VAL A 87 9.00 8.82 9.12
C VAL A 87 8.03 9.99 9.31
N GLN A 88 8.37 11.14 8.74
CA GLN A 88 7.52 12.29 8.88
C GLN A 88 6.19 12.08 8.15
N TRP A 89 6.25 11.31 7.07
CA TRP A 89 5.09 11.04 6.28
C TRP A 89 4.16 10.10 7.03
N LEU A 90 4.73 9.08 7.66
CA LEU A 90 3.97 8.09 8.38
C LEU A 90 3.28 8.74 9.55
N ILE A 91 3.94 9.66 10.20
CA ILE A 91 3.29 10.30 11.32
C ILE A 91 2.20 11.24 10.86
N THR A 92 2.51 12.11 9.90
CA THR A 92 1.60 13.16 9.47
C THR A 92 0.41 12.57 8.72
N TYR A 93 0.59 11.37 8.20
CA TYR A 93 -0.45 10.71 7.48
C TYR A 93 -1.01 9.54 8.23
N VAL A 94 -0.17 8.56 8.54
CA VAL A 94 -0.64 7.31 9.12
C VAL A 94 -1.03 7.49 10.57
N GLU A 95 -0.58 8.60 11.18
CA GLU A 95 -1.01 8.98 12.52
C GLU A 95 -0.35 8.08 13.55
N LEU A 96 0.73 7.44 13.18
CA LEU A 96 1.41 6.54 14.08
C LEU A 96 2.62 7.18 14.74
N PRO A 97 2.50 7.57 16.01
CA PRO A 97 3.55 8.25 16.73
C PRO A 97 4.57 7.30 17.40
N GLN A 98 4.62 6.09 16.93
CA GLN A 98 5.58 5.07 17.39
C GLN A 98 6.77 5.02 16.38
N TYR A 99 6.88 6.07 15.65
CA TYR A 99 7.80 6.19 14.55
C TYR A 99 9.25 5.94 14.93
N GLU A 100 9.67 6.44 16.09
CA GLU A 100 11.03 6.27 16.54
C GLU A 100 11.37 4.81 16.61
N GLU A 101 10.54 4.07 17.30
CA GLU A 101 10.73 2.67 17.47
C GLU A 101 10.69 1.91 16.19
N THR A 102 9.68 2.12 15.40
CA THR A 102 9.53 1.35 14.19
C THR A 102 10.67 1.65 13.21
N PHE A 103 11.06 2.91 13.07
CA PHE A 103 12.12 3.19 12.14
C PHE A 103 13.44 2.64 12.63
N ARG A 104 13.65 2.65 13.95
CA ARG A 104 14.88 2.09 14.47
C ARG A 104 14.88 0.55 14.42
N LYS A 105 13.69 -0.03 14.44
CA LYS A 105 13.51 -1.45 14.31
C LYS A 105 13.65 -1.96 12.88
N LEU A 106 12.97 -1.34 11.96
CA LEU A 106 12.92 -1.87 10.62
C LEU A 106 13.44 -0.96 9.52
N GLN A 107 13.59 0.34 9.82
CA GLN A 107 13.97 1.37 8.82
C GLN A 107 13.04 1.36 7.63
N LEU A 108 12.00 2.10 7.73
CA LEU A 108 11.07 2.13 6.66
C LEU A 108 11.44 3.21 5.66
N SER A 109 10.83 3.18 4.49
CA SER A 109 11.15 4.09 3.41
C SER A 109 10.21 3.79 2.24
N GLY A 110 10.57 4.22 1.05
CA GLY A 110 9.78 4.06 -0.14
C GLY A 110 9.46 2.62 -0.51
N HIS A 111 10.31 1.68 -0.16
CA HIS A 111 10.01 0.26 -0.43
C HIS A 111 9.22 -0.33 0.73
N ALA A 112 9.49 0.21 1.91
CA ALA A 112 8.76 -0.22 3.06
C ALA A 112 7.33 0.22 2.93
N MET A 113 7.08 1.37 2.31
CA MET A 113 5.72 1.90 2.07
C MET A 113 4.75 0.85 1.49
N PRO A 114 5.04 0.22 0.31
CA PRO A 114 4.21 -0.87 -0.16
C PRO A 114 4.30 -2.04 0.77
N ARG A 115 5.52 -2.40 1.19
CA ARG A 115 5.66 -3.52 2.10
C ARG A 115 4.74 -3.38 3.37
N LEU A 116 4.64 -2.18 3.92
CA LEU A 116 3.86 -1.94 5.10
C LEU A 116 2.40 -1.67 4.78
N ALA A 117 2.13 -1.47 3.49
CA ALA A 117 0.80 -1.21 3.02
C ALA A 117 -0.06 -2.46 3.07
N VAL A 118 0.57 -3.61 3.20
CA VAL A 118 -0.18 -4.84 3.25
C VAL A 118 -0.31 -5.38 4.67
N THR A 119 -1.56 -5.48 5.13
CA THR A 119 -1.95 -6.05 6.43
C THR A 119 -1.27 -5.36 7.62
N ASN A 120 -1.26 -6.00 8.77
CA ASN A 120 -0.65 -5.42 9.94
C ASN A 120 0.55 -6.20 10.43
N THR A 121 0.49 -7.51 10.28
CA THR A 121 1.49 -8.41 10.79
C THR A 121 2.87 -8.20 10.15
N THR A 122 2.87 -7.79 8.91
CA THR A 122 4.10 -7.54 8.18
C THR A 122 4.84 -6.28 8.73
N MET A 123 4.10 -5.20 8.92
CA MET A 123 4.73 -3.94 9.32
C MET A 123 5.07 -3.83 10.80
N THR A 124 4.17 -4.28 11.67
CA THR A 124 4.28 -4.04 13.13
C THR A 124 5.70 -4.29 13.72
N GLY A 125 6.34 -5.40 13.33
CA GLY A 125 7.69 -5.71 13.80
C GLY A 125 7.67 -6.25 15.20
N THR A 126 7.09 -5.48 16.08
CA THR A 126 6.88 -5.83 17.44
C THR A 126 5.46 -5.39 17.78
N VAL A 127 5.31 -4.12 18.14
CA VAL A 127 4.02 -3.55 18.45
C VAL A 127 4.01 -2.11 17.95
N LEU A 128 3.50 -1.92 16.76
CA LEU A 128 3.38 -0.58 16.22
C LEU A 128 2.03 0.00 16.65
N LYS A 129 0.99 -0.81 16.53
CA LYS A 129 -0.34 -0.51 17.01
C LYS A 129 -0.96 -1.84 17.35
N MET A 130 -1.51 -1.97 18.54
CA MET A 130 -2.04 -3.26 19.00
C MET A 130 -3.31 -3.72 18.27
N THR A 131 -4.18 -2.80 17.95
CA THR A 131 -5.41 -3.14 17.27
C THR A 131 -5.13 -3.52 15.82
N ASP A 132 -5.43 -4.78 15.48
CA ASP A 132 -5.19 -5.33 14.13
C ASP A 132 -5.76 -4.46 13.05
N ARG A 133 -7.02 -4.11 13.21
CA ARG A 133 -7.72 -3.34 12.24
C ARG A 133 -7.19 -1.94 12.18
N SER A 134 -7.07 -1.32 13.33
CA SER A 134 -6.67 0.08 13.41
C SER A 134 -5.30 0.27 12.75
N HIS A 135 -4.42 -0.67 13.03
CA HIS A 135 -3.10 -0.68 12.50
C HIS A 135 -3.15 -0.84 10.98
N ARG A 136 -3.77 -1.92 10.49
CA ARG A 136 -3.80 -2.14 9.06
C ARG A 136 -4.58 -1.06 8.33
N GLN A 137 -5.64 -0.54 8.92
CA GLN A 137 -6.44 0.47 8.27
C GLN A 137 -5.66 1.74 8.08
N LYS A 138 -4.95 2.18 9.11
CA LYS A 138 -4.16 3.39 8.97
C LYS A 138 -3.01 3.16 8.01
N LEU A 139 -2.31 2.06 8.20
CA LEU A 139 -1.19 1.71 7.38
C LEU A 139 -1.57 1.55 5.93
N GLN A 140 -2.57 0.72 5.63
CA GLN A 140 -2.92 0.49 4.25
C GLN A 140 -3.54 1.72 3.63
N LEU A 141 -4.42 2.42 4.34
CA LEU A 141 -5.06 3.60 3.76
C LEU A 141 -4.02 4.60 3.31
N LYS A 142 -3.14 4.94 4.22
CA LYS A 142 -2.14 5.91 3.90
C LYS A 142 -1.06 5.38 2.97
N ALA A 143 -0.49 4.25 3.29
CA ALA A 143 0.62 3.71 2.49
C ALA A 143 0.18 3.26 1.14
N LEU A 144 -0.98 2.63 1.06
CA LEU A 144 -1.45 2.15 -0.20
C LEU A 144 -1.88 3.30 -1.08
N ASP A 145 -2.64 4.26 -0.54
CA ASP A 145 -3.03 5.40 -1.36
C ASP A 145 -1.78 6.15 -1.80
N THR A 146 -0.79 6.19 -0.94
CA THR A 146 0.43 6.87 -1.25
C THR A 146 1.33 6.08 -2.22
N VAL A 147 1.42 4.78 -2.06
CA VAL A 147 2.26 3.95 -2.93
C VAL A 147 1.60 3.90 -4.33
N LEU A 148 0.28 4.12 -4.37
CA LEU A 148 -0.47 4.12 -5.61
C LEU A 148 -0.52 5.52 -6.24
N PHE A 149 -0.92 6.52 -5.46
CA PHE A 149 -1.05 7.89 -5.95
C PHE A 149 0.20 8.69 -5.64
N GLY A 150 0.47 8.90 -4.37
CA GLY A 150 1.67 9.63 -3.96
C GLY A 150 1.62 11.11 -4.31
N GLY A 1 -7.74 -14.85 -11.02
CA GLY A 1 -6.38 -15.34 -11.20
C GLY A 1 -5.88 -16.02 -9.95
N SER A 2 -5.32 -15.24 -9.05
CA SER A 2 -4.80 -15.73 -7.81
C SER A 2 -5.71 -15.28 -6.66
N HIS A 3 -6.01 -16.18 -5.73
CA HIS A 3 -6.81 -15.79 -4.58
C HIS A 3 -5.99 -14.85 -3.70
N MET A 4 -4.80 -15.27 -3.37
CA MET A 4 -3.92 -14.48 -2.57
C MET A 4 -2.93 -13.82 -3.51
N ALA A 5 -2.01 -13.05 -2.99
CA ALA A 5 -1.01 -12.49 -3.83
C ALA A 5 0.35 -12.72 -3.23
N SER A 6 0.46 -12.52 -1.94
CA SER A 6 1.66 -12.86 -1.24
C SER A 6 1.65 -14.33 -0.94
N SER A 7 2.73 -14.99 -1.22
CA SER A 7 2.81 -16.41 -1.05
C SER A 7 3.30 -16.74 0.35
N GLU A 8 3.94 -15.77 0.98
CA GLU A 8 4.47 -15.97 2.30
C GLU A 8 4.11 -14.74 3.12
N ASP A 9 4.12 -14.84 4.44
CA ASP A 9 3.86 -13.66 5.24
C ASP A 9 5.19 -13.02 5.54
N GLU A 10 5.19 -11.76 6.02
CA GLU A 10 6.39 -10.94 6.05
C GLU A 10 6.86 -10.83 4.61
N LYS A 11 6.02 -10.13 3.86
CA LYS A 11 6.05 -10.06 2.40
C LYS A 11 7.42 -9.60 1.88
N LEU A 12 7.92 -10.24 0.83
CA LEU A 12 9.19 -9.90 0.23
C LEU A 12 9.19 -8.51 -0.40
N SER A 13 8.66 -8.39 -1.60
CA SER A 13 8.64 -7.12 -2.29
C SER A 13 7.63 -7.15 -3.41
N PHE A 14 7.86 -8.01 -4.38
CA PHE A 14 7.03 -8.08 -5.57
C PHE A 14 5.67 -8.66 -5.19
N GLU A 15 5.70 -9.67 -4.36
CA GLU A 15 4.51 -10.31 -3.88
C GLU A 15 3.71 -9.31 -3.03
N ALA A 16 4.45 -8.47 -2.33
CA ALA A 16 3.87 -7.46 -1.50
C ALA A 16 3.16 -6.45 -2.36
N VAL A 17 3.86 -5.90 -3.35
CA VAL A 17 3.31 -4.86 -4.20
C VAL A 17 2.06 -5.34 -4.92
N ARG A 18 2.10 -6.58 -5.41
CA ARG A 18 0.97 -7.13 -6.08
C ARG A 18 -0.16 -7.40 -5.10
N ASN A 19 0.19 -7.66 -3.84
CA ASN A 19 -0.82 -7.91 -2.81
C ASN A 19 -1.61 -6.66 -2.52
N ILE A 20 -0.92 -5.54 -2.29
CA ILE A 20 -1.64 -4.32 -1.97
C ILE A 20 -2.40 -3.86 -3.20
N HIS A 21 -1.87 -4.17 -4.38
CA HIS A 21 -2.59 -3.96 -5.63
C HIS A 21 -3.84 -4.88 -5.69
N LYS A 22 -3.68 -6.13 -5.24
CA LYS A 22 -4.74 -7.12 -5.20
C LYS A 22 -5.87 -6.64 -4.25
N LEU A 23 -5.53 -5.76 -3.31
CA LEU A 23 -6.53 -5.07 -2.48
C LEU A 23 -7.60 -4.37 -3.35
N MET A 24 -7.25 -4.10 -4.60
CA MET A 24 -8.17 -3.55 -5.58
C MET A 24 -8.58 -4.63 -6.55
N ASP A 25 -7.63 -5.36 -7.07
CA ASP A 25 -7.95 -6.42 -8.02
C ASP A 25 -8.31 -7.69 -7.30
N ASP A 26 -9.61 -7.89 -7.14
CA ASP A 26 -10.20 -9.01 -6.40
C ASP A 26 -9.67 -10.36 -6.81
N ASP A 27 -9.59 -10.58 -8.11
CA ASP A 27 -9.21 -11.90 -8.63
C ASP A 27 -7.74 -12.02 -8.78
N ALA A 28 -7.05 -10.90 -8.62
CA ALA A 28 -5.62 -10.79 -8.80
C ALA A 28 -5.13 -11.45 -10.10
N ASN A 29 -5.26 -10.71 -11.17
CA ASN A 29 -4.83 -11.16 -12.48
C ASN A 29 -3.66 -10.30 -12.93
N GLY A 30 -3.28 -9.38 -12.07
CA GLY A 30 -2.19 -8.49 -12.38
C GLY A 30 -2.66 -7.10 -12.73
N ASP A 31 -3.94 -6.97 -12.95
CA ASP A 31 -4.55 -5.68 -13.25
C ASP A 31 -5.96 -5.63 -12.71
N VAL A 32 -6.29 -4.51 -12.13
CA VAL A 32 -7.58 -4.33 -11.59
C VAL A 32 -8.46 -3.77 -12.70
N ASP A 33 -9.59 -4.33 -12.85
CA ASP A 33 -10.58 -3.77 -13.72
C ASP A 33 -11.61 -3.09 -12.87
N VAL A 34 -12.27 -2.12 -13.43
CA VAL A 34 -13.26 -1.30 -12.77
C VAL A 34 -14.38 -2.13 -12.11
N GLU A 35 -14.71 -3.28 -12.67
CA GLU A 35 -15.73 -4.13 -12.10
C GLU A 35 -15.18 -4.93 -10.91
N GLU A 36 -13.89 -5.19 -10.96
CA GLU A 36 -13.21 -5.95 -9.92
C GLU A 36 -12.98 -5.05 -8.72
N SER A 37 -12.39 -3.91 -8.98
CA SER A 37 -12.01 -2.96 -7.97
C SER A 37 -13.14 -2.06 -7.51
N ASP A 38 -14.34 -2.25 -8.08
CA ASP A 38 -15.51 -1.36 -7.85
C ASP A 38 -15.63 -0.95 -6.41
N GLU A 39 -15.77 -1.90 -5.52
CA GLU A 39 -15.86 -1.61 -4.09
C GLU A 39 -14.47 -1.39 -3.47
N PHE A 40 -13.51 -2.16 -3.94
CA PHE A 40 -12.18 -2.24 -3.34
C PHE A 40 -11.42 -0.94 -3.37
N LEU A 41 -11.13 -0.43 -4.54
CA LEU A 41 -10.38 0.82 -4.66
C LEU A 41 -11.15 1.90 -3.91
N ARG A 42 -12.42 1.97 -4.29
CA ARG A 42 -13.38 2.90 -3.86
C ARG A 42 -13.44 3.01 -2.37
N GLU A 43 -13.83 2.00 -1.73
CA GLU A 43 -14.05 2.05 -0.33
C GLU A 43 -12.80 1.75 0.44
N ASP A 44 -12.14 0.66 0.09
CA ASP A 44 -11.06 0.11 0.89
C ASP A 44 -9.84 1.06 0.95
N LEU A 45 -9.69 1.98 -0.04
CA LEU A 45 -8.65 3.00 0.11
C LEU A 45 -9.18 4.40 -0.17
N ASN A 46 -10.25 4.53 -0.93
CA ASN A 46 -10.72 5.87 -1.27
C ASN A 46 -11.94 6.29 -0.46
N TYR A 47 -12.49 5.35 0.34
CA TYR A 47 -13.70 5.54 1.15
C TYR A 47 -14.98 5.80 0.34
N HIS A 48 -14.97 6.86 -0.42
CA HIS A 48 -16.15 7.30 -1.12
C HIS A 48 -16.21 6.74 -2.54
N ASP A 49 -15.33 7.23 -3.40
CA ASP A 49 -15.33 6.85 -4.80
C ASP A 49 -13.88 6.77 -5.29
N PRO A 50 -13.61 5.84 -6.21
CA PRO A 50 -12.27 5.58 -6.67
C PRO A 50 -11.87 6.33 -7.94
N THR A 51 -12.69 7.27 -8.32
CA THR A 51 -12.49 8.10 -9.49
C THR A 51 -11.12 8.77 -9.45
N VAL A 52 -10.72 9.14 -8.24
CA VAL A 52 -9.44 9.79 -8.02
C VAL A 52 -8.32 8.87 -8.49
N LYS A 53 -8.26 7.66 -7.97
CA LYS A 53 -7.24 6.75 -8.38
C LYS A 53 -7.39 6.20 -9.78
N HIS A 54 -8.60 5.87 -10.18
CA HIS A 54 -8.83 5.37 -11.52
C HIS A 54 -8.42 6.40 -12.58
N SER A 55 -8.90 7.64 -12.46
CA SER A 55 -8.55 8.64 -13.45
C SER A 55 -7.12 9.16 -13.28
N THR A 56 -6.62 9.28 -12.06
CA THR A 56 -5.24 9.72 -11.88
C THR A 56 -4.26 8.68 -12.44
N PHE A 57 -4.45 7.42 -12.06
CA PHE A 57 -3.53 6.39 -12.49
C PHE A 57 -3.72 6.03 -13.97
N HIS A 58 -4.91 5.58 -14.34
CA HIS A 58 -5.13 5.15 -15.70
C HIS A 58 -5.26 6.34 -16.65
N GLY A 59 -5.99 7.34 -16.21
CA GLY A 59 -6.26 8.54 -16.98
C GLY A 59 -7.59 8.47 -17.61
N GLU A 60 -7.83 7.39 -18.29
CA GLU A 60 -9.09 7.16 -18.95
C GLU A 60 -10.03 6.42 -17.99
N ASP A 61 -9.56 6.29 -16.75
CA ASP A 61 -10.33 5.77 -15.61
C ASP A 61 -10.65 4.31 -15.79
N LYS A 62 -9.61 3.45 -15.75
CA LYS A 62 -9.79 2.04 -16.02
C LYS A 62 -8.94 1.11 -15.17
N LEU A 63 -7.88 0.61 -15.76
CA LEU A 63 -7.12 -0.47 -15.16
C LEU A 63 -5.95 0.04 -14.38
N ILE A 64 -5.64 -0.66 -13.34
CA ILE A 64 -4.48 -0.40 -12.51
C ILE A 64 -3.71 -1.71 -12.57
N SER A 65 -2.42 -1.72 -12.83
CA SER A 65 -1.69 -2.99 -12.94
C SER A 65 -0.53 -3.01 -11.96
N VAL A 66 -0.10 -4.20 -11.46
CA VAL A 66 0.93 -4.26 -10.41
C VAL A 66 2.25 -3.80 -10.97
N GLU A 67 2.51 -4.20 -12.19
CA GLU A 67 3.73 -3.83 -12.84
C GLU A 67 3.68 -2.38 -13.26
N ASP A 68 2.50 -1.90 -13.52
CA ASP A 68 2.33 -0.52 -13.95
C ASP A 68 2.48 0.38 -12.73
N LEU A 69 2.03 -0.14 -11.58
CA LEU A 69 2.26 0.48 -10.29
C LEU A 69 3.73 0.45 -9.99
N TRP A 70 4.34 -0.70 -10.22
CA TRP A 70 5.80 -0.91 -10.07
C TRP A 70 6.57 0.20 -10.81
N LYS A 71 6.25 0.39 -12.08
CA LYS A 71 6.87 1.43 -12.89
C LYS A 71 6.59 2.82 -12.33
N ALA A 72 5.34 3.10 -11.97
CA ALA A 72 4.96 4.40 -11.45
C ALA A 72 5.68 4.68 -10.15
N TRP A 73 5.63 3.73 -9.23
CA TRP A 73 6.23 3.82 -7.92
C TRP A 73 7.71 4.14 -8.02
N LYS A 74 8.44 3.42 -8.87
CA LYS A 74 9.88 3.68 -9.04
C LYS A 74 10.14 5.09 -9.57
N SER A 75 9.17 5.66 -10.23
CA SER A 75 9.31 6.97 -10.83
C SER A 75 8.61 8.02 -9.97
N SER A 76 8.02 7.58 -8.89
CA SER A 76 7.33 8.46 -8.01
C SER A 76 8.21 8.84 -6.84
N GLU A 77 7.82 9.89 -6.15
CA GLU A 77 8.51 10.42 -4.97
C GLU A 77 8.56 9.36 -3.89
N VAL A 78 7.55 8.50 -3.91
CA VAL A 78 7.38 7.39 -2.98
C VAL A 78 8.65 6.57 -2.86
N TYR A 79 9.12 6.05 -3.99
CA TYR A 79 10.31 5.20 -4.04
C TYR A 79 11.58 5.98 -3.65
N ASN A 80 11.54 7.30 -3.82
CA ASN A 80 12.68 8.16 -3.51
C ASN A 80 12.74 8.46 -2.02
N TRP A 81 11.59 8.42 -1.35
CA TRP A 81 11.49 8.73 0.06
C TRP A 81 12.34 7.80 0.94
N THR A 82 13.27 8.40 1.66
CA THR A 82 14.13 7.68 2.56
C THR A 82 13.40 7.46 3.90
N VAL A 83 14.12 6.99 4.90
CA VAL A 83 13.54 6.68 6.19
C VAL A 83 12.99 7.94 6.86
N ASP A 84 13.74 9.03 6.80
CA ASP A 84 13.31 10.30 7.41
C ASP A 84 12.02 10.80 6.76
N GLU A 85 11.99 10.68 5.44
CA GLU A 85 10.85 11.08 4.64
C GLU A 85 9.63 10.26 4.99
N VAL A 86 9.78 8.95 5.03
CA VAL A 86 8.67 8.08 5.33
C VAL A 86 8.22 8.27 6.79
N VAL A 87 9.17 8.55 7.67
CA VAL A 87 8.88 8.80 9.04
C VAL A 87 7.97 10.01 9.20
N GLN A 88 8.35 11.12 8.59
CA GLN A 88 7.58 12.33 8.69
C GLN A 88 6.26 12.16 7.95
N TRP A 89 6.28 11.34 6.92
CA TRP A 89 5.10 11.09 6.13
C TRP A 89 4.13 10.23 6.90
N LEU A 90 4.64 9.19 7.56
CA LEU A 90 3.83 8.27 8.30
C LEU A 90 3.17 9.01 9.44
N ILE A 91 3.88 9.92 10.07
CA ILE A 91 3.26 10.64 11.14
C ILE A 91 2.24 11.66 10.64
N THR A 92 2.58 12.46 9.61
CA THR A 92 1.67 13.48 9.12
C THR A 92 0.44 12.84 8.45
N TYR A 93 0.58 11.60 8.06
CA TYR A 93 -0.49 10.94 7.39
C TYR A 93 -1.19 9.89 8.21
N VAL A 94 -0.46 8.96 8.76
CA VAL A 94 -1.05 7.87 9.50
C VAL A 94 -1.31 8.29 10.93
N GLU A 95 -0.55 9.29 11.38
CA GLU A 95 -0.67 9.84 12.71
C GLU A 95 -0.25 8.83 13.74
N LEU A 96 0.77 8.11 13.39
CA LEU A 96 1.33 7.14 14.26
C LEU A 96 2.63 7.59 14.86
N PRO A 97 2.62 7.91 16.13
CA PRO A 97 3.76 8.46 16.80
C PRO A 97 4.79 7.43 17.32
N GLN A 98 4.70 6.18 16.86
CA GLN A 98 5.66 5.16 17.23
C GLN A 98 6.73 5.06 16.12
N TYR A 99 6.84 6.14 15.38
CA TYR A 99 7.72 6.23 14.23
C TYR A 99 9.17 5.91 14.53
N GLU A 100 9.65 6.37 15.68
CA GLU A 100 11.01 6.09 16.07
C GLU A 100 11.16 4.61 16.23
N GLU A 101 10.22 4.03 16.97
CA GLU A 101 10.21 2.62 17.26
C GLU A 101 10.18 1.78 15.98
N THR A 102 9.30 2.12 15.07
CA THR A 102 9.16 1.36 13.85
C THR A 102 10.37 1.56 12.94
N PHE A 103 10.86 2.79 12.79
CA PHE A 103 12.00 2.98 11.92
C PHE A 103 13.22 2.27 12.49
N ARG A 104 13.37 2.29 13.81
CA ARG A 104 14.51 1.61 14.42
C ARG A 104 14.32 0.07 14.39
N LYS A 105 13.07 -0.39 14.31
CA LYS A 105 12.79 -1.81 14.23
C LYS A 105 13.05 -2.40 12.84
N LEU A 106 12.49 -1.79 11.80
CA LEU A 106 12.63 -2.33 10.46
C LEU A 106 13.27 -1.40 9.43
N GLN A 107 13.36 -0.10 9.75
CA GLN A 107 13.82 0.94 8.82
C GLN A 107 12.93 1.02 7.59
N LEU A 108 11.96 1.87 7.66
CA LEU A 108 11.04 1.99 6.58
C LEU A 108 11.43 3.08 5.61
N SER A 109 10.82 3.07 4.43
CA SER A 109 11.13 4.02 3.37
C SER A 109 10.12 3.80 2.25
N GLY A 110 10.44 4.29 1.06
CA GLY A 110 9.57 4.14 -0.09
C GLY A 110 9.31 2.71 -0.51
N HIS A 111 10.19 1.80 -0.14
CA HIS A 111 9.97 0.38 -0.42
C HIS A 111 9.14 -0.23 0.71
N ALA A 112 9.36 0.29 1.89
CA ALA A 112 8.63 -0.18 3.00
C ALA A 112 7.20 0.24 2.90
N MET A 113 6.95 1.42 2.33
CA MET A 113 5.59 1.94 2.11
C MET A 113 4.61 0.88 1.53
N PRO A 114 4.89 0.25 0.37
CA PRO A 114 4.04 -0.81 -0.10
C PRO A 114 4.25 -2.06 0.73
N ARG A 115 5.50 -2.36 1.13
CA ARG A 115 5.71 -3.60 1.90
C ARG A 115 4.98 -3.57 3.28
N LEU A 116 4.70 -2.38 3.83
CA LEU A 116 3.96 -2.26 5.09
C LEU A 116 2.47 -2.05 4.87
N ALA A 117 2.08 -1.71 3.63
CA ALA A 117 0.67 -1.44 3.31
C ALA A 117 -0.11 -2.74 3.33
N VAL A 118 0.61 -3.83 3.34
CA VAL A 118 0.02 -5.10 3.38
C VAL A 118 0.43 -5.84 4.66
N THR A 119 -0.58 -6.17 5.47
CA THR A 119 -0.48 -6.94 6.71
C THR A 119 0.37 -6.27 7.79
N ASN A 120 -0.27 -5.94 8.90
CA ASN A 120 0.38 -5.32 10.05
C ASN A 120 1.52 -6.18 10.59
N THR A 121 1.39 -7.51 10.45
CA THR A 121 2.36 -8.48 10.93
C THR A 121 3.74 -8.25 10.35
N THR A 122 3.77 -7.80 9.12
CA THR A 122 4.99 -7.52 8.44
C THR A 122 5.64 -6.25 9.05
N MET A 123 4.85 -5.23 9.30
CA MET A 123 5.38 -3.96 9.80
C MET A 123 5.66 -3.94 11.32
N THR A 124 4.79 -4.52 12.12
CA THR A 124 4.93 -4.43 13.56
C THR A 124 6.12 -5.22 14.12
N GLY A 125 7.15 -4.49 14.48
CA GLY A 125 8.28 -5.06 15.14
C GLY A 125 8.09 -4.89 16.62
N THR A 126 7.91 -6.00 17.32
CA THR A 126 7.64 -6.03 18.74
C THR A 126 6.23 -5.49 19.04
N VAL A 127 6.11 -4.18 19.22
CA VAL A 127 4.83 -3.55 19.50
C VAL A 127 4.81 -2.24 18.76
N LEU A 128 4.05 -2.17 17.71
CA LEU A 128 3.89 -0.92 17.00
C LEU A 128 2.57 -0.29 17.35
N LYS A 129 1.53 -1.08 17.29
CA LYS A 129 0.19 -0.64 17.54
C LYS A 129 -0.54 -1.83 18.10
N MET A 130 -1.48 -1.61 19.00
CA MET A 130 -2.15 -2.70 19.68
C MET A 130 -3.19 -3.33 18.79
N THR A 131 -4.08 -2.51 18.26
CA THR A 131 -5.09 -2.99 17.37
C THR A 131 -4.46 -3.32 16.01
N ASP A 132 -4.33 -4.60 15.72
CA ASP A 132 -3.67 -5.04 14.49
C ASP A 132 -4.51 -4.65 13.30
N ARG A 133 -5.83 -4.72 13.46
CA ARG A 133 -6.73 -4.38 12.42
C ARG A 133 -6.64 -2.91 12.12
N SER A 134 -6.70 -2.11 13.16
CA SER A 134 -6.69 -0.69 13.00
C SER A 134 -5.34 -0.27 12.41
N HIS A 135 -4.28 -0.94 12.84
CA HIS A 135 -2.94 -0.68 12.36
C HIS A 135 -2.87 -0.94 10.85
N ARG A 136 -3.27 -2.15 10.45
CA ARG A 136 -3.23 -2.51 9.03
C ARG A 136 -4.18 -1.64 8.21
N GLN A 137 -5.25 -1.16 8.84
CA GLN A 137 -6.18 -0.25 8.18
C GLN A 137 -5.56 1.12 7.95
N LYS A 138 -5.02 1.72 9.02
CA LYS A 138 -4.42 3.04 8.92
C LYS A 138 -3.26 3.04 7.94
N LEU A 139 -2.40 2.04 8.08
CA LEU A 139 -1.26 1.91 7.22
C LEU A 139 -1.64 1.63 5.81
N GLN A 140 -2.59 0.70 5.58
CA GLN A 140 -2.97 0.42 4.20
C GLN A 140 -3.57 1.66 3.58
N LEU A 141 -4.38 2.39 4.33
CA LEU A 141 -5.02 3.56 3.79
C LEU A 141 -4.01 4.62 3.35
N LYS A 142 -3.11 4.98 4.24
CA LYS A 142 -2.17 6.00 3.90
C LYS A 142 -1.08 5.51 2.97
N ALA A 143 -0.52 4.34 3.25
CA ALA A 143 0.56 3.81 2.44
C ALA A 143 0.08 3.43 1.06
N LEU A 144 -1.10 2.81 0.96
CA LEU A 144 -1.62 2.42 -0.32
C LEU A 144 -2.00 3.65 -1.13
N ASP A 145 -2.70 4.61 -0.49
CA ASP A 145 -3.06 5.85 -1.19
C ASP A 145 -1.77 6.57 -1.64
N THR A 146 -0.71 6.41 -0.85
CA THR A 146 0.57 7.01 -1.17
C THR A 146 1.33 6.26 -2.31
N VAL A 147 1.40 4.94 -2.26
CA VAL A 147 2.12 4.19 -3.29
C VAL A 147 1.39 4.25 -4.63
N LEU A 148 0.09 4.47 -4.56
CA LEU A 148 -0.70 4.57 -5.75
C LEU A 148 -0.77 6.02 -6.26
N PHE A 149 -1.17 6.93 -5.40
CA PHE A 149 -1.35 8.32 -5.77
C PHE A 149 -0.15 9.17 -5.30
N GLY A 150 0.08 9.17 -3.99
CA GLY A 150 1.21 9.90 -3.41
C GLY A 150 1.17 11.39 -3.66
N GLY A 1 2.76 -11.85 2.07
CA GLY A 1 1.51 -11.34 2.63
C GLY A 1 0.43 -12.38 2.57
N SER A 2 -0.44 -12.26 1.60
CA SER A 2 -1.50 -13.21 1.39
C SER A 2 -0.88 -14.43 0.73
N HIS A 3 -1.23 -15.61 1.19
CA HIS A 3 -0.67 -16.83 0.62
C HIS A 3 -1.10 -17.02 -0.82
N MET A 4 -2.20 -16.40 -1.18
CA MET A 4 -2.68 -16.48 -2.55
C MET A 4 -1.92 -15.52 -3.47
N ALA A 5 -1.38 -14.45 -2.91
CA ALA A 5 -0.68 -13.45 -3.71
C ALA A 5 0.82 -13.59 -3.55
N SER A 6 1.23 -14.37 -2.59
CA SER A 6 2.61 -14.61 -2.31
C SER A 6 2.73 -15.93 -1.56
N SER A 7 3.31 -16.90 -2.19
CA SER A 7 3.44 -18.21 -1.60
C SER A 7 4.84 -18.74 -1.87
N GLU A 8 5.70 -17.87 -2.34
CA GLU A 8 7.02 -18.22 -2.69
C GLU A 8 7.84 -18.40 -1.45
N ASP A 9 8.80 -19.32 -1.50
CA ASP A 9 9.73 -19.56 -0.38
C ASP A 9 10.56 -18.32 -0.19
N GLU A 10 10.76 -17.66 -1.29
CA GLU A 10 11.54 -16.48 -1.39
C GLU A 10 10.73 -15.28 -0.96
N LYS A 11 11.39 -14.21 -0.69
CA LYS A 11 10.75 -12.98 -0.33
C LYS A 11 11.17 -11.89 -1.27
N LEU A 12 10.29 -11.54 -2.14
CA LEU A 12 10.53 -10.49 -3.11
C LEU A 12 9.88 -9.21 -2.65
N SER A 13 10.15 -8.17 -3.38
CA SER A 13 9.53 -6.90 -3.16
C SER A 13 8.23 -6.89 -3.95
N PHE A 14 8.33 -7.38 -5.19
CA PHE A 14 7.23 -7.39 -6.15
C PHE A 14 6.00 -8.08 -5.58
N GLU A 15 6.21 -9.16 -4.84
CA GLU A 15 5.11 -9.93 -4.25
C GLU A 15 4.30 -9.07 -3.28
N ALA A 16 5.02 -8.33 -2.46
CA ALA A 16 4.43 -7.49 -1.48
C ALA A 16 3.65 -6.38 -2.15
N VAL A 17 4.32 -5.73 -3.09
CA VAL A 17 3.75 -4.62 -3.84
C VAL A 17 2.46 -5.04 -4.55
N ARG A 18 2.54 -6.13 -5.30
CA ARG A 18 1.41 -6.65 -6.04
C ARG A 18 0.30 -7.09 -5.09
N ASN A 19 0.69 -7.50 -3.87
CA ASN A 19 -0.28 -7.95 -2.88
C ASN A 19 -1.14 -6.76 -2.46
N ILE A 20 -0.50 -5.62 -2.22
CA ILE A 20 -1.28 -4.46 -1.83
C ILE A 20 -2.13 -4.00 -3.01
N HIS A 21 -1.65 -4.21 -4.22
CA HIS A 21 -2.44 -3.93 -5.41
C HIS A 21 -3.61 -4.93 -5.52
N LYS A 22 -3.37 -6.16 -5.05
CA LYS A 22 -4.37 -7.20 -4.97
C LYS A 22 -5.50 -6.78 -4.04
N LEU A 23 -5.19 -5.93 -3.07
CA LEU A 23 -6.26 -5.33 -2.23
C LEU A 23 -7.40 -4.73 -3.08
N MET A 24 -7.07 -4.24 -4.28
CA MET A 24 -8.08 -3.75 -5.19
C MET A 24 -8.63 -4.87 -6.07
N ASP A 25 -7.76 -5.70 -6.62
CA ASP A 25 -8.25 -6.77 -7.49
C ASP A 25 -8.66 -8.01 -6.71
N ASP A 26 -9.94 -8.28 -6.72
CA ASP A 26 -10.53 -9.42 -6.00
C ASP A 26 -9.94 -10.76 -6.43
N ASP A 27 -9.82 -11.00 -7.73
CA ASP A 27 -9.38 -12.31 -8.23
C ASP A 27 -7.90 -12.37 -8.40
N ALA A 28 -7.27 -11.21 -8.27
CA ALA A 28 -5.85 -11.03 -8.48
C ALA A 28 -5.37 -11.61 -9.80
N ASN A 29 -5.69 -10.95 -10.88
CA ASN A 29 -5.27 -11.41 -12.20
C ASN A 29 -4.10 -10.56 -12.69
N GLY A 30 -3.54 -9.79 -11.77
CA GLY A 30 -2.42 -8.93 -12.08
C GLY A 30 -2.85 -7.52 -12.37
N ASP A 31 -4.14 -7.35 -12.55
CA ASP A 31 -4.74 -6.08 -12.83
C ASP A 31 -6.14 -6.03 -12.31
N VAL A 32 -6.47 -4.90 -11.77
CA VAL A 32 -7.76 -4.70 -11.24
C VAL A 32 -8.61 -4.08 -12.35
N ASP A 33 -9.78 -4.60 -12.56
CA ASP A 33 -10.70 -3.98 -13.49
C ASP A 33 -11.64 -3.11 -12.71
N VAL A 34 -12.30 -2.19 -13.39
CA VAL A 34 -13.19 -1.22 -12.79
C VAL A 34 -14.26 -1.85 -11.94
N GLU A 35 -14.72 -3.04 -12.34
CA GLU A 35 -15.73 -3.74 -11.59
C GLU A 35 -15.15 -4.44 -10.38
N GLU A 36 -13.97 -5.02 -10.57
CA GLU A 36 -13.34 -5.83 -9.54
C GLU A 36 -13.02 -4.98 -8.33
N SER A 37 -12.30 -3.93 -8.55
CA SER A 37 -11.87 -3.06 -7.50
C SER A 37 -12.86 -2.02 -7.13
N ASP A 38 -14.01 -1.95 -7.81
CA ASP A 38 -14.93 -0.79 -7.71
C ASP A 38 -15.09 -0.30 -6.29
N GLU A 39 -15.67 -1.11 -5.44
CA GLU A 39 -15.92 -0.74 -4.06
C GLU A 39 -14.61 -0.62 -3.27
N PHE A 40 -13.69 -1.58 -3.51
CA PHE A 40 -12.40 -1.64 -2.81
C PHE A 40 -11.63 -0.37 -2.96
N LEU A 41 -11.40 0.04 -4.18
CA LEU A 41 -10.61 1.20 -4.45
C LEU A 41 -11.26 2.41 -3.78
N ARG A 42 -12.61 2.61 -4.06
CA ARG A 42 -13.35 3.79 -3.59
C ARG A 42 -13.18 3.97 -2.13
N GLU A 43 -13.66 3.04 -1.39
CA GLU A 43 -13.74 3.20 0.02
C GLU A 43 -12.44 2.88 0.66
N ASP A 44 -11.94 1.69 0.36
CA ASP A 44 -10.84 1.10 1.09
C ASP A 44 -9.56 1.91 0.98
N LEU A 45 -9.40 2.71 -0.08
CA LEU A 45 -8.26 3.60 -0.03
C LEU A 45 -8.62 5.01 -0.41
N ASN A 46 -9.67 5.18 -1.17
CA ASN A 46 -9.98 6.50 -1.65
C ASN A 46 -11.01 7.19 -0.79
N TYR A 47 -11.57 6.45 0.18
CA TYR A 47 -12.54 6.92 1.13
C TYR A 47 -13.94 7.07 0.52
N HIS A 48 -14.06 7.77 -0.60
CA HIS A 48 -15.38 8.02 -1.19
C HIS A 48 -15.42 7.60 -2.67
N ASP A 49 -14.70 8.30 -3.52
CA ASP A 49 -14.71 7.98 -4.93
C ASP A 49 -13.30 7.75 -5.45
N PRO A 50 -13.11 6.71 -6.26
CA PRO A 50 -11.78 6.30 -6.76
C PRO A 50 -11.42 6.87 -8.12
N THR A 51 -12.19 7.82 -8.57
CA THR A 51 -12.03 8.46 -9.85
C THR A 51 -10.62 9.01 -10.00
N VAL A 52 -10.10 9.56 -8.91
CA VAL A 52 -8.76 10.07 -8.89
C VAL A 52 -7.75 8.96 -9.20
N LYS A 53 -7.83 7.83 -8.53
CA LYS A 53 -6.89 6.78 -8.79
C LYS A 53 -7.10 6.07 -10.11
N HIS A 54 -8.34 5.82 -10.47
CA HIS A 54 -8.66 5.20 -11.74
C HIS A 54 -8.18 6.09 -12.90
N SER A 55 -8.60 7.35 -12.90
CA SER A 55 -8.22 8.25 -13.98
C SER A 55 -6.73 8.63 -13.94
N THR A 56 -6.17 8.80 -12.76
CA THR A 56 -4.75 9.12 -12.67
C THR A 56 -3.89 7.97 -13.23
N PHE A 57 -4.17 6.74 -12.82
CA PHE A 57 -3.35 5.67 -13.30
C PHE A 57 -3.64 5.31 -14.77
N HIS A 58 -4.87 4.89 -15.04
CA HIS A 58 -5.22 4.42 -16.36
C HIS A 58 -5.38 5.57 -17.36
N GLY A 59 -5.95 6.65 -16.88
CA GLY A 59 -6.29 7.79 -17.72
C GLY A 59 -7.69 7.64 -18.24
N GLU A 60 -7.97 6.46 -18.73
CA GLU A 60 -9.28 6.11 -19.23
C GLU A 60 -10.18 5.69 -18.05
N ASP A 61 -9.59 5.73 -16.84
CA ASP A 61 -10.30 5.44 -15.56
C ASP A 61 -10.61 3.95 -15.43
N LYS A 62 -9.70 3.10 -15.90
CA LYS A 62 -9.98 1.68 -15.93
C LYS A 62 -9.05 0.83 -15.03
N LEU A 63 -8.29 -0.05 -15.65
CA LEU A 63 -7.47 -1.07 -14.99
C LEU A 63 -6.25 -0.50 -14.31
N ILE A 64 -5.96 -1.06 -13.18
CA ILE A 64 -4.80 -0.72 -12.40
C ILE A 64 -3.98 -2.02 -12.31
N SER A 65 -2.81 -2.04 -12.90
CA SER A 65 -2.03 -3.27 -12.96
C SER A 65 -0.78 -3.24 -12.09
N VAL A 66 -0.50 -4.38 -11.48
CA VAL A 66 0.56 -4.50 -10.49
C VAL A 66 1.95 -4.18 -11.05
N GLU A 67 2.23 -4.66 -12.25
CA GLU A 67 3.51 -4.44 -12.88
C GLU A 67 3.70 -2.98 -13.23
N ASP A 68 2.68 -2.38 -13.79
CA ASP A 68 2.75 -1.00 -14.21
C ASP A 68 2.77 -0.09 -12.99
N LEU A 69 2.08 -0.50 -11.95
CA LEU A 69 2.10 0.20 -10.67
C LEU A 69 3.48 0.15 -10.05
N TRP A 70 4.12 -1.01 -10.12
CA TRP A 70 5.47 -1.21 -9.64
C TRP A 70 6.41 -0.20 -10.35
N LYS A 71 6.25 -0.11 -11.67
CA LYS A 71 6.99 0.86 -12.49
C LYS A 71 6.67 2.31 -12.08
N ALA A 72 5.40 2.59 -11.84
CA ALA A 72 4.97 3.91 -11.42
C ALA A 72 5.56 4.27 -10.08
N TRP A 73 5.45 3.37 -9.11
CA TRP A 73 5.97 3.55 -7.77
C TRP A 73 7.44 3.88 -7.78
N LYS A 74 8.22 3.14 -8.58
CA LYS A 74 9.67 3.40 -8.69
C LYS A 74 9.97 4.82 -9.19
N SER A 75 9.07 5.38 -9.96
CA SER A 75 9.28 6.68 -10.55
C SER A 75 8.55 7.79 -9.75
N SER A 76 7.70 7.38 -8.83
CA SER A 76 6.92 8.31 -8.05
C SER A 76 7.73 8.86 -6.87
N GLU A 77 7.16 9.82 -6.15
CA GLU A 77 7.82 10.40 -4.97
C GLU A 77 7.98 9.36 -3.88
N VAL A 78 7.10 8.38 -3.91
CA VAL A 78 7.02 7.31 -2.92
C VAL A 78 8.33 6.58 -2.76
N TYR A 79 8.80 5.94 -3.83
CA TYR A 79 10.02 5.12 -3.78
C TYR A 79 11.25 5.99 -3.52
N ASN A 80 11.11 7.27 -3.84
CA ASN A 80 12.14 8.27 -3.65
C ASN A 80 12.22 8.70 -2.18
N TRP A 81 11.11 8.59 -1.47
CA TRP A 81 11.03 9.01 -0.09
C TRP A 81 11.89 8.16 0.85
N THR A 82 12.77 8.83 1.55
CA THR A 82 13.64 8.20 2.50
C THR A 82 12.89 7.94 3.82
N VAL A 83 13.61 7.41 4.82
CA VAL A 83 13.04 7.03 6.09
C VAL A 83 12.40 8.24 6.77
N ASP A 84 13.09 9.35 6.73
CA ASP A 84 12.62 10.60 7.36
C ASP A 84 11.27 11.02 6.84
N GLU A 85 11.09 10.85 5.53
CA GLU A 85 9.90 11.28 4.85
C GLU A 85 8.71 10.41 5.24
N VAL A 86 8.90 9.11 5.21
CA VAL A 86 7.83 8.19 5.56
C VAL A 86 7.51 8.32 7.04
N VAL A 87 8.52 8.58 7.84
CA VAL A 87 8.36 8.77 9.23
C VAL A 87 7.44 9.96 9.53
N GLN A 88 7.74 11.12 8.95
CA GLN A 88 6.92 12.30 9.17
C GLN A 88 5.54 12.09 8.57
N TRP A 89 5.48 11.30 7.50
CA TRP A 89 4.24 11.02 6.82
C TRP A 89 3.36 10.14 7.69
N LEU A 90 3.95 9.08 8.21
CA LEU A 90 3.23 8.11 9.01
C LEU A 90 2.72 8.78 10.27
N ILE A 91 3.49 9.67 10.84
CA ILE A 91 3.01 10.32 12.02
C ILE A 91 1.94 11.35 11.69
N THR A 92 2.20 12.21 10.70
CA THR A 92 1.30 13.32 10.42
C THR A 92 -0.02 12.83 9.80
N TYR A 93 0.00 11.64 9.26
CA TYR A 93 -1.17 11.12 8.62
C TYR A 93 -1.72 9.90 9.29
N VAL A 94 -0.86 8.99 9.63
CA VAL A 94 -1.29 7.74 10.19
C VAL A 94 -1.50 7.87 11.69
N GLU A 95 -0.82 8.87 12.29
CA GLU A 95 -0.97 9.20 13.70
C GLU A 95 -0.32 8.17 14.60
N LEU A 96 0.66 7.48 14.07
CA LEU A 96 1.37 6.45 14.83
C LEU A 96 2.69 6.98 15.43
N PRO A 97 2.71 7.28 16.72
CA PRO A 97 3.87 7.87 17.37
C PRO A 97 4.89 6.83 17.89
N GLN A 98 4.86 5.66 17.30
CA GLN A 98 5.79 4.58 17.64
C GLN A 98 6.93 4.57 16.60
N TYR A 99 6.90 5.59 15.81
CA TYR A 99 7.72 5.73 14.64
C TYR A 99 9.21 5.59 14.91
N GLU A 100 9.71 6.17 16.00
CA GLU A 100 11.12 6.21 16.25
C GLU A 100 11.65 4.84 16.43
N GLU A 101 10.96 4.10 17.26
CA GLU A 101 11.34 2.78 17.55
C GLU A 101 11.21 1.88 16.33
N THR A 102 10.12 2.01 15.61
CA THR A 102 9.92 1.15 14.47
C THR A 102 10.89 1.49 13.32
N PHE A 103 11.13 2.78 13.07
CA PHE A 103 12.04 3.11 12.01
C PHE A 103 13.45 2.69 12.35
N ARG A 104 13.80 2.78 13.61
CA ARG A 104 15.13 2.33 14.01
C ARG A 104 15.20 0.77 14.02
N LYS A 105 14.04 0.12 14.17
CA LYS A 105 13.99 -1.34 14.11
C LYS A 105 14.06 -1.92 12.70
N LEU A 106 13.22 -1.45 11.78
CA LEU A 106 13.22 -2.01 10.43
C LEU A 106 13.60 -1.04 9.33
N GLN A 107 13.68 0.25 9.67
CA GLN A 107 13.98 1.33 8.71
C GLN A 107 12.97 1.37 7.58
N LEU A 108 11.91 2.07 7.78
CA LEU A 108 10.91 2.17 6.76
C LEU A 108 11.20 3.34 5.84
N SER A 109 10.70 3.27 4.64
CA SER A 109 10.92 4.26 3.61
C SER A 109 9.94 4.00 2.48
N GLY A 110 10.21 4.51 1.29
CA GLY A 110 9.35 4.31 0.14
C GLY A 110 9.17 2.85 -0.27
N HIS A 111 10.11 2.02 0.11
CA HIS A 111 10.06 0.57 -0.15
C HIS A 111 9.20 -0.11 0.94
N ALA A 112 9.35 0.40 2.13
CA ALA A 112 8.59 -0.10 3.22
C ALA A 112 7.16 0.34 3.10
N MET A 113 6.94 1.46 2.42
CA MET A 113 5.57 1.97 2.15
C MET A 113 4.63 0.90 1.59
N PRO A 114 4.95 0.21 0.45
CA PRO A 114 4.14 -0.87 0.00
C PRO A 114 4.29 -2.04 0.95
N ARG A 115 5.53 -2.35 1.37
CA ARG A 115 5.72 -3.46 2.28
C ARG A 115 4.78 -3.38 3.54
N LEU A 116 4.60 -2.20 4.08
CA LEU A 116 3.83 -2.03 5.31
C LEU A 116 2.33 -1.95 5.05
N ALA A 117 1.97 -1.59 3.82
CA ALA A 117 0.56 -1.43 3.44
C ALA A 117 -0.15 -2.78 3.40
N VAL A 118 0.60 -3.85 3.40
CA VAL A 118 0.00 -5.15 3.33
C VAL A 118 -0.06 -5.86 4.70
N THR A 119 -1.30 -6.16 5.11
CA THR A 119 -1.65 -7.00 6.29
C THR A 119 -1.30 -6.46 7.68
N ASN A 120 -0.40 -5.49 7.76
CA ASN A 120 0.15 -4.89 9.02
C ASN A 120 1.25 -5.76 9.61
N THR A 121 1.07 -7.07 9.50
CA THR A 121 1.98 -8.08 10.00
C THR A 121 3.41 -7.85 9.51
N THR A 122 3.53 -7.53 8.24
CA THR A 122 4.80 -7.32 7.61
C THR A 122 5.57 -6.14 8.26
N MET A 123 4.84 -5.10 8.66
CA MET A 123 5.45 -3.93 9.27
C MET A 123 5.76 -4.15 10.74
N THR A 124 4.79 -4.69 11.46
CA THR A 124 4.88 -4.78 12.89
C THR A 124 5.87 -5.90 13.37
N GLY A 125 7.13 -5.52 13.45
CA GLY A 125 8.18 -6.41 13.94
C GLY A 125 8.67 -5.96 15.29
N THR A 126 7.87 -5.15 15.91
CA THR A 126 8.15 -4.58 17.20
C THR A 126 6.78 -4.35 17.81
N VAL A 127 6.72 -3.84 19.00
CA VAL A 127 5.46 -3.46 19.60
C VAL A 127 4.89 -2.22 18.86
N LEU A 128 4.22 -2.48 17.79
CA LEU A 128 3.70 -1.48 16.93
C LEU A 128 2.24 -1.74 16.70
N LYS A 129 1.41 -1.05 17.51
CA LYS A 129 -0.07 -1.14 17.52
C LYS A 129 -0.50 -2.52 18.04
N MET A 130 -1.71 -2.64 18.51
CA MET A 130 -2.19 -3.93 18.99
C MET A 130 -3.26 -4.48 18.05
N THR A 131 -4.08 -3.61 17.53
CA THR A 131 -5.14 -3.98 16.64
C THR A 131 -4.66 -4.13 15.20
N ASP A 132 -4.71 -5.37 14.71
CA ASP A 132 -4.30 -5.71 13.33
C ASP A 132 -5.03 -4.93 12.29
N ARG A 133 -6.35 -4.88 12.40
CA ARG A 133 -7.14 -4.20 11.45
C ARG A 133 -6.89 -2.72 11.50
N SER A 134 -6.93 -2.16 12.69
CA SER A 134 -6.73 -0.75 12.89
C SER A 134 -5.36 -0.32 12.33
N HIS A 135 -4.36 -1.15 12.59
CA HIS A 135 -3.01 -0.90 12.14
C HIS A 135 -2.98 -0.90 10.62
N ARG A 136 -3.44 -2.01 10.01
CA ARG A 136 -3.44 -2.09 8.55
C ARG A 136 -4.28 -1.01 7.94
N GLN A 137 -5.44 -0.72 8.51
CA GLN A 137 -6.32 0.29 7.95
C GLN A 137 -5.66 1.66 7.87
N LYS A 138 -5.07 2.13 8.97
CA LYS A 138 -4.46 3.45 8.92
C LYS A 138 -3.22 3.45 8.01
N LEU A 139 -2.36 2.46 8.21
CA LEU A 139 -1.15 2.33 7.43
C LEU A 139 -1.43 2.11 5.97
N GLN A 140 -2.32 1.19 5.64
CA GLN A 140 -2.60 0.87 4.25
C GLN A 140 -3.28 2.03 3.60
N LEU A 141 -4.17 2.72 4.31
CA LEU A 141 -4.85 3.85 3.72
C LEU A 141 -3.84 4.86 3.26
N LYS A 142 -2.94 5.24 4.14
CA LYS A 142 -1.95 6.21 3.76
C LYS A 142 -0.92 5.65 2.79
N ALA A 143 -0.36 4.51 3.11
CA ALA A 143 0.69 3.91 2.30
C ALA A 143 0.19 3.50 0.94
N LEU A 144 -0.97 2.88 0.87
CA LEU A 144 -1.50 2.42 -0.38
C LEU A 144 -1.90 3.60 -1.25
N ASP A 145 -2.60 4.59 -0.64
CA ASP A 145 -2.97 5.82 -1.39
C ASP A 145 -1.69 6.49 -1.91
N THR A 146 -0.64 6.38 -1.13
CA THR A 146 0.63 6.94 -1.51
C THR A 146 1.35 6.11 -2.62
N VAL A 147 1.55 4.80 -2.43
CA VAL A 147 2.24 3.96 -3.43
C VAL A 147 1.51 3.98 -4.76
N LEU A 148 0.21 4.19 -4.70
CA LEU A 148 -0.57 4.28 -5.88
C LEU A 148 -0.58 5.69 -6.46
N PHE A 149 -0.86 6.67 -5.64
CA PHE A 149 -0.93 8.05 -6.13
C PHE A 149 0.13 8.92 -5.43
N GLY A 150 -0.04 9.12 -4.15
CA GLY A 150 0.88 9.95 -3.39
C GLY A 150 0.70 11.43 -3.68
N GLY A 1 4.12 -13.55 2.00
CA GLY A 1 3.30 -12.44 2.51
C GLY A 1 2.02 -12.94 3.14
N SER A 2 1.02 -13.09 2.32
CA SER A 2 -0.26 -13.61 2.73
C SER A 2 -0.35 -15.03 2.17
N HIS A 3 -1.51 -15.63 2.14
CA HIS A 3 -1.62 -16.95 1.53
C HIS A 3 -1.57 -16.82 0.01
N MET A 4 -2.29 -15.88 -0.52
CA MET A 4 -2.31 -15.70 -1.96
C MET A 4 -1.58 -14.44 -2.36
N ALA A 5 -1.17 -14.39 -3.62
CA ALA A 5 -0.50 -13.25 -4.28
C ALA A 5 0.89 -12.99 -3.72
N SER A 6 1.35 -13.86 -2.85
CA SER A 6 2.61 -13.70 -2.20
C SER A 6 3.16 -15.03 -1.68
N SER A 7 2.84 -16.10 -2.38
CA SER A 7 3.35 -17.42 -2.02
C SER A 7 3.95 -18.10 -3.24
N GLU A 8 4.10 -17.31 -4.28
CA GLU A 8 4.66 -17.76 -5.55
C GLU A 8 6.16 -17.67 -5.45
N ASP A 9 6.57 -16.79 -4.56
CA ASP A 9 7.95 -16.53 -4.26
C ASP A 9 8.11 -16.75 -2.79
N GLU A 10 9.31 -16.89 -2.33
CA GLU A 10 9.52 -17.17 -0.93
C GLU A 10 10.21 -15.97 -0.29
N LYS A 11 9.40 -15.08 0.22
CA LYS A 11 9.81 -13.88 0.92
C LYS A 11 10.55 -12.93 0.01
N LEU A 12 9.77 -12.25 -0.75
CA LEU A 12 10.24 -11.27 -1.66
C LEU A 12 9.56 -9.94 -1.27
N SER A 13 9.93 -8.86 -1.89
CA SER A 13 9.27 -7.60 -1.61
C SER A 13 8.28 -7.27 -2.72
N PHE A 14 8.53 -7.80 -3.92
CA PHE A 14 7.67 -7.55 -5.07
C PHE A 14 6.32 -8.22 -4.85
N GLU A 15 6.34 -9.35 -4.13
CA GLU A 15 5.12 -10.06 -3.79
C GLU A 15 4.24 -9.16 -2.92
N ALA A 16 4.88 -8.43 -2.02
CA ALA A 16 4.19 -7.53 -1.14
C ALA A 16 3.59 -6.42 -1.97
N VAL A 17 4.41 -5.84 -2.85
CA VAL A 17 3.99 -4.76 -3.76
C VAL A 17 2.76 -5.18 -4.60
N ARG A 18 2.87 -6.30 -5.28
CA ARG A 18 1.77 -6.78 -6.09
C ARG A 18 0.57 -7.13 -5.23
N ASN A 19 0.82 -7.52 -4.01
CA ASN A 19 -0.24 -7.88 -3.07
C ASN A 19 -1.10 -6.66 -2.75
N ILE A 20 -0.47 -5.53 -2.42
CA ILE A 20 -1.27 -4.35 -2.11
C ILE A 20 -1.92 -3.82 -3.38
N HIS A 21 -1.27 -4.02 -4.50
CA HIS A 21 -1.86 -3.63 -5.77
C HIS A 21 -3.04 -4.55 -6.11
N LYS A 22 -2.92 -5.82 -5.76
CA LYS A 22 -3.99 -6.79 -6.00
C LYS A 22 -5.12 -6.53 -5.04
N LEU A 23 -4.80 -5.88 -3.91
CA LEU A 23 -5.76 -5.59 -2.82
C LEU A 23 -7.04 -4.93 -3.33
N MET A 24 -6.93 -4.17 -4.39
CA MET A 24 -8.10 -3.55 -5.00
C MET A 24 -8.87 -4.55 -5.83
N ASP A 25 -8.15 -5.33 -6.63
CA ASP A 25 -8.74 -6.42 -7.38
C ASP A 25 -9.41 -7.46 -6.43
N ASP A 26 -10.55 -7.91 -6.82
CA ASP A 26 -11.32 -8.90 -6.10
C ASP A 26 -10.76 -10.30 -6.34
N ASP A 27 -10.36 -10.59 -7.58
CA ASP A 27 -9.93 -11.95 -7.94
C ASP A 27 -8.42 -12.05 -8.01
N ALA A 28 -7.78 -10.89 -7.92
CA ALA A 28 -6.32 -10.76 -7.96
C ALA A 28 -5.72 -11.36 -9.25
N ASN A 29 -6.14 -10.87 -10.40
CA ASN A 29 -5.66 -11.42 -11.70
C ASN A 29 -4.49 -10.62 -12.23
N GLY A 30 -4.09 -9.62 -11.50
CA GLY A 30 -2.96 -8.79 -11.89
C GLY A 30 -3.40 -7.45 -12.41
N ASP A 31 -4.67 -7.36 -12.70
CA ASP A 31 -5.29 -6.11 -13.06
C ASP A 31 -6.58 -5.96 -12.33
N VAL A 32 -6.71 -4.83 -11.75
CA VAL A 32 -7.85 -4.48 -11.01
C VAL A 32 -8.84 -3.83 -11.95
N ASP A 33 -9.88 -4.54 -12.26
CA ASP A 33 -10.91 -4.05 -13.14
C ASP A 33 -11.88 -3.17 -12.36
N VAL A 34 -12.76 -2.50 -13.07
CA VAL A 34 -13.71 -1.55 -12.52
C VAL A 34 -14.76 -2.26 -11.65
N GLU A 35 -15.10 -3.48 -12.00
CA GLU A 35 -16.10 -4.25 -11.26
C GLU A 35 -15.49 -4.81 -10.00
N GLU A 36 -14.20 -5.06 -10.08
CA GLU A 36 -13.45 -5.70 -9.03
C GLU A 36 -13.15 -4.74 -7.87
N SER A 37 -12.71 -3.54 -8.19
CA SER A 37 -12.30 -2.54 -7.21
C SER A 37 -13.42 -1.73 -6.59
N ASP A 38 -14.67 -2.02 -6.98
CA ASP A 38 -15.87 -1.21 -6.63
C ASP A 38 -15.86 -0.69 -5.20
N GLU A 39 -15.81 -1.55 -4.21
CA GLU A 39 -15.66 -1.08 -2.83
C GLU A 39 -14.19 -0.79 -2.46
N PHE A 40 -13.32 -1.70 -2.88
CA PHE A 40 -11.90 -1.75 -2.49
C PHE A 40 -11.14 -0.47 -2.70
N LEU A 41 -11.12 0.06 -3.91
CA LEU A 41 -10.29 1.24 -4.14
C LEU A 41 -10.75 2.40 -3.26
N ARG A 42 -12.10 2.60 -3.30
CA ARG A 42 -12.75 3.70 -2.61
C ARG A 42 -12.35 3.71 -1.19
N GLU A 43 -12.68 2.68 -0.51
CA GLU A 43 -12.45 2.63 0.89
C GLU A 43 -10.99 2.46 1.19
N ASP A 44 -10.43 1.36 0.65
CA ASP A 44 -9.08 0.89 1.00
C ASP A 44 -7.99 1.87 0.87
N LEU A 45 -8.08 2.84 -0.03
CA LEU A 45 -7.13 3.92 0.09
C LEU A 45 -7.72 5.28 -0.18
N ASN A 46 -8.95 5.33 -0.61
CA ASN A 46 -9.51 6.57 -1.00
C ASN A 46 -10.44 7.13 0.05
N TYR A 47 -10.78 6.28 1.08
CA TYR A 47 -11.60 6.64 2.26
C TYR A 47 -12.92 7.41 1.97
N HIS A 48 -13.34 7.42 0.73
CA HIS A 48 -14.54 8.15 0.34
C HIS A 48 -14.97 7.70 -1.05
N ASP A 49 -14.29 8.20 -2.06
CA ASP A 49 -14.58 7.85 -3.44
C ASP A 49 -13.28 7.80 -4.18
N PRO A 50 -13.18 6.88 -5.13
CA PRO A 50 -12.01 6.73 -5.96
C PRO A 50 -11.92 7.80 -7.04
N THR A 51 -12.38 7.47 -8.26
CA THR A 51 -12.35 8.35 -9.44
C THR A 51 -10.95 8.88 -9.78
N VAL A 52 -10.40 9.73 -8.91
CA VAL A 52 -9.13 10.37 -9.11
C VAL A 52 -8.04 9.33 -9.31
N LYS A 53 -7.86 8.41 -8.37
CA LYS A 53 -6.82 7.38 -8.52
C LYS A 53 -6.98 6.53 -9.77
N HIS A 54 -8.22 6.23 -10.10
CA HIS A 54 -8.54 5.47 -11.30
C HIS A 54 -8.06 6.22 -12.56
N SER A 55 -8.54 7.43 -12.72
CA SER A 55 -8.24 8.25 -13.88
C SER A 55 -6.82 8.82 -13.83
N THR A 56 -6.25 8.94 -12.67
CA THR A 56 -4.88 9.35 -12.55
C THR A 56 -3.98 8.25 -13.10
N PHE A 57 -4.24 6.99 -12.70
CA PHE A 57 -3.36 5.94 -13.13
C PHE A 57 -3.57 5.56 -14.60
N HIS A 58 -4.76 5.09 -14.96
CA HIS A 58 -5.00 4.77 -16.36
C HIS A 58 -5.28 5.98 -17.23
N GLY A 59 -6.27 6.75 -16.84
CA GLY A 59 -6.59 7.99 -17.51
C GLY A 59 -7.67 7.81 -18.51
N GLU A 60 -7.45 6.90 -19.39
CA GLU A 60 -8.33 6.62 -20.49
C GLU A 60 -9.07 5.29 -20.22
N ASP A 61 -8.96 4.88 -18.99
CA ASP A 61 -9.46 3.61 -18.52
C ASP A 61 -9.36 3.67 -17.00
N LYS A 62 -9.76 2.64 -16.30
CA LYS A 62 -9.83 2.69 -14.86
C LYS A 62 -9.08 1.50 -14.20
N LEU A 63 -8.46 0.64 -14.99
CA LEU A 63 -7.75 -0.51 -14.45
C LEU A 63 -6.46 -0.15 -13.77
N ILE A 64 -6.11 -0.96 -12.82
CA ILE A 64 -4.92 -0.79 -12.04
C ILE A 64 -4.07 -2.07 -12.22
N SER A 65 -2.78 -1.95 -12.52
CA SER A 65 -1.94 -3.14 -12.74
C SER A 65 -0.64 -3.03 -12.01
N VAL A 66 -0.16 -4.16 -11.50
CA VAL A 66 0.96 -4.18 -10.58
C VAL A 66 2.28 -3.73 -11.19
N GLU A 67 2.59 -4.17 -12.39
CA GLU A 67 3.87 -3.86 -12.95
C GLU A 67 3.93 -2.42 -13.43
N ASP A 68 2.82 -1.91 -13.91
CA ASP A 68 2.80 -0.53 -14.39
C ASP A 68 2.84 0.42 -13.20
N LEU A 69 2.28 -0.05 -12.09
CA LEU A 69 2.38 0.64 -10.83
C LEU A 69 3.80 0.62 -10.34
N TRP A 70 4.45 -0.52 -10.49
CA TRP A 70 5.90 -0.64 -10.23
C TRP A 70 6.68 0.46 -10.98
N LYS A 71 6.34 0.65 -12.26
CA LYS A 71 6.94 1.72 -13.07
C LYS A 71 6.65 3.09 -12.44
N ALA A 72 5.39 3.31 -12.07
CA ALA A 72 4.96 4.56 -11.45
C ALA A 72 5.66 4.81 -10.12
N TRP A 73 5.61 3.82 -9.24
CA TRP A 73 6.20 3.87 -7.90
C TRP A 73 7.67 4.23 -7.96
N LYS A 74 8.41 3.59 -8.85
CA LYS A 74 9.83 3.88 -9.01
C LYS A 74 10.07 5.32 -9.47
N SER A 75 9.14 5.85 -10.20
CA SER A 75 9.28 7.18 -10.77
C SER A 75 8.69 8.23 -9.80
N SER A 76 7.87 7.75 -8.89
CA SER A 76 7.21 8.58 -7.95
C SER A 76 8.13 9.01 -6.81
N GLU A 77 7.69 9.99 -6.03
CA GLU A 77 8.46 10.47 -4.90
C GLU A 77 8.54 9.38 -3.86
N VAL A 78 7.56 8.49 -3.89
CA VAL A 78 7.42 7.37 -2.99
C VAL A 78 8.72 6.56 -2.90
N TYR A 79 9.21 6.04 -4.03
CA TYR A 79 10.41 5.20 -4.00
C TYR A 79 11.67 6.03 -3.70
N ASN A 80 11.56 7.33 -3.87
CA ASN A 80 12.63 8.29 -3.57
C ASN A 80 12.72 8.55 -2.07
N TRP A 81 11.57 8.51 -1.43
CA TRP A 81 11.43 8.81 -0.01
C TRP A 81 12.27 7.94 0.90
N THR A 82 13.12 8.61 1.64
CA THR A 82 13.94 7.98 2.63
C THR A 82 13.10 7.79 3.93
N VAL A 83 13.75 7.38 5.00
CA VAL A 83 13.07 7.05 6.24
C VAL A 83 12.43 8.32 6.85
N ASP A 84 13.07 9.44 6.69
CA ASP A 84 12.56 10.72 7.21
C ASP A 84 11.22 11.09 6.58
N GLU A 85 11.15 10.93 5.27
CA GLU A 85 9.97 11.27 4.50
C GLU A 85 8.80 10.38 4.91
N VAL A 86 9.04 9.08 4.96
CA VAL A 86 7.99 8.14 5.32
C VAL A 86 7.55 8.33 6.77
N VAL A 87 8.50 8.70 7.62
CA VAL A 87 8.21 8.95 8.99
C VAL A 87 7.23 10.12 9.14
N GLN A 88 7.52 11.24 8.48
CA GLN A 88 6.65 12.39 8.58
C GLN A 88 5.32 12.09 7.93
N TRP A 89 5.35 11.27 6.89
CA TRP A 89 4.16 10.93 6.16
C TRP A 89 3.26 10.05 6.99
N LEU A 90 3.83 9.03 7.60
CA LEU A 90 3.07 8.09 8.37
C LEU A 90 2.46 8.80 9.57
N ILE A 91 3.17 9.71 10.18
CA ILE A 91 2.60 10.37 11.32
C ILE A 91 1.50 11.33 10.90
N THR A 92 1.77 12.17 9.91
CA THR A 92 0.88 13.22 9.51
C THR A 92 -0.39 12.65 8.84
N TYR A 93 -0.28 11.48 8.29
CA TYR A 93 -1.39 10.89 7.59
C TYR A 93 -1.95 9.69 8.28
N VAL A 94 -1.11 8.78 8.69
CA VAL A 94 -1.57 7.55 9.30
C VAL A 94 -1.99 7.81 10.73
N GLU A 95 -1.39 8.84 11.35
CA GLU A 95 -1.74 9.29 12.71
C GLU A 95 -1.14 8.33 13.71
N LEU A 96 -0.11 7.63 13.29
CA LEU A 96 0.57 6.69 14.13
C LEU A 96 1.86 7.31 14.69
N PRO A 97 1.89 7.61 15.96
CA PRO A 97 3.03 8.22 16.60
C PRO A 97 4.06 7.21 17.15
N GLN A 98 4.11 6.01 16.58
CA GLN A 98 5.04 4.97 17.00
C GLN A 98 6.25 4.98 16.04
N TYR A 99 6.34 6.07 15.31
CA TYR A 99 7.29 6.26 14.22
C TYR A 99 8.72 6.05 14.61
N GLU A 100 9.12 6.54 15.79
CA GLU A 100 10.49 6.39 16.22
C GLU A 100 10.81 4.93 16.33
N GLU A 101 9.95 4.24 17.05
CA GLU A 101 10.13 2.85 17.32
C GLU A 101 10.12 2.04 16.06
N THR A 102 9.18 2.26 15.20
CA THR A 102 9.10 1.48 13.99
C THR A 102 10.27 1.78 13.06
N PHE A 103 10.65 3.06 12.93
CA PHE A 103 11.77 3.34 12.05
C PHE A 103 13.07 2.79 12.62
N ARG A 104 13.22 2.82 13.95
CA ARG A 104 14.43 2.25 14.57
C ARG A 104 14.40 0.71 14.52
N LYS A 105 13.20 0.13 14.43
CA LYS A 105 13.05 -1.31 14.33
C LYS A 105 13.34 -1.83 12.93
N LEU A 106 12.69 -1.24 11.93
CA LEU A 106 12.78 -1.79 10.57
C LEU A 106 13.29 -0.83 9.51
N GLN A 107 13.39 0.46 9.84
CA GLN A 107 13.77 1.54 8.89
C GLN A 107 12.92 1.51 7.66
N LEU A 108 11.78 2.13 7.75
CA LEU A 108 10.87 2.16 6.66
C LEU A 108 11.20 3.29 5.70
N SER A 109 10.71 3.20 4.48
CA SER A 109 10.98 4.17 3.46
C SER A 109 10.05 3.89 2.29
N GLY A 110 10.39 4.39 1.13
CA GLY A 110 9.59 4.21 -0.06
C GLY A 110 9.38 2.77 -0.49
N HIS A 111 10.27 1.88 -0.12
CA HIS A 111 10.05 0.46 -0.43
C HIS A 111 9.29 -0.21 0.70
N ALA A 112 9.46 0.33 1.89
CA ALA A 112 8.76 -0.19 2.99
C ALA A 112 7.31 0.16 2.89
N MET A 113 7.02 1.33 2.30
CA MET A 113 5.63 1.79 2.07
C MET A 113 4.74 0.68 1.48
N PRO A 114 5.07 0.07 0.31
CA PRO A 114 4.29 -1.02 -0.18
C PRO A 114 4.50 -2.27 0.66
N ARG A 115 5.73 -2.51 1.14
CA ARG A 115 5.92 -3.74 1.93
C ARG A 115 5.12 -3.71 3.28
N LEU A 116 4.75 -2.51 3.76
CA LEU A 116 3.98 -2.40 4.99
C LEU A 116 2.50 -2.21 4.72
N ALA A 117 2.16 -1.91 3.49
CA ALA A 117 0.78 -1.63 3.11
C ALA A 117 -0.05 -2.91 3.02
N VAL A 118 0.58 -4.04 3.15
CA VAL A 118 -0.15 -5.27 3.10
C VAL A 118 0.11 -6.10 4.33
N THR A 119 -0.97 -6.38 5.07
CA THR A 119 -0.98 -7.15 6.31
C THR A 119 -0.09 -6.56 7.43
N ASN A 120 -0.70 -6.27 8.57
CA ASN A 120 -0.01 -5.62 9.69
C ASN A 120 1.11 -6.52 10.20
N THR A 121 0.94 -7.81 9.97
CA THR A 121 1.86 -8.87 10.31
C THR A 121 3.29 -8.56 9.83
N THR A 122 3.39 -8.09 8.60
CA THR A 122 4.65 -7.78 8.01
C THR A 122 5.28 -6.53 8.66
N MET A 123 4.46 -5.53 8.90
CA MET A 123 4.94 -4.25 9.39
C MET A 123 5.23 -4.22 10.90
N THR A 124 4.44 -4.87 11.72
CA THR A 124 4.70 -4.81 13.14
C THR A 124 5.78 -5.84 13.54
N GLY A 125 6.91 -5.32 13.98
CA GLY A 125 7.98 -6.17 14.47
C GLY A 125 7.79 -6.49 15.94
N THR A 126 8.16 -5.55 16.79
CA THR A 126 8.01 -5.74 18.22
C THR A 126 6.58 -5.37 18.63
N VAL A 127 6.28 -4.09 18.64
CA VAL A 127 4.96 -3.60 18.98
C VAL A 127 4.73 -2.21 18.38
N LEU A 128 4.06 -2.20 17.28
CA LEU A 128 3.71 -0.97 16.61
C LEU A 128 2.35 -0.50 17.05
N LYS A 129 1.39 -1.34 16.89
CA LYS A 129 0.05 -1.06 17.26
C LYS A 129 -0.62 -2.39 17.53
N MET A 130 -1.43 -2.46 18.56
CA MET A 130 -2.00 -3.71 19.01
C MET A 130 -3.11 -4.25 18.09
N THR A 131 -3.98 -3.38 17.62
CA THR A 131 -5.07 -3.81 16.76
C THR A 131 -4.61 -4.15 15.37
N ASP A 132 -4.61 -5.46 15.06
CA ASP A 132 -4.20 -6.00 13.76
C ASP A 132 -4.86 -5.31 12.61
N ARG A 133 -6.17 -5.26 12.66
CA ARG A 133 -6.90 -4.72 11.56
C ARG A 133 -6.76 -3.23 11.50
N SER A 134 -6.86 -2.56 12.64
CA SER A 134 -6.81 -1.10 12.67
C SER A 134 -5.44 -0.63 12.18
N HIS A 135 -4.41 -1.36 12.55
CA HIS A 135 -3.07 -1.06 12.16
C HIS A 135 -2.94 -1.21 10.64
N ARG A 136 -3.37 -2.37 10.12
CA ARG A 136 -3.24 -2.61 8.69
C ARG A 136 -4.10 -1.61 7.91
N GLN A 137 -5.29 -1.29 8.43
CA GLN A 137 -6.20 -0.41 7.73
C GLN A 137 -5.64 1.00 7.60
N LYS A 138 -5.06 1.55 8.68
CA LYS A 138 -4.49 2.89 8.60
C LYS A 138 -3.27 2.89 7.68
N LEU A 139 -2.37 1.94 7.90
CA LEU A 139 -1.16 1.86 7.10
C LEU A 139 -1.46 1.60 5.66
N GLN A 140 -2.35 0.66 5.36
CA GLN A 140 -2.65 0.35 3.98
C GLN A 140 -3.36 1.51 3.32
N LEU A 141 -4.24 2.18 4.04
CA LEU A 141 -4.96 3.33 3.50
C LEU A 141 -3.95 4.36 2.98
N LYS A 142 -3.01 4.73 3.85
CA LYS A 142 -2.07 5.77 3.48
C LYS A 142 -0.96 5.28 2.57
N ALA A 143 -0.38 4.15 2.90
CA ALA A 143 0.73 3.64 2.13
C ALA A 143 0.30 3.19 0.75
N LEU A 144 -0.87 2.59 0.65
CA LEU A 144 -1.37 2.18 -0.63
C LEU A 144 -1.73 3.40 -1.46
N ASP A 145 -2.40 4.40 -0.83
CA ASP A 145 -2.71 5.67 -1.54
C ASP A 145 -1.42 6.29 -2.05
N THR A 146 -0.38 6.14 -1.26
CA THR A 146 0.91 6.68 -1.57
C THR A 146 1.61 5.91 -2.73
N VAL A 147 1.72 4.59 -2.63
CA VAL A 147 2.40 3.81 -3.67
C VAL A 147 1.65 3.88 -5.00
N LEU A 148 0.36 4.15 -4.92
CA LEU A 148 -0.44 4.27 -6.10
C LEU A 148 -0.41 5.69 -6.65
N PHE A 149 -0.61 6.68 -5.80
CA PHE A 149 -0.67 8.06 -6.25
C PHE A 149 0.50 8.88 -5.70
N GLY A 150 0.60 8.94 -4.38
CA GLY A 150 1.68 9.69 -3.76
C GLY A 150 1.30 11.13 -3.50
N GLY A 1 -10.01 -11.94 -2.90
CA GLY A 1 -8.57 -12.04 -3.12
C GLY A 1 -8.16 -13.47 -3.32
N SER A 2 -7.13 -13.70 -4.10
CA SER A 2 -6.65 -15.04 -4.34
C SER A 2 -5.66 -15.45 -3.27
N HIS A 3 -5.48 -16.73 -3.09
CA HIS A 3 -4.51 -17.25 -2.16
C HIS A 3 -3.09 -16.98 -2.66
N MET A 4 -2.94 -16.99 -3.98
CA MET A 4 -1.65 -16.72 -4.60
C MET A 4 -1.17 -15.29 -4.33
N ALA A 5 -2.11 -14.39 -4.12
CA ALA A 5 -1.80 -13.00 -3.87
C ALA A 5 -1.86 -12.67 -2.40
N SER A 6 -1.95 -13.68 -1.58
CA SER A 6 -1.98 -13.53 -0.16
C SER A 6 -0.89 -14.44 0.43
N SER A 7 0.28 -13.88 0.60
CA SER A 7 1.44 -14.64 1.01
C SER A 7 1.53 -14.82 2.53
N GLU A 8 1.97 -15.98 2.95
CA GLU A 8 2.25 -16.23 4.34
C GLU A 8 3.72 -15.95 4.56
N ASP A 9 3.99 -14.78 5.13
CA ASP A 9 5.33 -14.23 5.34
C ASP A 9 5.99 -13.92 3.99
N GLU A 10 5.83 -12.70 3.60
CA GLU A 10 6.29 -12.19 2.33
C GLU A 10 7.81 -12.10 2.32
N LYS A 11 8.41 -12.79 1.36
CA LYS A 11 9.84 -12.90 1.26
C LYS A 11 10.33 -11.85 0.27
N LEU A 12 9.66 -11.79 -0.84
CA LEU A 12 9.94 -10.83 -1.86
C LEU A 12 9.17 -9.58 -1.56
N SER A 13 9.55 -8.51 -2.15
CA SER A 13 8.83 -7.29 -1.96
C SER A 13 7.78 -7.14 -3.05
N PHE A 14 7.98 -7.81 -4.17
CA PHE A 14 7.03 -7.73 -5.28
C PHE A 14 5.74 -8.49 -4.92
N GLU A 15 5.87 -9.59 -4.20
CA GLU A 15 4.69 -10.30 -3.74
C GLU A 15 3.90 -9.41 -2.77
N ALA A 16 4.63 -8.64 -1.99
CA ALA A 16 4.04 -7.68 -1.08
C ALA A 16 3.34 -6.59 -1.89
N VAL A 17 4.05 -6.03 -2.89
CA VAL A 17 3.48 -4.97 -3.70
C VAL A 17 2.19 -5.43 -4.37
N ARG A 18 2.21 -6.62 -4.96
CA ARG A 18 1.03 -7.16 -5.61
C ARG A 18 -0.05 -7.46 -4.59
N ASN A 19 0.36 -7.77 -3.35
CA ASN A 19 -0.58 -8.04 -2.26
C ASN A 19 -1.43 -6.77 -2.01
N ILE A 20 -0.76 -5.65 -1.82
CA ILE A 20 -1.48 -4.42 -1.54
C ILE A 20 -2.30 -3.99 -2.77
N HIS A 21 -1.78 -4.25 -3.97
CA HIS A 21 -2.53 -3.93 -5.18
C HIS A 21 -3.73 -4.90 -5.36
N LYS A 22 -3.57 -6.15 -4.88
CA LYS A 22 -4.62 -7.18 -4.98
C LYS A 22 -5.76 -6.82 -4.03
N LEU A 23 -5.46 -6.03 -3.00
CA LEU A 23 -6.50 -5.50 -2.10
C LEU A 23 -7.68 -4.83 -2.89
N MET A 24 -7.39 -4.30 -4.07
CA MET A 24 -8.44 -3.72 -4.91
C MET A 24 -9.04 -4.77 -5.84
N ASP A 25 -8.21 -5.37 -6.69
CA ASP A 25 -8.66 -6.47 -7.57
C ASP A 25 -9.13 -7.67 -6.77
N ASP A 26 -10.42 -7.90 -6.78
CA ASP A 26 -11.02 -8.98 -6.00
C ASP A 26 -10.53 -10.38 -6.39
N ASP A 27 -10.31 -10.63 -7.67
CA ASP A 27 -9.86 -11.98 -8.08
C ASP A 27 -8.35 -12.05 -8.06
N ALA A 28 -7.75 -10.88 -7.90
CA ALA A 28 -6.33 -10.69 -7.86
C ALA A 28 -5.62 -11.38 -9.05
N ASN A 29 -5.82 -10.84 -10.24
CA ASN A 29 -5.24 -11.40 -11.47
C ASN A 29 -4.01 -10.58 -11.89
N GLY A 30 -3.67 -9.62 -11.07
CA GLY A 30 -2.53 -8.77 -11.34
C GLY A 30 -2.95 -7.41 -11.82
N ASP A 31 -4.21 -7.29 -12.18
CA ASP A 31 -4.79 -6.03 -12.57
C ASP A 31 -6.22 -5.92 -12.13
N VAL A 32 -6.50 -4.77 -11.63
CA VAL A 32 -7.77 -4.43 -11.08
C VAL A 32 -8.63 -3.78 -12.16
N ASP A 33 -9.71 -4.43 -12.53
CA ASP A 33 -10.65 -3.85 -13.50
C ASP A 33 -11.68 -3.05 -12.73
N VAL A 34 -12.44 -2.23 -13.42
CA VAL A 34 -13.41 -1.32 -12.81
C VAL A 34 -14.53 -2.08 -12.08
N GLU A 35 -14.88 -3.25 -12.59
CA GLU A 35 -15.90 -4.06 -11.97
C GLU A 35 -15.32 -4.82 -10.78
N GLU A 36 -14.03 -5.06 -10.84
CA GLU A 36 -13.34 -5.79 -9.79
C GLU A 36 -13.14 -4.89 -8.58
N SER A 37 -12.80 -3.66 -8.83
CA SER A 37 -12.57 -2.65 -7.81
C SER A 37 -13.84 -1.99 -7.30
N ASP A 38 -14.99 -2.43 -7.80
CA ASP A 38 -16.31 -1.75 -7.65
C ASP A 38 -16.53 -1.10 -6.27
N GLU A 39 -16.63 -1.87 -5.22
CA GLU A 39 -16.71 -1.27 -3.89
C GLU A 39 -15.31 -0.94 -3.35
N PHE A 40 -14.41 -1.84 -3.71
CA PHE A 40 -13.04 -1.91 -3.24
C PHE A 40 -12.29 -0.62 -3.26
N LEU A 41 -11.85 -0.16 -4.44
CA LEU A 41 -10.95 1.01 -4.54
C LEU A 41 -11.52 2.18 -3.75
N ARG A 42 -12.85 2.39 -3.97
CA ARG A 42 -13.60 3.48 -3.38
C ARG A 42 -13.38 3.51 -1.91
N GLU A 43 -13.81 2.48 -1.27
CA GLU A 43 -13.81 2.48 0.15
C GLU A 43 -12.40 2.26 0.65
N ASP A 44 -11.80 1.18 0.14
CA ASP A 44 -10.54 0.61 0.61
C ASP A 44 -9.47 1.64 0.79
N LEU A 45 -9.32 2.55 -0.15
CA LEU A 45 -8.32 3.58 0.04
C LEU A 45 -8.84 4.94 -0.33
N ASN A 46 -9.97 4.99 -1.01
CA ASN A 46 -10.45 6.25 -1.43
C ASN A 46 -11.41 6.86 -0.43
N TYR A 47 -11.93 6.01 0.52
CA TYR A 47 -12.82 6.40 1.65
C TYR A 47 -13.94 7.41 1.27
N HIS A 48 -14.36 7.35 0.01
CA HIS A 48 -15.41 8.22 -0.53
C HIS A 48 -15.78 7.72 -1.93
N ASP A 49 -14.97 8.08 -2.90
CA ASP A 49 -15.19 7.71 -4.29
C ASP A 49 -13.86 7.57 -4.95
N PRO A 50 -13.72 6.62 -5.84
CA PRO A 50 -12.51 6.40 -6.58
C PRO A 50 -12.41 7.42 -7.71
N THR A 51 -12.43 6.95 -8.96
CA THR A 51 -12.36 7.78 -10.15
C THR A 51 -10.97 8.45 -10.29
N VAL A 52 -10.56 9.18 -9.25
CA VAL A 52 -9.30 9.86 -9.19
C VAL A 52 -8.16 8.88 -9.38
N LYS A 53 -8.08 7.85 -8.56
CA LYS A 53 -7.03 6.88 -8.70
C LYS A 53 -7.12 6.08 -9.99
N HIS A 54 -8.32 5.82 -10.43
CA HIS A 54 -8.56 5.10 -11.66
C HIS A 54 -7.97 5.87 -12.87
N SER A 55 -8.43 7.10 -13.05
CA SER A 55 -8.04 7.93 -14.18
C SER A 55 -6.65 8.52 -13.99
N THR A 56 -6.20 8.65 -12.76
CA THR A 56 -4.85 9.11 -12.55
C THR A 56 -3.88 8.02 -12.95
N PHE A 57 -4.17 6.77 -12.56
CA PHE A 57 -3.23 5.74 -12.86
C PHE A 57 -3.25 5.34 -14.34
N HIS A 58 -4.35 4.82 -14.83
CA HIS A 58 -4.41 4.48 -16.24
C HIS A 58 -4.64 5.66 -17.16
N GLY A 59 -5.72 6.36 -16.92
CA GLY A 59 -6.02 7.56 -17.61
C GLY A 59 -7.28 7.39 -18.38
N GLU A 60 -7.12 6.83 -19.53
CA GLU A 60 -8.17 6.61 -20.49
C GLU A 60 -8.76 5.21 -20.28
N ASP A 61 -8.31 4.63 -19.23
CA ASP A 61 -8.67 3.32 -18.80
C ASP A 61 -8.61 3.41 -17.33
N LYS A 62 -9.14 2.47 -16.63
CA LYS A 62 -9.21 2.62 -15.21
C LYS A 62 -8.61 1.42 -14.48
N LEU A 63 -7.90 0.56 -15.19
CA LEU A 63 -7.29 -0.59 -14.54
C LEU A 63 -6.10 -0.20 -13.70
N ILE A 64 -5.85 -1.01 -12.73
CA ILE A 64 -4.76 -0.82 -11.82
C ILE A 64 -3.91 -2.09 -11.86
N SER A 65 -2.73 -2.01 -12.41
CA SER A 65 -1.91 -3.21 -12.57
C SER A 65 -0.68 -3.15 -11.70
N VAL A 66 -0.33 -4.28 -11.11
CA VAL A 66 0.75 -4.37 -10.15
C VAL A 66 2.11 -3.98 -10.76
N GLU A 67 2.34 -4.37 -11.98
CA GLU A 67 3.60 -4.10 -12.62
C GLU A 67 3.73 -2.64 -13.01
N ASP A 68 2.66 -2.06 -13.53
CA ASP A 68 2.73 -0.66 -13.96
C ASP A 68 2.81 0.21 -12.72
N LEU A 69 2.18 -0.27 -11.63
CA LEU A 69 2.28 0.35 -10.33
C LEU A 69 3.69 0.31 -9.82
N TRP A 70 4.33 -0.85 -9.96
CA TRP A 70 5.72 -1.04 -9.58
C TRP A 70 6.59 0.04 -10.25
N LYS A 71 6.43 0.19 -11.57
CA LYS A 71 7.18 1.22 -12.32
C LYS A 71 6.80 2.64 -11.85
N ALA A 72 5.51 2.87 -11.67
CA ALA A 72 5.01 4.17 -11.24
C ALA A 72 5.59 4.55 -9.89
N TRP A 73 5.44 3.67 -8.90
CA TRP A 73 5.95 3.86 -7.56
C TRP A 73 7.45 4.15 -7.56
N LYS A 74 8.20 3.38 -8.35
CA LYS A 74 9.64 3.59 -8.48
C LYS A 74 9.99 4.99 -9.01
N SER A 75 9.10 5.54 -9.79
CA SER A 75 9.33 6.81 -10.42
C SER A 75 8.63 7.93 -9.65
N SER A 76 7.76 7.56 -8.74
CA SER A 76 7.01 8.50 -7.97
C SER A 76 7.82 9.01 -6.78
N GLU A 77 7.38 10.12 -6.18
CA GLU A 77 8.03 10.74 -5.01
C GLU A 77 8.13 9.75 -3.85
N VAL A 78 7.21 8.81 -3.83
CA VAL A 78 7.10 7.75 -2.81
C VAL A 78 8.42 7.03 -2.64
N TYR A 79 8.89 6.39 -3.71
CA TYR A 79 10.10 5.58 -3.64
C TYR A 79 11.35 6.45 -3.40
N ASN A 80 11.19 7.75 -3.62
CA ASN A 80 12.27 8.69 -3.40
C ASN A 80 12.33 9.13 -1.95
N TRP A 81 11.28 8.86 -1.19
CA TRP A 81 11.25 9.23 0.20
C TRP A 81 12.13 8.33 1.05
N THR A 82 13.05 8.95 1.77
CA THR A 82 13.93 8.22 2.66
C THR A 82 13.22 7.95 3.99
N VAL A 83 13.96 7.39 4.95
CA VAL A 83 13.43 7.01 6.24
C VAL A 83 12.86 8.22 6.97
N ASP A 84 13.62 9.29 7.00
CA ASP A 84 13.21 10.51 7.69
C ASP A 84 11.90 11.08 7.10
N GLU A 85 11.79 11.00 5.78
CA GLU A 85 10.64 11.49 5.06
C GLU A 85 9.41 10.66 5.37
N VAL A 86 9.54 9.35 5.27
CA VAL A 86 8.41 8.47 5.55
C VAL A 86 8.01 8.56 7.02
N VAL A 87 9.00 8.74 7.88
CA VAL A 87 8.77 8.88 9.27
C VAL A 87 7.88 10.07 9.58
N GLN A 88 8.23 11.24 9.03
CA GLN A 88 7.44 12.41 9.29
C GLN A 88 6.09 12.31 8.60
N TRP A 89 6.07 11.62 7.47
CA TRP A 89 4.88 11.46 6.69
C TRP A 89 3.90 10.57 7.45
N LEU A 90 4.40 9.44 7.91
CA LEU A 90 3.60 8.47 8.60
C LEU A 90 3.03 9.10 9.86
N ILE A 91 3.84 9.84 10.61
CA ILE A 91 3.32 10.42 11.82
C ILE A 91 2.32 11.52 11.55
N THR A 92 2.62 12.41 10.59
CA THR A 92 1.74 13.53 10.32
C THR A 92 0.43 13.03 9.68
N TYR A 93 0.46 11.85 9.12
CA TYR A 93 -0.69 11.31 8.46
C TYR A 93 -1.40 10.25 9.26
N VAL A 94 -0.73 9.18 9.63
CA VAL A 94 -1.41 8.11 10.30
C VAL A 94 -1.36 8.29 11.81
N GLU A 95 -0.48 9.19 12.30
CA GLU A 95 -0.36 9.49 13.71
C GLU A 95 0.13 8.28 14.50
N LEU A 96 1.01 7.51 13.88
CA LEU A 96 1.64 6.38 14.56
C LEU A 96 2.97 6.83 15.18
N PRO A 97 2.99 7.04 16.50
CA PRO A 97 4.14 7.59 17.20
C PRO A 97 5.21 6.53 17.56
N GLN A 98 5.06 5.38 16.96
CA GLN A 98 5.97 4.24 17.13
C GLN A 98 7.14 4.39 16.13
N TYR A 99 7.18 5.53 15.47
CA TYR A 99 8.09 5.78 14.37
C TYR A 99 9.55 5.55 14.69
N GLU A 100 10.00 5.99 15.86
CA GLU A 100 11.40 5.83 16.27
C GLU A 100 11.73 4.35 16.35
N GLU A 101 10.95 3.65 17.13
CA GLU A 101 11.08 2.23 17.32
C GLU A 101 11.05 1.49 15.99
N THR A 102 10.06 1.75 15.19
CA THR A 102 9.87 1.01 13.98
C THR A 102 10.91 1.38 12.92
N PHE A 103 11.32 2.64 12.83
CA PHE A 103 12.29 2.98 11.84
C PHE A 103 13.65 2.43 12.20
N ARG A 104 13.94 2.36 13.48
CA ARG A 104 15.21 1.77 13.87
C ARG A 104 15.16 0.23 13.71
N LYS A 105 13.96 -0.34 13.84
CA LYS A 105 13.78 -1.78 13.66
C LYS A 105 13.85 -2.25 12.20
N LEU A 106 13.11 -1.63 11.28
CA LEU A 106 13.14 -2.09 9.91
C LEU A 106 13.60 -1.06 8.90
N GLN A 107 13.78 0.19 9.35
CA GLN A 107 14.19 1.31 8.48
C GLN A 107 13.23 1.48 7.32
N LEU A 108 12.14 2.13 7.57
CA LEU A 108 11.14 2.30 6.55
C LEU A 108 11.46 3.47 5.64
N SER A 109 10.90 3.47 4.45
CA SER A 109 11.11 4.49 3.45
C SER A 109 10.05 4.30 2.37
N GLY A 110 10.28 4.82 1.20
CA GLY A 110 9.34 4.70 0.11
C GLY A 110 9.13 3.28 -0.36
N HIS A 111 10.10 2.41 -0.10
CA HIS A 111 9.96 0.96 -0.40
C HIS A 111 9.18 0.29 0.74
N ALA A 112 9.37 0.84 1.90
CA ALA A 112 8.69 0.32 3.02
C ALA A 112 7.26 0.74 3.03
N MET A 113 6.97 1.86 2.40
CA MET A 113 5.60 2.34 2.22
C MET A 113 4.66 1.23 1.69
N PRO A 114 4.95 0.58 0.53
CA PRO A 114 4.18 -0.53 0.10
C PRO A 114 4.38 -1.71 1.03
N ARG A 115 5.65 -1.99 1.49
CA ARG A 115 5.80 -3.16 2.41
C ARG A 115 4.96 -3.01 3.72
N LEU A 116 4.61 -1.78 4.11
CA LEU A 116 3.83 -1.57 5.33
C LEU A 116 2.34 -1.44 5.07
N ALA A 117 1.99 -1.31 3.81
CA ALA A 117 0.59 -1.14 3.41
C ALA A 117 -0.18 -2.47 3.46
N VAL A 118 0.50 -3.55 3.79
CA VAL A 118 -0.14 -4.84 3.88
C VAL A 118 0.01 -5.46 5.28
N THR A 119 -1.15 -5.70 5.92
CA THR A 119 -1.29 -6.31 7.26
C THR A 119 -0.45 -5.62 8.36
N ASN A 120 -0.43 -6.16 9.54
CA ASN A 120 0.43 -5.61 10.57
C ASN A 120 1.68 -6.46 10.67
N THR A 121 1.49 -7.77 10.43
CA THR A 121 2.51 -8.78 10.59
C THR A 121 3.77 -8.45 9.76
N THR A 122 3.55 -8.09 8.51
CA THR A 122 4.61 -7.74 7.61
C THR A 122 5.45 -6.56 8.14
N MET A 123 4.76 -5.52 8.56
CA MET A 123 5.41 -4.28 8.98
C MET A 123 5.99 -4.28 10.41
N THR A 124 5.17 -4.64 11.39
CA THR A 124 5.55 -4.44 12.78
C THR A 124 6.84 -5.17 13.19
N GLY A 125 7.74 -4.42 13.77
CA GLY A 125 8.99 -4.96 14.26
C GLY A 125 9.12 -4.74 15.74
N THR A 126 8.00 -4.47 16.38
CA THR A 126 7.93 -4.25 17.81
C THR A 126 6.49 -4.54 18.25
N VAL A 127 5.62 -3.57 18.04
CA VAL A 127 4.23 -3.73 18.33
C VAL A 127 3.42 -2.88 17.40
N LEU A 128 3.80 -1.61 17.30
CA LEU A 128 3.15 -0.64 16.43
C LEU A 128 1.71 -0.41 16.79
N LYS A 129 0.90 -1.29 16.33
CA LYS A 129 -0.49 -1.29 16.52
C LYS A 129 -0.90 -2.70 16.13
N MET A 130 -1.04 -3.55 17.14
CA MET A 130 -1.17 -5.00 16.92
C MET A 130 -2.52 -5.44 16.40
N THR A 131 -3.46 -4.54 16.28
CA THR A 131 -4.71 -4.87 15.69
C THR A 131 -4.45 -4.96 14.21
N ASP A 132 -4.37 -6.17 13.68
CA ASP A 132 -4.04 -6.36 12.27
C ASP A 132 -4.93 -5.55 11.38
N ARG A 133 -6.20 -5.54 11.69
CA ARG A 133 -7.13 -4.89 10.85
C ARG A 133 -7.01 -3.38 10.99
N SER A 134 -6.97 -2.87 12.20
CA SER A 134 -6.95 -1.44 12.37
C SER A 134 -5.65 -0.87 11.84
N HIS A 135 -4.56 -1.56 12.09
CA HIS A 135 -3.27 -1.12 11.64
C HIS A 135 -3.22 -1.11 10.13
N ARG A 136 -3.63 -2.22 9.52
CA ARG A 136 -3.59 -2.32 8.09
C ARG A 136 -4.53 -1.31 7.46
N GLN A 137 -5.71 -1.05 8.08
CA GLN A 137 -6.66 -0.09 7.51
C GLN A 137 -6.07 1.31 7.50
N LYS A 138 -5.48 1.73 8.61
CA LYS A 138 -4.97 3.09 8.70
C LYS A 138 -3.73 3.24 7.82
N LEU A 139 -2.83 2.30 7.92
CA LEU A 139 -1.63 2.31 7.14
C LEU A 139 -1.90 2.10 5.67
N GLN A 140 -2.85 1.24 5.30
CA GLN A 140 -3.15 1.09 3.88
C GLN A 140 -3.74 2.37 3.36
N LEU A 141 -4.58 3.04 4.13
CA LEU A 141 -5.11 4.29 3.64
C LEU A 141 -4.01 5.25 3.30
N LYS A 142 -3.10 5.47 4.24
CA LYS A 142 -2.02 6.41 3.97
C LYS A 142 -1.00 5.86 2.96
N ALA A 143 -0.49 4.67 3.20
CA ALA A 143 0.57 4.10 2.39
C ALA A 143 0.09 3.69 1.03
N LEU A 144 -1.07 3.07 0.96
CA LEU A 144 -1.58 2.63 -0.30
C LEU A 144 -2.01 3.80 -1.15
N ASP A 145 -2.71 4.80 -0.56
CA ASP A 145 -3.07 5.97 -1.36
C ASP A 145 -1.79 6.68 -1.82
N THR A 146 -0.74 6.60 -0.99
CA THR A 146 0.53 7.17 -1.35
C THR A 146 1.26 6.39 -2.47
N VAL A 147 1.44 5.07 -2.33
CA VAL A 147 2.16 4.28 -3.34
C VAL A 147 1.42 4.28 -4.67
N LEU A 148 0.10 4.43 -4.60
CA LEU A 148 -0.67 4.47 -5.78
C LEU A 148 -0.69 5.86 -6.38
N PHE A 149 -1.03 6.86 -5.58
CA PHE A 149 -1.12 8.22 -6.07
C PHE A 149 -0.02 9.09 -5.47
N GLY A 150 -0.10 9.34 -4.18
CA GLY A 150 0.91 10.17 -3.50
C GLY A 150 0.87 11.63 -3.92
N GLY A 1 -3.96 -16.40 3.60
CA GLY A 1 -4.65 -16.18 2.33
C GLY A 1 -4.21 -17.20 1.35
N SER A 2 -4.78 -17.16 0.15
CA SER A 2 -4.42 -18.07 -0.91
C SER A 2 -2.93 -17.90 -1.24
N HIS A 3 -2.22 -19.01 -1.39
CA HIS A 3 -0.78 -19.01 -1.66
C HIS A 3 -0.43 -18.31 -2.95
N MET A 4 -1.43 -18.21 -3.84
CA MET A 4 -1.31 -17.46 -5.11
C MET A 4 -0.76 -16.04 -4.87
N ALA A 5 -1.13 -15.47 -3.74
CA ALA A 5 -0.69 -14.17 -3.29
C ALA A 5 -0.90 -14.13 -1.81
N SER A 6 0.09 -14.52 -1.09
CA SER A 6 -0.06 -14.68 0.30
C SER A 6 0.78 -13.70 1.08
N SER A 7 0.15 -13.01 1.99
CA SER A 7 0.80 -12.04 2.79
C SER A 7 1.53 -12.67 3.97
N GLU A 8 1.11 -13.86 4.39
CA GLU A 8 1.81 -14.55 5.48
C GLU A 8 2.99 -15.35 4.94
N ASP A 9 4.06 -14.63 4.66
CA ASP A 9 5.30 -15.14 4.09
C ASP A 9 6.22 -13.92 3.94
N GLU A 10 7.44 -14.09 3.50
CA GLU A 10 8.31 -12.97 3.27
C GLU A 10 8.29 -12.60 1.81
N LYS A 11 7.96 -11.38 1.55
CA LYS A 11 7.78 -10.91 0.21
C LYS A 11 8.96 -10.07 -0.26
N LEU A 12 9.39 -10.33 -1.47
CA LEU A 12 10.35 -9.49 -2.17
C LEU A 12 9.58 -8.23 -2.61
N SER A 13 10.25 -7.28 -3.23
CA SER A 13 9.66 -6.03 -3.56
C SER A 13 8.49 -6.19 -4.51
N PHE A 14 8.71 -6.91 -5.60
CA PHE A 14 7.70 -7.05 -6.62
C PHE A 14 6.46 -7.77 -6.10
N GLU A 15 6.66 -8.86 -5.39
CA GLU A 15 5.56 -9.64 -4.90
C GLU A 15 4.77 -8.91 -3.81
N ALA A 16 5.47 -8.14 -2.97
CA ALA A 16 4.82 -7.34 -1.94
C ALA A 16 3.98 -6.30 -2.63
N VAL A 17 4.61 -5.64 -3.58
CA VAL A 17 4.00 -4.62 -4.40
C VAL A 17 2.73 -5.14 -5.08
N ARG A 18 2.85 -6.27 -5.77
CA ARG A 18 1.72 -6.85 -6.46
C ARG A 18 0.63 -7.25 -5.47
N ASN A 19 1.04 -7.59 -4.24
CA ASN A 19 0.10 -7.98 -3.20
C ASN A 19 -0.79 -6.78 -2.86
N ILE A 20 -0.19 -5.65 -2.56
CA ILE A 20 -1.00 -4.52 -2.15
C ILE A 20 -1.83 -4.02 -3.32
N HIS A 21 -1.31 -4.18 -4.53
CA HIS A 21 -2.08 -3.82 -5.71
C HIS A 21 -3.22 -4.81 -5.95
N LYS A 22 -2.99 -6.10 -5.62
CA LYS A 22 -3.99 -7.14 -5.77
C LYS A 22 -5.13 -6.91 -4.80
N LEU A 23 -4.84 -6.19 -3.71
CA LEU A 23 -5.88 -5.74 -2.76
C LEU A 23 -7.09 -5.08 -3.45
N MET A 24 -6.87 -4.44 -4.59
CA MET A 24 -7.95 -3.82 -5.34
C MET A 24 -8.64 -4.78 -6.27
N ASP A 25 -7.91 -5.75 -6.73
CA ASP A 25 -8.45 -6.72 -7.64
C ASP A 25 -8.98 -7.94 -6.90
N ASP A 26 -10.28 -8.09 -6.91
CA ASP A 26 -10.99 -9.19 -6.23
C ASP A 26 -10.42 -10.57 -6.58
N ASP A 27 -10.14 -10.79 -7.85
CA ASP A 27 -9.69 -12.13 -8.29
C ASP A 27 -8.20 -12.21 -8.42
N ALA A 28 -7.56 -11.05 -8.31
CA ALA A 28 -6.11 -10.90 -8.43
C ALA A 28 -5.56 -11.53 -9.72
N ASN A 29 -5.64 -10.82 -10.81
CA ASN A 29 -5.14 -11.33 -12.10
C ASN A 29 -4.00 -10.46 -12.60
N GLY A 30 -3.54 -9.56 -11.76
CA GLY A 30 -2.46 -8.66 -12.12
C GLY A 30 -2.98 -7.31 -12.54
N ASP A 31 -4.27 -7.22 -12.77
CA ASP A 31 -4.91 -5.98 -13.10
C ASP A 31 -6.29 -5.94 -12.51
N VAL A 32 -6.61 -4.79 -11.98
CA VAL A 32 -7.87 -4.58 -11.39
C VAL A 32 -8.74 -3.87 -12.40
N ASP A 33 -9.89 -4.39 -12.61
CA ASP A 33 -10.89 -3.75 -13.43
C ASP A 33 -11.85 -3.03 -12.51
N VAL A 34 -12.65 -2.14 -13.07
CA VAL A 34 -13.60 -1.33 -12.34
C VAL A 34 -14.57 -2.17 -11.51
N GLU A 35 -14.98 -3.32 -12.04
CA GLU A 35 -15.94 -4.16 -11.33
C GLU A 35 -15.26 -4.94 -10.23
N GLU A 36 -14.02 -5.31 -10.45
CA GLU A 36 -13.26 -6.08 -9.48
C GLU A 36 -12.95 -5.22 -8.27
N SER A 37 -12.55 -4.01 -8.56
CA SER A 37 -12.19 -3.03 -7.56
C SER A 37 -13.38 -2.27 -6.99
N ASP A 38 -14.60 -2.62 -7.44
CA ASP A 38 -15.85 -1.85 -7.25
C ASP A 38 -15.99 -1.24 -5.86
N GLU A 39 -16.08 -2.03 -4.82
CA GLU A 39 -16.08 -1.45 -3.46
C GLU A 39 -14.65 -1.18 -2.97
N PHE A 40 -13.75 -2.09 -3.36
CA PHE A 40 -12.35 -2.15 -2.91
C PHE A 40 -11.64 -0.84 -2.99
N LEU A 41 -11.28 -0.40 -4.19
CA LEU A 41 -10.44 0.79 -4.36
C LEU A 41 -11.01 1.96 -3.56
N ARG A 42 -12.36 2.14 -3.70
CA ARG A 42 -13.09 3.25 -3.08
C ARG A 42 -12.80 3.31 -1.64
N GLU A 43 -13.17 2.31 -0.94
CA GLU A 43 -13.03 2.34 0.49
C GLU A 43 -11.62 2.09 0.90
N ASP A 44 -11.12 0.93 0.44
CA ASP A 44 -9.89 0.30 0.88
C ASP A 44 -8.72 1.23 0.86
N LEU A 45 -8.70 2.21 -0.05
CA LEU A 45 -7.67 3.22 0.09
C LEU A 45 -8.17 4.61 -0.23
N ASN A 46 -9.30 4.71 -0.91
CA ASN A 46 -9.69 6.01 -1.36
C ASN A 46 -10.64 6.65 -0.40
N TYR A 47 -11.08 5.87 0.61
CA TYR A 47 -11.94 6.30 1.72
C TYR A 47 -13.29 6.94 1.33
N HIS A 48 -13.56 7.10 0.04
CA HIS A 48 -14.84 7.61 -0.42
C HIS A 48 -15.04 7.25 -1.91
N ASP A 49 -14.32 7.92 -2.82
CA ASP A 49 -14.48 7.67 -4.26
C ASP A 49 -13.16 7.39 -4.93
N PRO A 50 -13.08 6.31 -5.72
CA PRO A 50 -11.83 5.87 -6.35
C PRO A 50 -11.55 6.49 -7.72
N THR A 51 -12.45 7.32 -8.19
CA THR A 51 -12.36 7.97 -9.48
C THR A 51 -11.02 8.70 -9.64
N VAL A 52 -10.55 9.31 -8.56
CA VAL A 52 -9.26 9.94 -8.58
C VAL A 52 -8.15 8.92 -8.92
N LYS A 53 -8.12 7.79 -8.23
CA LYS A 53 -7.12 6.77 -8.48
C LYS A 53 -7.31 6.06 -9.82
N HIS A 54 -8.53 5.69 -10.15
CA HIS A 54 -8.81 5.03 -11.43
C HIS A 54 -8.40 5.96 -12.58
N SER A 55 -8.86 7.20 -12.53
CA SER A 55 -8.53 8.16 -13.58
C SER A 55 -7.05 8.62 -13.54
N THR A 56 -6.40 8.57 -12.40
CA THR A 56 -4.99 8.91 -12.35
C THR A 56 -4.16 7.85 -13.06
N PHE A 57 -4.38 6.59 -12.72
CA PHE A 57 -3.59 5.55 -13.32
C PHE A 57 -3.98 5.28 -14.76
N HIS A 58 -5.23 4.90 -14.98
CA HIS A 58 -5.66 4.52 -16.30
C HIS A 58 -5.83 5.73 -17.19
N GLY A 59 -6.41 6.76 -16.63
CA GLY A 59 -6.69 7.98 -17.33
C GLY A 59 -8.13 8.03 -17.55
N GLU A 60 -8.62 7.04 -18.23
CA GLU A 60 -10.01 6.88 -18.40
C GLU A 60 -10.42 5.82 -17.41
N ASP A 61 -10.64 6.32 -16.24
CA ASP A 61 -11.12 5.67 -14.99
C ASP A 61 -11.35 4.16 -15.06
N LYS A 62 -10.28 3.34 -15.18
CA LYS A 62 -10.47 1.89 -15.35
C LYS A 62 -9.44 0.97 -14.67
N LEU A 63 -8.63 0.27 -15.45
CA LEU A 63 -7.73 -0.77 -14.94
C LEU A 63 -6.52 -0.23 -14.25
N ILE A 64 -6.09 -0.96 -13.26
CA ILE A 64 -4.89 -0.67 -12.48
C ILE A 64 -4.03 -1.95 -12.55
N SER A 65 -2.74 -1.87 -12.92
CA SER A 65 -1.94 -3.09 -13.06
C SER A 65 -0.67 -3.00 -12.26
N VAL A 66 -0.26 -4.15 -11.72
CA VAL A 66 0.82 -4.19 -10.74
C VAL A 66 2.19 -3.81 -11.29
N GLU A 67 2.50 -4.25 -12.49
CA GLU A 67 3.82 -4.02 -13.01
C GLU A 67 4.01 -2.57 -13.40
N ASP A 68 2.95 -1.96 -13.89
CA ASP A 68 3.04 -0.59 -14.34
C ASP A 68 3.03 0.32 -13.13
N LEU A 69 2.34 -0.12 -12.08
CA LEU A 69 2.36 0.57 -10.80
C LEU A 69 3.74 0.49 -10.20
N TRP A 70 4.38 -0.66 -10.36
CA TRP A 70 5.76 -0.87 -9.97
C TRP A 70 6.66 0.20 -10.65
N LYS A 71 6.45 0.40 -11.95
CA LYS A 71 7.12 1.48 -12.70
C LYS A 71 6.84 2.85 -12.07
N ALA A 72 5.55 3.11 -11.80
CA ALA A 72 5.09 4.37 -11.22
C ALA A 72 5.74 4.63 -9.87
N TRP A 73 5.67 3.65 -8.99
CA TRP A 73 6.25 3.70 -7.65
C TRP A 73 7.72 4.04 -7.72
N LYS A 74 8.45 3.34 -8.56
CA LYS A 74 9.88 3.58 -8.68
C LYS A 74 10.20 4.95 -9.30
N SER A 75 9.24 5.51 -10.00
CA SER A 75 9.41 6.80 -10.62
C SER A 75 8.73 7.87 -9.78
N SER A 76 8.18 7.47 -8.68
CA SER A 76 7.48 8.35 -7.83
C SER A 76 8.39 8.79 -6.71
N GLU A 77 7.95 9.79 -5.99
CA GLU A 77 8.66 10.27 -4.83
C GLU A 77 8.58 9.25 -3.74
N VAL A 78 7.62 8.34 -3.85
CA VAL A 78 7.43 7.28 -2.88
C VAL A 78 8.71 6.48 -2.71
N TYR A 79 9.20 5.94 -3.83
CA TYR A 79 10.42 5.11 -3.84
C TYR A 79 11.65 5.98 -3.52
N ASN A 80 11.50 7.28 -3.71
CA ASN A 80 12.59 8.22 -3.48
C ASN A 80 12.62 8.64 -2.01
N TRP A 81 11.57 8.32 -1.28
CA TRP A 81 11.48 8.72 0.11
C TRP A 81 12.32 7.87 1.03
N THR A 82 13.21 8.54 1.74
CA THR A 82 14.06 7.90 2.69
C THR A 82 13.27 7.67 4.01
N VAL A 83 13.94 7.15 5.03
CA VAL A 83 13.28 6.82 6.30
C VAL A 83 12.69 8.07 6.96
N ASP A 84 13.44 9.15 6.96
CA ASP A 84 13.00 10.43 7.57
C ASP A 84 11.66 10.90 6.95
N GLU A 85 11.56 10.73 5.64
CA GLU A 85 10.41 11.13 4.88
C GLU A 85 9.19 10.30 5.25
N VAL A 86 9.35 8.98 5.26
CA VAL A 86 8.23 8.11 5.59
C VAL A 86 7.82 8.29 7.04
N VAL A 87 8.78 8.54 7.90
CA VAL A 87 8.54 8.78 9.28
C VAL A 87 7.62 9.99 9.48
N GLN A 88 8.00 11.12 8.87
CA GLN A 88 7.22 12.32 9.02
C GLN A 88 5.87 12.18 8.31
N TRP A 89 5.86 11.37 7.26
CA TRP A 89 4.68 11.15 6.49
C TRP A 89 3.70 10.29 7.26
N LEU A 90 4.21 9.20 7.84
CA LEU A 90 3.38 8.27 8.57
C LEU A 90 2.78 8.97 9.76
N ILE A 91 3.53 9.83 10.41
CA ILE A 91 2.97 10.50 11.54
C ILE A 91 1.92 11.53 11.10
N THR A 92 2.28 12.40 10.14
CA THR A 92 1.39 13.49 9.74
C THR A 92 0.15 12.97 8.99
N TYR A 93 0.22 11.74 8.50
CA TYR A 93 -0.87 11.17 7.75
C TYR A 93 -1.54 10.00 8.43
N VAL A 94 -0.77 9.06 8.93
CA VAL A 94 -1.32 7.86 9.54
C VAL A 94 -1.69 8.12 10.99
N GLU A 95 -1.02 9.12 11.60
CA GLU A 95 -1.26 9.54 12.99
C GLU A 95 -0.66 8.55 13.98
N LEU A 96 0.34 7.82 13.54
CA LEU A 96 0.98 6.84 14.41
C LEU A 96 2.28 7.38 15.01
N PRO A 97 2.27 7.78 16.29
CA PRO A 97 3.45 8.33 16.95
C PRO A 97 4.41 7.25 17.48
N GLN A 98 4.29 6.05 16.94
CA GLN A 98 5.12 4.90 17.30
C GLN A 98 6.31 4.84 16.32
N TYR A 99 6.50 5.93 15.65
CA TYR A 99 7.47 6.04 14.60
C TYR A 99 8.87 5.71 15.03
N GLU A 100 9.26 6.18 16.22
CA GLU A 100 10.57 5.94 16.79
C GLU A 100 10.85 4.46 16.78
N GLU A 101 9.97 3.74 17.44
CA GLU A 101 10.05 2.32 17.59
C GLU A 101 10.10 1.61 16.25
N THR A 102 9.16 1.91 15.37
CA THR A 102 9.08 1.18 14.13
C THR A 102 10.27 1.48 13.20
N PHE A 103 10.68 2.74 13.10
CA PHE A 103 11.76 3.03 12.22
C PHE A 103 13.05 2.43 12.73
N ARG A 104 13.23 2.43 14.04
CA ARG A 104 14.43 1.82 14.58
C ARG A 104 14.36 0.27 14.50
N LYS A 105 13.15 -0.27 14.50
CA LYS A 105 12.96 -1.72 14.41
C LYS A 105 13.20 -2.26 13.01
N LEU A 106 12.58 -1.67 11.99
CA LEU A 106 12.72 -2.20 10.65
C LEU A 106 13.29 -1.22 9.63
N GLN A 107 13.34 0.07 9.97
CA GLN A 107 13.74 1.14 9.03
C GLN A 107 12.82 1.15 7.83
N LEU A 108 11.79 1.92 7.92
CA LEU A 108 10.86 1.98 6.85
C LEU A 108 11.22 3.11 5.91
N SER A 109 10.79 3.02 4.68
CA SER A 109 11.11 4.01 3.66
C SER A 109 10.16 3.77 2.49
N GLY A 110 10.53 4.29 1.32
CA GLY A 110 9.74 4.11 0.12
C GLY A 110 9.52 2.67 -0.29
N HIS A 111 10.38 1.77 0.15
CA HIS A 111 10.22 0.34 -0.14
C HIS A 111 9.30 -0.30 0.93
N ALA A 112 9.48 0.16 2.15
CA ALA A 112 8.64 -0.29 3.20
C ALA A 112 7.22 0.17 2.98
N MET A 113 7.04 1.33 2.35
CA MET A 113 5.70 1.87 2.03
C MET A 113 4.77 0.83 1.39
N PRO A 114 5.12 0.18 0.24
CA PRO A 114 4.30 -0.87 -0.27
C PRO A 114 4.38 -2.07 0.64
N ARG A 115 5.60 -2.43 1.07
CA ARG A 115 5.75 -3.59 1.96
C ARG A 115 4.82 -3.55 3.20
N LEU A 116 4.63 -2.39 3.78
CA LEU A 116 3.86 -2.30 4.98
C LEU A 116 2.38 -2.08 4.71
N ALA A 117 2.06 -1.73 3.48
CA ALA A 117 0.69 -1.44 3.09
C ALA A 117 -0.16 -2.71 3.08
N VAL A 118 0.50 -3.84 3.07
CA VAL A 118 -0.20 -5.09 3.10
C VAL A 118 0.01 -5.78 4.45
N THR A 119 -1.10 -5.99 5.18
CA THR A 119 -1.16 -6.64 6.52
C THR A 119 -0.29 -5.94 7.61
N ASN A 120 -0.87 -5.71 8.78
CA ASN A 120 -0.14 -5.00 9.83
C ASN A 120 0.98 -5.88 10.38
N THR A 121 0.82 -7.18 10.17
CA THR A 121 1.76 -8.19 10.56
C THR A 121 3.07 -8.08 9.78
N THR A 122 2.97 -7.69 8.52
CA THR A 122 4.13 -7.53 7.69
C THR A 122 4.95 -6.31 8.13
N MET A 123 4.29 -5.30 8.64
CA MET A 123 4.99 -4.13 9.14
C MET A 123 5.57 -4.34 10.53
N THR A 124 4.75 -4.83 11.44
CA THR A 124 5.13 -4.91 12.84
C THR A 124 6.11 -6.06 13.12
N GLY A 125 6.79 -5.95 14.23
CA GLY A 125 7.72 -6.95 14.66
C GLY A 125 7.67 -7.09 16.16
N THR A 126 8.22 -6.11 16.86
CA THR A 126 8.20 -6.12 18.31
C THR A 126 6.87 -5.51 18.85
N VAL A 127 6.83 -4.19 19.01
CA VAL A 127 5.65 -3.48 19.50
C VAL A 127 5.41 -2.29 18.62
N LEU A 128 4.31 -2.30 17.94
CA LEU A 128 3.98 -1.23 17.03
C LEU A 128 2.52 -0.87 17.06
N LYS A 129 1.68 -1.82 16.72
CA LYS A 129 0.26 -1.55 16.60
C LYS A 129 -0.48 -1.71 17.90
N MET A 130 -1.57 -1.00 18.03
CA MET A 130 -2.46 -1.14 19.16
C MET A 130 -3.64 -1.94 18.68
N THR A 131 -4.34 -1.39 17.73
CA THR A 131 -5.42 -2.02 17.05
C THR A 131 -4.92 -2.61 15.75
N ASP A 132 -5.02 -3.90 15.61
CA ASP A 132 -4.53 -4.58 14.42
C ASP A 132 -5.26 -4.16 13.18
N ARG A 133 -6.59 -4.19 13.26
CA ARG A 133 -7.41 -3.87 12.11
C ARG A 133 -7.22 -2.42 11.74
N SER A 134 -7.18 -1.58 12.73
CA SER A 134 -7.11 -0.18 12.50
C SER A 134 -5.73 0.22 12.00
N HIS A 135 -4.71 -0.51 12.44
CA HIS A 135 -3.36 -0.24 12.01
C HIS A 135 -3.24 -0.53 10.55
N ARG A 136 -3.70 -1.72 10.14
CA ARG A 136 -3.62 -2.07 8.74
C ARG A 136 -4.51 -1.15 7.91
N GLN A 137 -5.63 -0.71 8.48
CA GLN A 137 -6.49 0.28 7.83
C GLN A 137 -5.72 1.58 7.57
N LYS A 138 -5.17 2.17 8.63
CA LYS A 138 -4.49 3.45 8.48
C LYS A 138 -3.25 3.34 7.60
N LEU A 139 -2.44 2.29 7.82
CA LEU A 139 -1.28 2.08 6.99
C LEU A 139 -1.61 1.82 5.55
N GLN A 140 -2.59 0.95 5.24
CA GLN A 140 -2.89 0.70 3.83
C GLN A 140 -3.45 1.94 3.20
N LEU A 141 -4.32 2.64 3.90
CA LEU A 141 -4.92 3.85 3.36
C LEU A 141 -3.84 4.83 2.93
N LYS A 142 -2.93 5.13 3.83
CA LYS A 142 -1.91 6.08 3.51
C LYS A 142 -0.81 5.53 2.61
N ALA A 143 -0.26 4.39 2.96
CA ALA A 143 0.85 3.82 2.20
C ALA A 143 0.43 3.42 0.82
N LEU A 144 -0.73 2.80 0.69
CA LEU A 144 -1.21 2.35 -0.57
C LEU A 144 -1.65 3.54 -1.44
N ASP A 145 -2.35 4.53 -0.85
CA ASP A 145 -2.70 5.75 -1.61
C ASP A 145 -1.41 6.42 -2.09
N THR A 146 -0.38 6.31 -1.29
CA THR A 146 0.89 6.86 -1.62
C THR A 146 1.60 6.07 -2.76
N VAL A 147 1.75 4.75 -2.62
CA VAL A 147 2.45 3.96 -3.67
C VAL A 147 1.67 3.98 -5.00
N LEU A 148 0.37 4.22 -4.92
CA LEU A 148 -0.45 4.27 -6.11
C LEU A 148 -0.57 5.67 -6.69
N PHE A 149 -0.92 6.62 -5.87
CA PHE A 149 -1.17 7.99 -6.33
C PHE A 149 0.00 8.90 -5.96
N GLY A 150 0.38 8.89 -4.69
CA GLY A 150 1.53 9.69 -4.19
C GLY A 150 1.40 11.18 -4.43
N GLY A 1 -10.61 -14.55 -6.13
CA GLY A 1 -9.56 -14.51 -5.11
C GLY A 1 -8.50 -15.53 -5.37
N SER A 2 -7.24 -15.14 -5.24
CA SER A 2 -6.14 -16.05 -5.46
C SER A 2 -5.07 -15.83 -4.39
N HIS A 3 -4.76 -16.88 -3.64
CA HIS A 3 -3.75 -16.84 -2.56
C HIS A 3 -2.37 -16.50 -3.09
N MET A 4 -2.15 -16.74 -4.38
CA MET A 4 -0.86 -16.47 -5.04
C MET A 4 -0.35 -15.05 -4.81
N ALA A 5 -1.25 -14.09 -4.81
CA ALA A 5 -0.88 -12.70 -4.66
C ALA A 5 -0.77 -12.33 -3.19
N SER A 6 -1.29 -13.16 -2.35
CA SER A 6 -1.34 -12.91 -0.96
C SER A 6 -0.06 -13.39 -0.26
N SER A 7 0.86 -12.48 -0.13
CA SER A 7 2.14 -12.69 0.49
C SER A 7 2.09 -12.19 1.95
N GLU A 8 2.29 -13.08 2.90
CA GLU A 8 2.27 -12.68 4.30
C GLU A 8 3.45 -13.22 5.08
N ASP A 9 4.23 -14.05 4.45
CA ASP A 9 5.38 -14.65 5.14
C ASP A 9 6.61 -13.78 4.96
N GLU A 10 6.43 -12.67 4.21
CA GLU A 10 7.48 -11.69 3.91
C GLU A 10 8.64 -12.37 3.18
N LYS A 11 8.51 -12.49 1.89
CA LYS A 11 9.48 -13.18 1.13
C LYS A 11 10.12 -12.25 0.09
N LEU A 12 9.37 -11.90 -0.91
CA LEU A 12 9.88 -11.05 -1.97
C LEU A 12 9.23 -9.66 -1.90
N SER A 13 9.79 -8.71 -2.59
CA SER A 13 9.31 -7.36 -2.62
C SER A 13 8.08 -7.23 -3.54
N PHE A 14 8.25 -7.70 -4.78
CA PHE A 14 7.22 -7.65 -5.83
C PHE A 14 5.90 -8.22 -5.36
N GLU A 15 5.96 -9.32 -4.65
CA GLU A 15 4.77 -9.97 -4.18
C GLU A 15 4.03 -9.13 -3.15
N ALA A 16 4.77 -8.41 -2.32
CA ALA A 16 4.18 -7.55 -1.32
C ALA A 16 3.50 -6.39 -2.02
N VAL A 17 4.23 -5.80 -2.96
CA VAL A 17 3.75 -4.68 -3.75
C VAL A 17 2.46 -5.07 -4.52
N ARG A 18 2.53 -6.17 -5.25
CA ARG A 18 1.40 -6.65 -6.01
C ARG A 18 0.28 -7.02 -5.07
N ASN A 19 0.62 -7.42 -3.83
CA ASN A 19 -0.38 -7.78 -2.83
C ASN A 19 -1.25 -6.58 -2.50
N ILE A 20 -0.61 -5.46 -2.19
CA ILE A 20 -1.40 -4.29 -1.84
C ILE A 20 -2.20 -3.84 -3.06
N HIS A 21 -1.64 -4.04 -4.26
CA HIS A 21 -2.38 -3.75 -5.49
C HIS A 21 -3.53 -4.76 -5.71
N LYS A 22 -3.29 -6.03 -5.29
CA LYS A 22 -4.25 -7.13 -5.47
C LYS A 22 -5.46 -6.89 -4.58
N LEU A 23 -5.28 -6.11 -3.51
CA LEU A 23 -6.39 -5.72 -2.61
C LEU A 23 -7.59 -5.15 -3.40
N MET A 24 -7.31 -4.54 -4.55
CA MET A 24 -8.34 -4.00 -5.42
C MET A 24 -8.87 -5.04 -6.40
N ASP A 25 -8.00 -5.90 -6.90
CA ASP A 25 -8.43 -6.90 -7.86
C ASP A 25 -8.77 -8.21 -7.18
N ASP A 26 -10.03 -8.59 -7.26
CA ASP A 26 -10.54 -9.81 -6.63
C ASP A 26 -9.76 -11.03 -7.08
N ASP A 27 -9.52 -11.16 -8.37
CA ASP A 27 -8.90 -12.40 -8.89
C ASP A 27 -7.39 -12.27 -8.95
N ALA A 28 -6.91 -11.05 -8.72
CA ALA A 28 -5.50 -10.72 -8.72
C ALA A 28 -4.79 -11.16 -10.02
N ASN A 29 -5.32 -10.71 -11.16
CA ASN A 29 -4.77 -11.10 -12.48
C ASN A 29 -3.64 -10.15 -12.89
N GLY A 30 -3.25 -9.30 -11.97
CA GLY A 30 -2.17 -8.37 -12.21
C GLY A 30 -2.69 -6.99 -12.53
N ASP A 31 -3.98 -6.92 -12.78
CA ASP A 31 -4.66 -5.69 -13.09
C ASP A 31 -6.08 -5.75 -12.60
N VAL A 32 -6.52 -4.67 -12.02
CA VAL A 32 -7.84 -4.60 -11.54
C VAL A 32 -8.71 -4.06 -12.67
N ASP A 33 -9.78 -4.73 -12.93
CA ASP A 33 -10.73 -4.25 -13.90
C ASP A 33 -11.87 -3.59 -13.18
N VAL A 34 -12.58 -2.74 -13.91
CA VAL A 34 -13.69 -1.96 -13.40
C VAL A 34 -14.75 -2.82 -12.71
N GLU A 35 -14.89 -4.05 -13.15
CA GLU A 35 -15.87 -4.94 -12.58
C GLU A 35 -15.36 -5.55 -11.29
N GLU A 36 -14.07 -5.76 -11.24
CA GLU A 36 -13.43 -6.46 -10.15
C GLU A 36 -13.31 -5.56 -8.92
N SER A 37 -12.71 -4.41 -9.11
CA SER A 37 -12.40 -3.49 -8.03
C SER A 37 -13.54 -2.58 -7.62
N ASP A 38 -14.70 -2.71 -8.27
CA ASP A 38 -15.81 -1.73 -8.14
C ASP A 38 -16.05 -1.22 -6.73
N GLU A 39 -16.31 -2.09 -5.79
CA GLU A 39 -16.50 -1.65 -4.39
C GLU A 39 -15.13 -1.45 -3.67
N PHE A 40 -14.19 -2.35 -3.98
CA PHE A 40 -12.87 -2.45 -3.36
C PHE A 40 -12.11 -1.16 -3.36
N LEU A 41 -11.77 -0.65 -4.52
CA LEU A 41 -10.93 0.55 -4.59
C LEU A 41 -11.56 1.69 -3.80
N ARG A 42 -12.92 1.88 -4.04
CA ARG A 42 -13.69 2.99 -3.46
C ARG A 42 -13.48 3.00 -2.02
N GLU A 43 -13.94 1.97 -1.38
CA GLU A 43 -13.93 1.95 0.03
C GLU A 43 -12.56 1.75 0.59
N ASP A 44 -11.95 0.63 0.17
CA ASP A 44 -10.76 0.09 0.78
C ASP A 44 -9.64 1.08 0.91
N LEU A 45 -9.49 2.00 -0.06
CA LEU A 45 -8.47 3.02 0.14
C LEU A 45 -8.95 4.39 -0.28
N ASN A 46 -10.03 4.46 -1.02
CA ASN A 46 -10.42 5.74 -1.50
C ASN A 46 -11.52 6.33 -0.68
N TYR A 47 -12.08 5.50 0.27
CA TYR A 47 -13.16 5.87 1.17
C TYR A 47 -14.47 6.36 0.50
N HIS A 48 -14.41 7.39 -0.29
CA HIS A 48 -15.59 7.91 -0.93
C HIS A 48 -15.77 7.32 -2.33
N ASP A 49 -14.93 7.73 -3.23
CA ASP A 49 -15.03 7.32 -4.61
C ASP A 49 -13.65 6.99 -5.11
N PRO A 50 -13.52 5.99 -5.97
CA PRO A 50 -12.24 5.56 -6.50
C PRO A 50 -11.84 6.27 -7.78
N THR A 51 -12.67 7.19 -8.22
CA THR A 51 -12.51 7.92 -9.44
C THR A 51 -11.19 8.68 -9.39
N VAL A 52 -10.85 9.15 -8.20
CA VAL A 52 -9.60 9.84 -7.96
C VAL A 52 -8.43 8.94 -8.37
N LYS A 53 -8.36 7.75 -7.79
CA LYS A 53 -7.30 6.84 -8.11
C LYS A 53 -7.36 6.25 -9.49
N HIS A 54 -8.53 5.81 -9.90
CA HIS A 54 -8.70 5.23 -11.23
C HIS A 54 -8.27 6.18 -12.32
N SER A 55 -8.87 7.36 -12.34
CA SER A 55 -8.60 8.31 -13.40
C SER A 55 -7.22 8.97 -13.27
N THR A 56 -6.68 9.06 -12.06
CA THR A 56 -5.33 9.57 -11.93
C THR A 56 -4.32 8.55 -12.49
N PHE A 57 -4.51 7.27 -12.14
CA PHE A 57 -3.55 6.28 -12.55
C PHE A 57 -3.64 5.92 -14.02
N HIS A 58 -4.77 5.41 -14.46
CA HIS A 58 -4.88 5.02 -15.84
C HIS A 58 -5.05 6.26 -16.71
N GLY A 59 -6.07 7.02 -16.38
CA GLY A 59 -6.36 8.27 -17.03
C GLY A 59 -7.29 8.09 -18.18
N GLU A 60 -7.00 7.11 -18.98
CA GLU A 60 -7.76 6.84 -20.16
C GLU A 60 -8.69 5.64 -19.93
N ASP A 61 -8.74 5.16 -18.70
CA ASP A 61 -9.46 3.93 -18.36
C ASP A 61 -9.37 3.80 -16.84
N LYS A 62 -9.62 2.63 -16.30
CA LYS A 62 -9.67 2.45 -14.87
C LYS A 62 -8.80 1.28 -14.40
N LEU A 63 -8.09 0.64 -15.31
CA LEU A 63 -7.30 -0.55 -14.93
C LEU A 63 -6.09 -0.19 -14.12
N ILE A 64 -5.99 -0.81 -12.98
CA ILE A 64 -4.89 -0.59 -12.06
C ILE A 64 -3.99 -1.84 -12.13
N SER A 65 -2.81 -1.71 -12.65
CA SER A 65 -1.95 -2.85 -12.84
C SER A 65 -0.70 -2.78 -12.01
N VAL A 66 -0.31 -3.93 -11.47
CA VAL A 66 0.79 -4.01 -10.54
C VAL A 66 2.13 -3.56 -11.14
N GLU A 67 2.36 -3.90 -12.42
CA GLU A 67 3.61 -3.52 -13.05
C GLU A 67 3.65 -2.03 -13.31
N ASP A 68 2.55 -1.48 -13.80
CA ASP A 68 2.49 -0.07 -14.12
C ASP A 68 2.59 0.73 -12.86
N LEU A 69 2.01 0.19 -11.79
CA LEU A 69 2.14 0.77 -10.48
C LEU A 69 3.57 0.72 -10.00
N TRP A 70 4.23 -0.42 -10.15
CA TRP A 70 5.65 -0.58 -9.83
C TRP A 70 6.48 0.53 -10.51
N LYS A 71 6.24 0.69 -11.81
CA LYS A 71 6.89 1.75 -12.60
C LYS A 71 6.58 3.13 -12.04
N ALA A 72 5.29 3.39 -11.82
CA ALA A 72 4.83 4.68 -11.32
C ALA A 72 5.41 4.97 -9.95
N TRP A 73 5.35 4.01 -9.06
CA TRP A 73 5.88 4.11 -7.70
C TRP A 73 7.35 4.47 -7.69
N LYS A 74 8.14 3.82 -8.55
CA LYS A 74 9.57 4.14 -8.63
C LYS A 74 9.80 5.57 -9.15
N SER A 75 8.86 6.06 -9.92
CA SER A 75 8.95 7.39 -10.49
C SER A 75 8.35 8.42 -9.54
N SER A 76 7.43 7.97 -8.70
CA SER A 76 6.75 8.84 -7.78
C SER A 76 7.68 9.23 -6.65
N GLU A 77 7.27 10.22 -5.87
CA GLU A 77 8.08 10.71 -4.77
C GLU A 77 8.18 9.63 -3.70
N VAL A 78 7.21 8.73 -3.74
CA VAL A 78 7.06 7.60 -2.82
C VAL A 78 8.36 6.80 -2.70
N TYR A 79 8.80 6.19 -3.80
CA TYR A 79 9.99 5.34 -3.76
C TYR A 79 11.24 6.18 -3.53
N ASN A 80 11.14 7.45 -3.89
CA ASN A 80 12.23 8.39 -3.70
C ASN A 80 12.43 8.64 -2.21
N TRP A 81 11.32 8.65 -1.46
CA TRP A 81 11.33 8.90 -0.04
C TRP A 81 12.20 7.95 0.77
N THR A 82 13.21 8.51 1.39
CA THR A 82 14.10 7.77 2.25
C THR A 82 13.43 7.57 3.64
N VAL A 83 14.15 6.95 4.58
CA VAL A 83 13.61 6.64 5.90
C VAL A 83 13.14 7.92 6.62
N ASP A 84 13.94 8.95 6.55
CA ASP A 84 13.62 10.25 7.19
C ASP A 84 12.28 10.80 6.67
N GLU A 85 12.12 10.72 5.36
CA GLU A 85 10.96 11.23 4.69
C GLU A 85 9.73 10.44 5.06
N VAL A 86 9.83 9.13 5.02
CA VAL A 86 8.71 8.27 5.34
C VAL A 86 8.34 8.44 6.81
N VAL A 87 9.34 8.65 7.66
CA VAL A 87 9.13 8.83 9.07
C VAL A 87 8.27 10.06 9.32
N GLN A 88 8.65 11.19 8.73
CA GLN A 88 7.89 12.40 8.93
C GLN A 88 6.52 12.28 8.27
N TRP A 89 6.46 11.52 7.18
CA TRP A 89 5.24 11.36 6.43
C TRP A 89 4.28 10.49 7.23
N LEU A 90 4.80 9.40 7.76
CA LEU A 90 4.02 8.46 8.52
C LEU A 90 3.42 9.16 9.71
N ILE A 91 4.22 9.92 10.44
CA ILE A 91 3.69 10.57 11.62
C ILE A 91 2.65 11.62 11.27
N THR A 92 2.96 12.47 10.29
CA THR A 92 2.09 13.57 9.93
C THR A 92 0.79 13.06 9.27
N TYR A 93 0.83 11.84 8.74
CA TYR A 93 -0.33 11.26 8.07
C TYR A 93 -1.03 10.15 8.85
N VAL A 94 -0.31 9.14 9.28
CA VAL A 94 -0.96 8.03 9.95
C VAL A 94 -1.02 8.26 11.46
N GLU A 95 -0.27 9.29 11.93
CA GLU A 95 -0.35 9.71 13.34
C GLU A 95 0.23 8.64 14.26
N LEU A 96 1.20 7.89 13.75
CA LEU A 96 1.87 6.85 14.54
C LEU A 96 3.17 7.38 15.14
N PRO A 97 3.18 7.69 16.44
CA PRO A 97 4.37 8.21 17.14
C PRO A 97 5.36 7.08 17.49
N GLN A 98 5.10 5.91 16.98
CA GLN A 98 5.92 4.72 17.17
C GLN A 98 7.08 4.71 16.15
N TYR A 99 7.25 5.82 15.46
CA TYR A 99 8.18 5.93 14.38
C TYR A 99 9.62 5.56 14.74
N GLU A 100 10.09 5.99 15.92
CA GLU A 100 11.46 5.70 16.32
C GLU A 100 11.69 4.22 16.40
N GLU A 101 10.81 3.53 17.12
CA GLU A 101 10.92 2.10 17.28
C GLU A 101 10.81 1.39 15.94
N THR A 102 9.84 1.75 15.14
CA THR A 102 9.61 1.06 13.88
C THR A 102 10.75 1.33 12.87
N PHE A 103 11.21 2.58 12.75
CA PHE A 103 12.24 2.83 11.78
C PHE A 103 13.52 2.15 12.21
N ARG A 104 13.80 2.11 13.50
CA ARG A 104 14.99 1.45 13.97
C ARG A 104 14.84 -0.09 13.87
N LYS A 105 13.59 -0.58 13.90
CA LYS A 105 13.31 -2.03 13.78
C LYS A 105 13.43 -2.53 12.35
N LEU A 106 12.77 -1.88 11.41
CA LEU A 106 12.78 -2.38 10.05
C LEU A 106 13.32 -1.43 9.01
N GLN A 107 13.52 -0.16 9.37
CA GLN A 107 13.94 0.89 8.43
C GLN A 107 12.96 1.01 7.28
N LEU A 108 11.99 1.83 7.46
CA LEU A 108 11.00 1.99 6.44
C LEU A 108 11.36 3.13 5.53
N SER A 109 10.85 3.11 4.32
CA SER A 109 11.12 4.10 3.31
C SER A 109 10.08 3.91 2.22
N GLY A 110 10.33 4.44 1.05
CA GLY A 110 9.42 4.31 -0.07
C GLY A 110 9.21 2.87 -0.52
N HIS A 111 10.15 1.99 -0.20
CA HIS A 111 9.99 0.56 -0.49
C HIS A 111 9.16 -0.10 0.63
N ALA A 112 9.35 0.41 1.81
CA ALA A 112 8.62 -0.10 2.90
C ALA A 112 7.20 0.33 2.82
N MET A 113 6.95 1.51 2.26
CA MET A 113 5.59 2.03 2.05
C MET A 113 4.63 0.95 1.48
N PRO A 114 4.93 0.31 0.31
CA PRO A 114 4.10 -0.76 -0.13
C PRO A 114 4.28 -1.99 0.75
N ARG A 115 5.53 -2.30 1.16
CA ARG A 115 5.68 -3.53 1.98
C ARG A 115 4.91 -3.45 3.33
N LEU A 116 4.67 -2.25 3.85
CA LEU A 116 3.94 -2.10 5.11
C LEU A 116 2.46 -1.87 4.89
N ALA A 117 2.08 -1.59 3.65
CA ALA A 117 0.70 -1.31 3.32
C ALA A 117 -0.13 -2.58 3.34
N VAL A 118 0.54 -3.70 3.40
CA VAL A 118 -0.14 -4.95 3.41
C VAL A 118 0.15 -5.72 4.71
N THR A 119 -0.93 -5.99 5.45
CA THR A 119 -0.93 -6.77 6.70
C THR A 119 -0.10 -6.15 7.86
N ASN A 120 -0.81 -5.86 8.96
CA ASN A 120 -0.20 -5.23 10.14
C ASN A 120 0.88 -6.09 10.73
N THR A 121 0.71 -7.41 10.63
CA THR A 121 1.64 -8.39 11.17
C THR A 121 3.05 -8.18 10.56
N THR A 122 3.09 -7.86 9.30
CA THR A 122 4.32 -7.69 8.57
C THR A 122 5.08 -6.41 9.01
N MET A 123 4.33 -5.35 9.23
CA MET A 123 4.92 -4.07 9.62
C MET A 123 5.26 -3.99 11.13
N THR A 124 4.47 -4.63 11.96
CA THR A 124 4.67 -4.54 13.40
C THR A 124 5.89 -5.37 13.86
N GLY A 125 6.80 -4.70 14.57
CA GLY A 125 7.97 -5.37 15.10
C GLY A 125 7.60 -6.29 16.24
N THR A 126 6.75 -5.80 17.09
CA THR A 126 6.24 -6.57 18.21
C THR A 126 4.86 -6.02 18.56
N VAL A 127 4.83 -4.74 18.84
CA VAL A 127 3.63 -4.03 19.11
C VAL A 127 3.78 -2.59 18.62
N LEU A 128 3.53 -2.42 17.37
CA LEU A 128 3.64 -1.13 16.73
C LEU A 128 2.44 -0.28 17.09
N LYS A 129 1.32 -0.90 17.15
CA LYS A 129 0.09 -0.29 17.54
C LYS A 129 -0.78 -1.38 18.14
N MET A 130 -1.49 -1.04 19.21
CA MET A 130 -2.31 -2.00 19.95
C MET A 130 -3.36 -2.64 19.03
N THR A 131 -4.13 -1.82 18.38
CA THR A 131 -5.17 -2.29 17.52
C THR A 131 -4.63 -2.82 16.18
N ASP A 132 -4.70 -4.12 16.01
CA ASP A 132 -4.24 -4.80 14.80
C ASP A 132 -4.97 -4.31 13.56
N ARG A 133 -6.30 -4.21 13.65
CA ARG A 133 -7.06 -3.80 12.51
C ARG A 133 -6.81 -2.34 12.21
N SER A 134 -6.79 -1.51 13.25
CA SER A 134 -6.61 -0.08 13.06
C SER A 134 -5.23 0.18 12.48
N HIS A 135 -4.27 -0.60 12.91
CA HIS A 135 -2.93 -0.49 12.44
C HIS A 135 -2.86 -0.78 10.94
N ARG A 136 -3.36 -1.94 10.53
CA ARG A 136 -3.29 -2.31 9.11
C ARG A 136 -4.16 -1.39 8.25
N GLN A 137 -5.34 -0.98 8.76
CA GLN A 137 -6.23 -0.16 7.97
C GLN A 137 -5.66 1.25 7.79
N LYS A 138 -5.06 1.80 8.84
CA LYS A 138 -4.50 3.12 8.74
C LYS A 138 -3.24 3.13 7.90
N LEU A 139 -2.38 2.14 8.12
CA LEU A 139 -1.19 2.06 7.32
C LEU A 139 -1.51 1.80 5.88
N GLN A 140 -2.48 0.94 5.59
CA GLN A 140 -2.80 0.71 4.21
C GLN A 140 -3.43 1.95 3.62
N LEU A 141 -4.29 2.65 4.35
CA LEU A 141 -4.90 3.85 3.79
C LEU A 141 -3.86 4.87 3.38
N LYS A 142 -2.95 5.20 4.28
CA LYS A 142 -1.93 6.18 3.95
C LYS A 142 -0.92 5.63 2.94
N ALA A 143 -0.37 4.46 3.22
CA ALA A 143 0.67 3.91 2.38
C ALA A 143 0.16 3.48 1.02
N LEU A 144 -1.01 2.86 0.98
CA LEU A 144 -1.56 2.42 -0.28
C LEU A 144 -1.98 3.59 -1.12
N ASP A 145 -2.66 4.58 -0.51
CA ASP A 145 -3.02 5.79 -1.26
C ASP A 145 -1.76 6.47 -1.76
N THR A 146 -0.70 6.37 -0.98
CA THR A 146 0.57 6.94 -1.34
C THR A 146 1.29 6.16 -2.47
N VAL A 147 1.43 4.83 -2.34
CA VAL A 147 2.13 4.04 -3.38
C VAL A 147 1.35 4.06 -4.69
N LEU A 148 0.05 4.28 -4.58
CA LEU A 148 -0.75 4.35 -5.76
C LEU A 148 -0.81 5.78 -6.30
N PHE A 149 -1.27 6.72 -5.49
CA PHE A 149 -1.44 8.11 -5.91
C PHE A 149 -0.22 8.94 -5.46
N GLY A 150 -0.04 9.03 -4.16
CA GLY A 150 1.09 9.80 -3.62
C GLY A 150 0.81 11.28 -3.61
N GLY A 1 -1.08 -11.25 3.24
CA GLY A 1 -1.74 -10.67 2.07
C GLY A 1 -3.24 -10.90 2.06
N SER A 2 -3.64 -12.10 1.74
CA SER A 2 -5.05 -12.45 1.62
C SER A 2 -5.22 -13.93 1.91
N HIS A 3 -6.40 -14.45 1.63
CA HIS A 3 -6.63 -15.88 1.76
C HIS A 3 -6.12 -16.57 0.51
N MET A 4 -6.31 -15.91 -0.61
CA MET A 4 -5.94 -16.46 -1.90
C MET A 4 -5.40 -15.35 -2.77
N ALA A 5 -4.69 -15.72 -3.85
CA ALA A 5 -4.13 -14.79 -4.85
C ALA A 5 -3.08 -13.88 -4.24
N SER A 6 -2.43 -14.36 -3.21
CA SER A 6 -1.45 -13.56 -2.52
C SER A 6 -0.18 -14.35 -2.17
N SER A 7 -0.29 -15.70 -2.16
CA SER A 7 0.81 -16.65 -1.83
C SER A 7 1.17 -16.68 -0.32
N GLU A 8 1.19 -15.49 0.30
CA GLU A 8 1.51 -15.25 1.72
C GLU A 8 3.00 -15.24 2.01
N ASP A 9 3.36 -14.66 3.17
CA ASP A 9 4.76 -14.39 3.57
C ASP A 9 5.41 -13.51 2.53
N GLU A 10 5.18 -12.26 2.67
CA GLU A 10 5.54 -11.27 1.70
C GLU A 10 6.92 -10.68 2.01
N LYS A 11 7.88 -11.09 1.23
CA LYS A 11 9.28 -10.75 1.44
C LYS A 11 9.80 -9.83 0.32
N LEU A 12 9.60 -10.27 -0.90
CA LEU A 12 10.11 -9.57 -2.07
C LEU A 12 9.26 -8.32 -2.36
N SER A 13 9.85 -7.38 -3.08
CA SER A 13 9.22 -6.12 -3.40
C SER A 13 8.02 -6.35 -4.29
N PHE A 14 8.23 -7.12 -5.37
CA PHE A 14 7.21 -7.35 -6.37
C PHE A 14 5.96 -7.99 -5.77
N GLU A 15 6.15 -9.03 -4.96
CA GLU A 15 5.03 -9.73 -4.37
C GLU A 15 4.23 -8.83 -3.43
N ALA A 16 4.92 -8.02 -2.66
CA ALA A 16 4.24 -7.12 -1.75
C ALA A 16 3.43 -6.14 -2.56
N VAL A 17 4.09 -5.49 -3.52
CA VAL A 17 3.48 -4.51 -4.41
C VAL A 17 2.22 -5.07 -5.11
N ARG A 18 2.37 -6.23 -5.75
CA ARG A 18 1.27 -6.87 -6.46
C ARG A 18 0.15 -7.21 -5.47
N ASN A 19 0.51 -7.52 -4.22
CA ASN A 19 -0.42 -7.91 -3.19
C ASN A 19 -1.28 -6.76 -2.69
N ILE A 20 -0.69 -5.61 -2.44
CA ILE A 20 -1.52 -4.49 -2.02
C ILE A 20 -2.36 -4.05 -3.20
N HIS A 21 -1.81 -4.20 -4.41
CA HIS A 21 -2.56 -3.99 -5.65
C HIS A 21 -3.75 -4.99 -5.70
N LYS A 22 -3.48 -6.23 -5.32
CA LYS A 22 -4.44 -7.30 -5.28
C LYS A 22 -5.57 -7.00 -4.30
N LEU A 23 -5.31 -6.16 -3.30
CA LEU A 23 -6.41 -5.64 -2.45
C LEU A 23 -7.54 -5.02 -3.31
N MET A 24 -7.20 -4.56 -4.52
CA MET A 24 -8.18 -4.07 -5.48
C MET A 24 -8.41 -5.13 -6.57
N ASP A 25 -7.33 -5.78 -6.97
CA ASP A 25 -7.38 -6.82 -8.00
C ASP A 25 -7.61 -8.18 -7.36
N ASP A 26 -8.87 -8.50 -7.15
CA ASP A 26 -9.34 -9.73 -6.47
C ASP A 26 -8.62 -11.00 -6.91
N ASP A 27 -8.56 -11.21 -8.19
CA ASP A 27 -7.97 -12.45 -8.73
C ASP A 27 -6.51 -12.35 -8.93
N ALA A 28 -5.99 -11.15 -8.76
CA ALA A 28 -4.60 -10.85 -8.97
C ALA A 28 -4.13 -11.35 -10.31
N ASN A 29 -4.59 -10.69 -11.33
CA ASN A 29 -4.28 -11.06 -12.70
C ASN A 29 -3.27 -10.07 -13.24
N GLY A 30 -2.89 -9.15 -12.38
CA GLY A 30 -1.90 -8.17 -12.75
C GLY A 30 -2.53 -6.83 -12.98
N ASP A 31 -3.85 -6.81 -13.06
CA ASP A 31 -4.60 -5.59 -13.25
C ASP A 31 -5.95 -5.67 -12.56
N VAL A 32 -6.32 -4.59 -11.94
CA VAL A 32 -7.56 -4.55 -11.26
C VAL A 32 -8.60 -4.19 -12.30
N ASP A 33 -9.59 -4.99 -12.44
CA ASP A 33 -10.66 -4.63 -13.33
C ASP A 33 -11.62 -3.74 -12.58
N VAL A 34 -12.37 -3.01 -13.32
CA VAL A 34 -13.37 -2.11 -12.81
C VAL A 34 -14.44 -2.85 -12.00
N GLU A 35 -14.68 -4.11 -12.34
CA GLU A 35 -15.62 -4.91 -11.60
C GLU A 35 -14.99 -5.43 -10.31
N GLU A 36 -13.68 -5.70 -10.35
CA GLU A 36 -12.94 -6.25 -9.20
C GLU A 36 -12.85 -5.23 -8.09
N SER A 37 -12.34 -4.08 -8.44
CA SER A 37 -12.00 -3.06 -7.48
C SER A 37 -13.18 -2.24 -7.03
N ASP A 38 -14.37 -2.56 -7.56
CA ASP A 38 -15.61 -1.80 -7.35
C ASP A 38 -15.76 -1.32 -5.93
N GLU A 39 -15.83 -2.19 -4.98
CA GLU A 39 -15.92 -1.79 -3.58
C GLU A 39 -14.53 -1.45 -3.01
N PHE A 40 -13.57 -2.32 -3.32
CA PHE A 40 -12.20 -2.29 -2.79
C PHE A 40 -11.51 -0.98 -2.88
N LEU A 41 -11.34 -0.43 -4.07
CA LEU A 41 -10.57 0.81 -4.19
C LEU A 41 -11.23 1.92 -3.37
N ARG A 42 -12.59 2.00 -3.54
CA ARG A 42 -13.43 3.02 -2.92
C ARG A 42 -13.16 3.07 -1.48
N GLU A 43 -13.47 2.01 -0.79
CA GLU A 43 -13.34 2.02 0.63
C GLU A 43 -11.92 1.98 1.06
N ASP A 44 -11.22 0.93 0.59
CA ASP A 44 -9.89 0.59 1.05
C ASP A 44 -8.90 1.71 1.12
N LEU A 45 -8.94 2.68 0.19
CA LEU A 45 -8.11 3.86 0.43
C LEU A 45 -8.78 5.18 0.10
N ASN A 46 -10.02 5.16 -0.34
CA ASN A 46 -10.63 6.42 -0.74
C ASN A 46 -11.85 6.73 0.09
N TYR A 47 -12.28 5.73 0.87
CA TYR A 47 -13.48 5.78 1.67
C TYR A 47 -14.77 5.79 0.81
N HIS A 48 -14.95 6.81 -0.02
CA HIS A 48 -16.19 6.94 -0.79
C HIS A 48 -15.99 6.69 -2.31
N ASP A 49 -15.51 7.68 -3.06
CA ASP A 49 -15.37 7.50 -4.52
C ASP A 49 -13.96 7.54 -5.03
N PRO A 50 -13.57 6.42 -5.62
CA PRO A 50 -12.21 6.15 -6.11
C PRO A 50 -11.89 6.65 -7.53
N THR A 51 -12.81 7.35 -8.17
CA THR A 51 -12.64 7.83 -9.52
C THR A 51 -11.39 8.69 -9.63
N VAL A 52 -11.12 9.48 -8.61
CA VAL A 52 -9.90 10.27 -8.54
C VAL A 52 -8.66 9.37 -8.71
N LYS A 53 -8.55 8.34 -7.88
CA LYS A 53 -7.45 7.44 -7.93
C LYS A 53 -7.44 6.67 -9.28
N HIS A 54 -8.58 6.11 -9.65
CA HIS A 54 -8.73 5.36 -10.91
C HIS A 54 -8.27 6.19 -12.11
N SER A 55 -8.89 7.34 -12.30
CA SER A 55 -8.60 8.18 -13.46
C SER A 55 -7.23 8.87 -13.39
N THR A 56 -6.73 9.09 -12.20
CA THR A 56 -5.39 9.63 -12.06
C THR A 56 -4.37 8.61 -12.54
N PHE A 57 -4.52 7.36 -12.12
CA PHE A 57 -3.53 6.38 -12.51
C PHE A 57 -3.65 5.95 -13.97
N HIS A 58 -4.78 5.37 -14.34
CA HIS A 58 -4.90 4.89 -15.71
C HIS A 58 -5.13 6.03 -16.67
N GLY A 59 -6.16 6.80 -16.39
CA GLY A 59 -6.51 7.95 -17.17
C GLY A 59 -7.42 7.57 -18.30
N GLU A 60 -6.96 6.64 -19.06
CA GLU A 60 -7.65 6.15 -20.21
C GLU A 60 -8.69 5.10 -19.84
N ASP A 61 -8.74 4.76 -18.58
CA ASP A 61 -9.60 3.69 -18.10
C ASP A 61 -9.47 3.75 -16.61
N LYS A 62 -9.93 2.77 -15.93
CA LYS A 62 -9.93 2.76 -14.49
C LYS A 62 -9.09 1.60 -13.94
N LEU A 63 -8.47 0.86 -14.83
CA LEU A 63 -7.66 -0.29 -14.45
C LEU A 63 -6.34 0.14 -13.84
N ILE A 64 -5.87 -0.66 -12.95
CA ILE A 64 -4.62 -0.45 -12.26
C ILE A 64 -3.83 -1.71 -12.52
N SER A 65 -2.56 -1.62 -12.80
CA SER A 65 -1.77 -2.81 -13.04
C SER A 65 -0.52 -2.86 -12.14
N VAL A 66 -0.16 -4.08 -11.67
CA VAL A 66 0.93 -4.27 -10.68
C VAL A 66 2.26 -3.74 -11.20
N GLU A 67 2.53 -3.96 -12.47
CA GLU A 67 3.77 -3.57 -13.05
C GLU A 67 3.82 -2.11 -13.35
N ASP A 68 2.68 -1.56 -13.68
CA ASP A 68 2.60 -0.14 -13.92
C ASP A 68 2.73 0.58 -12.62
N LEU A 69 2.17 -0.02 -11.56
CA LEU A 69 2.38 0.48 -10.20
C LEU A 69 3.82 0.40 -9.86
N TRP A 70 4.41 -0.74 -10.11
CA TRP A 70 5.85 -1.00 -9.89
C TRP A 70 6.69 0.14 -10.53
N LYS A 71 6.43 0.39 -11.81
CA LYS A 71 7.07 1.47 -12.56
C LYS A 71 6.77 2.84 -11.93
N ALA A 72 5.49 3.12 -11.74
CA ALA A 72 5.04 4.38 -11.18
C ALA A 72 5.68 4.64 -9.83
N TRP A 73 5.59 3.67 -8.95
CA TRP A 73 6.13 3.75 -7.61
C TRP A 73 7.62 4.05 -7.61
N LYS A 74 8.38 3.35 -8.45
CA LYS A 74 9.83 3.61 -8.53
C LYS A 74 10.13 5.01 -9.08
N SER A 75 9.23 5.53 -9.87
CA SER A 75 9.40 6.82 -10.48
C SER A 75 8.81 7.91 -9.56
N SER A 76 7.86 7.53 -8.75
CA SER A 76 7.18 8.42 -7.87
C SER A 76 8.03 8.80 -6.69
N GLU A 77 7.65 9.90 -6.04
CA GLU A 77 8.32 10.40 -4.85
C GLU A 77 8.33 9.34 -3.76
N VAL A 78 7.33 8.46 -3.83
CA VAL A 78 7.12 7.38 -2.87
C VAL A 78 8.38 6.55 -2.67
N TYR A 79 8.87 5.90 -3.73
CA TYR A 79 10.05 5.04 -3.62
C TYR A 79 11.29 5.87 -3.35
N ASN A 80 11.22 7.12 -3.71
CA ASN A 80 12.33 8.03 -3.55
C ASN A 80 12.37 8.61 -2.13
N TRP A 81 11.32 8.35 -1.36
CA TRP A 81 11.29 8.78 0.02
C TRP A 81 12.13 7.86 0.88
N THR A 82 13.10 8.42 1.54
CA THR A 82 13.94 7.65 2.43
C THR A 82 13.22 7.45 3.78
N VAL A 83 13.93 6.86 4.73
CA VAL A 83 13.39 6.53 6.04
C VAL A 83 12.87 7.77 6.75
N ASP A 84 13.67 8.80 6.75
CA ASP A 84 13.32 10.08 7.38
C ASP A 84 12.05 10.68 6.78
N GLU A 85 11.93 10.54 5.48
CA GLU A 85 10.81 11.09 4.75
C GLU A 85 9.53 10.31 5.04
N VAL A 86 9.63 9.00 5.09
CA VAL A 86 8.47 8.19 5.40
C VAL A 86 8.08 8.39 6.85
N VAL A 87 9.08 8.60 7.70
CA VAL A 87 8.85 8.86 9.08
C VAL A 87 7.98 10.11 9.26
N GLN A 88 8.40 11.22 8.65
CA GLN A 88 7.63 12.45 8.77
C GLN A 88 6.26 12.30 8.09
N TRP A 89 6.20 11.48 7.05
CA TRP A 89 4.97 11.27 6.33
C TRP A 89 4.00 10.41 7.15
N LEU A 90 4.52 9.35 7.74
CA LEU A 90 3.71 8.43 8.50
C LEU A 90 3.17 9.15 9.72
N ILE A 91 3.96 10.01 10.32
CA ILE A 91 3.46 10.70 11.46
C ILE A 91 2.41 11.74 11.08
N THR A 92 2.71 12.59 10.07
CA THR A 92 1.80 13.67 9.71
C THR A 92 0.49 13.14 9.13
N TYR A 93 0.55 11.99 8.52
CA TYR A 93 -0.59 11.43 7.86
C TYR A 93 -1.20 10.28 8.59
N VAL A 94 -0.39 9.32 8.91
CA VAL A 94 -0.88 8.12 9.53
C VAL A 94 -1.20 8.37 10.99
N GLU A 95 -0.51 9.38 11.58
CA GLU A 95 -0.77 9.83 12.94
C GLU A 95 -0.23 8.81 13.91
N LEU A 96 0.73 8.05 13.46
CA LEU A 96 1.33 7.03 14.28
C LEU A 96 2.67 7.51 14.83
N PRO A 97 2.73 7.85 16.11
CA PRO A 97 3.96 8.33 16.72
C PRO A 97 4.89 7.19 17.19
N GLN A 98 4.76 6.00 16.63
CA GLN A 98 5.61 4.87 17.01
C GLN A 98 6.79 4.79 16.02
N TYR A 99 6.96 5.90 15.30
CA TYR A 99 7.90 6.02 14.21
C TYR A 99 9.31 5.69 14.60
N GLU A 100 9.74 6.13 15.78
CA GLU A 100 11.10 5.92 16.21
C GLU A 100 11.37 4.45 16.31
N GLU A 101 10.49 3.78 17.01
CA GLU A 101 10.58 2.38 17.21
C GLU A 101 10.54 1.64 15.89
N THR A 102 9.57 1.93 15.07
CA THR A 102 9.42 1.20 13.83
C THR A 102 10.58 1.47 12.86
N PHE A 103 11.02 2.72 12.74
CA PHE A 103 12.10 2.98 11.82
C PHE A 103 13.39 2.35 12.29
N ARG A 104 13.61 2.34 13.58
CA ARG A 104 14.83 1.71 14.09
C ARG A 104 14.70 0.17 14.02
N LYS A 105 13.48 -0.34 14.10
CA LYS A 105 13.24 -1.76 14.05
C LYS A 105 13.30 -2.32 12.63
N LEU A 106 12.60 -1.71 11.73
CA LEU A 106 12.48 -2.28 10.40
C LEU A 106 12.99 -1.39 9.28
N GLN A 107 13.36 -0.14 9.60
CA GLN A 107 13.85 0.84 8.61
C GLN A 107 12.89 0.97 7.42
N LEU A 108 11.89 1.78 7.59
CA LEU A 108 10.92 1.92 6.55
C LEU A 108 11.27 3.05 5.62
N SER A 109 10.76 3.01 4.42
CA SER A 109 11.01 3.99 3.40
C SER A 109 9.98 3.80 2.32
N GLY A 110 10.22 4.33 1.15
CA GLY A 110 9.31 4.19 0.04
C GLY A 110 9.08 2.76 -0.39
N HIS A 111 10.02 1.88 -0.12
CA HIS A 111 9.85 0.45 -0.39
C HIS A 111 9.00 -0.19 0.72
N ALA A 112 9.21 0.28 1.90
CA ALA A 112 8.47 -0.22 2.99
C ALA A 112 7.04 0.23 2.89
N MET A 113 6.79 1.37 2.25
CA MET A 113 5.43 1.88 2.03
C MET A 113 4.48 0.80 1.46
N PRO A 114 4.77 0.17 0.29
CA PRO A 114 3.93 -0.90 -0.16
C PRO A 114 4.13 -2.13 0.71
N ARG A 115 5.38 -2.40 1.15
CA ARG A 115 5.57 -3.60 1.97
C ARG A 115 4.77 -3.54 3.32
N LEU A 116 4.46 -2.34 3.81
CA LEU A 116 3.68 -2.22 5.05
C LEU A 116 2.22 -2.01 4.77
N ALA A 117 1.87 -1.69 3.53
CA ALA A 117 0.49 -1.41 3.15
C ALA A 117 -0.35 -2.66 3.19
N VAL A 118 0.28 -3.79 3.19
CA VAL A 118 -0.45 -5.00 3.18
C VAL A 118 -0.54 -5.59 4.59
N THR A 119 -1.79 -5.70 5.08
CA THR A 119 -2.12 -6.22 6.41
C THR A 119 -1.38 -5.45 7.54
N ASN A 120 -1.41 -5.94 8.75
CA ASN A 120 -0.65 -5.28 9.82
C ASN A 120 0.55 -6.10 10.21
N THR A 121 0.42 -7.41 10.09
CA THR A 121 1.42 -8.37 10.52
C THR A 121 2.78 -8.14 9.87
N THR A 122 2.74 -7.81 8.59
CA THR A 122 3.93 -7.55 7.83
C THR A 122 4.76 -6.42 8.47
N MET A 123 4.09 -5.31 8.81
CA MET A 123 4.76 -4.17 9.38
C MET A 123 5.05 -4.29 10.87
N THR A 124 4.00 -4.58 11.66
CA THR A 124 4.05 -4.49 13.14
C THR A 124 5.25 -5.22 13.77
N GLY A 125 5.60 -6.38 13.23
CA GLY A 125 6.68 -7.16 13.78
C GLY A 125 6.38 -7.57 15.20
N THR A 126 7.05 -6.96 16.14
CA THR A 126 6.81 -7.22 17.53
C THR A 126 5.49 -6.57 17.97
N VAL A 127 5.51 -5.26 18.10
CA VAL A 127 4.36 -4.50 18.50
C VAL A 127 4.57 -3.03 18.12
N LEU A 128 3.82 -2.60 17.17
CA LEU A 128 3.90 -1.24 16.70
C LEU A 128 2.68 -0.45 17.16
N LYS A 129 1.53 -1.03 16.98
CA LYS A 129 0.27 -0.46 17.41
C LYS A 129 -0.60 -1.61 17.86
N MET A 130 -1.13 -1.51 19.07
CA MET A 130 -1.88 -2.61 19.70
C MET A 130 -3.10 -3.02 18.89
N THR A 131 -3.88 -2.07 18.44
CA THR A 131 -5.03 -2.36 17.63
C THR A 131 -4.64 -2.77 16.21
N ASP A 132 -4.79 -4.06 15.95
CA ASP A 132 -4.45 -4.68 14.68
C ASP A 132 -5.16 -4.00 13.53
N ARG A 133 -6.46 -3.73 13.72
CA ARG A 133 -7.26 -3.12 12.72
C ARG A 133 -6.80 -1.70 12.47
N SER A 134 -6.64 -0.96 13.55
CA SER A 134 -6.27 0.44 13.47
C SER A 134 -4.96 0.58 12.74
N HIS A 135 -4.02 -0.27 13.10
CA HIS A 135 -2.72 -0.27 12.53
C HIS A 135 -2.79 -0.49 11.02
N ARG A 136 -3.40 -1.62 10.61
CA ARG A 136 -3.50 -1.92 9.19
C ARG A 136 -4.29 -0.87 8.44
N GLN A 137 -5.35 -0.36 9.05
CA GLN A 137 -6.20 0.61 8.39
C GLN A 137 -5.51 1.94 8.15
N LYS A 138 -4.82 2.46 9.15
CA LYS A 138 -4.18 3.75 9.01
C LYS A 138 -3.01 3.63 8.03
N LEU A 139 -2.19 2.60 8.24
CA LEU A 139 -1.02 2.38 7.42
C LEU A 139 -1.39 2.08 6.00
N GLN A 140 -2.35 1.18 5.75
CA GLN A 140 -2.69 0.88 4.39
C GLN A 140 -3.34 2.05 3.74
N LEU A 141 -4.16 2.81 4.47
CA LEU A 141 -4.82 3.95 3.88
C LEU A 141 -3.77 4.88 3.31
N LYS A 142 -2.80 5.22 4.11
CA LYS A 142 -1.77 6.12 3.66
C LYS A 142 -0.84 5.50 2.67
N ALA A 143 -0.30 4.36 2.99
CA ALA A 143 0.69 3.73 2.14
C ALA A 143 0.11 3.31 0.81
N LEU A 144 -1.09 2.76 0.83
CA LEU A 144 -1.72 2.30 -0.37
C LEU A 144 -2.13 3.47 -1.24
N ASP A 145 -2.75 4.50 -0.64
CA ASP A 145 -3.10 5.70 -1.41
C ASP A 145 -1.84 6.33 -1.99
N THR A 146 -0.76 6.22 -1.24
CA THR A 146 0.51 6.79 -1.66
C THR A 146 1.19 5.96 -2.79
N VAL A 147 1.27 4.65 -2.65
CA VAL A 147 1.91 3.82 -3.69
C VAL A 147 1.06 3.80 -4.97
N LEU A 148 -0.24 4.04 -4.81
CA LEU A 148 -1.13 4.04 -5.93
C LEU A 148 -1.28 5.42 -6.58
N PHE A 149 -1.25 6.44 -5.77
CA PHE A 149 -1.48 7.81 -6.22
C PHE A 149 -0.31 8.69 -5.78
N GLY A 150 -0.15 8.87 -4.47
CA GLY A 150 0.98 9.65 -3.92
C GLY A 150 1.04 11.07 -4.44
N GLY A 1 -3.00 -15.46 1.05
CA GLY A 1 -3.63 -14.77 -0.06
C GLY A 1 -4.60 -15.67 -0.76
N SER A 2 -4.20 -16.19 -1.89
CA SER A 2 -5.01 -17.05 -2.73
C SER A 2 -4.08 -17.72 -3.75
N HIS A 3 -4.48 -18.86 -4.32
CA HIS A 3 -3.66 -19.57 -5.33
C HIS A 3 -3.38 -18.66 -6.54
N MET A 4 -4.32 -17.77 -6.79
CA MET A 4 -4.27 -16.85 -7.92
C MET A 4 -3.39 -15.62 -7.59
N ALA A 5 -2.99 -15.50 -6.34
CA ALA A 5 -2.14 -14.40 -5.91
C ALA A 5 -0.69 -14.81 -6.04
N SER A 6 -0.41 -16.05 -5.62
CA SER A 6 0.91 -16.68 -5.77
C SER A 6 1.98 -15.98 -4.90
N SER A 7 1.55 -15.22 -3.93
CA SER A 7 2.45 -14.59 -3.02
C SER A 7 2.46 -15.39 -1.72
N GLU A 8 1.34 -15.32 -0.97
CA GLU A 8 1.05 -16.10 0.26
C GLU A 8 1.95 -15.77 1.44
N ASP A 9 3.21 -15.87 1.22
CA ASP A 9 4.21 -15.49 2.17
C ASP A 9 5.19 -14.64 1.46
N GLU A 10 4.92 -13.36 1.50
CA GLU A 10 5.70 -12.36 0.80
C GLU A 10 7.12 -12.31 1.34
N LYS A 11 8.03 -12.85 0.59
CA LYS A 11 9.41 -12.87 0.97
C LYS A 11 10.15 -11.91 0.07
N LEU A 12 9.66 -11.79 -1.15
CA LEU A 12 10.21 -10.86 -2.10
C LEU A 12 9.38 -9.56 -2.08
N SER A 13 9.91 -8.54 -2.67
CA SER A 13 9.29 -7.25 -2.72
C SER A 13 8.11 -7.24 -3.69
N PHE A 14 8.34 -7.73 -4.92
CA PHE A 14 7.33 -7.72 -5.98
C PHE A 14 6.03 -8.39 -5.55
N GLU A 15 6.15 -9.55 -4.92
CA GLU A 15 4.98 -10.27 -4.44
C GLU A 15 4.20 -9.50 -3.38
N ALA A 16 4.91 -8.81 -2.50
CA ALA A 16 4.27 -7.99 -1.49
C ALA A 16 3.55 -6.84 -2.17
N VAL A 17 4.26 -6.18 -3.05
CA VAL A 17 3.76 -5.04 -3.78
C VAL A 17 2.49 -5.38 -4.57
N ARG A 18 2.56 -6.44 -5.34
CA ARG A 18 1.43 -6.88 -6.12
C ARG A 18 0.29 -7.32 -5.21
N ASN A 19 0.61 -7.81 -3.99
CA ASN A 19 -0.42 -8.20 -3.02
C ASN A 19 -1.24 -6.97 -2.65
N ILE A 20 -0.56 -5.87 -2.31
CA ILE A 20 -1.30 -4.68 -1.93
C ILE A 20 -2.10 -4.14 -3.13
N HIS A 21 -1.58 -4.34 -4.34
CA HIS A 21 -2.33 -3.98 -5.54
C HIS A 21 -3.52 -4.95 -5.76
N LYS A 22 -3.35 -6.20 -5.33
CA LYS A 22 -4.35 -7.23 -5.37
C LYS A 22 -5.51 -6.88 -4.42
N LEU A 23 -5.22 -6.07 -3.42
CA LEU A 23 -6.27 -5.54 -2.52
C LEU A 23 -7.44 -4.87 -3.30
N MET A 24 -7.17 -4.42 -4.52
CA MET A 24 -8.20 -3.86 -5.36
C MET A 24 -8.77 -4.90 -6.31
N ASP A 25 -7.94 -5.46 -7.21
CA ASP A 25 -8.42 -6.55 -8.09
C ASP A 25 -8.82 -7.77 -7.28
N ASP A 26 -10.09 -8.04 -7.22
CA ASP A 26 -10.62 -9.16 -6.48
C ASP A 26 -10.15 -10.50 -7.05
N ASP A 27 -10.10 -10.61 -8.38
CA ASP A 27 -9.79 -11.91 -9.01
C ASP A 27 -8.31 -12.06 -9.20
N ALA A 28 -7.60 -10.98 -8.99
CA ALA A 28 -6.16 -10.91 -9.14
C ALA A 28 -5.70 -11.43 -10.51
N ASN A 29 -5.90 -10.64 -11.54
CA ASN A 29 -5.45 -11.05 -12.87
C ASN A 29 -4.26 -10.20 -13.27
N GLY A 30 -3.72 -9.50 -12.28
CA GLY A 30 -2.57 -8.63 -12.48
C GLY A 30 -2.98 -7.23 -12.83
N ASP A 31 -4.24 -7.07 -13.17
CA ASP A 31 -4.80 -5.80 -13.48
C ASP A 31 -6.20 -5.69 -12.94
N VAL A 32 -6.39 -4.63 -12.25
CA VAL A 32 -7.59 -4.30 -11.57
C VAL A 32 -8.53 -3.61 -12.53
N ASP A 33 -9.66 -4.20 -12.76
CA ASP A 33 -10.69 -3.63 -13.60
C ASP A 33 -11.72 -2.92 -12.73
N VAL A 34 -12.46 -2.02 -13.35
CA VAL A 34 -13.46 -1.19 -12.73
C VAL A 34 -14.51 -2.02 -11.96
N GLU A 35 -14.90 -3.14 -12.53
CA GLU A 35 -15.92 -3.97 -11.94
C GLU A 35 -15.37 -4.84 -10.82
N GLU A 36 -14.08 -5.07 -10.85
CA GLU A 36 -13.39 -5.87 -9.86
C GLU A 36 -13.18 -5.07 -8.59
N SER A 37 -12.60 -3.90 -8.75
CA SER A 37 -12.28 -3.01 -7.65
C SER A 37 -13.45 -2.16 -7.21
N ASP A 38 -14.59 -2.34 -7.87
CA ASP A 38 -15.77 -1.48 -7.73
C ASP A 38 -16.04 -1.03 -6.30
N GLU A 39 -16.20 -1.94 -5.37
CA GLU A 39 -16.38 -1.58 -3.95
C GLU A 39 -14.99 -1.28 -3.29
N PHE A 40 -14.06 -2.23 -3.57
CA PHE A 40 -12.70 -2.27 -3.01
C PHE A 40 -12.02 -0.96 -3.02
N LEU A 41 -11.62 -0.49 -4.21
CA LEU A 41 -10.80 0.71 -4.33
C LEU A 41 -11.43 1.86 -3.58
N ARG A 42 -12.80 2.01 -3.80
CA ARG A 42 -13.59 3.11 -3.24
C ARG A 42 -13.32 3.22 -1.82
N GLU A 43 -13.69 2.22 -1.10
CA GLU A 43 -13.57 2.27 0.34
C GLU A 43 -12.16 2.11 0.78
N ASP A 44 -11.58 1.00 0.30
CA ASP A 44 -10.34 0.43 0.81
C ASP A 44 -9.27 1.44 0.93
N LEU A 45 -9.19 2.37 -0.02
CA LEU A 45 -8.20 3.42 0.15
C LEU A 45 -8.72 4.78 -0.25
N ASN A 46 -9.84 4.84 -0.91
CA ASN A 46 -10.31 6.11 -1.41
C ASN A 46 -11.46 6.62 -0.61
N TYR A 47 -11.91 5.82 0.37
CA TYR A 47 -13.05 6.14 1.22
C TYR A 47 -14.38 6.14 0.41
N HIS A 48 -14.56 7.12 -0.47
CA HIS A 48 -15.79 7.23 -1.23
C HIS A 48 -15.65 6.94 -2.73
N ASP A 49 -15.32 7.93 -3.54
CA ASP A 49 -15.23 7.68 -4.99
C ASP A 49 -13.80 7.42 -5.44
N PRO A 50 -13.56 6.25 -6.05
CA PRO A 50 -12.22 5.79 -6.46
C PRO A 50 -11.80 6.32 -7.82
N THR A 51 -12.66 7.13 -8.41
CA THR A 51 -12.44 7.72 -9.70
C THR A 51 -11.16 8.54 -9.65
N VAL A 52 -10.90 9.10 -8.47
CA VAL A 52 -9.70 9.86 -8.22
C VAL A 52 -8.49 8.98 -8.52
N LYS A 53 -8.40 7.83 -7.87
CA LYS A 53 -7.31 6.93 -8.09
C LYS A 53 -7.32 6.27 -9.46
N HIS A 54 -8.47 5.80 -9.90
CA HIS A 54 -8.59 5.16 -11.22
C HIS A 54 -8.10 6.09 -12.34
N SER A 55 -8.70 7.27 -12.42
CA SER A 55 -8.37 8.21 -13.48
C SER A 55 -7.01 8.89 -13.27
N THR A 56 -6.54 9.00 -12.04
CA THR A 56 -5.21 9.53 -11.82
C THR A 56 -4.17 8.54 -12.36
N PHE A 57 -4.35 7.25 -12.07
CA PHE A 57 -3.36 6.31 -12.48
C PHE A 57 -3.38 6.02 -13.97
N HIS A 58 -4.47 5.47 -14.48
CA HIS A 58 -4.48 5.12 -15.89
C HIS A 58 -4.69 6.36 -16.76
N GLY A 59 -5.78 7.02 -16.50
CA GLY A 59 -6.09 8.28 -17.10
C GLY A 59 -7.24 8.15 -18.03
N GLU A 60 -7.04 7.41 -19.07
CA GLU A 60 -8.02 7.26 -20.11
C GLU A 60 -8.57 5.83 -20.09
N ASP A 61 -8.49 5.25 -18.94
CA ASP A 61 -8.93 3.91 -18.65
C ASP A 61 -8.83 3.85 -17.17
N LYS A 62 -9.14 2.75 -16.57
CA LYS A 62 -9.21 2.70 -15.14
C LYS A 62 -8.45 1.51 -14.60
N LEU A 63 -7.79 0.78 -15.47
CA LEU A 63 -7.12 -0.45 -15.06
C LEU A 63 -5.87 -0.16 -14.26
N ILE A 64 -5.81 -0.74 -13.11
CA ILE A 64 -4.68 -0.57 -12.22
C ILE A 64 -3.85 -1.87 -12.31
N SER A 65 -2.63 -1.80 -12.78
CA SER A 65 -1.83 -3.02 -12.91
C SER A 65 -0.63 -2.99 -12.03
N VAL A 66 -0.25 -4.16 -11.52
CA VAL A 66 0.83 -4.25 -10.57
C VAL A 66 2.17 -3.86 -11.20
N GLU A 67 2.32 -4.15 -12.48
CA GLU A 67 3.55 -3.87 -13.18
C GLU A 67 3.71 -2.38 -13.42
N ASP A 68 2.63 -1.72 -13.81
CA ASP A 68 2.71 -0.33 -14.13
C ASP A 68 2.79 0.49 -12.87
N LEU A 69 2.19 -0.05 -11.81
CA LEU A 69 2.31 0.52 -10.48
C LEU A 69 3.73 0.41 -9.98
N TRP A 70 4.33 -0.75 -10.20
CA TRP A 70 5.74 -0.99 -9.89
C TRP A 70 6.60 0.10 -10.57
N LYS A 71 6.35 0.31 -11.86
CA LYS A 71 7.02 1.36 -12.64
C LYS A 71 6.74 2.74 -12.07
N ALA A 72 5.46 3.04 -11.85
CA ALA A 72 5.03 4.32 -11.32
C ALA A 72 5.63 4.59 -9.97
N TRP A 73 5.54 3.63 -9.06
CA TRP A 73 6.09 3.73 -7.72
C TRP A 73 7.56 4.06 -7.76
N LYS A 74 8.33 3.33 -8.56
CA LYS A 74 9.76 3.59 -8.68
C LYS A 74 10.06 4.96 -9.31
N SER A 75 9.06 5.56 -9.90
CA SER A 75 9.20 6.84 -10.53
C SER A 75 8.47 7.93 -9.71
N SER A 76 7.80 7.54 -8.64
CA SER A 76 7.03 8.46 -7.83
C SER A 76 7.80 8.84 -6.59
N GLU A 77 7.40 9.96 -5.94
CA GLU A 77 8.06 10.47 -4.73
C GLU A 77 8.14 9.41 -3.65
N VAL A 78 7.22 8.48 -3.68
CA VAL A 78 7.12 7.38 -2.73
C VAL A 78 8.47 6.67 -2.63
N TYR A 79 8.97 6.22 -3.75
CA TYR A 79 10.21 5.48 -3.81
C TYR A 79 11.41 6.40 -3.51
N ASN A 80 11.21 7.70 -3.73
CA ASN A 80 12.24 8.69 -3.44
C ASN A 80 12.32 8.98 -1.96
N TRP A 81 11.20 8.83 -1.26
CA TRP A 81 11.13 9.10 0.16
C TRP A 81 12.00 8.16 0.97
N THR A 82 12.97 8.74 1.64
CA THR A 82 13.86 8.00 2.51
C THR A 82 13.16 7.78 3.87
N VAL A 83 13.90 7.23 4.82
CA VAL A 83 13.37 6.87 6.12
C VAL A 83 12.84 8.11 6.87
N ASP A 84 13.57 9.20 6.80
CA ASP A 84 13.16 10.48 7.46
C ASP A 84 11.82 10.96 6.91
N GLU A 85 11.74 10.95 5.61
CA GLU A 85 10.60 11.44 4.89
C GLU A 85 9.38 10.57 5.18
N VAL A 86 9.60 9.27 5.16
CA VAL A 86 8.52 8.33 5.44
C VAL A 86 8.08 8.48 6.90
N VAL A 87 9.02 8.79 7.79
CA VAL A 87 8.75 8.98 9.17
C VAL A 87 7.75 10.11 9.35
N GLN A 88 8.05 11.27 8.77
CA GLN A 88 7.17 12.38 8.91
C GLN A 88 5.86 12.13 8.18
N TRP A 89 5.94 11.36 7.11
CA TRP A 89 4.80 11.04 6.32
C TRP A 89 3.86 10.10 7.07
N LEU A 90 4.44 9.08 7.67
CA LEU A 90 3.68 8.08 8.38
C LEU A 90 3.01 8.72 9.56
N ILE A 91 3.66 9.66 10.21
CA ILE A 91 3.01 10.27 11.33
C ILE A 91 1.90 11.24 10.88
N THR A 92 2.22 12.09 9.89
CA THR A 92 1.29 13.11 9.45
C THR A 92 0.08 12.48 8.72
N TYR A 93 0.24 11.28 8.25
CA TYR A 93 -0.80 10.58 7.53
C TYR A 93 -1.36 9.39 8.28
N VAL A 94 -0.51 8.49 8.66
CA VAL A 94 -0.90 7.25 9.31
C VAL A 94 -1.22 7.47 10.79
N GLU A 95 -0.70 8.57 11.36
CA GLU A 95 -0.98 8.96 12.75
C GLU A 95 -0.33 7.98 13.72
N LEU A 96 0.73 7.34 13.28
CA LEU A 96 1.41 6.37 14.11
C LEU A 96 2.67 6.92 14.79
N PRO A 97 2.59 7.24 16.07
CA PRO A 97 3.65 7.91 16.78
C PRO A 97 4.76 7.01 17.41
N GLN A 98 4.88 5.73 17.03
CA GLN A 98 6.02 4.94 17.50
C GLN A 98 7.12 4.95 16.44
N TYR A 99 7.09 5.99 15.62
CA TYR A 99 7.92 6.15 14.45
C TYR A 99 9.41 6.01 14.75
N GLU A 100 9.83 6.60 15.86
CA GLU A 100 11.22 6.56 16.31
C GLU A 100 11.71 5.11 16.35
N GLU A 101 11.02 4.33 17.14
CA GLU A 101 11.35 2.95 17.31
C GLU A 101 11.23 2.17 16.04
N THR A 102 10.15 2.31 15.33
CA THR A 102 9.94 1.50 14.15
C THR A 102 10.95 1.83 13.05
N PHE A 103 11.29 3.09 12.86
CA PHE A 103 12.27 3.40 11.85
C PHE A 103 13.63 2.89 12.27
N ARG A 104 13.93 2.99 13.54
CA ARG A 104 15.21 2.48 14.00
C ARG A 104 15.23 0.94 14.07
N LYS A 105 14.05 0.31 14.12
CA LYS A 105 13.92 -1.14 14.12
C LYS A 105 14.11 -1.76 12.73
N LEU A 106 13.37 -1.26 11.73
CA LEU A 106 13.45 -1.86 10.40
C LEU A 106 13.85 -0.90 9.28
N GLN A 107 13.88 0.40 9.57
CA GLN A 107 14.06 1.45 8.53
C GLN A 107 12.98 1.37 7.49
N LEU A 108 11.94 2.10 7.67
CA LEU A 108 10.94 2.11 6.69
C LEU A 108 11.19 3.23 5.71
N SER A 109 10.55 3.19 4.58
CA SER A 109 10.79 4.15 3.52
C SER A 109 9.77 3.90 2.42
N GLY A 110 10.05 4.41 1.24
CA GLY A 110 9.22 4.21 0.09
C GLY A 110 9.06 2.75 -0.31
N HIS A 111 10.00 1.90 0.09
CA HIS A 111 9.89 0.46 -0.22
C HIS A 111 9.07 -0.22 0.89
N ALA A 112 9.26 0.27 2.09
CA ALA A 112 8.52 -0.24 3.20
C ALA A 112 7.08 0.15 3.08
N MET A 113 6.81 1.30 2.45
CA MET A 113 5.43 1.78 2.21
C MET A 113 4.51 0.70 1.61
N PRO A 114 4.82 0.07 0.44
CA PRO A 114 4.01 -1.00 -0.02
C PRO A 114 4.20 -2.20 0.88
N ARG A 115 5.46 -2.49 1.28
CA ARG A 115 5.69 -3.62 2.18
C ARG A 115 4.80 -3.60 3.44
N LEU A 116 4.56 -2.44 4.01
CA LEU A 116 3.80 -2.37 5.22
C LEU A 116 2.30 -2.23 4.96
N ALA A 117 1.95 -1.88 3.73
CA ALA A 117 0.58 -1.67 3.34
C ALA A 117 -0.22 -2.96 3.35
N VAL A 118 0.47 -4.08 3.35
CA VAL A 118 -0.20 -5.35 3.40
C VAL A 118 0.00 -6.00 4.77
N THR A 119 -1.11 -6.17 5.47
CA THR A 119 -1.20 -6.75 6.82
C THR A 119 -0.31 -6.05 7.89
N ASN A 120 -0.91 -5.72 9.03
CA ASN A 120 -0.21 -5.00 10.12
C ASN A 120 0.94 -5.83 10.66
N THR A 121 0.84 -7.14 10.47
CA THR A 121 1.82 -8.09 10.88
C THR A 121 3.16 -7.91 10.17
N THR A 122 3.13 -7.44 8.93
CA THR A 122 4.35 -7.23 8.18
C THR A 122 5.09 -6.01 8.74
N MET A 123 4.33 -5.04 9.17
CA MET A 123 4.88 -3.82 9.71
C MET A 123 5.33 -3.96 11.16
N THR A 124 4.54 -4.68 11.96
CA THR A 124 4.88 -4.84 13.34
C THR A 124 6.03 -5.87 13.52
N GLY A 125 7.25 -5.35 13.46
CA GLY A 125 8.44 -6.17 13.62
C GLY A 125 8.58 -6.72 15.01
N THR A 126 8.13 -5.98 15.97
CA THR A 126 8.16 -6.43 17.33
C THR A 126 6.87 -5.99 18.03
N VAL A 127 6.84 -4.78 18.53
CA VAL A 127 5.66 -4.23 19.16
C VAL A 127 5.47 -2.83 18.64
N LEU A 128 4.57 -2.67 17.73
CA LEU A 128 4.29 -1.37 17.18
C LEU A 128 2.99 -0.80 17.72
N LYS A 129 1.89 -1.24 17.17
CA LYS A 129 0.61 -0.71 17.54
C LYS A 129 -0.33 -1.84 17.88
N MET A 130 -1.14 -1.63 18.89
CA MET A 130 -2.18 -2.56 19.25
C MET A 130 -3.39 -2.23 18.39
N THR A 131 -4.50 -2.94 18.55
CA THR A 131 -5.67 -2.83 17.66
C THR A 131 -5.29 -3.16 16.24
N ASP A 132 -5.39 -4.44 15.92
CA ASP A 132 -5.01 -4.98 14.62
C ASP A 132 -5.68 -4.22 13.51
N ARG A 133 -6.97 -3.89 13.70
CA ARG A 133 -7.70 -3.23 12.66
C ARG A 133 -7.23 -1.82 12.49
N SER A 134 -7.05 -1.13 13.59
CA SER A 134 -6.67 0.25 13.54
C SER A 134 -5.30 0.41 12.90
N HIS A 135 -4.40 -0.50 13.27
CA HIS A 135 -3.04 -0.52 12.75
C HIS A 135 -3.10 -0.73 11.23
N ARG A 136 -3.72 -1.83 10.80
CA ARG A 136 -3.77 -2.15 9.38
C ARG A 136 -4.60 -1.13 8.58
N GLN A 137 -5.62 -0.54 9.19
CA GLN A 137 -6.44 0.44 8.48
C GLN A 137 -5.66 1.69 8.19
N LYS A 138 -4.99 2.26 9.17
CA LYS A 138 -4.24 3.49 8.90
C LYS A 138 -3.07 3.22 7.99
N LEU A 139 -2.36 2.12 8.25
CA LEU A 139 -1.23 1.78 7.42
C LEU A 139 -1.65 1.50 5.99
N GLN A 140 -2.68 0.66 5.76
CA GLN A 140 -3.06 0.38 4.39
C GLN A 140 -3.63 1.60 3.71
N LEU A 141 -4.49 2.36 4.41
CA LEU A 141 -5.11 3.53 3.81
C LEU A 141 -4.08 4.51 3.30
N LYS A 142 -3.18 4.89 4.16
CA LYS A 142 -2.24 5.89 3.79
C LYS A 142 -1.11 5.35 2.93
N ALA A 143 -0.59 4.19 3.26
CA ALA A 143 0.51 3.63 2.50
C ALA A 143 0.09 3.22 1.13
N LEU A 144 -1.06 2.59 1.02
CA LEU A 144 -1.56 2.14 -0.24
C LEU A 144 -1.95 3.32 -1.09
N ASP A 145 -2.66 4.30 -0.51
CA ASP A 145 -3.01 5.47 -1.29
C ASP A 145 -1.75 6.27 -1.66
N THR A 146 -0.70 6.13 -0.86
CA THR A 146 0.58 6.74 -1.18
C THR A 146 1.31 6.01 -2.34
N VAL A 147 1.44 4.68 -2.26
CA VAL A 147 2.14 3.91 -3.31
C VAL A 147 1.38 3.98 -4.63
N LEU A 148 0.08 4.21 -4.53
CA LEU A 148 -0.74 4.32 -5.70
C LEU A 148 -0.83 5.77 -6.19
N PHE A 149 -1.28 6.67 -5.33
CA PHE A 149 -1.50 8.08 -5.70
C PHE A 149 -0.35 8.95 -5.18
N GLY A 150 -0.14 8.94 -3.88
CA GLY A 150 0.93 9.73 -3.26
C GLY A 150 0.73 11.21 -3.44
N GLY A 1 0.77 -14.03 3.23
CA GLY A 1 0.32 -13.68 1.88
C GLY A 1 -1.17 -13.58 1.86
N SER A 2 -1.82 -14.41 1.09
CA SER A 2 -3.27 -14.45 1.03
C SER A 2 -3.67 -15.81 0.53
N HIS A 3 -4.96 -16.04 0.39
CA HIS A 3 -5.45 -17.29 -0.15
C HIS A 3 -5.29 -17.25 -1.66
N MET A 4 -5.71 -16.16 -2.28
CA MET A 4 -5.54 -15.99 -3.71
C MET A 4 -4.47 -14.93 -3.98
N ALA A 5 -3.53 -15.29 -4.83
CA ALA A 5 -2.40 -14.45 -5.25
C ALA A 5 -1.42 -14.17 -4.13
N SER A 6 -0.17 -14.50 -4.40
CA SER A 6 0.94 -14.34 -3.49
C SER A 6 0.81 -15.27 -2.27
N SER A 7 1.33 -16.47 -2.44
CA SER A 7 1.30 -17.48 -1.41
C SER A 7 2.48 -17.31 -0.46
N GLU A 8 3.46 -16.56 -0.92
CA GLU A 8 4.66 -16.29 -0.16
C GLU A 8 4.74 -14.79 0.04
N ASP A 9 5.31 -14.36 1.14
CA ASP A 9 5.53 -12.95 1.41
C ASP A 9 6.79 -12.79 2.20
N GLU A 10 7.51 -11.71 1.91
CA GLU A 10 8.81 -11.38 2.51
C GLU A 10 9.90 -12.37 2.02
N LYS A 11 9.64 -12.93 0.88
CA LYS A 11 10.62 -13.72 0.20
C LYS A 11 11.27 -12.79 -0.80
N LEU A 12 10.45 -11.99 -1.42
CA LEU A 12 10.84 -11.02 -2.36
C LEU A 12 10.00 -9.76 -2.10
N SER A 13 10.30 -8.69 -2.76
CA SER A 13 9.54 -7.47 -2.61
C SER A 13 8.41 -7.37 -3.63
N PHE A 14 8.60 -7.99 -4.80
CA PHE A 14 7.63 -7.95 -5.90
C PHE A 14 6.30 -8.59 -5.48
N GLU A 15 6.39 -9.73 -4.83
CA GLU A 15 5.21 -10.43 -4.33
C GLU A 15 4.42 -9.56 -3.35
N ALA A 16 5.14 -8.86 -2.50
CA ALA A 16 4.52 -8.00 -1.51
C ALA A 16 3.81 -6.84 -2.20
N VAL A 17 4.54 -6.15 -3.10
CA VAL A 17 3.98 -4.99 -3.77
C VAL A 17 2.75 -5.38 -4.63
N ARG A 18 2.86 -6.51 -5.34
CA ARG A 18 1.76 -6.99 -6.16
C ARG A 18 0.61 -7.40 -5.26
N ASN A 19 0.93 -7.84 -4.04
CA ASN A 19 -0.08 -8.24 -3.07
C ASN A 19 -0.95 -7.05 -2.69
N ILE A 20 -0.32 -5.92 -2.34
CA ILE A 20 -1.14 -4.74 -1.99
C ILE A 20 -1.86 -4.21 -3.24
N HIS A 21 -1.27 -4.38 -4.42
CA HIS A 21 -1.95 -3.99 -5.65
C HIS A 21 -3.12 -4.94 -5.96
N LYS A 22 -2.93 -6.23 -5.70
CA LYS A 22 -3.95 -7.24 -5.95
C LYS A 22 -5.10 -7.05 -4.98
N LEU A 23 -4.78 -6.43 -3.85
CA LEU A 23 -5.73 -6.13 -2.76
C LEU A 23 -7.01 -5.45 -3.31
N MET A 24 -6.85 -4.64 -4.34
CA MET A 24 -7.98 -3.97 -4.98
C MET A 24 -8.76 -4.90 -5.89
N ASP A 25 -8.05 -5.78 -6.56
CA ASP A 25 -8.66 -6.70 -7.53
C ASP A 25 -9.47 -7.79 -6.81
N ASP A 26 -10.50 -8.21 -7.47
CA ASP A 26 -11.44 -9.21 -6.98
C ASP A 26 -10.85 -10.60 -7.09
N ASP A 27 -10.41 -10.94 -8.27
CA ASP A 27 -9.89 -12.27 -8.56
C ASP A 27 -8.38 -12.29 -8.45
N ALA A 28 -7.82 -11.10 -8.34
CA ALA A 28 -6.40 -10.86 -8.29
C ALA A 28 -5.67 -11.48 -9.50
N ASN A 29 -5.75 -10.81 -10.62
CA ASN A 29 -5.14 -11.30 -11.87
C ASN A 29 -3.97 -10.39 -12.27
N GLY A 30 -3.59 -9.54 -11.36
CA GLY A 30 -2.47 -8.63 -11.58
C GLY A 30 -2.93 -7.26 -12.01
N ASP A 31 -4.19 -7.16 -12.38
CA ASP A 31 -4.78 -5.91 -12.77
C ASP A 31 -6.20 -5.84 -12.30
N VAL A 32 -6.57 -4.67 -11.85
CA VAL A 32 -7.86 -4.44 -11.32
C VAL A 32 -8.67 -3.57 -12.30
N ASP A 33 -9.85 -4.00 -12.59
CA ASP A 33 -10.82 -3.22 -13.35
C ASP A 33 -11.73 -2.55 -12.35
N VAL A 34 -12.45 -1.55 -12.81
CA VAL A 34 -13.36 -0.78 -12.00
C VAL A 34 -14.41 -1.64 -11.29
N GLU A 35 -14.83 -2.72 -11.94
CA GLU A 35 -15.81 -3.61 -11.37
C GLU A 35 -15.17 -4.56 -10.36
N GLU A 36 -13.89 -4.83 -10.53
CA GLU A 36 -13.16 -5.74 -9.65
C GLU A 36 -12.84 -5.04 -8.33
N SER A 37 -12.32 -3.85 -8.43
CA SER A 37 -11.94 -3.01 -7.31
C SER A 37 -13.08 -2.25 -6.70
N ASP A 38 -14.29 -2.47 -7.24
CA ASP A 38 -15.48 -1.64 -6.99
C ASP A 38 -15.59 -1.14 -5.56
N GLU A 39 -15.63 -2.02 -4.59
CA GLU A 39 -15.68 -1.60 -3.20
C GLU A 39 -14.26 -1.26 -2.65
N PHE A 40 -13.35 -2.19 -2.90
CA PHE A 40 -11.99 -2.18 -2.35
C PHE A 40 -11.19 -0.95 -2.61
N LEU A 41 -11.08 -0.51 -3.84
CA LEU A 41 -10.23 0.67 -4.10
C LEU A 41 -10.77 1.88 -3.33
N ARG A 42 -12.14 2.05 -3.42
CA ARG A 42 -12.84 3.19 -2.83
C ARG A 42 -12.46 3.30 -1.42
N GLU A 43 -12.80 2.31 -0.68
CA GLU A 43 -12.64 2.41 0.72
C GLU A 43 -11.23 2.19 1.14
N ASP A 44 -10.68 1.02 0.74
CA ASP A 44 -9.38 0.54 1.17
C ASP A 44 -8.24 1.52 1.03
N LEU A 45 -8.27 2.42 0.02
CA LEU A 45 -7.31 3.52 0.10
C LEU A 45 -7.86 4.85 -0.33
N ASN A 46 -9.08 4.89 -0.78
CA ASN A 46 -9.56 6.14 -1.27
C ASN A 46 -10.56 6.75 -0.35
N TYR A 47 -10.93 5.98 0.73
CA TYR A 47 -11.85 6.36 1.82
C TYR A 47 -13.27 6.88 1.42
N HIS A 48 -13.43 7.40 0.23
CA HIS A 48 -14.72 7.85 -0.24
C HIS A 48 -15.07 7.13 -1.55
N ASP A 49 -14.53 7.62 -2.65
CA ASP A 49 -14.78 7.06 -3.96
C ASP A 49 -13.46 6.97 -4.69
N PRO A 50 -13.29 5.95 -5.51
CA PRO A 50 -12.01 5.65 -6.16
C PRO A 50 -11.77 6.35 -7.51
N THR A 51 -12.60 7.28 -7.87
CA THR A 51 -12.47 8.01 -9.12
C THR A 51 -11.13 8.73 -9.16
N VAL A 52 -10.72 9.20 -7.99
CA VAL A 52 -9.45 9.88 -7.83
C VAL A 52 -8.33 8.95 -8.29
N LYS A 53 -8.26 7.77 -7.70
CA LYS A 53 -7.24 6.83 -8.05
C LYS A 53 -7.39 6.22 -9.44
N HIS A 54 -8.60 5.81 -9.81
CA HIS A 54 -8.83 5.23 -11.13
C HIS A 54 -8.45 6.21 -12.24
N SER A 55 -8.99 7.44 -12.18
CA SER A 55 -8.68 8.42 -13.23
C SER A 55 -7.24 8.93 -13.15
N THR A 56 -6.69 9.09 -11.96
CA THR A 56 -5.31 9.53 -11.86
C THR A 56 -4.36 8.48 -12.43
N PHE A 57 -4.55 7.23 -12.06
CA PHE A 57 -3.63 6.23 -12.51
C PHE A 57 -3.82 5.88 -13.98
N HIS A 58 -5.00 5.39 -14.33
CA HIS A 58 -5.22 4.98 -15.70
C HIS A 58 -5.43 6.17 -16.63
N GLY A 59 -6.09 7.19 -16.13
CA GLY A 59 -6.50 8.34 -16.93
C GLY A 59 -7.80 8.07 -17.62
N GLU A 60 -7.86 6.91 -18.19
CA GLU A 60 -9.04 6.37 -18.83
C GLU A 60 -10.00 5.87 -17.74
N ASP A 61 -9.49 5.90 -16.48
CA ASP A 61 -10.26 5.58 -15.26
C ASP A 61 -10.64 4.11 -15.24
N LYS A 62 -9.63 3.22 -15.34
CA LYS A 62 -9.90 1.81 -15.43
C LYS A 62 -8.96 0.90 -14.65
N LEU A 63 -8.00 0.33 -15.34
CA LEU A 63 -7.19 -0.75 -14.80
C LEU A 63 -6.04 -0.24 -13.97
N ILE A 64 -5.84 -0.87 -12.86
CA ILE A 64 -4.73 -0.61 -11.99
C ILE A 64 -3.88 -1.88 -12.04
N SER A 65 -2.65 -1.79 -12.48
CA SER A 65 -1.87 -3.00 -12.67
C SER A 65 -0.51 -2.89 -12.02
N VAL A 66 -0.08 -4.02 -11.48
CA VAL A 66 1.16 -4.14 -10.73
C VAL A 66 2.37 -3.64 -11.52
N GLU A 67 2.50 -4.08 -12.77
CA GLU A 67 3.64 -3.71 -13.61
C GLU A 67 3.75 -2.17 -13.79
N ASP A 68 2.61 -1.57 -14.08
CA ASP A 68 2.50 -0.17 -14.30
C ASP A 68 2.84 0.55 -13.03
N LEU A 69 2.30 0.04 -11.95
CA LEU A 69 2.54 0.58 -10.62
C LEU A 69 3.99 0.45 -10.22
N TRP A 70 4.62 -0.66 -10.58
CA TRP A 70 6.05 -0.89 -10.34
C TRP A 70 6.86 0.23 -10.93
N LYS A 71 6.65 0.49 -12.21
CA LYS A 71 7.41 1.56 -12.82
C LYS A 71 6.95 2.96 -12.40
N ALA A 72 5.69 3.09 -12.00
CA ALA A 72 5.19 4.35 -11.48
C ALA A 72 5.80 4.63 -10.13
N TRP A 73 5.76 3.66 -9.23
CA TRP A 73 6.36 3.75 -7.89
C TRP A 73 7.84 4.09 -7.97
N LYS A 74 8.55 3.44 -8.88
CA LYS A 74 9.97 3.71 -9.09
C LYS A 74 10.22 5.11 -9.71
N SER A 75 9.19 5.71 -10.24
CA SER A 75 9.28 7.02 -10.83
C SER A 75 8.68 8.05 -9.88
N SER A 76 7.93 7.58 -8.91
CA SER A 76 7.27 8.42 -7.98
C SER A 76 8.18 8.75 -6.84
N GLU A 77 7.84 9.79 -6.13
CA GLU A 77 8.60 10.26 -4.98
C GLU A 77 8.61 9.21 -3.87
N VAL A 78 7.60 8.33 -3.92
CA VAL A 78 7.41 7.23 -2.96
C VAL A 78 8.70 6.43 -2.79
N TYR A 79 9.18 5.80 -3.87
CA TYR A 79 10.38 4.96 -3.78
C TYR A 79 11.64 5.79 -3.49
N ASN A 80 11.55 7.07 -3.73
CA ASN A 80 12.65 7.98 -3.52
C ASN A 80 12.72 8.41 -2.05
N TRP A 81 11.59 8.28 -1.35
CA TRP A 81 11.50 8.67 0.03
C TRP A 81 12.31 7.80 0.96
N THR A 82 13.18 8.44 1.71
CA THR A 82 13.99 7.78 2.68
C THR A 82 13.18 7.58 3.98
N VAL A 83 13.86 7.11 5.01
CA VAL A 83 13.25 6.79 6.28
C VAL A 83 12.64 8.05 6.90
N ASP A 84 13.39 9.12 6.91
CA ASP A 84 12.93 10.40 7.52
C ASP A 84 11.66 10.89 6.81
N GLU A 85 11.67 10.79 5.49
CA GLU A 85 10.57 11.21 4.66
C GLU A 85 9.32 10.39 4.93
N VAL A 86 9.46 9.08 4.96
CA VAL A 86 8.31 8.22 5.23
C VAL A 86 7.83 8.39 6.67
N VAL A 87 8.77 8.62 7.57
CA VAL A 87 8.46 8.84 8.95
C VAL A 87 7.53 10.05 9.12
N GLN A 88 7.92 11.18 8.53
CA GLN A 88 7.13 12.38 8.64
C GLN A 88 5.83 12.21 7.88
N TRP A 89 5.89 11.41 6.85
CA TRP A 89 4.74 11.13 6.03
C TRP A 89 3.74 10.31 6.83
N LEU A 90 4.21 9.23 7.44
CA LEU A 90 3.36 8.32 8.16
C LEU A 90 2.72 9.05 9.34
N ILE A 91 3.45 9.94 9.96
CA ILE A 91 2.86 10.65 11.05
C ILE A 91 1.88 11.71 10.56
N THR A 92 2.26 12.50 9.56
CA THR A 92 1.41 13.61 9.13
C THR A 92 0.18 13.09 8.36
N TYR A 93 0.25 11.86 7.90
CA TYR A 93 -0.82 11.26 7.13
C TYR A 93 -1.55 10.18 7.91
N VAL A 94 -0.83 9.21 8.40
CA VAL A 94 -1.42 8.07 9.09
C VAL A 94 -1.77 8.46 10.52
N GLU A 95 -1.01 9.44 11.07
CA GLU A 95 -1.22 9.95 12.41
C GLU A 95 -0.81 8.91 13.44
N LEU A 96 0.15 8.10 13.07
CA LEU A 96 0.66 7.07 13.95
C LEU A 96 1.99 7.49 14.58
N PRO A 97 2.01 7.89 15.84
CA PRO A 97 3.23 8.33 16.52
C PRO A 97 4.13 7.15 16.98
N GLN A 98 3.97 6.02 16.34
CA GLN A 98 4.72 4.79 16.62
C GLN A 98 5.99 4.74 15.76
N TYR A 99 6.17 5.82 15.03
CA TYR A 99 7.22 5.95 14.05
C TYR A 99 8.59 5.69 14.62
N GLU A 100 8.81 6.15 15.86
CA GLU A 100 10.08 6.05 16.54
C GLU A 100 10.53 4.60 16.59
N GLU A 101 9.69 3.79 17.19
CA GLU A 101 9.99 2.41 17.38
C GLU A 101 10.09 1.68 16.07
N THR A 102 9.13 1.89 15.20
CA THR A 102 9.14 1.15 13.96
C THR A 102 10.28 1.56 13.03
N PHE A 103 10.59 2.85 12.96
CA PHE A 103 11.66 3.24 12.06
C PHE A 103 12.98 2.75 12.58
N ARG A 104 13.17 2.77 13.88
CA ARG A 104 14.43 2.26 14.40
C ARG A 104 14.49 0.73 14.32
N LYS A 105 13.33 0.07 14.28
CA LYS A 105 13.28 -1.37 14.14
C LYS A 105 13.52 -1.87 12.72
N LEU A 106 12.80 -1.35 11.74
CA LEU A 106 12.98 -1.86 10.38
C LEU A 106 13.48 -0.84 9.38
N GLN A 107 13.48 0.43 9.77
CA GLN A 107 13.85 1.54 8.88
C GLN A 107 12.97 1.55 7.64
N LEU A 108 11.82 2.09 7.79
CA LEU A 108 10.91 2.13 6.69
C LEU A 108 11.29 3.24 5.72
N SER A 109 10.86 3.12 4.50
CA SER A 109 11.18 4.07 3.45
C SER A 109 10.27 3.79 2.29
N GLY A 110 10.62 4.27 1.11
CA GLY A 110 9.85 4.09 -0.10
C GLY A 110 9.54 2.66 -0.46
N HIS A 111 10.36 1.70 -0.04
CA HIS A 111 10.03 0.30 -0.32
C HIS A 111 9.19 -0.26 0.83
N ALA A 112 9.35 0.34 1.99
CA ALA A 112 8.63 -0.11 3.12
C ALA A 112 7.22 0.43 3.11
N MET A 113 7.00 1.52 2.38
CA MET A 113 5.64 2.09 2.22
C MET A 113 4.68 1.01 1.68
N PRO A 114 4.99 0.33 0.53
CA PRO A 114 4.17 -0.77 0.08
C PRO A 114 4.36 -1.99 0.97
N ARG A 115 5.60 -2.24 1.44
CA ARG A 115 5.82 -3.43 2.30
C ARG A 115 4.96 -3.37 3.61
N LEU A 116 4.57 -2.17 4.03
CA LEU A 116 3.75 -2.04 5.25
C LEU A 116 2.27 -1.96 4.92
N ALA A 117 1.97 -1.72 3.65
CA ALA A 117 0.59 -1.56 3.20
C ALA A 117 -0.13 -2.91 3.19
N VAL A 118 0.63 -3.98 3.28
CA VAL A 118 0.03 -5.28 3.33
C VAL A 118 -0.04 -5.79 4.77
N THR A 119 -1.28 -6.00 5.24
CA THR A 119 -1.59 -6.42 6.61
C THR A 119 -0.86 -5.52 7.65
N ASN A 120 -0.60 -6.03 8.81
CA ASN A 120 0.14 -5.28 9.82
C ASN A 120 1.40 -6.04 10.18
N THR A 121 1.31 -7.37 10.07
CA THR A 121 2.34 -8.29 10.43
C THR A 121 3.62 -8.05 9.64
N THR A 122 3.47 -7.67 8.39
CA THR A 122 4.59 -7.43 7.51
C THR A 122 5.43 -6.23 8.02
N MET A 123 4.77 -5.23 8.55
CA MET A 123 5.46 -4.07 9.07
C MET A 123 6.01 -4.31 10.46
N THR A 124 5.16 -4.80 11.33
CA THR A 124 5.48 -4.90 12.72
C THR A 124 6.44 -6.04 13.06
N GLY A 125 7.33 -5.74 13.97
CA GLY A 125 8.23 -6.71 14.54
C GLY A 125 8.43 -6.43 16.01
N THR A 126 7.48 -5.70 16.59
CA THR A 126 7.52 -5.31 17.98
C THR A 126 6.09 -5.31 18.54
N VAL A 127 5.27 -4.42 18.01
CA VAL A 127 3.87 -4.37 18.36
C VAL A 127 3.14 -3.50 17.36
N LEU A 128 3.45 -2.22 17.32
CA LEU A 128 2.90 -1.30 16.34
C LEU A 128 1.39 -1.29 16.31
N LYS A 129 0.79 -0.64 17.29
CA LYS A 129 -0.67 -0.48 17.39
C LYS A 129 -1.39 -1.83 17.59
N MET A 130 -1.92 -2.03 18.78
CA MET A 130 -2.52 -3.30 19.23
C MET A 130 -3.87 -3.65 18.57
N THR A 131 -4.14 -3.08 17.43
CA THR A 131 -5.33 -3.38 16.68
C THR A 131 -4.90 -3.70 15.29
N ASP A 132 -4.91 -4.96 14.92
CA ASP A 132 -4.47 -5.39 13.60
C ASP A 132 -5.27 -4.67 12.51
N ARG A 133 -6.56 -4.48 12.79
CA ARG A 133 -7.46 -3.87 11.87
C ARG A 133 -7.19 -2.39 11.75
N SER A 134 -7.09 -1.72 12.85
CA SER A 134 -6.97 -0.30 12.79
C SER A 134 -5.59 0.09 12.27
N HIS A 135 -4.58 -0.71 12.61
CA HIS A 135 -3.24 -0.46 12.18
C HIS A 135 -3.16 -0.60 10.67
N ARG A 136 -3.58 -1.77 10.16
CA ARG A 136 -3.47 -1.97 8.73
C ARG A 136 -4.34 -1.01 7.96
N GLN A 137 -5.53 -0.70 8.48
CA GLN A 137 -6.40 0.22 7.78
C GLN A 137 -5.81 1.62 7.65
N LYS A 138 -5.27 2.19 8.74
CA LYS A 138 -4.70 3.51 8.62
C LYS A 138 -3.44 3.49 7.74
N LEU A 139 -2.58 2.51 8.00
CA LEU A 139 -1.35 2.37 7.26
C LEU A 139 -1.61 2.10 5.81
N GLN A 140 -2.43 1.10 5.48
CA GLN A 140 -2.68 0.77 4.09
C GLN A 140 -3.38 1.92 3.39
N LEU A 141 -4.30 2.60 4.08
CA LEU A 141 -5.03 3.69 3.48
C LEU A 141 -4.04 4.72 2.96
N LYS A 142 -3.14 5.16 3.83
CA LYS A 142 -2.19 6.17 3.41
C LYS A 142 -1.07 5.58 2.56
N ALA A 143 -0.54 4.43 2.94
CA ALA A 143 0.57 3.79 2.23
C ALA A 143 0.18 3.38 0.84
N LEU A 144 -0.92 2.70 0.74
CA LEU A 144 -1.38 2.21 -0.52
C LEU A 144 -1.81 3.36 -1.39
N ASP A 145 -2.56 4.33 -0.82
CA ASP A 145 -2.94 5.51 -1.63
C ASP A 145 -1.67 6.23 -2.10
N THR A 146 -0.64 6.19 -1.29
CA THR A 146 0.60 6.84 -1.65
C THR A 146 1.42 6.05 -2.70
N VAL A 147 1.54 4.73 -2.56
CA VAL A 147 2.30 3.94 -3.53
C VAL A 147 1.59 3.93 -4.88
N LEU A 148 0.29 4.14 -4.84
CA LEU A 148 -0.50 4.17 -6.05
C LEU A 148 -0.60 5.60 -6.60
N PHE A 149 -0.99 6.54 -5.77
CA PHE A 149 -1.21 7.94 -6.16
C PHE A 149 -0.01 8.79 -5.76
N GLY A 150 0.21 8.91 -4.46
CA GLY A 150 1.34 9.70 -3.92
C GLY A 150 1.38 11.14 -4.43
N GLY A 1 2.89 -19.45 -7.19
CA GLY A 1 1.47 -19.78 -7.26
C GLY A 1 0.76 -19.34 -6.01
N SER A 2 -0.39 -18.73 -6.15
CA SER A 2 -1.13 -18.26 -5.01
C SER A 2 -2.61 -18.37 -5.26
N HIS A 3 -3.38 -18.47 -4.20
CA HIS A 3 -4.81 -18.41 -4.31
C HIS A 3 -5.18 -16.94 -4.52
N MET A 4 -4.46 -16.07 -3.82
CA MET A 4 -4.66 -14.64 -3.99
C MET A 4 -3.57 -14.06 -4.84
N ALA A 5 -2.45 -13.85 -4.20
CA ALA A 5 -1.35 -13.10 -4.73
C ALA A 5 -0.21 -13.44 -3.81
N SER A 6 -0.61 -13.47 -2.56
CA SER A 6 0.09 -14.01 -1.41
C SER A 6 1.63 -14.01 -1.47
N SER A 7 2.20 -15.00 -2.10
CA SER A 7 3.60 -15.18 -2.17
C SER A 7 3.97 -15.93 -3.43
N GLU A 8 5.08 -15.57 -4.01
CA GLU A 8 5.49 -16.22 -5.22
C GLU A 8 6.62 -17.14 -4.90
N ASP A 9 7.48 -16.68 -4.02
CA ASP A 9 8.63 -17.45 -3.64
C ASP A 9 8.85 -17.26 -2.15
N GLU A 10 9.39 -16.12 -1.81
CA GLU A 10 9.64 -15.64 -0.46
C GLU A 10 9.60 -14.14 -0.58
N LYS A 11 9.42 -13.42 0.52
CA LYS A 11 9.15 -11.97 0.47
C LYS A 11 10.08 -11.15 -0.39
N LEU A 12 9.57 -10.87 -1.56
CA LEU A 12 10.20 -10.14 -2.60
C LEU A 12 9.28 -8.96 -2.89
N SER A 13 9.75 -7.96 -3.60
CA SER A 13 8.95 -6.80 -3.88
C SER A 13 7.76 -7.14 -4.78
N PHE A 14 7.98 -8.03 -5.74
CA PHE A 14 6.97 -8.40 -6.73
C PHE A 14 5.69 -8.96 -6.08
N GLU A 15 5.84 -9.99 -5.29
CA GLU A 15 4.69 -10.62 -4.66
C GLU A 15 4.00 -9.68 -3.67
N ALA A 16 4.81 -8.87 -2.98
CA ALA A 16 4.29 -7.98 -2.00
C ALA A 16 3.50 -6.89 -2.68
N VAL A 17 4.10 -6.31 -3.72
CA VAL A 17 3.51 -5.23 -4.46
C VAL A 17 2.17 -5.68 -5.05
N ARG A 18 2.17 -6.88 -5.67
CA ARG A 18 0.97 -7.39 -6.27
C ARG A 18 -0.08 -7.70 -5.22
N ASN A 19 0.37 -8.03 -4.01
CA ASN A 19 -0.54 -8.33 -2.93
C ASN A 19 -1.34 -7.07 -2.57
N ILE A 20 -0.62 -5.97 -2.34
CA ILE A 20 -1.30 -4.74 -1.96
C ILE A 20 -2.18 -4.25 -3.12
N HIS A 21 -1.73 -4.46 -4.35
CA HIS A 21 -2.50 -4.09 -5.51
C HIS A 21 -3.73 -5.03 -5.68
N LYS A 22 -3.61 -6.27 -5.19
CA LYS A 22 -4.70 -7.26 -5.24
C LYS A 22 -5.77 -6.82 -4.25
N LEU A 23 -5.37 -6.04 -3.24
CA LEU A 23 -6.34 -5.38 -2.32
C LEU A 23 -7.45 -4.60 -3.09
N MET A 24 -7.23 -4.34 -4.36
CA MET A 24 -8.23 -3.79 -5.25
C MET A 24 -8.67 -4.86 -6.26
N ASP A 25 -7.70 -5.41 -7.01
CA ASP A 25 -7.93 -6.57 -7.90
C ASP A 25 -8.33 -7.81 -7.08
N ASP A 26 -9.61 -7.88 -6.73
CA ASP A 26 -10.21 -8.94 -5.88
C ASP A 26 -9.87 -10.35 -6.31
N ASP A 27 -9.86 -10.62 -7.59
CA ASP A 27 -9.60 -11.98 -8.06
C ASP A 27 -8.11 -12.19 -8.24
N ALA A 28 -7.38 -11.09 -8.18
CA ALA A 28 -5.95 -11.04 -8.35
C ALA A 28 -5.48 -11.74 -9.63
N ASN A 29 -5.53 -11.02 -10.71
CA ASN A 29 -5.16 -11.51 -12.01
C ASN A 29 -4.06 -10.61 -12.59
N GLY A 30 -3.66 -9.63 -11.80
CA GLY A 30 -2.59 -8.72 -12.18
C GLY A 30 -3.10 -7.38 -12.59
N ASP A 31 -4.39 -7.31 -12.81
CA ASP A 31 -5.04 -6.07 -13.17
C ASP A 31 -6.35 -5.93 -12.47
N VAL A 32 -6.49 -4.80 -11.90
CA VAL A 32 -7.61 -4.44 -11.14
C VAL A 32 -8.67 -3.93 -12.07
N ASP A 33 -9.76 -4.66 -12.17
CA ASP A 33 -10.86 -4.27 -13.01
C ASP A 33 -11.66 -3.20 -12.30
N VAL A 34 -12.42 -2.46 -13.05
CA VAL A 34 -13.25 -1.42 -12.52
C VAL A 34 -14.35 -2.00 -11.62
N GLU A 35 -14.81 -3.21 -11.93
CA GLU A 35 -15.82 -3.86 -11.12
C GLU A 35 -15.21 -4.49 -9.89
N GLU A 36 -14.01 -5.03 -10.06
CA GLU A 36 -13.27 -5.68 -8.97
C GLU A 36 -13.00 -4.69 -7.86
N SER A 37 -12.52 -3.53 -8.25
CA SER A 37 -12.15 -2.52 -7.31
C SER A 37 -13.30 -1.68 -6.82
N ASP A 38 -14.53 -1.97 -7.31
CA ASP A 38 -15.71 -1.10 -7.12
C ASP A 38 -15.77 -0.52 -5.73
N GLU A 39 -15.95 -1.33 -4.71
CA GLU A 39 -15.95 -0.81 -3.34
C GLU A 39 -14.51 -0.64 -2.80
N PHE A 40 -13.66 -1.58 -3.20
CA PHE A 40 -12.28 -1.72 -2.74
C PHE A 40 -11.49 -0.45 -2.84
N LEU A 41 -11.18 -0.01 -4.06
CA LEU A 41 -10.31 1.16 -4.23
C LEU A 41 -10.83 2.36 -3.44
N ARG A 42 -12.19 2.55 -3.54
CA ARG A 42 -12.90 3.67 -2.92
C ARG A 42 -12.52 3.76 -1.49
N GLU A 43 -12.83 2.74 -0.76
CA GLU A 43 -12.60 2.80 0.64
C GLU A 43 -11.17 2.51 0.99
N ASP A 44 -10.66 1.39 0.44
CA ASP A 44 -9.33 0.84 0.76
C ASP A 44 -8.24 1.85 0.78
N LEU A 45 -8.26 2.83 -0.13
CA LEU A 45 -7.33 3.94 0.07
C LEU A 45 -7.90 5.30 -0.25
N ASN A 46 -9.10 5.38 -0.76
CA ASN A 46 -9.59 6.67 -1.14
C ASN A 46 -10.62 7.13 -0.14
N TYR A 47 -10.86 6.25 0.87
CA TYR A 47 -11.73 6.48 2.03
C TYR A 47 -13.15 6.98 1.72
N HIS A 48 -13.58 6.88 0.46
CA HIS A 48 -14.90 7.34 0.06
C HIS A 48 -15.23 6.83 -1.34
N ASP A 49 -14.60 7.44 -2.33
CA ASP A 49 -14.79 7.08 -3.72
C ASP A 49 -13.47 7.28 -4.40
N PRO A 50 -13.16 6.48 -5.41
CA PRO A 50 -11.92 6.55 -6.09
C PRO A 50 -11.93 7.61 -7.16
N THR A 51 -12.21 7.22 -8.42
CA THR A 51 -12.22 8.09 -9.57
C THR A 51 -10.82 8.70 -9.85
N VAL A 52 -10.34 9.49 -8.90
CA VAL A 52 -9.08 10.18 -8.99
C VAL A 52 -7.95 9.20 -9.23
N LYS A 53 -7.78 8.22 -8.34
CA LYS A 53 -6.70 7.26 -8.49
C LYS A 53 -6.83 6.42 -9.74
N HIS A 54 -8.05 6.11 -10.11
CA HIS A 54 -8.35 5.35 -11.31
C HIS A 54 -7.79 6.07 -12.56
N SER A 55 -8.24 7.30 -12.76
CA SER A 55 -7.85 8.05 -13.92
C SER A 55 -6.44 8.64 -13.77
N THR A 56 -5.96 8.78 -12.56
CA THR A 56 -4.61 9.23 -12.34
C THR A 56 -3.63 8.14 -12.80
N PHE A 57 -3.94 6.88 -12.49
CA PHE A 57 -3.05 5.85 -12.94
C PHE A 57 -3.18 5.57 -14.43
N HIS A 58 -4.35 5.12 -14.86
CA HIS A 58 -4.47 4.79 -16.28
C HIS A 58 -4.68 6.02 -17.15
N GLY A 59 -5.73 6.74 -16.87
CA GLY A 59 -6.05 7.96 -17.54
C GLY A 59 -7.49 7.94 -17.92
N GLU A 60 -7.72 7.49 -19.10
CA GLU A 60 -9.05 7.39 -19.65
C GLU A 60 -9.62 6.05 -19.26
N ASP A 61 -8.73 5.14 -19.04
CA ASP A 61 -9.06 3.80 -18.64
C ASP A 61 -8.92 3.79 -17.15
N LYS A 62 -9.42 2.79 -16.49
CA LYS A 62 -9.44 2.83 -15.07
C LYS A 62 -8.84 1.57 -14.46
N LEU A 63 -8.24 0.70 -15.29
CA LEU A 63 -7.66 -0.54 -14.78
C LEU A 63 -6.32 -0.27 -14.16
N ILE A 64 -6.08 -0.87 -13.06
CA ILE A 64 -4.85 -0.67 -12.33
C ILE A 64 -4.03 -1.97 -12.47
N SER A 65 -2.73 -1.89 -12.70
CA SER A 65 -1.93 -3.12 -12.88
C SER A 65 -0.71 -3.08 -12.00
N VAL A 66 -0.30 -4.24 -11.50
CA VAL A 66 0.76 -4.30 -10.51
C VAL A 66 2.11 -3.92 -11.08
N GLU A 67 2.39 -4.37 -12.30
CA GLU A 67 3.67 -4.11 -12.91
C GLU A 67 3.82 -2.64 -13.23
N ASP A 68 2.79 -2.01 -13.73
CA ASP A 68 2.90 -0.59 -14.02
C ASP A 68 2.79 0.26 -12.81
N LEU A 69 2.21 -0.27 -11.75
CA LEU A 69 2.25 0.41 -10.47
C LEU A 69 3.67 0.38 -9.96
N TRP A 70 4.33 -0.75 -10.18
CA TRP A 70 5.77 -0.91 -9.91
C TRP A 70 6.56 0.22 -10.65
N LYS A 71 6.30 0.34 -11.96
CA LYS A 71 6.90 1.43 -12.80
C LYS A 71 6.57 2.81 -12.24
N ALA A 72 5.30 3.03 -11.92
CA ALA A 72 4.84 4.30 -11.40
C ALA A 72 5.47 4.62 -10.08
N TRP A 73 5.37 3.71 -9.14
CA TRP A 73 5.89 3.86 -7.79
C TRP A 73 7.36 4.22 -7.79
N LYS A 74 8.15 3.53 -8.61
CA LYS A 74 9.58 3.83 -8.71
C LYS A 74 9.84 5.24 -9.27
N SER A 75 8.88 5.74 -10.03
CA SER A 75 9.01 7.03 -10.69
C SER A 75 8.21 8.09 -9.94
N SER A 76 7.58 7.69 -8.86
CA SER A 76 6.80 8.58 -8.08
C SER A 76 7.62 9.02 -6.86
N GLU A 77 7.12 10.00 -6.13
CA GLU A 77 7.85 10.56 -5.00
C GLU A 77 8.01 9.55 -3.89
N VAL A 78 7.01 8.67 -3.78
CA VAL A 78 6.97 7.60 -2.79
C VAL A 78 8.24 6.77 -2.74
N TYR A 79 8.75 6.31 -3.86
CA TYR A 79 9.91 5.44 -3.85
C TYR A 79 11.21 6.20 -3.52
N ASN A 80 11.21 7.50 -3.72
CA ASN A 80 12.40 8.30 -3.47
C ASN A 80 12.45 8.72 -1.99
N TRP A 81 11.28 8.75 -1.35
CA TRP A 81 11.20 9.12 0.06
C TRP A 81 12.01 8.24 0.97
N THR A 82 12.90 8.86 1.71
CA THR A 82 13.74 8.18 2.65
C THR A 82 12.96 7.91 3.95
N VAL A 83 13.66 7.37 4.95
CA VAL A 83 13.08 7.01 6.22
C VAL A 83 12.47 8.23 6.91
N ASP A 84 13.20 9.31 6.87
CA ASP A 84 12.76 10.56 7.50
C ASP A 84 11.46 11.09 6.87
N GLU A 85 11.37 10.96 5.56
CA GLU A 85 10.23 11.43 4.82
C GLU A 85 9.01 10.55 5.12
N VAL A 86 9.21 9.24 5.15
CA VAL A 86 8.10 8.33 5.46
C VAL A 86 7.67 8.49 6.89
N VAL A 87 8.62 8.77 7.77
CA VAL A 87 8.35 8.98 9.14
C VAL A 87 7.42 10.17 9.33
N GLN A 88 7.76 11.32 8.72
CA GLN A 88 6.93 12.48 8.86
C GLN A 88 5.60 12.27 8.15
N TRP A 89 5.63 11.48 7.09
CA TRP A 89 4.47 11.21 6.31
C TRP A 89 3.51 10.34 7.08
N LEU A 90 4.02 9.27 7.64
CA LEU A 90 3.21 8.33 8.35
C LEU A 90 2.61 8.99 9.58
N ILE A 91 3.34 9.85 10.22
CA ILE A 91 2.79 10.51 11.37
C ILE A 91 1.77 11.58 10.99
N THR A 92 2.08 12.40 9.98
CA THR A 92 1.19 13.49 9.63
C THR A 92 -0.09 12.95 8.93
N TYR A 93 0.01 11.76 8.39
CA TYR A 93 -1.08 11.14 7.65
C TYR A 93 -1.74 10.01 8.39
N VAL A 94 -0.98 9.07 8.87
CA VAL A 94 -1.53 7.93 9.58
C VAL A 94 -1.80 8.32 11.00
N GLU A 95 -1.01 9.28 11.51
CA GLU A 95 -1.12 9.78 12.86
C GLU A 95 -0.81 8.66 13.82
N LEU A 96 0.14 7.87 13.42
CA LEU A 96 0.62 6.77 14.19
C LEU A 96 2.00 7.14 14.74
N PRO A 97 2.10 7.42 16.03
CA PRO A 97 3.37 7.80 16.65
C PRO A 97 4.29 6.59 17.02
N GLN A 98 4.19 5.50 16.27
CA GLN A 98 5.01 4.32 16.54
C GLN A 98 6.27 4.38 15.69
N TYR A 99 6.40 5.50 15.00
CA TYR A 99 7.45 5.75 14.02
C TYR A 99 8.82 5.58 14.61
N GLU A 100 9.01 6.05 15.84
CA GLU A 100 10.29 6.04 16.52
C GLU A 100 10.82 4.62 16.54
N GLU A 101 10.02 3.76 17.12
CA GLU A 101 10.35 2.38 17.27
C GLU A 101 10.46 1.68 15.94
N THR A 102 9.47 1.78 15.11
CA THR A 102 9.49 1.03 13.86
C THR A 102 10.63 1.50 12.93
N PHE A 103 10.88 2.80 12.87
CA PHE A 103 11.94 3.26 12.00
C PHE A 103 13.29 2.84 12.54
N ARG A 104 13.43 2.86 13.87
CA ARG A 104 14.69 2.44 14.47
C ARG A 104 14.87 0.91 14.38
N LYS A 105 13.76 0.21 14.34
CA LYS A 105 13.77 -1.25 14.25
C LYS A 105 14.06 -1.74 12.83
N LEU A 106 13.32 -1.23 11.85
CA LEU A 106 13.42 -1.75 10.50
C LEU A 106 13.82 -0.74 9.43
N GLN A 107 13.73 0.56 9.74
CA GLN A 107 13.90 1.65 8.75
C GLN A 107 12.92 1.53 7.61
N LEU A 108 11.87 2.25 7.70
CA LEU A 108 10.91 2.23 6.66
C LEU A 108 11.16 3.38 5.69
N SER A 109 10.65 3.29 4.49
CA SER A 109 10.86 4.29 3.46
C SER A 109 9.92 3.99 2.31
N GLY A 110 10.26 4.46 1.12
CA GLY A 110 9.45 4.26 -0.04
C GLY A 110 9.23 2.82 -0.42
N HIS A 111 10.15 1.94 -0.04
CA HIS A 111 9.96 0.50 -0.31
C HIS A 111 9.19 -0.17 0.83
N ALA A 112 9.33 0.40 2.01
CA ALA A 112 8.64 -0.12 3.13
C ALA A 112 7.18 0.24 3.04
N MET A 113 6.88 1.39 2.41
CA MET A 113 5.50 1.82 2.17
C MET A 113 4.62 0.68 1.59
N PRO A 114 4.98 0.06 0.42
CA PRO A 114 4.22 -1.06 -0.05
C PRO A 114 4.46 -2.28 0.81
N ARG A 115 5.70 -2.50 1.27
CA ARG A 115 5.95 -3.70 2.11
C ARG A 115 5.09 -3.69 3.41
N LEU A 116 4.70 -2.51 3.92
CA LEU A 116 3.85 -2.44 5.11
C LEU A 116 2.38 -2.29 4.76
N ALA A 117 2.10 -1.96 3.51
CA ALA A 117 0.74 -1.71 3.07
C ALA A 117 -0.08 -3.00 3.01
N VAL A 118 0.58 -4.14 3.12
CA VAL A 118 -0.15 -5.39 3.14
C VAL A 118 0.11 -6.12 4.45
N THR A 119 -0.98 -6.33 5.19
CA THR A 119 -1.01 -6.98 6.51
C THR A 119 -0.07 -6.33 7.56
N ASN A 120 -0.64 -5.95 8.70
CA ASN A 120 0.12 -5.26 9.77
C ASN A 120 1.31 -6.10 10.23
N THR A 121 1.14 -7.40 10.17
CA THR A 121 2.11 -8.40 10.54
C THR A 121 3.47 -8.18 9.83
N THR A 122 3.42 -7.74 8.58
CA THR A 122 4.63 -7.53 7.80
C THR A 122 5.43 -6.35 8.37
N MET A 123 4.73 -5.33 8.82
CA MET A 123 5.38 -4.18 9.38
C MET A 123 5.78 -4.40 10.82
N THR A 124 4.81 -4.75 11.64
CA THR A 124 5.02 -4.84 13.07
C THR A 124 5.99 -5.97 13.45
N GLY A 125 7.00 -5.57 14.17
CA GLY A 125 8.01 -6.48 14.66
C GLY A 125 8.49 -6.01 16.00
N THR A 126 7.63 -5.27 16.66
CA THR A 126 7.82 -4.67 17.97
C THR A 126 6.42 -4.21 18.35
N VAL A 127 6.24 -3.58 19.47
CA VAL A 127 4.95 -3.01 19.80
C VAL A 127 4.67 -1.74 18.95
N LEU A 128 4.04 -1.95 17.84
CA LEU A 128 3.66 -0.86 16.96
C LEU A 128 2.23 -0.40 17.24
N LYS A 129 1.38 -1.36 17.40
CA LYS A 129 -0.03 -1.14 17.60
C LYS A 129 -0.64 -2.51 17.82
N MET A 130 -1.55 -2.64 18.74
CA MET A 130 -2.09 -3.94 19.07
C MET A 130 -3.36 -4.29 18.33
N THR A 131 -4.06 -3.30 17.85
CA THR A 131 -5.21 -3.56 17.02
C THR A 131 -4.76 -3.84 15.60
N ASP A 132 -4.78 -5.12 15.24
CA ASP A 132 -4.31 -5.55 13.94
C ASP A 132 -5.06 -4.87 12.83
N ARG A 133 -6.39 -4.74 12.96
CA ARG A 133 -7.17 -4.16 11.90
C ARG A 133 -6.95 -2.68 11.84
N SER A 134 -6.85 -2.03 12.98
CA SER A 134 -6.68 -0.59 12.99
C SER A 134 -5.34 -0.25 12.38
N HIS A 135 -4.33 -1.03 12.72
CA HIS A 135 -3.00 -0.81 12.21
C HIS A 135 -2.97 -1.02 10.69
N ARG A 136 -3.49 -2.15 10.22
CA ARG A 136 -3.50 -2.42 8.78
C ARG A 136 -4.39 -1.46 8.02
N GLN A 137 -5.52 -1.07 8.60
CA GLN A 137 -6.44 -0.16 7.93
C GLN A 137 -5.83 1.21 7.72
N LYS A 138 -5.26 1.78 8.78
CA LYS A 138 -4.68 3.10 8.67
C LYS A 138 -3.44 3.08 7.80
N LEU A 139 -2.58 2.10 8.02
CA LEU A 139 -1.39 1.95 7.21
C LEU A 139 -1.71 1.69 5.76
N GLN A 140 -2.63 0.76 5.45
CA GLN A 140 -2.92 0.51 4.04
C GLN A 140 -3.55 1.74 3.42
N LEU A 141 -4.42 2.42 4.16
CA LEU A 141 -5.09 3.59 3.63
C LEU A 141 -4.05 4.61 3.16
N LYS A 142 -3.11 4.94 4.03
CA LYS A 142 -2.13 5.94 3.68
C LYS A 142 -1.03 5.39 2.78
N ALA A 143 -0.49 4.23 3.11
CA ALA A 143 0.61 3.64 2.35
C ALA A 143 0.19 3.25 0.96
N LEU A 144 -0.96 2.64 0.84
CA LEU A 144 -1.45 2.24 -0.43
C LEU A 144 -1.84 3.47 -1.25
N ASP A 145 -2.50 4.47 -0.60
CA ASP A 145 -2.79 5.75 -1.29
C ASP A 145 -1.49 6.36 -1.82
N THR A 146 -0.43 6.19 -1.06
CA THR A 146 0.86 6.74 -1.39
C THR A 146 1.59 5.94 -2.51
N VAL A 147 1.61 4.62 -2.43
CA VAL A 147 2.30 3.82 -3.46
C VAL A 147 1.54 3.89 -4.77
N LEU A 148 0.26 4.17 -4.68
CA LEU A 148 -0.54 4.29 -5.87
C LEU A 148 -0.51 5.72 -6.40
N PHE A 149 -0.83 6.69 -5.58
CA PHE A 149 -0.84 8.08 -6.03
C PHE A 149 0.41 8.77 -5.49
N GLY A 150 0.48 8.94 -4.19
CA GLY A 150 1.62 9.57 -3.57
C GLY A 150 1.47 11.07 -3.45
N GLY A 1 0.53 -15.04 3.13
CA GLY A 1 0.22 -14.34 1.90
C GLY A 1 -1.26 -14.37 1.65
N SER A 2 -1.62 -14.82 0.47
CA SER A 2 -3.01 -14.92 0.10
C SER A 2 -3.16 -16.08 -0.87
N HIS A 3 -4.34 -16.66 -0.91
CA HIS A 3 -4.61 -17.67 -1.90
C HIS A 3 -5.00 -16.98 -3.21
N MET A 4 -5.58 -15.79 -3.08
CA MET A 4 -5.96 -14.96 -4.22
C MET A 4 -4.74 -14.21 -4.75
N ALA A 5 -4.37 -14.52 -5.99
CA ALA A 5 -3.18 -14.00 -6.69
C ALA A 5 -1.90 -14.54 -6.10
N SER A 6 -0.85 -14.50 -6.88
CA SER A 6 0.42 -14.97 -6.45
C SER A 6 0.97 -14.06 -5.37
N SER A 7 0.82 -14.51 -4.17
CA SER A 7 1.27 -13.85 -2.99
C SER A 7 1.47 -14.91 -1.94
N GLU A 8 2.58 -15.58 -2.06
CA GLU A 8 2.87 -16.74 -1.29
C GLU A 8 3.81 -16.44 -0.09
N ASP A 9 5.07 -16.73 -0.27
CA ASP A 9 6.09 -16.49 0.74
C ASP A 9 7.43 -16.44 0.06
N GLU A 10 7.85 -15.28 -0.29
CA GLU A 10 9.13 -15.10 -0.93
C GLU A 10 10.07 -14.41 0.06
N LYS A 11 9.44 -13.85 1.10
CA LYS A 11 10.07 -13.09 2.18
C LYS A 11 10.66 -11.83 1.56
N LEU A 12 10.03 -11.38 0.51
CA LEU A 12 10.49 -10.27 -0.27
C LEU A 12 9.47 -9.14 -0.16
N SER A 13 9.76 -8.00 -0.74
CA SER A 13 8.83 -6.91 -0.73
C SER A 13 8.12 -6.77 -2.09
N PHE A 14 8.55 -7.55 -3.09
CA PHE A 14 7.89 -7.58 -4.39
C PHE A 14 6.53 -8.18 -4.24
N GLU A 15 6.48 -9.26 -3.49
CA GLU A 15 5.25 -9.91 -3.21
C GLU A 15 4.34 -8.97 -2.44
N ALA A 16 4.95 -8.19 -1.57
CA ALA A 16 4.24 -7.24 -0.78
C ALA A 16 3.62 -6.17 -1.67
N VAL A 17 4.43 -5.55 -2.53
CA VAL A 17 3.95 -4.49 -3.43
C VAL A 17 2.81 -4.99 -4.33
N ARG A 18 2.99 -6.16 -4.92
CA ARG A 18 1.96 -6.72 -5.78
C ARG A 18 0.75 -7.11 -4.98
N ASN A 19 0.96 -7.45 -3.73
CA ASN A 19 -0.12 -7.84 -2.84
C ASN A 19 -1.04 -6.66 -2.58
N ILE A 20 -0.48 -5.51 -2.20
CA ILE A 20 -1.34 -4.35 -1.94
C ILE A 20 -1.97 -3.87 -3.23
N HIS A 21 -1.28 -4.05 -4.37
CA HIS A 21 -1.87 -3.70 -5.65
C HIS A 21 -3.01 -4.67 -6.04
N LYS A 22 -2.80 -5.96 -5.76
CA LYS A 22 -3.80 -7.00 -6.06
C LYS A 22 -5.03 -6.82 -5.15
N LEU A 23 -4.79 -6.19 -4.00
CA LEU A 23 -5.78 -5.93 -2.93
C LEU A 23 -7.05 -5.22 -3.44
N MET A 24 -6.91 -4.44 -4.49
CA MET A 24 -8.05 -3.74 -5.06
C MET A 24 -8.85 -4.62 -5.96
N ASP A 25 -8.17 -5.39 -6.77
CA ASP A 25 -8.80 -6.39 -7.62
C ASP A 25 -9.56 -7.44 -6.78
N ASP A 26 -10.75 -7.80 -7.24
CA ASP A 26 -11.62 -8.75 -6.56
C ASP A 26 -11.17 -10.19 -6.77
N ASP A 27 -10.76 -10.51 -7.98
CA ASP A 27 -10.36 -11.90 -8.28
C ASP A 27 -8.87 -12.02 -8.16
N ALA A 28 -8.24 -10.88 -8.03
CA ALA A 28 -6.82 -10.75 -7.95
C ALA A 28 -6.09 -11.45 -9.11
N ASN A 29 -6.10 -10.83 -10.27
CA ASN A 29 -5.47 -11.40 -11.46
C ASN A 29 -4.24 -10.59 -11.84
N GLY A 30 -3.87 -9.67 -10.98
CA GLY A 30 -2.69 -8.85 -11.20
C GLY A 30 -3.05 -7.47 -11.73
N ASP A 31 -4.29 -7.34 -12.16
CA ASP A 31 -4.82 -6.09 -12.63
C ASP A 31 -6.25 -5.91 -12.22
N VAL A 32 -6.49 -4.71 -11.78
CA VAL A 32 -7.72 -4.30 -11.17
C VAL A 32 -8.58 -3.48 -12.14
N ASP A 33 -9.64 -4.03 -12.61
CA ASP A 33 -10.61 -3.29 -13.44
C ASP A 33 -11.63 -2.61 -12.53
N VAL A 34 -12.32 -1.63 -13.07
CA VAL A 34 -13.30 -0.80 -12.37
C VAL A 34 -14.44 -1.62 -11.74
N GLU A 35 -14.77 -2.76 -12.34
CA GLU A 35 -15.82 -3.60 -11.80
C GLU A 35 -15.30 -4.44 -10.65
N GLU A 36 -14.02 -4.75 -10.71
CA GLU A 36 -13.39 -5.61 -9.72
C GLU A 36 -13.16 -4.85 -8.43
N SER A 37 -12.69 -3.65 -8.57
CA SER A 37 -12.36 -2.76 -7.48
C SER A 37 -13.55 -2.03 -6.91
N ASP A 38 -14.75 -2.34 -7.43
CA ASP A 38 -15.98 -1.54 -7.25
C ASP A 38 -16.12 -0.97 -5.85
N GLU A 39 -16.23 -1.79 -4.83
CA GLU A 39 -16.26 -1.29 -3.45
C GLU A 39 -14.82 -1.03 -2.93
N PHE A 40 -13.95 -2.02 -3.23
CA PHE A 40 -12.55 -2.08 -2.76
C PHE A 40 -11.82 -0.79 -2.85
N LEU A 41 -11.41 -0.40 -4.06
CA LEU A 41 -10.55 0.77 -4.25
C LEU A 41 -11.13 2.02 -3.57
N ARG A 42 -12.50 2.16 -3.70
CA ARG A 42 -13.23 3.31 -3.16
C ARG A 42 -12.87 3.49 -1.77
N GLU A 43 -13.21 2.52 -0.96
CA GLU A 43 -12.98 2.67 0.44
C GLU A 43 -11.52 2.52 0.74
N ASP A 44 -10.98 1.39 0.22
CA ASP A 44 -9.68 0.83 0.57
C ASP A 44 -8.60 1.85 0.64
N LEU A 45 -8.56 2.80 -0.30
CA LEU A 45 -7.66 3.91 -0.08
C LEU A 45 -8.23 5.25 -0.48
N ASN A 46 -9.43 5.29 -1.01
CA ASN A 46 -9.92 6.54 -1.55
C ASN A 46 -11.01 7.11 -0.69
N TYR A 47 -11.49 6.29 0.26
CA TYR A 47 -12.60 6.60 1.13
C TYR A 47 -13.94 6.70 0.35
N HIS A 48 -14.05 7.75 -0.48
CA HIS A 48 -15.29 8.09 -1.18
C HIS A 48 -15.37 7.43 -2.57
N ASP A 49 -14.69 8.02 -3.53
CA ASP A 49 -14.77 7.54 -4.89
C ASP A 49 -13.38 7.26 -5.43
N PRO A 50 -13.19 6.09 -6.04
CA PRO A 50 -11.90 5.64 -6.55
C PRO A 50 -11.62 6.14 -7.94
N THR A 51 -12.57 6.87 -8.47
CA THR A 51 -12.54 7.45 -9.77
C THR A 51 -11.30 8.34 -9.87
N VAL A 52 -10.96 8.96 -8.74
CA VAL A 52 -9.79 9.78 -8.65
C VAL A 52 -8.54 8.94 -9.00
N LYS A 53 -8.33 7.83 -8.29
CA LYS A 53 -7.22 6.96 -8.58
C LYS A 53 -7.32 6.23 -9.91
N HIS A 54 -8.50 5.77 -10.26
CA HIS A 54 -8.73 5.10 -11.53
C HIS A 54 -8.34 5.99 -12.71
N SER A 55 -8.88 7.20 -12.75
CA SER A 55 -8.54 8.12 -13.85
C SER A 55 -7.14 8.69 -13.73
N THR A 56 -6.63 8.83 -12.53
CA THR A 56 -5.27 9.30 -12.36
C THR A 56 -4.28 8.25 -12.85
N PHE A 57 -4.45 7.00 -12.44
CA PHE A 57 -3.53 5.98 -12.85
C PHE A 57 -3.71 5.60 -14.32
N HIS A 58 -4.87 5.11 -14.67
CA HIS A 58 -5.09 4.60 -16.00
C HIS A 58 -5.24 5.76 -17.00
N GLY A 59 -6.02 6.73 -16.59
CA GLY A 59 -6.27 7.90 -17.40
C GLY A 59 -7.68 7.93 -17.84
N GLU A 60 -8.04 6.91 -18.58
CA GLU A 60 -9.39 6.77 -19.10
C GLU A 60 -10.29 6.06 -18.06
N ASP A 61 -9.72 5.89 -16.86
CA ASP A 61 -10.42 5.36 -15.68
C ASP A 61 -10.70 3.89 -15.85
N LYS A 62 -9.66 3.08 -15.75
CA LYS A 62 -9.78 1.66 -15.99
C LYS A 62 -8.91 0.80 -15.06
N LEU A 63 -8.05 0.00 -15.63
CA LEU A 63 -7.31 -1.02 -14.89
C LEU A 63 -6.10 -0.50 -14.19
N ILE A 64 -5.92 -0.98 -12.99
CA ILE A 64 -4.80 -0.67 -12.16
C ILE A 64 -3.92 -1.93 -12.12
N SER A 65 -2.70 -1.85 -12.58
CA SER A 65 -1.87 -3.04 -12.66
C SER A 65 -0.55 -2.88 -11.95
N VAL A 66 -0.19 -3.94 -11.21
CA VAL A 66 0.99 -3.96 -10.39
C VAL A 66 2.28 -3.59 -11.10
N GLU A 67 2.56 -4.21 -12.22
CA GLU A 67 3.82 -3.96 -12.89
C GLU A 67 3.95 -2.49 -13.36
N ASP A 68 2.87 -1.92 -13.86
CA ASP A 68 2.92 -0.53 -14.33
C ASP A 68 3.00 0.40 -13.12
N LEU A 69 2.31 0.01 -12.05
CA LEU A 69 2.39 0.68 -10.76
C LEU A 69 3.80 0.65 -10.22
N TRP A 70 4.41 -0.53 -10.30
CA TRP A 70 5.79 -0.77 -9.88
C TRP A 70 6.72 0.23 -10.57
N LYS A 71 6.53 0.38 -11.89
CA LYS A 71 7.27 1.39 -12.66
C LYS A 71 6.99 2.80 -12.14
N ALA A 72 5.72 3.13 -11.96
CA ALA A 72 5.31 4.44 -11.49
C ALA A 72 5.88 4.75 -10.11
N TRP A 73 5.74 3.81 -9.19
CA TRP A 73 6.25 3.91 -7.84
C TRP A 73 7.74 4.18 -7.84
N LYS A 74 8.50 3.43 -8.63
CA LYS A 74 9.94 3.68 -8.72
C LYS A 74 10.26 5.03 -9.32
N SER A 75 9.32 5.58 -10.06
CA SER A 75 9.48 6.84 -10.73
C SER A 75 8.80 7.97 -9.92
N SER A 76 8.19 7.62 -8.81
CA SER A 76 7.50 8.57 -8.00
C SER A 76 8.33 8.96 -6.79
N GLU A 77 7.95 10.07 -6.15
CA GLU A 77 8.61 10.54 -4.93
C GLU A 77 8.50 9.52 -3.85
N VAL A 78 7.48 8.68 -3.94
CA VAL A 78 7.24 7.60 -3.00
C VAL A 78 8.50 6.78 -2.80
N TYR A 79 9.02 6.21 -3.88
CA TYR A 79 10.18 5.36 -3.78
C TYR A 79 11.45 6.18 -3.58
N ASN A 80 11.37 7.45 -3.86
CA ASN A 80 12.50 8.35 -3.66
C ASN A 80 12.58 8.75 -2.18
N TRP A 81 11.45 8.69 -1.49
CA TRP A 81 11.36 9.02 -0.08
C TRP A 81 12.25 8.16 0.80
N THR A 82 13.11 8.82 1.54
CA THR A 82 13.99 8.19 2.49
C THR A 82 13.22 7.94 3.80
N VAL A 83 13.92 7.46 4.82
CA VAL A 83 13.32 7.11 6.10
C VAL A 83 12.68 8.33 6.76
N ASP A 84 13.38 9.45 6.79
CA ASP A 84 12.85 10.70 7.36
C ASP A 84 11.52 11.13 6.70
N GLU A 85 11.47 10.99 5.37
CA GLU A 85 10.30 11.37 4.60
C GLU A 85 9.10 10.50 4.96
N VAL A 86 9.31 9.19 4.97
CA VAL A 86 8.23 8.27 5.28
C VAL A 86 7.80 8.44 6.73
N VAL A 87 8.75 8.74 7.60
CA VAL A 87 8.49 8.95 8.98
C VAL A 87 7.54 10.11 9.20
N GLN A 88 7.84 11.26 8.58
CA GLN A 88 6.99 12.40 8.74
C GLN A 88 5.66 12.18 8.06
N TRP A 89 5.67 11.39 6.99
CA TRP A 89 4.48 11.11 6.24
C TRP A 89 3.56 10.21 7.05
N LEU A 90 4.14 9.18 7.64
CA LEU A 90 3.38 8.21 8.39
C LEU A 90 2.77 8.88 9.59
N ILE A 91 3.50 9.76 10.24
CA ILE A 91 2.92 10.38 11.39
C ILE A 91 1.85 11.39 11.01
N THR A 92 2.12 12.24 9.99
CA THR A 92 1.20 13.28 9.61
C THR A 92 -0.08 12.70 8.99
N TYR A 93 0.02 11.51 8.47
CA TYR A 93 -1.11 10.90 7.82
C TYR A 93 -1.70 9.74 8.55
N VAL A 94 -0.87 8.83 8.98
CA VAL A 94 -1.33 7.63 9.64
C VAL A 94 -1.64 7.93 11.09
N GLU A 95 -0.93 8.93 11.65
CA GLU A 95 -1.10 9.35 13.03
C GLU A 95 -0.58 8.26 13.97
N LEU A 96 0.48 7.60 13.52
CA LEU A 96 1.11 6.57 14.31
C LEU A 96 2.41 7.09 14.93
N PRO A 97 2.42 7.46 16.20
CA PRO A 97 3.60 8.01 16.87
C PRO A 97 4.60 6.93 17.33
N GLN A 98 4.58 5.81 16.64
CA GLN A 98 5.46 4.68 16.94
C GLN A 98 6.69 4.76 16.01
N TYR A 99 6.78 5.86 15.32
CA TYR A 99 7.71 6.04 14.24
C TYR A 99 9.16 5.82 14.57
N GLU A 100 9.61 6.28 15.73
CA GLU A 100 11.02 6.14 16.07
C GLU A 100 11.37 4.69 16.23
N GLU A 101 10.56 4.00 16.99
CA GLU A 101 10.76 2.59 17.22
C GLU A 101 10.66 1.79 15.94
N THR A 102 9.74 2.14 15.09
CA THR A 102 9.55 1.37 13.89
C THR A 102 10.65 1.66 12.89
N PHE A 103 11.09 2.91 12.76
CA PHE A 103 12.14 3.18 11.83
C PHE A 103 13.43 2.52 12.28
N ARG A 104 13.66 2.47 13.56
CA ARG A 104 14.84 1.78 14.05
C ARG A 104 14.68 0.24 13.96
N LYS A 105 13.42 -0.24 13.97
CA LYS A 105 13.18 -1.68 13.83
C LYS A 105 13.43 -2.19 12.41
N LEU A 106 12.84 -1.56 11.41
CA LEU A 106 12.98 -2.06 10.06
C LEU A 106 13.59 -1.08 9.08
N GLN A 107 13.63 0.21 9.44
CA GLN A 107 14.03 1.31 8.52
C GLN A 107 13.06 1.37 7.36
N LEU A 108 12.07 2.19 7.49
CA LEU A 108 11.10 2.29 6.46
C LEU A 108 11.40 3.43 5.53
N SER A 109 10.85 3.37 4.35
CA SER A 109 11.08 4.36 3.32
C SER A 109 10.07 4.09 2.22
N GLY A 110 10.35 4.60 1.04
CA GLY A 110 9.50 4.39 -0.10
C GLY A 110 9.32 2.95 -0.52
N HIS A 111 10.24 2.08 -0.14
CA HIS A 111 10.12 0.65 -0.45
C HIS A 111 9.27 0.01 0.65
N ALA A 112 9.43 0.55 1.83
CA ALA A 112 8.69 0.06 2.93
C ALA A 112 7.26 0.45 2.84
N MET A 113 6.97 1.61 2.28
CA MET A 113 5.58 2.08 2.06
C MET A 113 4.67 0.96 1.49
N PRO A 114 5.00 0.35 0.32
CA PRO A 114 4.22 -0.75 -0.16
C PRO A 114 4.44 -1.99 0.69
N ARG A 115 5.69 -2.25 1.13
CA ARG A 115 5.90 -3.47 1.94
C ARG A 115 5.11 -3.44 3.30
N LEU A 116 4.78 -2.24 3.80
CA LEU A 116 4.02 -2.13 5.05
C LEU A 116 2.53 -1.95 4.82
N ALA A 117 2.14 -1.63 3.58
CA ALA A 117 0.74 -1.40 3.24
C ALA A 117 -0.05 -2.69 3.29
N VAL A 118 0.64 -3.79 3.31
CA VAL A 118 -0.01 -5.05 3.37
C VAL A 118 0.34 -5.80 4.64
N THR A 119 -0.69 -6.09 5.44
CA THR A 119 -0.63 -6.89 6.68
C THR A 119 0.26 -6.28 7.80
N ASN A 120 -0.37 -6.02 8.95
CA ASN A 120 0.32 -5.47 10.10
C ASN A 120 1.42 -6.39 10.58
N THR A 121 1.14 -7.69 10.55
CA THR A 121 2.08 -8.71 10.98
C THR A 121 3.44 -8.62 10.24
N THR A 122 3.40 -8.22 8.99
CA THR A 122 4.59 -8.08 8.19
C THR A 122 5.41 -6.82 8.62
N MET A 123 4.71 -5.73 8.93
CA MET A 123 5.35 -4.47 9.33
C MET A 123 5.77 -4.45 10.82
N THR A 124 4.92 -4.93 11.69
CA THR A 124 5.16 -4.87 13.12
C THR A 124 6.35 -5.74 13.55
N GLY A 125 7.24 -5.18 14.36
CA GLY A 125 8.36 -5.93 14.86
C GLY A 125 7.92 -6.78 16.03
N THR A 126 7.04 -6.22 16.80
CA THR A 126 6.43 -6.90 17.90
C THR A 126 4.99 -6.42 17.96
N VAL A 127 4.76 -5.26 18.55
CA VAL A 127 3.46 -4.67 18.59
C VAL A 127 3.57 -3.20 18.27
N LEU A 128 3.49 -2.88 17.01
CA LEU A 128 3.58 -1.52 16.54
C LEU A 128 2.29 -0.80 16.92
N LYS A 129 1.21 -1.54 16.94
CA LYS A 129 -0.08 -1.06 17.33
C LYS A 129 -0.88 -2.28 17.80
N MET A 130 -1.62 -2.12 18.89
CA MET A 130 -2.41 -3.24 19.49
C MET A 130 -3.42 -3.84 18.54
N THR A 131 -4.03 -3.01 17.75
CA THR A 131 -5.02 -3.46 16.83
C THR A 131 -4.43 -3.77 15.47
N ASP A 132 -4.34 -5.06 15.16
CA ASP A 132 -3.81 -5.53 13.87
C ASP A 132 -4.57 -4.91 12.73
N ARG A 133 -5.90 -4.99 12.78
CA ARG A 133 -6.68 -4.50 11.67
C ARG A 133 -6.60 -3.01 11.56
N SER A 134 -6.75 -2.31 12.65
CA SER A 134 -6.77 -0.86 12.64
C SER A 134 -5.42 -0.32 12.17
N HIS A 135 -4.36 -1.03 12.54
CA HIS A 135 -3.04 -0.67 12.14
C HIS A 135 -2.92 -0.81 10.64
N ARG A 136 -3.16 -2.03 10.15
CA ARG A 136 -3.01 -2.30 8.74
C ARG A 136 -4.00 -1.50 7.90
N GLN A 137 -5.16 -1.19 8.45
CA GLN A 137 -6.14 -0.36 7.76
C GLN A 137 -5.62 1.05 7.58
N LYS A 138 -5.08 1.64 8.63
CA LYS A 138 -4.53 2.96 8.53
C LYS A 138 -3.30 2.96 7.64
N LEU A 139 -2.41 2.02 7.86
CA LEU A 139 -1.22 1.93 7.04
C LEU A 139 -1.54 1.68 5.60
N GLN A 140 -2.47 0.77 5.29
CA GLN A 140 -2.79 0.54 3.91
C GLN A 140 -3.46 1.73 3.31
N LEU A 141 -4.37 2.37 4.04
CA LEU A 141 -5.06 3.52 3.52
C LEU A 141 -4.05 4.58 3.06
N LYS A 142 -3.14 4.96 3.94
CA LYS A 142 -2.20 6.00 3.62
C LYS A 142 -1.08 5.52 2.69
N ALA A 143 -0.50 4.37 2.99
CA ALA A 143 0.62 3.84 2.21
C ALA A 143 0.20 3.41 0.82
N LEU A 144 -0.95 2.75 0.73
CA LEU A 144 -1.44 2.30 -0.54
C LEU A 144 -1.84 3.51 -1.36
N ASP A 145 -2.53 4.48 -0.72
CA ASP A 145 -2.86 5.75 -1.40
C ASP A 145 -1.59 6.40 -1.92
N THR A 146 -0.54 6.30 -1.14
CA THR A 146 0.72 6.87 -1.47
C THR A 146 1.43 6.16 -2.64
N VAL A 147 1.53 4.84 -2.58
CA VAL A 147 2.22 4.09 -3.64
C VAL A 147 1.43 4.16 -4.95
N LEU A 148 0.13 4.38 -4.85
CA LEU A 148 -0.70 4.49 -6.02
C LEU A 148 -0.78 5.94 -6.53
N PHE A 149 -1.19 6.87 -5.68
CA PHE A 149 -1.36 8.26 -6.08
C PHE A 149 -0.20 9.11 -5.56
N GLY A 150 0.03 9.07 -4.27
CA GLY A 150 1.13 9.83 -3.66
C GLY A 150 0.86 11.32 -3.62
N GLY A 1 -11.42 -11.81 -3.15
CA GLY A 1 -10.24 -11.45 -2.38
C GLY A 1 -9.36 -12.66 -2.24
N SER A 2 -8.09 -12.47 -1.92
CA SER A 2 -7.22 -13.60 -1.77
C SER A 2 -6.26 -13.48 -0.60
N HIS A 3 -6.57 -14.17 0.47
CA HIS A 3 -5.68 -14.26 1.63
C HIS A 3 -4.47 -15.11 1.22
N MET A 4 -4.70 -16.00 0.26
CA MET A 4 -3.67 -16.91 -0.27
C MET A 4 -2.45 -16.17 -0.83
N ALA A 5 -2.63 -14.92 -1.22
CA ALA A 5 -1.54 -14.16 -1.78
C ALA A 5 -0.64 -13.59 -0.68
N SER A 6 -1.11 -13.63 0.54
CA SER A 6 -0.39 -13.09 1.66
C SER A 6 0.06 -14.22 2.56
N SER A 7 1.20 -14.80 2.27
CA SER A 7 1.70 -15.92 3.00
C SER A 7 2.77 -15.50 3.99
N GLU A 8 2.49 -15.75 5.29
CA GLU A 8 3.42 -15.50 6.39
C GLU A 8 3.87 -14.02 6.46
N ASP A 9 4.99 -13.77 5.88
CA ASP A 9 5.68 -12.50 5.88
C ASP A 9 6.36 -12.42 4.56
N GLU A 10 6.08 -11.42 3.81
CA GLU A 10 6.63 -11.31 2.50
C GLU A 10 8.03 -10.77 2.53
N LYS A 11 8.92 -11.50 1.91
CA LYS A 11 10.32 -11.25 2.07
C LYS A 11 10.83 -10.26 1.05
N LEU A 12 10.31 -10.34 -0.15
CA LEU A 12 10.73 -9.46 -1.23
C LEU A 12 9.78 -8.27 -1.26
N SER A 13 10.19 -7.18 -1.86
CA SER A 13 9.36 -6.02 -1.91
C SER A 13 8.25 -6.19 -2.95
N PHE A 14 8.59 -6.71 -4.15
CA PHE A 14 7.63 -6.82 -5.27
C PHE A 14 6.36 -7.60 -4.87
N GLU A 15 6.54 -8.72 -4.16
CA GLU A 15 5.43 -9.54 -3.71
C GLU A 15 4.50 -8.77 -2.77
N ALA A 16 5.10 -8.01 -1.86
CA ALA A 16 4.34 -7.19 -0.95
C ALA A 16 3.64 -6.10 -1.75
N VAL A 17 4.38 -5.48 -2.68
CA VAL A 17 3.87 -4.43 -3.56
C VAL A 17 2.62 -4.90 -4.34
N ARG A 18 2.76 -6.01 -5.04
CA ARG A 18 1.67 -6.57 -5.82
C ARG A 18 0.52 -6.95 -4.89
N ASN A 19 0.84 -7.29 -3.64
CA ASN A 19 -0.15 -7.65 -2.66
C ASN A 19 -1.06 -6.47 -2.34
N ILE A 20 -0.46 -5.32 -2.06
CA ILE A 20 -1.29 -4.16 -1.75
C ILE A 20 -2.07 -3.75 -2.99
N HIS A 21 -1.51 -3.99 -4.17
CA HIS A 21 -2.22 -3.72 -5.40
C HIS A 21 -3.37 -4.74 -5.60
N LYS A 22 -3.14 -5.99 -5.15
CA LYS A 22 -4.14 -7.06 -5.28
C LYS A 22 -5.32 -6.76 -4.39
N LEU A 23 -5.09 -5.97 -3.32
CA LEU A 23 -6.19 -5.53 -2.42
C LEU A 23 -7.36 -4.93 -3.22
N MET A 24 -7.07 -4.32 -4.34
CA MET A 24 -8.10 -3.78 -5.20
C MET A 24 -8.72 -4.85 -6.08
N ASP A 25 -7.90 -5.65 -6.74
CA ASP A 25 -8.43 -6.68 -7.63
C ASP A 25 -8.93 -7.86 -6.85
N ASP A 26 -10.23 -8.08 -6.89
CA ASP A 26 -10.87 -9.16 -6.14
C ASP A 26 -10.27 -10.54 -6.42
N ASP A 27 -10.00 -10.83 -7.66
CA ASP A 27 -9.48 -12.18 -8.00
C ASP A 27 -7.96 -12.17 -8.01
N ALA A 28 -7.42 -10.97 -7.93
CA ALA A 28 -5.99 -10.71 -7.96
C ALA A 28 -5.30 -11.41 -9.16
N ASN A 29 -5.45 -10.83 -10.31
CA ASN A 29 -4.87 -11.40 -11.52
C ASN A 29 -3.74 -10.53 -12.03
N GLY A 30 -3.37 -9.54 -11.24
CA GLY A 30 -2.30 -8.63 -11.61
C GLY A 30 -2.83 -7.31 -12.13
N ASP A 31 -4.11 -7.28 -12.41
CA ASP A 31 -4.77 -6.08 -12.90
C ASP A 31 -6.20 -6.02 -12.38
N VAL A 32 -6.56 -4.86 -11.91
CA VAL A 32 -7.86 -4.62 -11.39
C VAL A 32 -8.71 -3.89 -12.46
N ASP A 33 -9.94 -4.26 -12.58
CA ASP A 33 -10.91 -3.55 -13.43
C ASP A 33 -11.95 -2.89 -12.53
N VAL A 34 -12.75 -1.98 -13.08
CA VAL A 34 -13.80 -1.26 -12.37
C VAL A 34 -14.77 -2.21 -11.65
N GLU A 35 -15.02 -3.35 -12.25
CA GLU A 35 -15.93 -4.31 -11.69
C GLU A 35 -15.27 -5.11 -10.57
N GLU A 36 -13.97 -5.30 -10.69
CA GLU A 36 -13.24 -6.09 -9.72
C GLU A 36 -12.99 -5.29 -8.43
N SER A 37 -12.39 -4.14 -8.58
CA SER A 37 -12.00 -3.31 -7.46
C SER A 37 -13.07 -2.42 -6.93
N ASP A 38 -14.27 -2.42 -7.55
CA ASP A 38 -15.29 -1.36 -7.32
C ASP A 38 -15.39 -0.96 -5.87
N GLU A 39 -15.83 -1.84 -5.00
CA GLU A 39 -16.00 -1.51 -3.57
C GLU A 39 -14.63 -1.19 -2.89
N PHE A 40 -13.66 -2.09 -3.13
CA PHE A 40 -12.32 -2.05 -2.53
C PHE A 40 -11.64 -0.74 -2.73
N LEU A 41 -11.48 -0.33 -3.95
CA LEU A 41 -10.73 0.87 -4.23
C LEU A 41 -11.37 2.07 -3.51
N ARG A 42 -12.74 2.20 -3.68
CA ARG A 42 -13.51 3.33 -3.13
C ARG A 42 -13.20 3.49 -1.71
N GLU A 43 -13.56 2.50 -0.94
CA GLU A 43 -13.45 2.62 0.47
C GLU A 43 -12.04 2.45 0.94
N ASP A 44 -11.47 1.28 0.62
CA ASP A 44 -10.19 0.83 1.12
C ASP A 44 -9.08 1.81 1.00
N LEU A 45 -9.10 2.67 -0.01
CA LEU A 45 -8.10 3.71 0.01
C LEU A 45 -8.65 5.07 -0.33
N ASN A 46 -9.75 5.12 -1.04
CA ASN A 46 -10.19 6.39 -1.51
C ASN A 46 -11.21 7.03 -0.60
N TYR A 47 -11.77 6.22 0.35
CA TYR A 47 -12.77 6.62 1.36
C TYR A 47 -14.01 7.40 0.83
N HIS A 48 -14.17 7.48 -0.47
CA HIS A 48 -15.31 8.16 -1.08
C HIS A 48 -15.61 7.52 -2.43
N ASP A 49 -14.87 7.91 -3.44
CA ASP A 49 -15.06 7.35 -4.75
C ASP A 49 -13.71 7.16 -5.39
N PRO A 50 -13.51 6.03 -6.05
CA PRO A 50 -12.19 5.62 -6.55
C PRO A 50 -11.79 6.19 -7.89
N THR A 51 -12.59 7.10 -8.39
CA THR A 51 -12.33 7.73 -9.65
C THR A 51 -10.99 8.46 -9.62
N VAL A 52 -10.65 8.96 -8.43
CA VAL A 52 -9.39 9.63 -8.22
C VAL A 52 -8.25 8.67 -8.56
N LYS A 53 -8.20 7.52 -7.91
CA LYS A 53 -7.15 6.62 -8.22
C LYS A 53 -7.26 5.92 -9.54
N HIS A 54 -8.45 5.54 -9.95
CA HIS A 54 -8.64 4.89 -11.24
C HIS A 54 -8.19 5.79 -12.38
N SER A 55 -8.79 6.97 -12.47
CA SER A 55 -8.52 7.87 -13.56
C SER A 55 -7.21 8.64 -13.41
N THR A 56 -6.70 8.79 -12.20
CA THR A 56 -5.39 9.40 -12.06
C THR A 56 -4.32 8.38 -12.48
N PHE A 57 -4.49 7.10 -12.12
CA PHE A 57 -3.48 6.15 -12.51
C PHE A 57 -3.53 5.81 -14.00
N HIS A 58 -4.64 5.25 -14.44
CA HIS A 58 -4.71 4.85 -15.82
C HIS A 58 -4.92 6.06 -16.72
N GLY A 59 -5.97 6.79 -16.42
CA GLY A 59 -6.24 8.03 -17.08
C GLY A 59 -7.61 8.01 -17.66
N GLU A 60 -7.71 7.35 -18.76
CA GLU A 60 -8.93 7.24 -19.49
C GLU A 60 -9.64 5.94 -19.13
N ASP A 61 -8.87 5.03 -18.61
CA ASP A 61 -9.38 3.73 -18.26
C ASP A 61 -9.15 3.58 -16.79
N LYS A 62 -9.39 2.45 -16.24
CA LYS A 62 -9.42 2.32 -14.81
C LYS A 62 -8.61 1.13 -14.31
N LEU A 63 -7.87 0.49 -15.20
CA LEU A 63 -7.12 -0.71 -14.81
C LEU A 63 -5.92 -0.35 -13.97
N ILE A 64 -5.86 -0.96 -12.83
CA ILE A 64 -4.76 -0.77 -11.90
C ILE A 64 -3.93 -2.06 -11.99
N SER A 65 -2.71 -1.98 -12.45
CA SER A 65 -1.93 -3.19 -12.62
C SER A 65 -0.61 -3.08 -11.89
N VAL A 66 -0.20 -4.21 -11.28
CA VAL A 66 0.95 -4.22 -10.39
C VAL A 66 2.25 -3.82 -11.06
N GLU A 67 2.42 -4.26 -12.31
CA GLU A 67 3.64 -3.98 -13.02
C GLU A 67 3.79 -2.50 -13.34
N ASP A 68 2.72 -1.85 -13.77
CA ASP A 68 2.81 -0.46 -14.15
C ASP A 68 2.82 0.41 -12.92
N LEU A 69 2.27 -0.12 -11.84
CA LEU A 69 2.35 0.53 -10.55
C LEU A 69 3.75 0.47 -10.02
N TRP A 70 4.41 -0.64 -10.26
CA TRP A 70 5.83 -0.81 -9.97
C TRP A 70 6.62 0.30 -10.70
N LYS A 71 6.30 0.48 -11.99
CA LYS A 71 6.86 1.57 -12.78
C LYS A 71 6.54 2.93 -12.13
N ALA A 72 5.26 3.14 -11.83
CA ALA A 72 4.77 4.37 -11.23
C ALA A 72 5.45 4.67 -9.92
N TRP A 73 5.46 3.70 -9.04
CA TRP A 73 6.07 3.79 -7.72
C TRP A 73 7.52 4.20 -7.81
N LYS A 74 8.29 3.55 -8.69
CA LYS A 74 9.69 3.91 -8.88
C LYS A 74 9.83 5.31 -9.46
N SER A 75 8.82 5.73 -10.18
CA SER A 75 8.83 7.00 -10.88
C SER A 75 8.23 8.10 -9.97
N SER A 76 7.58 7.67 -8.91
CA SER A 76 6.96 8.55 -7.97
C SER A 76 7.99 8.99 -6.93
N GLU A 77 7.62 9.94 -6.09
CA GLU A 77 8.51 10.39 -5.02
C GLU A 77 8.58 9.32 -3.94
N VAL A 78 7.55 8.47 -3.92
CA VAL A 78 7.38 7.37 -2.95
C VAL A 78 8.65 6.54 -2.84
N TYR A 79 9.09 5.95 -3.96
CA TYR A 79 10.26 5.08 -3.99
C TYR A 79 11.54 5.85 -3.65
N ASN A 80 11.51 7.14 -3.85
CA ASN A 80 12.66 7.98 -3.61
C ASN A 80 12.70 8.47 -2.18
N TRP A 81 11.61 8.27 -1.46
CA TRP A 81 11.53 8.70 -0.08
C TRP A 81 12.37 7.85 0.84
N THR A 82 13.24 8.53 1.56
CA THR A 82 14.11 7.88 2.50
C THR A 82 13.32 7.64 3.82
N VAL A 83 14.01 7.10 4.81
CA VAL A 83 13.40 6.75 6.09
C VAL A 83 12.78 7.97 6.75
N ASP A 84 13.52 9.06 6.83
CA ASP A 84 13.03 10.31 7.44
C ASP A 84 11.73 10.80 6.80
N GLU A 85 11.66 10.68 5.48
CA GLU A 85 10.50 11.09 4.72
C GLU A 85 9.28 10.23 5.05
N VAL A 86 9.45 8.92 5.03
CA VAL A 86 8.32 8.03 5.35
C VAL A 86 7.94 8.17 6.81
N VAL A 87 8.91 8.39 7.65
CA VAL A 87 8.69 8.58 9.05
C VAL A 87 7.77 9.76 9.30
N GLN A 88 8.09 10.90 8.71
CA GLN A 88 7.31 12.07 8.92
C GLN A 88 5.97 11.93 8.22
N TRP A 89 5.96 11.18 7.15
CA TRP A 89 4.77 10.94 6.38
C TRP A 89 3.82 10.07 7.18
N LEU A 90 4.35 8.98 7.72
CA LEU A 90 3.56 8.02 8.45
C LEU A 90 2.95 8.70 9.65
N ILE A 91 3.70 9.57 10.30
CA ILE A 91 3.15 10.23 11.44
C ILE A 91 2.13 11.27 11.04
N THR A 92 2.43 12.09 10.03
CA THR A 92 1.54 13.17 9.66
C THR A 92 0.29 12.66 8.93
N TYR A 93 0.34 11.42 8.52
CA TYR A 93 -0.76 10.86 7.80
C TYR A 93 -1.48 9.78 8.55
N VAL A 94 -0.74 8.86 9.11
CA VAL A 94 -1.32 7.72 9.78
C VAL A 94 -1.46 7.96 11.26
N GLU A 95 -0.66 8.90 11.80
CA GLU A 95 -0.70 9.24 13.22
C GLU A 95 -0.17 8.10 14.10
N LEU A 96 0.87 7.45 13.63
CA LEU A 96 1.52 6.39 14.41
C LEU A 96 2.84 6.91 15.01
N PRO A 97 2.84 7.27 16.30
CA PRO A 97 4.00 7.89 16.96
C PRO A 97 5.10 6.89 17.36
N GLN A 98 4.97 5.66 16.93
CA GLN A 98 5.94 4.61 17.21
C GLN A 98 7.04 4.62 16.12
N TYR A 99 7.08 5.69 15.39
CA TYR A 99 7.95 5.84 14.25
C TYR A 99 9.41 5.63 14.56
N GLU A 100 9.88 6.13 15.70
CA GLU A 100 11.28 6.01 16.06
C GLU A 100 11.65 4.58 16.19
N GLU A 101 10.87 3.88 16.98
CA GLU A 101 11.07 2.48 17.23
C GLU A 101 11.02 1.69 15.95
N THR A 102 10.02 1.88 15.17
CA THR A 102 9.85 1.07 14.00
C THR A 102 10.93 1.39 12.95
N PHE A 103 11.30 2.67 12.78
CA PHE A 103 12.31 2.96 11.79
C PHE A 103 13.65 2.40 12.20
N ARG A 104 13.96 2.44 13.47
CA ARG A 104 15.23 1.89 13.92
C ARG A 104 15.19 0.35 13.88
N LYS A 105 14.01 -0.21 14.03
CA LYS A 105 13.85 -1.66 14.02
C LYS A 105 13.88 -2.26 12.62
N LEU A 106 13.10 -1.74 11.69
CA LEU A 106 13.11 -2.33 10.36
C LEU A 106 13.60 -1.42 9.26
N GLN A 107 13.72 -0.13 9.54
CA GLN A 107 14.07 0.88 8.52
C GLN A 107 13.05 0.92 7.41
N LEU A 108 12.08 1.75 7.55
CA LEU A 108 11.09 1.88 6.54
C LEU A 108 11.43 3.03 5.64
N SER A 109 11.04 2.95 4.40
CA SER A 109 11.33 3.95 3.41
C SER A 109 10.39 3.75 2.24
N GLY A 110 10.75 4.27 1.08
CA GLY A 110 9.95 4.16 -0.14
C GLY A 110 9.49 2.77 -0.51
N HIS A 111 10.26 1.75 -0.19
CA HIS A 111 9.83 0.38 -0.48
C HIS A 111 9.03 -0.18 0.69
N ALA A 112 9.27 0.37 1.85
CA ALA A 112 8.57 -0.08 2.99
C ALA A 112 7.18 0.51 3.03
N MET A 113 6.99 1.66 2.35
CA MET A 113 5.67 2.31 2.23
C MET A 113 4.64 1.30 1.68
N PRO A 114 4.87 0.64 0.50
CA PRO A 114 3.99 -0.38 0.04
C PRO A 114 4.06 -1.59 0.94
N ARG A 115 5.29 -2.02 1.30
CA ARG A 115 5.47 -3.20 2.16
C ARG A 115 4.57 -3.13 3.43
N LEU A 116 4.45 -1.95 4.02
CA LEU A 116 3.73 -1.81 5.26
C LEU A 116 2.22 -1.70 5.07
N ALA A 117 1.83 -1.38 3.85
CA ALA A 117 0.43 -1.15 3.50
C ALA A 117 -0.35 -2.47 3.42
N VAL A 118 0.33 -3.58 3.59
CA VAL A 118 -0.33 -4.85 3.48
C VAL A 118 -0.27 -5.70 4.77
N THR A 119 -1.44 -6.27 5.10
CA THR A 119 -1.68 -7.29 6.14
C THR A 119 -1.18 -7.04 7.55
N ASN A 120 -0.72 -5.84 7.82
CA ASN A 120 -0.27 -5.35 9.14
C ASN A 120 0.89 -6.11 9.81
N THR A 121 0.77 -7.41 9.96
CA THR A 121 1.71 -8.26 10.65
C THR A 121 3.13 -8.15 10.06
N THR A 122 3.21 -7.96 8.75
CA THR A 122 4.46 -7.81 8.05
C THR A 122 5.20 -6.54 8.53
N MET A 123 4.45 -5.47 8.75
CA MET A 123 5.03 -4.22 9.22
C MET A 123 5.28 -4.24 10.73
N THR A 124 4.29 -4.70 11.48
CA THR A 124 4.37 -4.61 12.93
C THR A 124 5.32 -5.66 13.54
N GLY A 125 6.60 -5.34 13.49
CA GLY A 125 7.61 -6.14 14.11
C GLY A 125 8.16 -5.41 15.32
N THR A 126 7.25 -4.77 16.02
CA THR A 126 7.50 -4.02 17.22
C THR A 126 6.11 -3.91 17.86
N VAL A 127 5.99 -3.31 19.00
CA VAL A 127 4.69 -3.08 19.64
C VAL A 127 3.98 -1.84 18.98
N LEU A 128 3.98 -1.86 17.66
CA LEU A 128 3.53 -0.76 16.81
C LEU A 128 2.05 -0.42 17.02
N LYS A 129 1.19 -1.40 16.93
CA LYS A 129 -0.25 -1.21 17.15
C LYS A 129 -0.85 -2.56 17.48
N MET A 130 -1.81 -2.59 18.38
CA MET A 130 -2.40 -3.86 18.79
C MET A 130 -3.45 -4.36 17.80
N THR A 131 -4.36 -3.50 17.38
CA THR A 131 -5.45 -3.86 16.49
C THR A 131 -4.97 -4.14 15.07
N ASP A 132 -5.06 -5.41 14.67
CA ASP A 132 -4.62 -5.85 13.34
C ASP A 132 -5.30 -5.08 12.25
N ARG A 133 -6.62 -5.08 12.26
CA ARG A 133 -7.33 -4.52 11.16
C ARG A 133 -7.25 -3.03 11.15
N SER A 134 -7.28 -2.43 12.31
CA SER A 134 -7.22 -1.00 12.41
C SER A 134 -5.86 -0.51 11.92
N HIS A 135 -4.83 -1.27 12.27
CA HIS A 135 -3.48 -0.97 11.87
C HIS A 135 -3.37 -1.04 10.35
N ARG A 136 -3.76 -2.19 9.78
CA ARG A 136 -3.66 -2.35 8.34
C ARG A 136 -4.56 -1.35 7.62
N GLN A 137 -5.70 -1.00 8.22
CA GLN A 137 -6.59 0.00 7.64
C GLN A 137 -5.90 1.35 7.51
N LYS A 138 -5.40 1.91 8.59
CA LYS A 138 -4.84 3.25 8.51
C LYS A 138 -3.56 3.26 7.68
N LEU A 139 -2.74 2.25 7.87
CA LEU A 139 -1.52 2.14 7.12
C LEU A 139 -1.80 1.93 5.66
N GLN A 140 -2.77 1.08 5.31
CA GLN A 140 -3.07 0.86 3.93
C GLN A 140 -3.62 2.13 3.32
N LEU A 141 -4.57 2.80 3.99
CA LEU A 141 -5.14 4.00 3.42
C LEU A 141 -4.09 5.02 3.06
N LYS A 142 -3.22 5.33 4.01
CA LYS A 142 -2.22 6.34 3.73
C LYS A 142 -1.10 5.84 2.82
N ALA A 143 -0.50 4.71 3.15
CA ALA A 143 0.61 4.16 2.38
C ALA A 143 0.19 3.76 0.99
N LEU A 144 -0.95 3.08 0.87
CA LEU A 144 -1.41 2.64 -0.40
C LEU A 144 -1.84 3.81 -1.27
N ASP A 145 -2.57 4.79 -0.69
CA ASP A 145 -2.95 5.99 -1.48
C ASP A 145 -1.69 6.74 -1.89
N THR A 146 -0.65 6.62 -1.08
CA THR A 146 0.62 7.23 -1.41
C THR A 146 1.38 6.45 -2.53
N VAL A 147 1.51 5.13 -2.40
CA VAL A 147 2.25 4.34 -3.41
C VAL A 147 1.54 4.38 -4.75
N LEU A 148 0.23 4.56 -4.72
CA LEU A 148 -0.54 4.63 -5.92
C LEU A 148 -0.63 6.07 -6.45
N PHE A 149 -1.01 6.99 -5.60
CA PHE A 149 -1.17 8.39 -5.99
C PHE A 149 0.03 9.20 -5.47
N GLY A 150 0.10 9.37 -4.15
CA GLY A 150 1.21 10.11 -3.51
C GLY A 150 1.40 11.53 -4.03
N GLY A 1 -13.51 -11.40 -2.39
CA GLY A 1 -12.18 -11.52 -1.80
C GLY A 1 -11.35 -12.56 -2.53
N SER A 2 -10.10 -12.66 -2.18
CA SER A 2 -9.23 -13.67 -2.74
C SER A 2 -8.83 -14.64 -1.64
N HIS A 3 -8.63 -15.90 -2.01
CA HIS A 3 -8.20 -16.93 -1.07
C HIS A 3 -6.82 -16.58 -0.54
N MET A 4 -5.91 -16.30 -1.42
CA MET A 4 -4.58 -15.93 -0.99
C MET A 4 -4.40 -14.44 -1.16
N ALA A 5 -3.94 -13.78 -0.09
CA ALA A 5 -3.57 -12.35 -0.07
C ALA A 5 -3.34 -11.88 1.34
N SER A 6 -2.21 -12.25 1.89
CA SER A 6 -1.82 -11.85 3.20
C SER A 6 -0.34 -12.11 3.35
N SER A 7 0.46 -11.13 2.99
CA SER A 7 1.89 -11.26 3.10
C SER A 7 2.32 -10.80 4.48
N GLU A 8 2.30 -11.73 5.40
CA GLU A 8 2.64 -11.48 6.80
C GLU A 8 4.15 -11.63 7.01
N ASP A 9 4.82 -11.96 5.93
CA ASP A 9 6.26 -11.97 5.83
C ASP A 9 6.57 -11.05 4.71
N GLU A 10 7.79 -10.64 4.55
CA GLU A 10 8.08 -9.74 3.46
C GLU A 10 8.28 -10.56 2.19
N LYS A 11 9.01 -11.69 2.34
CA LYS A 11 9.24 -12.67 1.25
C LYS A 11 10.13 -12.11 0.14
N LEU A 12 9.54 -11.30 -0.67
CA LEU A 12 10.10 -10.66 -1.79
C LEU A 12 9.30 -9.40 -1.94
N SER A 13 9.93 -8.31 -2.31
CA SER A 13 9.27 -7.04 -2.37
C SER A 13 8.13 -7.10 -3.39
N PHE A 14 8.39 -7.74 -4.53
CA PHE A 14 7.43 -7.85 -5.60
C PHE A 14 6.11 -8.46 -5.16
N GLU A 15 6.16 -9.54 -4.42
CA GLU A 15 4.94 -10.20 -4.05
C GLU A 15 4.15 -9.41 -3.01
N ALA A 16 4.86 -8.76 -2.12
CA ALA A 16 4.21 -7.93 -1.12
C ALA A 16 3.56 -6.74 -1.83
N VAL A 17 4.34 -6.11 -2.71
CA VAL A 17 3.90 -4.97 -3.50
C VAL A 17 2.66 -5.32 -4.32
N ARG A 18 2.74 -6.42 -5.05
CA ARG A 18 1.63 -6.85 -5.86
C ARG A 18 0.44 -7.20 -5.00
N ASN A 19 0.68 -7.65 -3.77
CA ASN A 19 -0.42 -7.98 -2.85
C ASN A 19 -1.22 -6.72 -2.55
N ILE A 20 -0.54 -5.66 -2.13
CA ILE A 20 -1.28 -4.45 -1.79
C ILE A 20 -1.92 -3.85 -3.04
N HIS A 21 -1.27 -4.04 -4.19
CA HIS A 21 -1.85 -3.61 -5.46
C HIS A 21 -3.02 -4.51 -5.87
N LYS A 22 -2.97 -5.78 -5.48
CA LYS A 22 -4.00 -6.73 -5.80
C LYS A 22 -5.24 -6.42 -4.97
N LEU A 23 -5.04 -5.74 -3.83
CA LEU A 23 -6.16 -5.36 -2.90
C LEU A 23 -7.35 -4.69 -3.58
N MET A 24 -7.13 -4.12 -4.72
CA MET A 24 -8.20 -3.51 -5.48
C MET A 24 -8.96 -4.52 -6.31
N ASP A 25 -8.28 -5.54 -6.74
CA ASP A 25 -8.87 -6.57 -7.58
C ASP A 25 -9.42 -7.70 -6.70
N ASP A 26 -10.57 -8.18 -7.06
CA ASP A 26 -11.23 -9.27 -6.35
C ASP A 26 -10.61 -10.62 -6.68
N ASP A 27 -10.25 -10.82 -7.94
CA ASP A 27 -9.75 -12.14 -8.37
C ASP A 27 -8.25 -12.14 -8.51
N ALA A 28 -7.69 -10.94 -8.45
CA ALA A 28 -6.27 -10.71 -8.63
C ALA A 28 -5.74 -11.22 -9.99
N ASN A 29 -5.94 -10.43 -11.05
CA ASN A 29 -5.38 -10.76 -12.39
C ASN A 29 -3.96 -10.24 -12.40
N GLY A 30 -3.75 -9.32 -11.49
CA GLY A 30 -2.57 -8.50 -11.48
C GLY A 30 -2.98 -7.13 -11.97
N ASP A 31 -4.22 -7.08 -12.44
CA ASP A 31 -4.88 -5.89 -12.89
C ASP A 31 -6.32 -5.88 -12.42
N VAL A 32 -6.70 -4.75 -11.94
CA VAL A 32 -8.01 -4.53 -11.47
C VAL A 32 -8.83 -3.92 -12.59
N ASP A 33 -9.95 -4.49 -12.85
CA ASP A 33 -10.88 -3.91 -13.79
C ASP A 33 -11.87 -3.09 -13.00
N VAL A 34 -12.51 -2.16 -13.67
CA VAL A 34 -13.46 -1.23 -13.09
C VAL A 34 -14.59 -1.93 -12.33
N GLU A 35 -15.01 -3.10 -12.81
CA GLU A 35 -16.10 -3.80 -12.16
C GLU A 35 -15.60 -4.54 -10.94
N GLU A 36 -14.33 -4.91 -10.96
CA GLU A 36 -13.71 -5.67 -9.89
C GLU A 36 -13.44 -4.77 -8.70
N SER A 37 -12.74 -3.67 -8.95
CA SER A 37 -12.31 -2.78 -7.92
C SER A 37 -13.37 -1.79 -7.50
N ASP A 38 -14.52 -1.86 -8.16
CA ASP A 38 -15.62 -0.88 -8.02
C ASP A 38 -15.85 -0.46 -6.59
N GLU A 39 -16.00 -1.41 -5.68
CA GLU A 39 -16.12 -1.11 -4.23
C GLU A 39 -14.72 -0.88 -3.60
N PHE A 40 -13.85 -1.88 -3.83
CA PHE A 40 -12.52 -2.00 -3.24
C PHE A 40 -11.75 -0.73 -3.30
N LEU A 41 -11.47 -0.24 -4.49
CA LEU A 41 -10.63 0.93 -4.63
C LEU A 41 -11.21 2.08 -3.82
N ARG A 42 -12.56 2.32 -4.01
CA ARG A 42 -13.26 3.46 -3.40
C ARG A 42 -12.97 3.52 -1.96
N GLU A 43 -13.42 2.53 -1.25
CA GLU A 43 -13.36 2.64 0.17
C GLU A 43 -12.04 2.23 0.67
N ASP A 44 -11.63 1.03 0.24
CA ASP A 44 -10.51 0.31 0.80
C ASP A 44 -9.23 1.10 0.75
N LEU A 45 -9.13 2.07 -0.19
CA LEU A 45 -7.99 2.98 -0.07
C LEU A 45 -8.34 4.42 -0.39
N ASN A 46 -9.40 4.64 -1.15
CA ASN A 46 -9.65 6.00 -1.59
C ASN A 46 -10.66 6.66 -0.69
N TYR A 47 -11.14 5.88 0.31
CA TYR A 47 -12.08 6.31 1.30
C TYR A 47 -13.48 6.52 0.67
N HIS A 48 -13.62 7.58 -0.10
CA HIS A 48 -14.89 7.98 -0.64
C HIS A 48 -15.05 7.52 -2.09
N ASP A 49 -14.28 8.10 -2.99
CA ASP A 49 -14.43 7.74 -4.39
C ASP A 49 -13.09 7.49 -5.06
N PRO A 50 -13.03 6.42 -5.87
CA PRO A 50 -11.78 5.95 -6.50
C PRO A 50 -11.42 6.68 -7.78
N THR A 51 -12.16 7.71 -8.08
CA THR A 51 -11.98 8.54 -9.24
C THR A 51 -10.54 9.04 -9.30
N VAL A 52 -9.99 9.37 -8.12
CA VAL A 52 -8.66 9.88 -8.02
C VAL A 52 -7.67 8.83 -8.56
N LYS A 53 -7.70 7.63 -8.04
CA LYS A 53 -6.80 6.62 -8.51
C LYS A 53 -7.09 6.12 -9.89
N HIS A 54 -8.35 5.91 -10.22
CA HIS A 54 -8.72 5.44 -11.56
C HIS A 54 -8.30 6.43 -12.64
N SER A 55 -8.69 7.69 -12.50
CA SER A 55 -8.38 8.67 -13.53
C SER A 55 -6.93 9.15 -13.46
N THR A 56 -6.28 9.08 -12.31
CA THR A 56 -4.88 9.46 -12.27
C THR A 56 -4.03 8.37 -12.90
N PHE A 57 -4.29 7.13 -12.53
CA PHE A 57 -3.46 6.05 -13.01
C PHE A 57 -3.75 5.72 -14.47
N HIS A 58 -4.99 5.30 -14.77
CA HIS A 58 -5.32 4.94 -16.13
C HIS A 58 -5.47 6.18 -16.96
N GLY A 59 -6.27 7.08 -16.44
CA GLY A 59 -6.61 8.30 -17.11
C GLY A 59 -8.05 8.30 -17.47
N GLU A 60 -8.44 7.31 -18.23
CA GLU A 60 -9.81 7.18 -18.69
C GLU A 60 -10.61 6.27 -17.75
N ASP A 61 -10.10 6.14 -16.53
CA ASP A 61 -10.79 5.43 -15.42
C ASP A 61 -10.94 3.95 -15.72
N LYS A 62 -9.84 3.21 -15.70
CA LYS A 62 -9.87 1.81 -16.03
C LYS A 62 -8.93 0.97 -15.15
N LEU A 63 -8.16 0.13 -15.78
CA LEU A 63 -7.37 -0.91 -15.11
C LEU A 63 -6.16 -0.38 -14.38
N ILE A 64 -5.95 -0.93 -13.22
CA ILE A 64 -4.83 -0.62 -12.37
C ILE A 64 -3.99 -1.90 -12.28
N SER A 65 -2.75 -1.87 -12.70
CA SER A 65 -1.95 -3.11 -12.75
C SER A 65 -0.69 -3.01 -11.93
N VAL A 66 -0.35 -4.14 -11.26
CA VAL A 66 0.77 -4.18 -10.31
C VAL A 66 2.09 -3.78 -10.97
N GLU A 67 2.26 -4.18 -12.21
CA GLU A 67 3.46 -3.89 -12.95
C GLU A 67 3.58 -2.40 -13.27
N ASP A 68 2.53 -1.82 -13.81
CA ASP A 68 2.58 -0.43 -14.20
C ASP A 68 2.59 0.46 -12.96
N LEU A 69 2.02 -0.07 -11.89
CA LEU A 69 2.08 0.56 -10.57
C LEU A 69 3.49 0.49 -10.03
N TRP A 70 4.17 -0.64 -10.24
CA TRP A 70 5.59 -0.78 -9.90
C TRP A 70 6.38 0.36 -10.55
N LYS A 71 6.09 0.60 -11.83
CA LYS A 71 6.70 1.74 -12.54
C LYS A 71 6.29 3.07 -11.90
N ALA A 72 5.00 3.20 -11.58
CA ALA A 72 4.47 4.42 -10.96
C ALA A 72 5.16 4.71 -9.64
N TRP A 73 5.30 3.68 -8.82
CA TRP A 73 5.98 3.74 -7.54
C TRP A 73 7.42 4.21 -7.71
N LYS A 74 8.13 3.60 -8.65
CA LYS A 74 9.53 3.98 -8.91
C LYS A 74 9.64 5.42 -9.41
N SER A 75 8.62 5.86 -10.11
CA SER A 75 8.60 7.17 -10.71
C SER A 75 7.82 8.14 -9.82
N SER A 76 7.46 7.68 -8.66
CA SER A 76 6.75 8.48 -7.74
C SER A 76 7.75 9.05 -6.76
N GLU A 77 7.29 9.83 -5.85
CA GLU A 77 8.11 10.37 -4.81
C GLU A 77 8.37 9.27 -3.80
N VAL A 78 7.42 8.31 -3.77
CA VAL A 78 7.40 7.18 -2.83
C VAL A 78 8.71 6.42 -2.83
N TYR A 79 9.07 5.83 -3.96
CA TYR A 79 10.28 5.00 -4.06
C TYR A 79 11.55 5.83 -3.83
N ASN A 80 11.42 7.13 -3.98
CA ASN A 80 12.52 8.05 -3.82
C ASN A 80 12.67 8.51 -2.36
N TRP A 81 11.64 8.30 -1.56
CA TRP A 81 11.64 8.72 -0.18
C TRP A 81 12.55 7.89 0.72
N THR A 82 13.37 8.58 1.48
CA THR A 82 14.24 7.96 2.44
C THR A 82 13.46 7.75 3.77
N VAL A 83 14.17 7.33 4.80
CA VAL A 83 13.58 7.03 6.09
C VAL A 83 12.91 8.26 6.69
N ASP A 84 13.61 9.39 6.68
CA ASP A 84 13.07 10.65 7.24
C ASP A 84 11.76 11.06 6.59
N GLU A 85 11.74 10.92 5.28
CA GLU A 85 10.59 11.30 4.50
C GLU A 85 9.39 10.43 4.84
N VAL A 86 9.58 9.12 4.85
CA VAL A 86 8.49 8.22 5.17
C VAL A 86 8.05 8.38 6.61
N VAL A 87 8.98 8.66 7.50
CA VAL A 87 8.69 8.87 8.88
C VAL A 87 7.70 10.03 9.06
N GLN A 88 8.03 11.19 8.49
CA GLN A 88 7.17 12.35 8.61
C GLN A 88 5.85 12.10 7.88
N TRP A 89 5.92 11.32 6.82
CA TRP A 89 4.77 11.02 6.03
C TRP A 89 3.84 10.07 6.79
N LEU A 90 4.43 9.03 7.39
CA LEU A 90 3.68 8.03 8.11
C LEU A 90 2.96 8.68 9.28
N ILE A 91 3.61 9.61 9.95
CA ILE A 91 2.94 10.24 11.05
C ILE A 91 1.83 11.17 10.59
N THR A 92 2.11 12.03 9.59
CA THR A 92 1.12 13.00 9.14
C THR A 92 -0.02 12.31 8.36
N TYR A 93 0.19 11.08 7.97
CA TYR A 93 -0.79 10.33 7.23
C TYR A 93 -1.43 9.25 8.08
N VAL A 94 -0.64 8.31 8.52
CA VAL A 94 -1.11 7.14 9.25
C VAL A 94 -1.48 7.50 10.67
N GLU A 95 -0.83 8.56 11.21
CA GLU A 95 -1.08 9.03 12.56
C GLU A 95 -0.55 8.03 13.58
N LEU A 96 0.53 7.38 13.21
CA LEU A 96 1.18 6.43 14.09
C LEU A 96 2.44 7.03 14.69
N PRO A 97 2.39 7.41 15.97
CA PRO A 97 3.50 8.08 16.64
C PRO A 97 4.55 7.08 17.19
N GLN A 98 4.50 5.87 16.68
CA GLN A 98 5.40 4.80 17.05
C GLN A 98 6.66 4.85 16.15
N TYR A 99 6.71 5.89 15.35
CA TYR A 99 7.68 6.04 14.29
C TYR A 99 9.11 5.92 14.75
N GLU A 100 9.42 6.53 15.90
CA GLU A 100 10.78 6.52 16.46
C GLU A 100 11.27 5.10 16.58
N GLU A 101 10.51 4.33 17.31
CA GLU A 101 10.84 2.98 17.58
C GLU A 101 10.87 2.12 16.33
N THR A 102 9.87 2.24 15.51
CA THR A 102 9.81 1.38 14.34
C THR A 102 10.86 1.76 13.29
N PHE A 103 11.15 3.05 13.12
CA PHE A 103 12.15 3.41 12.16
C PHE A 103 13.51 3.01 12.65
N ARG A 104 13.72 3.11 13.96
CA ARG A 104 15.01 2.73 14.52
C ARG A 104 15.17 1.20 14.49
N LYS A 105 14.04 0.48 14.54
CA LYS A 105 14.06 -0.96 14.47
C LYS A 105 14.28 -1.51 13.06
N LEU A 106 13.53 -1.02 12.10
CA LEU A 106 13.58 -1.61 10.76
C LEU A 106 14.05 -0.67 9.67
N GLN A 107 13.96 0.64 9.93
CA GLN A 107 14.28 1.71 8.94
C GLN A 107 13.41 1.61 7.72
N LEU A 108 12.33 2.31 7.75
CA LEU A 108 11.40 2.28 6.67
C LEU A 108 11.71 3.38 5.66
N SER A 109 11.21 3.23 4.45
CA SER A 109 11.45 4.18 3.39
C SER A 109 10.47 3.87 2.27
N GLY A 110 10.76 4.36 1.07
CA GLY A 110 9.90 4.19 -0.10
C GLY A 110 9.54 2.76 -0.43
N HIS A 111 10.42 1.80 -0.15
CA HIS A 111 10.09 0.40 -0.39
C HIS A 111 9.40 -0.20 0.84
N ALA A 112 9.65 0.41 1.96
CA ALA A 112 9.01 -0.06 3.13
C ALA A 112 7.56 0.38 3.15
N MET A 113 7.25 1.49 2.45
CA MET A 113 5.86 2.00 2.32
C MET A 113 4.91 0.89 1.80
N PRO A 114 5.19 0.21 0.66
CA PRO A 114 4.37 -0.91 0.25
C PRO A 114 4.56 -2.10 1.16
N ARG A 115 5.80 -2.39 1.62
CA ARG A 115 5.95 -3.58 2.54
C ARG A 115 5.13 -3.40 3.85
N LEU A 116 4.83 -2.16 4.25
CA LEU A 116 4.03 -1.92 5.46
C LEU A 116 2.54 -1.75 5.15
N ALA A 117 2.23 -1.66 3.88
CA ALA A 117 0.85 -1.50 3.44
C ALA A 117 0.07 -2.82 3.51
N VAL A 118 0.77 -3.90 3.78
CA VAL A 118 0.12 -5.17 3.84
C VAL A 118 0.21 -5.79 5.25
N THR A 119 -0.97 -6.01 5.83
CA THR A 119 -1.16 -6.66 7.15
C THR A 119 -0.38 -5.97 8.34
N ASN A 120 -0.43 -6.55 9.54
CA ASN A 120 0.26 -5.90 10.66
C ASN A 120 1.63 -6.53 10.95
N THR A 121 1.67 -7.86 10.95
CA THR A 121 2.85 -8.64 11.34
C THR A 121 4.08 -8.34 10.46
N THR A 122 3.82 -7.95 9.24
CA THR A 122 4.86 -7.61 8.31
C THR A 122 5.60 -6.35 8.78
N MET A 123 4.87 -5.30 9.09
CA MET A 123 5.48 -4.06 9.50
C MET A 123 5.90 -4.06 10.97
N THR A 124 5.07 -4.59 11.85
CA THR A 124 5.39 -4.51 13.25
C THR A 124 6.56 -5.41 13.65
N GLY A 125 7.65 -4.76 14.01
CA GLY A 125 8.81 -5.44 14.52
C GLY A 125 8.95 -5.18 16.00
N THR A 126 7.85 -4.81 16.62
CA THR A 126 7.81 -4.53 18.04
C THR A 126 6.41 -4.88 18.55
N VAL A 127 5.51 -3.92 18.52
CA VAL A 127 4.12 -4.11 18.89
C VAL A 127 3.33 -3.22 17.98
N LEU A 128 3.69 -1.95 17.98
CA LEU A 128 3.11 -0.93 17.14
C LEU A 128 1.71 -0.55 17.55
N LYS A 129 0.78 -1.41 17.27
CA LYS A 129 -0.60 -1.14 17.51
C LYS A 129 -1.27 -2.49 17.69
N MET A 130 -2.09 -2.63 18.71
CA MET A 130 -2.68 -3.93 19.03
C MET A 130 -3.94 -4.21 18.23
N THR A 131 -4.55 -3.19 17.70
CA THR A 131 -5.71 -3.39 16.87
C THR A 131 -5.27 -3.78 15.48
N ASP A 132 -5.22 -5.07 15.21
CA ASP A 132 -4.80 -5.59 13.92
C ASP A 132 -5.56 -4.95 12.78
N ARG A 133 -6.87 -4.89 12.88
CA ARG A 133 -7.61 -4.38 11.77
C ARG A 133 -7.43 -2.89 11.64
N SER A 134 -7.45 -2.17 12.74
CA SER A 134 -7.34 -0.74 12.68
C SER A 134 -5.95 -0.36 12.20
N HIS A 135 -4.94 -1.08 12.67
CA HIS A 135 -3.57 -0.86 12.29
C HIS A 135 -3.43 -1.07 10.79
N ARG A 136 -3.84 -2.24 10.31
CA ARG A 136 -3.68 -2.58 8.92
C ARG A 136 -4.52 -1.65 8.04
N GLN A 137 -5.64 -1.16 8.58
CA GLN A 137 -6.47 -0.21 7.86
C GLN A 137 -5.74 1.11 7.65
N LYS A 138 -5.16 1.67 8.71
CA LYS A 138 -4.46 2.93 8.56
C LYS A 138 -3.21 2.76 7.70
N LEU A 139 -2.47 1.72 7.98
CA LEU A 139 -1.27 1.42 7.24
C LEU A 139 -1.57 1.23 5.76
N GLN A 140 -2.57 0.40 5.43
CA GLN A 140 -2.87 0.18 4.04
C GLN A 140 -3.43 1.44 3.40
N LEU A 141 -4.38 2.12 4.06
CA LEU A 141 -5.01 3.30 3.47
C LEU A 141 -4.00 4.33 3.04
N LYS A 142 -3.14 4.71 3.95
CA LYS A 142 -2.22 5.75 3.64
C LYS A 142 -1.07 5.27 2.77
N ALA A 143 -0.45 4.15 3.13
CA ALA A 143 0.68 3.62 2.38
C ALA A 143 0.26 3.22 0.98
N LEU A 144 -0.87 2.54 0.85
CA LEU A 144 -1.32 2.07 -0.43
C LEU A 144 -1.71 3.24 -1.31
N ASP A 145 -2.51 4.18 -0.78
CA ASP A 145 -2.89 5.36 -1.57
C ASP A 145 -1.63 6.10 -2.04
N THR A 146 -0.63 6.08 -1.18
CA THR A 146 0.63 6.71 -1.50
C THR A 146 1.47 5.91 -2.53
N VAL A 147 1.64 4.60 -2.36
CA VAL A 147 2.45 3.80 -3.31
C VAL A 147 1.79 3.76 -4.69
N LEU A 148 0.48 3.96 -4.71
CA LEU A 148 -0.25 3.96 -5.94
C LEU A 148 -0.23 5.35 -6.59
N PHE A 149 -0.50 6.36 -5.79
CA PHE A 149 -0.57 7.73 -6.26
C PHE A 149 0.64 8.52 -5.74
N GLY A 150 0.60 8.89 -4.47
CA GLY A 150 1.71 9.63 -3.85
C GLY A 150 2.11 10.91 -4.59
N GLY A 1 -3.91 -19.50 -2.19
CA GLY A 1 -4.86 -20.29 -1.39
C GLY A 1 -6.27 -20.03 -1.81
N SER A 2 -6.75 -18.83 -1.53
CA SER A 2 -8.08 -18.39 -1.92
C SER A 2 -8.07 -18.06 -3.43
N HIS A 3 -9.23 -17.81 -4.03
CA HIS A 3 -9.24 -17.47 -5.46
C HIS A 3 -8.72 -16.04 -5.64
N MET A 4 -9.01 -15.20 -4.64
CA MET A 4 -8.62 -13.80 -4.65
C MET A 4 -7.14 -13.65 -4.36
N ALA A 5 -6.50 -14.73 -3.94
CA ALA A 5 -5.12 -14.64 -3.58
C ALA A 5 -4.42 -15.95 -3.72
N SER A 6 -3.52 -15.98 -4.65
CA SER A 6 -2.67 -17.11 -4.87
C SER A 6 -1.63 -17.17 -3.75
N SER A 7 -1.28 -16.01 -3.28
CA SER A 7 -0.31 -15.84 -2.24
C SER A 7 -0.93 -14.99 -1.14
N GLU A 8 -0.19 -14.64 -0.10
CA GLU A 8 -0.78 -13.93 1.04
C GLU A 8 0.27 -13.22 1.90
N ASP A 9 1.18 -13.96 2.47
CA ASP A 9 2.25 -13.37 3.25
C ASP A 9 3.53 -13.42 2.43
N GLU A 10 3.76 -12.35 1.75
CA GLU A 10 4.81 -12.27 0.77
C GLU A 10 6.17 -12.02 1.41
N LYS A 11 7.19 -12.56 0.81
CA LYS A 11 8.55 -12.46 1.33
C LYS A 11 9.33 -11.40 0.55
N LEU A 12 9.35 -11.55 -0.75
CA LEU A 12 10.04 -10.64 -1.65
C LEU A 12 9.29 -9.34 -1.83
N SER A 13 9.97 -8.38 -2.40
CA SER A 13 9.45 -7.07 -2.63
C SER A 13 8.36 -7.12 -3.68
N PHE A 14 8.67 -7.78 -4.78
CA PHE A 14 7.80 -7.90 -5.94
C PHE A 14 6.45 -8.50 -5.56
N GLU A 15 6.51 -9.58 -4.82
CA GLU A 15 5.32 -10.26 -4.39
C GLU A 15 4.51 -9.43 -3.38
N ALA A 16 5.19 -8.71 -2.50
CA ALA A 16 4.50 -7.87 -1.55
C ALA A 16 3.79 -6.76 -2.29
N VAL A 17 4.52 -6.13 -3.19
CA VAL A 17 4.01 -5.05 -4.02
C VAL A 17 2.76 -5.47 -4.80
N ARG A 18 2.86 -6.58 -5.52
CA ARG A 18 1.74 -7.08 -6.30
C ARG A 18 0.58 -7.43 -5.38
N ASN A 19 0.88 -7.82 -4.13
CA ASN A 19 -0.14 -8.18 -3.17
C ASN A 19 -1.00 -6.97 -2.85
N ILE A 20 -0.35 -5.89 -2.46
CA ILE A 20 -1.12 -4.72 -2.10
C ILE A 20 -1.87 -4.18 -3.31
N HIS A 21 -1.28 -4.35 -4.50
CA HIS A 21 -1.95 -3.97 -5.73
C HIS A 21 -3.12 -4.93 -6.06
N LYS A 22 -2.98 -6.20 -5.69
CA LYS A 22 -4.00 -7.21 -5.97
C LYS A 22 -5.22 -6.98 -5.09
N LEU A 23 -4.99 -6.32 -3.95
CA LEU A 23 -6.07 -5.96 -2.98
C LEU A 23 -7.29 -5.27 -3.64
N MET A 24 -7.05 -4.56 -4.71
CA MET A 24 -8.11 -3.86 -5.41
C MET A 24 -8.86 -4.77 -6.37
N ASP A 25 -8.22 -5.78 -6.82
CA ASP A 25 -8.80 -6.72 -7.77
C ASP A 25 -9.57 -7.79 -7.01
N ASP A 26 -10.61 -8.25 -7.61
CA ASP A 26 -11.48 -9.28 -7.09
C ASP A 26 -10.85 -10.65 -7.22
N ASP A 27 -10.26 -10.90 -8.40
CA ASP A 27 -9.73 -12.21 -8.72
C ASP A 27 -8.22 -12.21 -8.69
N ALA A 28 -7.67 -11.01 -8.57
CA ALA A 28 -6.23 -10.79 -8.57
C ALA A 28 -5.56 -11.37 -9.84
N ASN A 29 -5.86 -10.78 -10.98
CA ASN A 29 -5.33 -11.27 -12.27
C ASN A 29 -4.12 -10.46 -12.70
N GLY A 30 -3.72 -9.53 -11.86
CA GLY A 30 -2.57 -8.70 -12.14
C GLY A 30 -2.98 -7.31 -12.56
N ASP A 31 -4.25 -7.17 -12.85
CA ASP A 31 -4.84 -5.92 -13.20
C ASP A 31 -6.26 -5.87 -12.69
N VAL A 32 -6.58 -4.76 -12.10
CA VAL A 32 -7.86 -4.56 -11.56
C VAL A 32 -8.70 -3.81 -12.57
N ASP A 33 -9.84 -4.32 -12.84
CA ASP A 33 -10.80 -3.64 -13.67
C ASP A 33 -11.78 -2.92 -12.77
N VAL A 34 -12.50 -1.99 -13.33
CA VAL A 34 -13.47 -1.17 -12.64
C VAL A 34 -14.57 -2.00 -11.97
N GLU A 35 -14.93 -3.10 -12.60
CA GLU A 35 -15.99 -3.93 -12.08
C GLU A 35 -15.46 -4.77 -10.91
N GLU A 36 -14.18 -5.07 -10.95
CA GLU A 36 -13.54 -5.84 -9.91
C GLU A 36 -13.30 -4.95 -8.68
N SER A 37 -12.74 -3.80 -8.93
CA SER A 37 -12.30 -2.84 -7.92
C SER A 37 -13.40 -1.95 -7.38
N ASP A 38 -14.63 -2.13 -7.87
CA ASP A 38 -15.80 -1.23 -7.63
C ASP A 38 -15.86 -0.68 -6.21
N GLU A 39 -16.05 -1.52 -5.22
CA GLU A 39 -16.05 -1.04 -3.84
C GLU A 39 -14.63 -0.87 -3.30
N PHE A 40 -13.78 -1.81 -3.73
CA PHE A 40 -12.41 -1.96 -3.25
C PHE A 40 -11.61 -0.71 -3.29
N LEU A 41 -11.22 -0.24 -4.47
CA LEU A 41 -10.28 0.90 -4.59
C LEU A 41 -10.78 2.09 -3.75
N ARG A 42 -12.11 2.37 -3.91
CA ARG A 42 -12.79 3.51 -3.27
C ARG A 42 -12.50 3.51 -1.82
N GLU A 43 -12.94 2.51 -1.16
CA GLU A 43 -12.88 2.51 0.25
C GLU A 43 -11.52 2.08 0.74
N ASP A 44 -11.01 1.01 0.14
CA ASP A 44 -9.80 0.31 0.58
C ASP A 44 -8.61 1.20 0.69
N LEU A 45 -8.46 2.21 -0.20
CA LEU A 45 -7.42 3.19 0.09
C LEU A 45 -7.84 4.62 -0.14
N ASN A 46 -9.05 4.84 -0.55
CA ASN A 46 -9.45 6.19 -0.85
C ASN A 46 -10.57 6.67 0.02
N TYR A 47 -11.06 5.78 0.90
CA TYR A 47 -12.15 6.07 1.82
C TYR A 47 -13.51 6.19 1.13
N HIS A 48 -13.65 7.14 0.23
CA HIS A 48 -14.92 7.42 -0.41
C HIS A 48 -14.91 7.18 -1.91
N ASP A 49 -14.26 8.07 -2.65
CA ASP A 49 -14.27 7.95 -4.11
C ASP A 49 -12.85 7.83 -4.67
N PRO A 50 -12.62 6.84 -5.52
CA PRO A 50 -11.31 6.56 -6.12
C PRO A 50 -11.07 7.18 -7.49
N THR A 51 -11.89 8.13 -7.86
CA THR A 51 -11.83 8.81 -9.14
C THR A 51 -10.43 9.34 -9.41
N VAL A 52 -9.81 9.88 -8.36
CA VAL A 52 -8.46 10.35 -8.45
C VAL A 52 -7.51 9.19 -8.85
N LYS A 53 -7.51 8.10 -8.11
CA LYS A 53 -6.65 7.00 -8.43
C LYS A 53 -6.96 6.32 -9.75
N HIS A 54 -8.23 6.13 -10.06
CA HIS A 54 -8.63 5.54 -11.33
C HIS A 54 -8.22 6.42 -12.50
N SER A 55 -8.62 7.70 -12.47
CA SER A 55 -8.29 8.59 -13.58
C SER A 55 -6.81 8.97 -13.62
N THR A 56 -6.18 9.14 -12.47
CA THR A 56 -4.77 9.44 -12.43
C THR A 56 -3.96 8.28 -13.02
N PHE A 57 -4.23 7.06 -12.58
CA PHE A 57 -3.44 5.96 -13.04
C PHE A 57 -3.76 5.56 -14.48
N HIS A 58 -5.00 5.16 -14.71
CA HIS A 58 -5.38 4.70 -16.03
C HIS A 58 -5.56 5.86 -17.00
N GLY A 59 -6.24 6.87 -16.53
CA GLY A 59 -6.61 7.99 -17.37
C GLY A 59 -8.04 7.88 -17.78
N GLU A 60 -8.39 6.74 -18.31
CA GLU A 60 -9.74 6.45 -18.74
C GLU A 60 -10.57 5.94 -17.54
N ASP A 61 -9.96 6.04 -16.35
CA ASP A 61 -10.60 5.75 -15.04
C ASP A 61 -10.88 4.26 -14.92
N LYS A 62 -9.91 3.44 -15.29
CA LYS A 62 -10.16 2.03 -15.35
C LYS A 62 -9.16 1.12 -14.61
N LEU A 63 -8.32 0.44 -15.36
CA LEU A 63 -7.44 -0.60 -14.85
C LEU A 63 -6.29 -0.10 -14.05
N ILE A 64 -6.00 -0.84 -13.01
CA ILE A 64 -4.91 -0.60 -12.11
C ILE A 64 -4.06 -1.88 -12.19
N SER A 65 -2.82 -1.78 -12.60
CA SER A 65 -2.02 -2.97 -12.83
C SER A 65 -0.68 -2.93 -12.14
N VAL A 66 -0.29 -4.08 -11.61
CA VAL A 66 0.91 -4.24 -10.82
C VAL A 66 2.16 -3.71 -11.47
N GLU A 67 2.48 -4.18 -12.66
CA GLU A 67 3.73 -3.79 -13.27
C GLU A 67 3.76 -2.32 -13.60
N ASP A 68 2.64 -1.78 -14.05
CA ASP A 68 2.60 -0.39 -14.43
C ASP A 68 2.68 0.49 -13.19
N LEU A 69 2.11 -0.03 -12.11
CA LEU A 69 2.22 0.58 -10.79
C LEU A 69 3.65 0.53 -10.29
N TRP A 70 4.31 -0.60 -10.50
CA TRP A 70 5.72 -0.78 -10.15
C TRP A 70 6.57 0.32 -10.82
N LYS A 71 6.31 0.52 -12.12
CA LYS A 71 6.93 1.61 -12.89
C LYS A 71 6.61 2.96 -12.27
N ALA A 72 5.35 3.17 -11.93
CA ALA A 72 4.88 4.41 -11.37
C ALA A 72 5.52 4.67 -10.02
N TRP A 73 5.48 3.68 -9.16
CA TRP A 73 6.04 3.73 -7.81
C TRP A 73 7.49 4.14 -7.85
N LYS A 74 8.28 3.52 -8.72
CA LYS A 74 9.70 3.87 -8.84
C LYS A 74 9.93 5.33 -9.29
N SER A 75 8.93 5.91 -9.92
CA SER A 75 9.03 7.27 -10.44
C SER A 75 8.29 8.24 -9.50
N SER A 76 7.49 7.71 -8.61
CA SER A 76 6.72 8.52 -7.71
C SER A 76 7.53 8.84 -6.47
N GLU A 77 7.09 9.89 -5.75
CA GLU A 77 7.78 10.38 -4.55
C GLU A 77 7.92 9.29 -3.52
N VAL A 78 6.96 8.38 -3.50
CA VAL A 78 6.94 7.23 -2.61
C VAL A 78 8.25 6.47 -2.60
N TYR A 79 8.74 6.05 -3.75
CA TYR A 79 9.95 5.26 -3.81
C TYR A 79 11.18 6.12 -3.51
N ASN A 80 11.04 7.41 -3.72
CA ASN A 80 12.12 8.36 -3.49
C ASN A 80 12.26 8.64 -2.01
N TRP A 81 11.16 8.52 -1.27
CA TRP A 81 11.15 8.81 0.15
C TRP A 81 12.03 7.90 0.97
N THR A 82 12.94 8.54 1.68
CA THR A 82 13.82 7.87 2.60
C THR A 82 13.09 7.69 3.94
N VAL A 83 13.80 7.21 4.95
CA VAL A 83 13.23 6.93 6.24
C VAL A 83 12.66 8.20 6.89
N ASP A 84 13.40 9.29 6.82
CA ASP A 84 12.95 10.56 7.42
C ASP A 84 11.63 11.06 6.79
N GLU A 85 11.57 10.95 5.46
CA GLU A 85 10.40 11.34 4.69
C GLU A 85 9.19 10.51 5.10
N VAL A 86 9.37 9.19 5.13
CA VAL A 86 8.28 8.29 5.46
C VAL A 86 7.84 8.51 6.91
N VAL A 87 8.78 8.84 7.79
CA VAL A 87 8.49 9.09 9.15
C VAL A 87 7.54 10.27 9.30
N GLN A 88 7.86 11.40 8.65
CA GLN A 88 6.99 12.55 8.78
C GLN A 88 5.68 12.29 8.07
N TRP A 89 5.73 11.48 7.03
CA TRP A 89 4.56 11.18 6.26
C TRP A 89 3.62 10.28 7.06
N LEU A 90 4.19 9.26 7.67
CA LEU A 90 3.40 8.30 8.40
C LEU A 90 2.75 8.99 9.57
N ILE A 91 3.46 9.88 10.22
CA ILE A 91 2.85 10.54 11.34
C ILE A 91 1.74 11.49 10.89
N THR A 92 2.02 12.34 9.88
CA THR A 92 1.05 13.33 9.46
C THR A 92 -0.20 12.69 8.83
N TYR A 93 -0.04 11.51 8.30
CA TYR A 93 -1.13 10.87 7.61
C TYR A 93 -1.72 9.68 8.32
N VAL A 94 -0.88 8.82 8.82
CA VAL A 94 -1.33 7.61 9.47
C VAL A 94 -1.66 7.90 10.92
N GLU A 95 -1.04 8.97 11.44
CA GLU A 95 -1.29 9.43 12.80
C GLU A 95 -0.81 8.41 13.79
N LEU A 96 0.40 7.97 13.53
CA LEU A 96 1.03 7.00 14.37
C LEU A 96 2.32 7.51 14.98
N PRO A 97 2.29 7.85 16.25
CA PRO A 97 3.40 8.47 16.92
C PRO A 97 4.44 7.48 17.51
N GLN A 98 4.44 6.24 17.08
CA GLN A 98 5.44 5.26 17.52
C GLN A 98 6.52 5.15 16.44
N TYR A 99 6.61 6.21 15.67
CA TYR A 99 7.48 6.30 14.51
C TYR A 99 8.92 6.02 14.84
N GLU A 100 9.39 6.52 15.99
CA GLU A 100 10.77 6.27 16.41
C GLU A 100 11.02 4.79 16.50
N GLU A 101 10.13 4.10 17.20
CA GLU A 101 10.24 2.68 17.38
C GLU A 101 10.24 1.94 16.06
N THR A 102 9.30 2.22 15.22
CA THR A 102 9.22 1.50 13.97
C THR A 102 10.40 1.81 13.04
N PHE A 103 10.78 3.08 12.94
CA PHE A 103 11.87 3.39 12.05
C PHE A 103 13.18 2.84 12.57
N ARG A 104 13.37 2.81 13.87
CA ARG A 104 14.60 2.26 14.44
C ARG A 104 14.58 0.73 14.32
N LYS A 105 13.38 0.14 14.32
CA LYS A 105 13.23 -1.30 14.22
C LYS A 105 13.44 -1.84 12.81
N LEU A 106 12.78 -1.27 11.82
CA LEU A 106 12.91 -1.80 10.48
C LEU A 106 13.42 -0.80 9.45
N GLN A 107 13.50 0.47 9.82
CA GLN A 107 13.85 1.56 8.90
C GLN A 107 12.93 1.56 7.69
N LEU A 108 11.82 2.18 7.84
CA LEU A 108 10.87 2.21 6.78
C LEU A 108 11.16 3.31 5.79
N SER A 109 10.65 3.19 4.60
CA SER A 109 10.86 4.14 3.53
C SER A 109 9.86 3.80 2.42
N GLY A 110 10.13 4.27 1.23
CA GLY A 110 9.26 4.01 0.09
C GLY A 110 9.14 2.54 -0.28
N HIS A 111 10.09 1.74 0.12
CA HIS A 111 10.06 0.28 -0.10
C HIS A 111 9.25 -0.40 1.03
N ALA A 112 9.43 0.12 2.22
CA ALA A 112 8.69 -0.40 3.33
C ALA A 112 7.23 -0.03 3.17
N MET A 113 6.95 1.12 2.54
CA MET A 113 5.56 1.55 2.27
C MET A 113 4.69 0.44 1.67
N PRO A 114 5.05 -0.18 0.50
CA PRO A 114 4.28 -1.28 0.01
C PRO A 114 4.42 -2.45 0.92
N ARG A 115 5.64 -2.76 1.39
CA ARG A 115 5.80 -3.89 2.27
C ARG A 115 4.85 -3.82 3.51
N LEU A 116 4.70 -2.63 4.11
CA LEU A 116 3.89 -2.49 5.30
C LEU A 116 2.41 -2.33 4.99
N ALA A 117 2.11 -2.03 3.73
CA ALA A 117 0.74 -1.82 3.28
C ALA A 117 -0.01 -3.13 3.27
N VAL A 118 0.72 -4.22 3.33
CA VAL A 118 0.10 -5.50 3.35
C VAL A 118 0.32 -6.18 4.70
N THR A 119 -0.80 -6.45 5.37
CA THR A 119 -0.89 -7.10 6.69
C THR A 119 -0.12 -6.37 7.83
N ASN A 120 -0.83 -6.11 8.93
CA ASN A 120 -0.24 -5.38 10.09
C ASN A 120 0.86 -6.21 10.70
N THR A 121 0.71 -7.51 10.57
CA THR A 121 1.62 -8.49 11.06
C THR A 121 3.04 -8.29 10.49
N THR A 122 3.09 -7.92 9.23
CA THR A 122 4.33 -7.76 8.52
C THR A 122 5.10 -6.48 8.94
N MET A 123 4.40 -5.41 9.24
CA MET A 123 5.08 -4.18 9.63
C MET A 123 5.54 -4.23 11.08
N THR A 124 4.77 -4.87 11.90
CA THR A 124 5.08 -4.92 13.29
C THR A 124 6.23 -5.92 13.57
N GLY A 125 7.41 -5.37 13.83
CA GLY A 125 8.58 -6.18 14.11
C GLY A 125 8.86 -6.31 15.60
N THR A 126 8.11 -5.56 16.39
CA THR A 126 8.23 -5.57 17.84
C THR A 126 6.96 -4.97 18.44
N VAL A 127 6.83 -3.69 18.29
CA VAL A 127 5.70 -2.97 18.78
C VAL A 127 5.38 -1.87 17.78
N LEU A 128 4.17 -1.86 17.35
CA LEU A 128 3.71 -0.89 16.41
C LEU A 128 2.38 -0.33 16.86
N LYS A 129 1.39 -1.19 16.97
CA LYS A 129 0.05 -0.75 17.30
C LYS A 129 -0.71 -1.93 17.90
N MET A 130 -1.46 -1.67 18.95
CA MET A 130 -2.19 -2.74 19.62
C MET A 130 -3.41 -3.16 18.80
N THR A 131 -4.07 -2.21 18.20
CA THR A 131 -5.20 -2.49 17.36
C THR A 131 -4.76 -3.01 16.00
N ASP A 132 -4.86 -4.31 15.83
CA ASP A 132 -4.48 -5.00 14.59
C ASP A 132 -5.19 -4.39 13.38
N ARG A 133 -6.50 -4.18 13.53
CA ARG A 133 -7.33 -3.70 12.47
C ARG A 133 -7.03 -2.26 12.17
N SER A 134 -6.90 -1.48 13.21
CA SER A 134 -6.71 -0.08 13.03
C SER A 134 -5.34 0.16 12.38
N HIS A 135 -4.35 -0.62 12.79
CA HIS A 135 -3.02 -0.54 12.25
C HIS A 135 -3.05 -0.85 10.75
N ARG A 136 -3.58 -2.02 10.40
CA ARG A 136 -3.65 -2.41 8.99
C ARG A 136 -4.47 -1.45 8.17
N GLN A 137 -5.55 -0.95 8.72
CA GLN A 137 -6.38 0.01 8.01
C GLN A 137 -5.64 1.29 7.73
N LYS A 138 -5.03 1.89 8.73
CA LYS A 138 -4.38 3.16 8.54
C LYS A 138 -3.17 3.04 7.62
N LEU A 139 -2.38 2.01 7.83
CA LEU A 139 -1.23 1.81 7.00
C LEU A 139 -1.59 1.43 5.60
N GLN A 140 -2.55 0.53 5.40
CA GLN A 140 -2.89 0.14 4.05
C GLN A 140 -3.49 1.34 3.30
N LEU A 141 -4.37 2.10 3.98
CA LEU A 141 -4.99 3.27 3.36
C LEU A 141 -3.93 4.24 2.87
N LYS A 142 -3.02 4.60 3.76
CA LYS A 142 -2.01 5.57 3.40
C LYS A 142 -0.94 5.00 2.50
N ALA A 143 -0.37 3.89 2.88
CA ALA A 143 0.72 3.31 2.14
C ALA A 143 0.31 2.85 0.77
N LEU A 144 -0.87 2.25 0.66
CA LEU A 144 -1.34 1.80 -0.61
C LEU A 144 -1.67 2.99 -1.48
N ASP A 145 -2.38 3.99 -0.93
CA ASP A 145 -2.66 5.24 -1.70
C ASP A 145 -1.34 5.84 -2.21
N THR A 146 -0.33 5.74 -1.36
CA THR A 146 0.97 6.28 -1.63
C THR A 146 1.76 5.49 -2.69
N VAL A 147 1.77 4.16 -2.62
CA VAL A 147 2.49 3.37 -3.61
C VAL A 147 1.78 3.42 -4.95
N LEU A 148 0.48 3.68 -4.90
CA LEU A 148 -0.30 3.78 -6.11
C LEU A 148 -0.20 5.18 -6.73
N PHE A 149 -0.40 6.20 -5.93
CA PHE A 149 -0.36 7.58 -6.42
C PHE A 149 0.97 8.22 -6.00
N GLY A 150 1.12 8.49 -4.70
CA GLY A 150 2.36 9.05 -4.15
C GLY A 150 2.92 10.26 -4.86
N GLY A 1 -12.95 -13.22 -4.97
CA GLY A 1 -11.99 -12.61 -4.05
C GLY A 1 -10.89 -13.57 -3.68
N SER A 2 -9.77 -13.45 -4.34
CA SER A 2 -8.64 -14.28 -4.04
C SER A 2 -7.80 -13.68 -2.93
N HIS A 3 -7.71 -14.40 -1.83
CA HIS A 3 -6.88 -13.97 -0.69
C HIS A 3 -5.44 -14.35 -0.98
N MET A 4 -5.32 -15.33 -1.84
CA MET A 4 -4.06 -15.84 -2.34
C MET A 4 -3.74 -15.09 -3.64
N ALA A 5 -3.04 -15.76 -4.56
CA ALA A 5 -2.76 -15.28 -5.93
C ALA A 5 -1.50 -14.43 -6.04
N SER A 6 -1.25 -13.61 -5.08
CA SER A 6 -0.13 -12.72 -5.20
C SER A 6 1.10 -13.16 -4.42
N SER A 7 0.92 -13.94 -3.38
CA SER A 7 2.05 -14.35 -2.56
C SER A 7 2.54 -15.74 -3.02
N GLU A 8 3.84 -15.95 -2.91
CA GLU A 8 4.45 -17.22 -3.24
C GLU A 8 5.18 -17.75 -2.00
N ASP A 9 6.17 -18.59 -2.16
CA ASP A 9 6.81 -19.23 -1.00
C ASP A 9 7.69 -18.27 -0.18
N GLU A 10 8.64 -17.65 -0.83
CA GLU A 10 9.53 -16.71 -0.15
C GLU A 10 8.87 -15.37 -0.07
N LYS A 11 9.31 -14.55 0.83
CA LYS A 11 8.77 -13.23 0.91
C LYS A 11 9.56 -12.25 0.07
N LEU A 12 9.28 -12.30 -1.21
CA LEU A 12 9.89 -11.43 -2.17
C LEU A 12 9.18 -10.08 -2.12
N SER A 13 9.89 -9.03 -2.41
CA SER A 13 9.34 -7.70 -2.38
C SER A 13 8.28 -7.53 -3.47
N PHE A 14 8.47 -8.19 -4.61
CA PHE A 14 7.59 -8.07 -5.75
C PHE A 14 6.19 -8.53 -5.40
N GLU A 15 6.10 -9.67 -4.73
CA GLU A 15 4.83 -10.23 -4.40
C GLU A 15 4.09 -9.40 -3.38
N ALA A 16 4.84 -8.79 -2.47
CA ALA A 16 4.26 -7.93 -1.46
C ALA A 16 3.61 -6.73 -2.13
N VAL A 17 4.38 -6.08 -3.00
CA VAL A 17 3.92 -4.90 -3.72
C VAL A 17 2.64 -5.20 -4.52
N ARG A 18 2.71 -6.25 -5.32
CA ARG A 18 1.58 -6.64 -6.14
C ARG A 18 0.42 -7.10 -5.26
N ASN A 19 0.72 -7.60 -4.07
CA ASN A 19 -0.30 -8.04 -3.13
C ASN A 19 -1.16 -6.86 -2.76
N ILE A 20 -0.51 -5.78 -2.34
CA ILE A 20 -1.26 -4.61 -1.94
C ILE A 20 -2.03 -4.06 -3.14
N HIS A 21 -1.45 -4.17 -4.33
CA HIS A 21 -2.13 -3.76 -5.55
C HIS A 21 -3.32 -4.70 -5.88
N LYS A 22 -3.14 -6.00 -5.61
CA LYS A 22 -4.16 -7.00 -5.91
C LYS A 22 -5.35 -6.84 -5.00
N LEU A 23 -5.13 -6.22 -3.81
CA LEU A 23 -6.21 -5.96 -2.82
C LEU A 23 -7.45 -5.29 -3.43
N MET A 24 -7.27 -4.54 -4.49
CA MET A 24 -8.41 -3.92 -5.16
C MET A 24 -9.09 -4.91 -6.09
N ASP A 25 -8.31 -5.55 -6.95
CA ASP A 25 -8.80 -6.59 -7.84
C ASP A 25 -9.47 -7.76 -7.06
N ASP A 26 -10.62 -8.17 -7.52
CA ASP A 26 -11.36 -9.29 -6.96
C ASP A 26 -10.78 -10.65 -7.42
N ASP A 27 -10.30 -10.71 -8.67
CA ASP A 27 -9.80 -11.99 -9.22
C ASP A 27 -8.30 -12.05 -9.11
N ALA A 28 -7.73 -10.92 -8.73
CA ALA A 28 -6.30 -10.76 -8.46
C ALA A 28 -5.38 -11.14 -9.65
N ASN A 29 -5.83 -10.89 -10.89
CA ASN A 29 -5.03 -11.24 -12.09
C ASN A 29 -3.87 -10.27 -12.33
N GLY A 30 -3.71 -9.34 -11.43
CA GLY A 30 -2.63 -8.39 -11.50
C GLY A 30 -3.05 -7.08 -12.10
N ASP A 31 -4.22 -7.08 -12.67
CA ASP A 31 -4.80 -5.90 -13.25
C ASP A 31 -6.20 -5.72 -12.75
N VAL A 32 -6.35 -4.67 -11.99
CA VAL A 32 -7.57 -4.35 -11.32
C VAL A 32 -8.50 -3.57 -12.24
N ASP A 33 -9.60 -4.16 -12.60
CA ASP A 33 -10.62 -3.48 -13.38
C ASP A 33 -11.65 -2.83 -12.43
N VAL A 34 -12.46 -1.96 -12.98
CA VAL A 34 -13.47 -1.21 -12.24
C VAL A 34 -14.54 -2.11 -11.60
N GLU A 35 -14.89 -3.22 -12.25
CA GLU A 35 -15.91 -4.11 -11.69
C GLU A 35 -15.29 -4.91 -10.56
N GLU A 36 -14.04 -5.25 -10.76
CA GLU A 36 -13.29 -6.02 -9.80
C GLU A 36 -13.12 -5.20 -8.51
N SER A 37 -12.65 -3.99 -8.67
CA SER A 37 -12.34 -3.07 -7.58
C SER A 37 -13.52 -2.29 -7.04
N ASP A 38 -14.72 -2.52 -7.59
CA ASP A 38 -15.89 -1.62 -7.42
C ASP A 38 -16.03 -1.03 -6.03
N GLU A 39 -16.17 -1.82 -4.99
CA GLU A 39 -16.20 -1.23 -3.64
C GLU A 39 -14.78 -0.98 -3.10
N PHE A 40 -13.89 -1.95 -3.34
CA PHE A 40 -12.54 -2.00 -2.76
C PHE A 40 -11.71 -0.79 -2.97
N LEU A 41 -11.51 -0.35 -4.19
CA LEU A 41 -10.65 0.79 -4.42
C LEU A 41 -11.15 2.00 -3.65
N ARG A 42 -12.49 2.27 -3.86
CA ARG A 42 -13.16 3.43 -3.31
C ARG A 42 -12.91 3.51 -1.86
N GLU A 43 -13.39 2.54 -1.13
CA GLU A 43 -13.37 2.66 0.29
C GLU A 43 -12.04 2.29 0.86
N ASP A 44 -11.58 1.10 0.47
CA ASP A 44 -10.44 0.46 1.11
C ASP A 44 -9.17 1.27 1.01
N LEU A 45 -9.06 2.17 0.00
CA LEU A 45 -7.94 3.09 0.07
C LEU A 45 -8.31 4.52 -0.22
N ASN A 46 -9.37 4.73 -0.98
CA ASN A 46 -9.64 6.09 -1.38
C ASN A 46 -10.65 6.72 -0.45
N TYR A 47 -11.19 5.89 0.48
CA TYR A 47 -12.16 6.25 1.48
C TYR A 47 -13.51 6.84 0.94
N HIS A 48 -13.44 7.82 0.09
CA HIS A 48 -14.63 8.42 -0.48
C HIS A 48 -14.91 7.86 -1.87
N ASP A 49 -14.17 8.32 -2.87
CA ASP A 49 -14.40 7.91 -4.25
C ASP A 49 -13.07 7.65 -4.92
N PRO A 50 -12.97 6.59 -5.73
CA PRO A 50 -11.70 6.14 -6.33
C PRO A 50 -11.34 6.83 -7.63
N THR A 51 -12.12 7.80 -8.02
CA THR A 51 -11.92 8.56 -9.23
C THR A 51 -10.52 9.12 -9.27
N VAL A 52 -10.06 9.54 -8.10
CA VAL A 52 -8.73 10.08 -7.94
C VAL A 52 -7.71 9.04 -8.38
N LYS A 53 -7.76 7.87 -7.80
CA LYS A 53 -6.83 6.85 -8.18
C LYS A 53 -7.04 6.25 -9.56
N HIS A 54 -8.27 6.00 -9.94
CA HIS A 54 -8.57 5.46 -11.26
C HIS A 54 -8.10 6.39 -12.37
N SER A 55 -8.51 7.64 -12.29
CA SER A 55 -8.18 8.58 -13.34
C SER A 55 -6.73 9.11 -13.24
N THR A 56 -6.17 9.20 -12.04
CA THR A 56 -4.79 9.57 -11.94
C THR A 56 -3.90 8.44 -12.47
N PHE A 57 -4.16 7.20 -12.06
CA PHE A 57 -3.29 6.13 -12.51
C PHE A 57 -3.52 5.77 -13.97
N HIS A 58 -4.73 5.33 -14.29
CA HIS A 58 -4.99 4.88 -15.64
C HIS A 58 -5.12 6.09 -16.55
N GLY A 59 -6.00 6.97 -16.15
CA GLY A 59 -6.27 8.15 -16.90
C GLY A 59 -7.70 8.17 -17.27
N GLU A 60 -8.09 7.19 -18.04
CA GLU A 60 -9.45 7.11 -18.51
C GLU A 60 -10.32 6.22 -17.59
N ASP A 61 -10.05 6.27 -16.29
CA ASP A 61 -10.91 5.65 -15.24
C ASP A 61 -10.94 4.12 -15.35
N LYS A 62 -9.77 3.50 -15.52
CA LYS A 62 -9.77 2.09 -15.76
C LYS A 62 -8.82 1.29 -14.87
N LEU A 63 -8.11 0.38 -15.49
CA LEU A 63 -7.37 -0.69 -14.83
C LEU A 63 -6.12 -0.23 -14.11
N ILE A 64 -5.93 -0.82 -12.97
CA ILE A 64 -4.79 -0.58 -12.12
C ILE A 64 -3.95 -1.86 -12.13
N SER A 65 -2.78 -1.83 -12.68
CA SER A 65 -1.98 -3.04 -12.82
C SER A 65 -0.66 -2.98 -12.08
N VAL A 66 -0.30 -4.12 -11.47
CA VAL A 66 0.84 -4.22 -10.57
C VAL A 66 2.17 -3.89 -11.23
N GLU A 67 2.35 -4.31 -12.47
CA GLU A 67 3.60 -4.10 -13.18
C GLU A 67 3.75 -2.63 -13.57
N ASP A 68 2.68 -2.05 -14.03
CA ASP A 68 2.69 -0.67 -14.46
C ASP A 68 2.83 0.22 -13.23
N LEU A 69 2.21 -0.22 -12.14
CA LEU A 69 2.34 0.43 -10.84
C LEU A 69 3.75 0.36 -10.33
N TRP A 70 4.39 -0.79 -10.49
CA TRP A 70 5.80 -0.98 -10.12
C TRP A 70 6.64 0.10 -10.82
N LYS A 71 6.43 0.23 -12.12
CA LYS A 71 7.11 1.23 -12.92
C LYS A 71 6.75 2.66 -12.47
N ALA A 72 5.48 2.88 -12.17
CA ALA A 72 5.01 4.18 -11.71
C ALA A 72 5.61 4.51 -10.35
N TRP A 73 5.58 3.57 -9.43
CA TRP A 73 6.11 3.70 -8.07
C TRP A 73 7.55 4.10 -8.10
N LYS A 74 8.35 3.44 -8.92
CA LYS A 74 9.77 3.78 -9.05
C LYS A 74 9.98 5.20 -9.61
N SER A 75 8.99 5.68 -10.29
CA SER A 75 9.04 6.98 -10.94
C SER A 75 8.33 8.03 -10.06
N SER A 76 7.63 7.56 -9.05
CA SER A 76 6.87 8.43 -8.18
C SER A 76 7.70 8.85 -6.98
N GLU A 77 7.21 9.84 -6.26
CA GLU A 77 7.85 10.41 -5.08
C GLU A 77 8.14 9.32 -4.04
N VAL A 78 7.25 8.35 -4.00
CA VAL A 78 7.25 7.23 -3.05
C VAL A 78 8.61 6.55 -2.98
N TYR A 79 9.03 5.98 -4.09
CA TYR A 79 10.27 5.18 -4.18
C TYR A 79 11.51 6.04 -3.85
N ASN A 80 11.35 7.33 -3.96
CA ASN A 80 12.41 8.27 -3.71
C ASN A 80 12.44 8.69 -2.23
N TRP A 81 11.34 8.47 -1.53
CA TRP A 81 11.22 8.85 -0.15
C TRP A 81 12.08 7.99 0.78
N THR A 82 12.91 8.67 1.53
CA THR A 82 13.79 8.05 2.48
C THR A 82 13.04 7.84 3.81
N VAL A 83 13.78 7.41 4.82
CA VAL A 83 13.25 7.08 6.13
C VAL A 83 12.62 8.32 6.76
N ASP A 84 13.28 9.45 6.62
CA ASP A 84 12.80 10.71 7.20
C ASP A 84 11.44 11.11 6.62
N GLU A 85 11.33 10.94 5.32
CA GLU A 85 10.14 11.33 4.60
C GLU A 85 8.97 10.42 4.95
N VAL A 86 9.24 9.12 5.00
CA VAL A 86 8.19 8.17 5.35
C VAL A 86 7.79 8.34 6.80
N VAL A 87 8.75 8.67 7.66
CA VAL A 87 8.49 8.90 9.04
C VAL A 87 7.52 10.05 9.24
N GLN A 88 7.79 11.19 8.60
CA GLN A 88 6.90 12.32 8.73
C GLN A 88 5.56 12.03 8.07
N TRP A 89 5.59 11.24 7.01
CA TRP A 89 4.39 10.89 6.29
C TRP A 89 3.52 9.97 7.13
N LEU A 90 4.14 8.96 7.72
CA LEU A 90 3.42 8.00 8.52
C LEU A 90 2.80 8.69 9.71
N ILE A 91 3.50 9.62 10.31
CA ILE A 91 2.92 10.29 11.44
C ILE A 91 1.81 11.23 11.04
N THR A 92 2.06 12.09 10.02
CA THR A 92 1.09 13.10 9.64
C THR A 92 -0.17 12.46 9.05
N TYR A 93 -0.02 11.29 8.52
CA TYR A 93 -1.13 10.64 7.87
C TYR A 93 -1.68 9.45 8.60
N VAL A 94 -0.83 8.56 9.03
CA VAL A 94 -1.28 7.36 9.69
C VAL A 94 -1.59 7.65 11.15
N GLU A 95 -0.94 8.70 11.71
CA GLU A 95 -1.16 9.13 13.10
C GLU A 95 -0.46 8.20 14.05
N LEU A 96 0.56 7.54 13.57
CA LEU A 96 1.30 6.63 14.40
C LEU A 96 2.57 7.21 14.99
N PRO A 97 2.55 7.54 16.26
CA PRO A 97 3.65 8.19 16.93
C PRO A 97 4.74 7.24 17.46
N GLN A 98 4.76 6.01 16.96
CA GLN A 98 5.79 5.03 17.33
C GLN A 98 6.86 4.96 16.25
N TYR A 99 6.91 6.01 15.48
CA TYR A 99 7.79 6.13 14.32
C TYR A 99 9.24 5.90 14.65
N GLU A 100 9.70 6.42 15.78
CA GLU A 100 11.09 6.29 16.17
C GLU A 100 11.43 4.83 16.36
N GLU A 101 10.58 4.15 17.10
CA GLU A 101 10.76 2.76 17.41
C GLU A 101 10.75 1.91 16.15
N THR A 102 9.79 2.14 15.30
CA THR A 102 9.66 1.35 14.12
C THR A 102 10.75 1.66 13.10
N PHE A 103 11.13 2.94 12.94
CA PHE A 103 12.17 3.23 11.98
C PHE A 103 13.49 2.67 12.46
N ARG A 104 13.72 2.69 13.78
CA ARG A 104 14.96 2.12 14.29
C ARG A 104 14.93 0.60 14.21
N LYS A 105 13.75 0.02 14.26
CA LYS A 105 13.62 -1.42 14.16
C LYS A 105 13.77 -1.94 12.75
N LEU A 106 13.06 -1.37 11.82
CA LEU A 106 13.04 -1.92 10.47
C LEU A 106 13.55 -0.99 9.38
N GLN A 107 13.67 0.30 9.69
CA GLN A 107 14.06 1.35 8.72
C GLN A 107 13.11 1.39 7.54
N LEU A 108 12.10 2.21 7.64
CA LEU A 108 11.13 2.28 6.59
C LEU A 108 11.44 3.39 5.61
N SER A 109 10.83 3.34 4.43
CA SER A 109 11.04 4.31 3.37
C SER A 109 10.04 4.00 2.25
N GLY A 110 10.30 4.50 1.04
CA GLY A 110 9.44 4.28 -0.10
C GLY A 110 9.26 2.82 -0.50
N HIS A 111 10.20 1.96 -0.10
CA HIS A 111 10.08 0.52 -0.36
C HIS A 111 9.32 -0.12 0.81
N ALA A 112 9.48 0.47 1.97
CA ALA A 112 8.80 -0.03 3.09
C ALA A 112 7.34 0.29 3.03
N MET A 113 7.01 1.40 2.38
CA MET A 113 5.61 1.81 2.17
C MET A 113 4.75 0.65 1.63
N PRO A 114 5.10 0.01 0.47
CA PRO A 114 4.35 -1.13 0.04
C PRO A 114 4.58 -2.31 0.96
N ARG A 115 5.83 -2.54 1.41
CA ARG A 115 6.02 -3.72 2.31
C ARG A 115 5.17 -3.64 3.60
N LEU A 116 4.87 -2.41 4.08
CA LEU A 116 4.05 -2.26 5.29
C LEU A 116 2.57 -2.16 4.98
N ALA A 117 2.24 -1.89 3.72
CA ALA A 117 0.86 -1.73 3.29
C ALA A 117 0.17 -3.09 3.23
N VAL A 118 0.93 -4.15 3.37
CA VAL A 118 0.38 -5.47 3.39
C VAL A 118 0.60 -6.14 4.75
N THR A 119 -0.51 -6.45 5.40
CA THR A 119 -0.60 -7.07 6.72
C THR A 119 0.21 -6.34 7.84
N ASN A 120 -0.50 -5.95 8.88
CA ASN A 120 0.06 -5.21 10.03
C ASN A 120 1.21 -5.99 10.67
N THR A 121 1.15 -7.29 10.57
CA THR A 121 2.13 -8.22 11.08
C THR A 121 3.54 -7.91 10.53
N THR A 122 3.62 -7.57 9.25
CA THR A 122 4.87 -7.28 8.59
C THR A 122 5.53 -6.05 9.23
N MET A 123 4.73 -5.03 9.42
CA MET A 123 5.20 -3.76 9.89
C MET A 123 5.46 -3.70 11.41
N THR A 124 4.67 -4.41 12.19
CA THR A 124 4.84 -4.32 13.62
C THR A 124 6.05 -5.13 14.15
N GLY A 125 7.17 -4.45 14.26
CA GLY A 125 8.37 -5.03 14.81
C GLY A 125 8.62 -4.58 16.23
N THR A 126 7.57 -4.17 16.90
CA THR A 126 7.66 -3.73 18.28
C THR A 126 6.33 -4.03 18.98
N VAL A 127 5.30 -3.36 18.51
CA VAL A 127 3.93 -3.53 18.97
C VAL A 127 3.05 -2.62 18.17
N LEU A 128 3.59 -1.42 17.93
CA LEU A 128 2.96 -0.40 17.13
C LEU A 128 1.54 -0.08 17.56
N LYS A 129 0.60 -0.71 16.94
CA LYS A 129 -0.76 -0.52 17.22
C LYS A 129 -1.36 -1.91 17.42
N MET A 130 -2.19 -2.04 18.42
CA MET A 130 -2.70 -3.34 18.84
C MET A 130 -3.79 -3.91 17.95
N THR A 131 -4.65 -3.06 17.45
CA THR A 131 -5.74 -3.48 16.59
C THR A 131 -5.22 -3.88 15.21
N ASP A 132 -5.32 -5.17 14.88
CA ASP A 132 -4.79 -5.69 13.60
C ASP A 132 -5.43 -5.02 12.40
N ARG A 133 -6.74 -4.83 12.46
CA ARG A 133 -7.44 -4.28 11.37
C ARG A 133 -7.15 -2.81 11.27
N SER A 134 -7.28 -2.10 12.39
CA SER A 134 -7.13 -0.67 12.40
C SER A 134 -5.70 -0.30 12.00
N HIS A 135 -4.75 -1.10 12.45
CA HIS A 135 -3.36 -0.89 12.14
C HIS A 135 -3.13 -1.13 10.65
N ARG A 136 -3.53 -2.31 10.15
CA ARG A 136 -3.26 -2.63 8.76
C ARG A 136 -4.03 -1.69 7.84
N GLN A 137 -5.26 -1.32 8.23
CA GLN A 137 -6.08 -0.47 7.42
C GLN A 137 -5.50 0.91 7.31
N LYS A 138 -5.10 1.51 8.41
CA LYS A 138 -4.55 2.84 8.34
C LYS A 138 -3.21 2.87 7.62
N LEU A 139 -2.38 1.86 7.85
CA LEU A 139 -1.15 1.76 7.11
C LEU A 139 -1.40 1.55 5.64
N GLN A 140 -2.28 0.62 5.27
CA GLN A 140 -2.53 0.41 3.86
C GLN A 140 -3.19 1.61 3.25
N LEU A 141 -4.18 2.22 3.93
CA LEU A 141 -4.82 3.39 3.39
C LEU A 141 -3.82 4.43 3.00
N LYS A 142 -2.93 4.77 3.92
CA LYS A 142 -1.97 5.79 3.63
C LYS A 142 -0.83 5.30 2.71
N ALA A 143 -0.27 4.15 3.01
CA ALA A 143 0.85 3.61 2.24
C ALA A 143 0.44 3.18 0.86
N LEU A 144 -0.69 2.53 0.75
CA LEU A 144 -1.17 2.07 -0.52
C LEU A 144 -1.58 3.25 -1.36
N ASP A 145 -2.28 4.23 -0.75
CA ASP A 145 -2.63 5.44 -1.51
C ASP A 145 -1.36 6.15 -1.96
N THR A 146 -0.32 6.04 -1.14
CA THR A 146 0.96 6.60 -1.49
C THR A 146 1.65 5.82 -2.64
N VAL A 147 1.78 4.50 -2.53
CA VAL A 147 2.48 3.71 -3.57
C VAL A 147 1.71 3.76 -4.90
N LEU A 148 0.42 4.00 -4.82
CA LEU A 148 -0.38 4.11 -6.00
C LEU A 148 -0.36 5.55 -6.53
N PHE A 149 -0.71 6.51 -5.69
CA PHE A 149 -0.78 7.92 -6.08
C PHE A 149 0.49 8.65 -5.67
N GLY A 150 0.70 8.80 -4.39
CA GLY A 150 1.91 9.44 -3.91
C GLY A 150 1.62 10.77 -3.25
N GLY A 1 2.18 -13.70 -0.14
CA GLY A 1 1.29 -12.91 0.72
C GLY A 1 -0.09 -13.54 0.84
N SER A 2 -0.53 -14.25 -0.18
CA SER A 2 -1.80 -14.96 -0.16
C SER A 2 -1.70 -16.12 -1.14
N HIS A 3 -2.74 -16.90 -1.29
CA HIS A 3 -2.79 -17.88 -2.34
C HIS A 3 -3.23 -17.14 -3.61
N MET A 4 -4.27 -16.33 -3.46
CA MET A 4 -4.81 -15.53 -4.55
C MET A 4 -3.88 -14.35 -4.90
N ALA A 5 -3.05 -14.55 -5.92
CA ALA A 5 -2.11 -13.56 -6.48
C ALA A 5 -1.16 -14.25 -7.45
N SER A 6 -0.83 -15.51 -7.11
CA SER A 6 0.06 -16.40 -7.88
C SER A 6 1.55 -16.02 -7.69
N SER A 7 2.42 -17.04 -7.76
CA SER A 7 3.89 -16.91 -7.59
C SER A 7 4.23 -16.58 -6.14
N GLU A 8 3.31 -16.88 -5.26
CA GLU A 8 3.44 -16.61 -3.85
C GLU A 8 4.18 -17.77 -3.17
N ASP A 9 5.48 -17.82 -3.32
CA ASP A 9 6.27 -18.92 -2.79
C ASP A 9 6.90 -18.57 -1.46
N GLU A 10 7.89 -17.70 -1.53
CA GLU A 10 8.67 -17.27 -0.39
C GLU A 10 7.99 -16.10 0.31
N LYS A 11 8.75 -15.33 1.07
CA LYS A 11 8.28 -14.09 1.65
C LYS A 11 9.12 -12.96 1.13
N LEU A 12 8.87 -12.62 -0.10
CA LEU A 12 9.62 -11.63 -0.83
C LEU A 12 8.95 -10.25 -0.69
N SER A 13 9.60 -9.23 -1.18
CA SER A 13 9.08 -7.89 -1.13
C SER A 13 8.15 -7.60 -2.32
N PHE A 14 8.46 -8.18 -3.48
CA PHE A 14 7.67 -7.96 -4.70
C PHE A 14 6.25 -8.48 -4.51
N GLU A 15 6.13 -9.60 -3.83
CA GLU A 15 4.84 -10.20 -3.58
C GLU A 15 4.00 -9.30 -2.69
N ALA A 16 4.67 -8.64 -1.76
CA ALA A 16 4.02 -7.72 -0.86
C ALA A 16 3.45 -6.59 -1.67
N VAL A 17 4.28 -6.02 -2.54
CA VAL A 17 3.88 -4.89 -3.40
C VAL A 17 2.67 -5.27 -4.29
N ARG A 18 2.79 -6.37 -5.00
CA ARG A 18 1.73 -6.84 -5.86
C ARG A 18 0.50 -7.17 -5.03
N ASN A 19 0.73 -7.55 -3.78
CA ASN A 19 -0.35 -7.91 -2.88
C ASN A 19 -1.22 -6.71 -2.56
N ILE A 20 -0.60 -5.60 -2.20
CA ILE A 20 -1.41 -4.42 -1.88
C ILE A 20 -2.06 -3.90 -3.15
N HIS A 21 -1.42 -4.11 -4.29
CA HIS A 21 -2.05 -3.72 -5.55
C HIS A 21 -3.22 -4.68 -5.87
N LYS A 22 -3.04 -5.97 -5.55
CA LYS A 22 -4.06 -6.98 -5.80
C LYS A 22 -5.23 -6.80 -4.83
N LEU A 23 -4.95 -6.12 -3.72
CA LEU A 23 -5.93 -5.79 -2.66
C LEU A 23 -7.20 -5.13 -3.23
N MET A 24 -7.03 -4.37 -4.30
CA MET A 24 -8.14 -3.72 -4.98
C MET A 24 -8.86 -4.65 -5.90
N ASP A 25 -8.19 -5.64 -6.33
CA ASP A 25 -8.73 -6.57 -7.30
C ASP A 25 -9.54 -7.66 -6.60
N ASP A 26 -10.62 -8.05 -7.24
CA ASP A 26 -11.47 -9.13 -6.79
C ASP A 26 -10.87 -10.49 -7.11
N ASP A 27 -10.19 -10.58 -8.26
CA ASP A 27 -9.65 -11.88 -8.73
C ASP A 27 -8.14 -11.92 -8.58
N ALA A 28 -7.58 -10.77 -8.28
CA ALA A 28 -6.15 -10.57 -8.04
C ALA A 28 -5.27 -11.02 -9.21
N ASN A 29 -5.69 -10.72 -10.45
CA ASN A 29 -4.88 -11.09 -11.64
C ASN A 29 -3.70 -10.14 -11.84
N GLY A 30 -3.60 -9.15 -10.99
CA GLY A 30 -2.48 -8.22 -11.03
C GLY A 30 -2.87 -6.91 -11.63
N ASP A 31 -4.02 -6.88 -12.24
CA ASP A 31 -4.56 -5.67 -12.82
C ASP A 31 -6.01 -5.59 -12.46
N VAL A 32 -6.33 -4.58 -11.72
CA VAL A 32 -7.65 -4.45 -11.24
C VAL A 32 -8.51 -3.75 -12.29
N ASP A 33 -9.62 -4.34 -12.56
CA ASP A 33 -10.59 -3.75 -13.43
C ASP A 33 -11.54 -2.96 -12.56
N VAL A 34 -12.29 -2.07 -13.17
CA VAL A 34 -13.22 -1.22 -12.47
C VAL A 34 -14.26 -2.03 -11.68
N GLU A 35 -14.66 -3.18 -12.24
CA GLU A 35 -15.64 -4.05 -11.59
C GLU A 35 -14.99 -4.90 -10.52
N GLU A 36 -13.70 -5.07 -10.62
CA GLU A 36 -12.96 -5.84 -9.65
C GLU A 36 -12.75 -5.01 -8.40
N SER A 37 -12.33 -3.79 -8.59
CA SER A 37 -12.05 -2.85 -7.53
C SER A 37 -13.27 -2.15 -6.99
N ASP A 38 -14.44 -2.51 -7.52
CA ASP A 38 -15.71 -1.79 -7.31
C ASP A 38 -15.89 -1.26 -5.90
N GLU A 39 -16.00 -2.08 -4.90
CA GLU A 39 -16.04 -1.51 -3.54
C GLU A 39 -14.62 -1.23 -2.97
N PHE A 40 -13.69 -2.16 -3.29
CA PHE A 40 -12.31 -2.16 -2.76
C PHE A 40 -11.63 -0.84 -2.87
N LEU A 41 -11.34 -0.40 -4.08
CA LEU A 41 -10.56 0.81 -4.29
C LEU A 41 -11.22 1.98 -3.55
N ARG A 42 -12.54 2.13 -3.81
CA ARG A 42 -13.33 3.26 -3.32
C ARG A 42 -13.14 3.43 -1.86
N GLU A 43 -13.57 2.49 -1.13
CA GLU A 43 -13.60 2.64 0.28
C GLU A 43 -12.31 2.26 0.92
N ASP A 44 -11.83 1.07 0.56
CA ASP A 44 -10.69 0.45 1.22
C ASP A 44 -9.44 1.28 1.12
N LEU A 45 -9.34 2.18 0.12
CA LEU A 45 -8.23 3.11 0.20
C LEU A 45 -8.63 4.53 -0.14
N ASN A 46 -9.71 4.73 -0.86
CA ASN A 46 -10.07 6.07 -1.27
C ASN A 46 -11.08 6.67 -0.34
N TYR A 47 -11.55 5.87 0.63
CA TYR A 47 -12.51 6.24 1.65
C TYR A 47 -13.93 6.39 1.07
N HIS A 48 -14.09 7.33 0.17
CA HIS A 48 -15.38 7.65 -0.39
C HIS A 48 -15.59 6.85 -1.66
N ASP A 49 -14.97 7.33 -2.72
CA ASP A 49 -15.07 6.76 -4.04
C ASP A 49 -13.76 7.01 -4.72
N PRO A 50 -13.44 6.26 -5.79
CA PRO A 50 -12.20 6.39 -6.46
C PRO A 50 -12.16 7.52 -7.45
N THR A 51 -12.55 7.22 -8.71
CA THR A 51 -12.47 8.14 -9.83
C THR A 51 -11.03 8.64 -10.07
N VAL A 52 -10.55 9.50 -9.17
CA VAL A 52 -9.25 10.11 -9.23
C VAL A 52 -8.19 9.01 -9.39
N LYS A 53 -8.19 8.05 -8.49
CA LYS A 53 -7.25 6.96 -8.55
C LYS A 53 -7.31 6.17 -9.85
N HIS A 54 -8.49 6.00 -10.36
CA HIS A 54 -8.71 5.26 -11.58
C HIS A 54 -8.17 6.03 -12.81
N SER A 55 -8.56 7.29 -12.94
CA SER A 55 -8.10 8.09 -14.07
C SER A 55 -6.68 8.62 -13.90
N THR A 56 -6.24 8.81 -12.68
CA THR A 56 -4.87 9.22 -12.46
C THR A 56 -3.95 8.08 -12.83
N PHE A 57 -4.24 6.87 -12.35
CA PHE A 57 -3.37 5.78 -12.70
C PHE A 57 -3.52 5.30 -14.16
N HIS A 58 -4.72 4.85 -14.53
CA HIS A 58 -4.92 4.29 -15.85
C HIS A 58 -4.95 5.38 -16.91
N GLY A 59 -5.69 6.40 -16.60
CA GLY A 59 -5.92 7.48 -17.51
C GLY A 59 -7.34 7.46 -17.94
N GLU A 60 -7.69 6.38 -18.60
CA GLU A 60 -9.04 6.18 -19.09
C GLU A 60 -9.95 5.61 -17.97
N ASP A 61 -9.45 5.65 -16.75
CA ASP A 61 -10.20 5.29 -15.53
C ASP A 61 -10.55 3.80 -15.54
N LYS A 62 -9.51 2.94 -15.51
CA LYS A 62 -9.74 1.53 -15.60
C LYS A 62 -8.77 0.69 -14.77
N LEU A 63 -7.76 0.15 -15.38
CA LEU A 63 -6.90 -0.85 -14.75
C LEU A 63 -5.86 -0.25 -13.86
N ILE A 64 -5.66 -0.90 -12.76
CA ILE A 64 -4.62 -0.58 -11.83
C ILE A 64 -3.75 -1.83 -11.79
N SER A 65 -2.55 -1.75 -12.31
CA SER A 65 -1.73 -2.93 -12.46
C SER A 65 -0.38 -2.81 -11.80
N VAL A 66 0.04 -3.93 -11.21
CA VAL A 66 1.27 -4.03 -10.43
C VAL A 66 2.50 -3.53 -11.18
N GLU A 67 2.71 -4.05 -12.37
CA GLU A 67 3.88 -3.69 -13.16
C GLU A 67 3.93 -2.19 -13.44
N ASP A 68 2.81 -1.65 -13.87
CA ASP A 68 2.73 -0.25 -14.20
C ASP A 68 2.91 0.61 -12.97
N LEU A 69 2.41 0.11 -11.86
CA LEU A 69 2.57 0.74 -10.57
C LEU A 69 4.01 0.73 -10.13
N TRP A 70 4.69 -0.41 -10.31
CA TRP A 70 6.10 -0.52 -9.94
C TRP A 70 6.94 0.51 -10.72
N LYS A 71 6.65 0.65 -12.00
CA LYS A 71 7.33 1.64 -12.83
C LYS A 71 6.96 3.06 -12.43
N ALA A 72 5.69 3.27 -12.09
CA ALA A 72 5.22 4.56 -11.64
C ALA A 72 5.88 4.93 -10.34
N TRP A 73 5.92 3.96 -9.42
CA TRP A 73 6.54 4.08 -8.11
C TRP A 73 7.96 4.54 -8.26
N LYS A 74 8.73 3.88 -9.13
CA LYS A 74 10.14 4.26 -9.37
C LYS A 74 10.30 5.71 -9.84
N SER A 75 9.25 6.30 -10.35
CA SER A 75 9.31 7.64 -10.87
C SER A 75 8.40 8.55 -10.01
N SER A 76 7.93 8.03 -8.91
CA SER A 76 7.10 8.79 -8.03
C SER A 76 7.89 9.16 -6.79
N GLU A 77 7.44 10.20 -6.09
CA GLU A 77 8.11 10.69 -4.89
C GLU A 77 8.19 9.62 -3.82
N VAL A 78 7.27 8.66 -3.90
CA VAL A 78 7.18 7.54 -2.98
C VAL A 78 8.52 6.81 -2.91
N TYR A 79 9.00 6.38 -4.06
CA TYR A 79 10.25 5.64 -4.19
C TYR A 79 11.44 6.49 -3.77
N ASN A 80 11.30 7.79 -3.95
CA ASN A 80 12.35 8.73 -3.63
C ASN A 80 12.45 8.91 -2.12
N TRP A 81 11.31 8.85 -1.44
CA TRP A 81 11.23 9.06 0.00
C TRP A 81 12.11 8.12 0.80
N THR A 82 13.09 8.71 1.46
CA THR A 82 13.98 8.00 2.34
C THR A 82 13.29 7.73 3.70
N VAL A 83 14.03 7.21 4.67
CA VAL A 83 13.47 6.85 5.97
C VAL A 83 12.95 8.09 6.69
N ASP A 84 13.73 9.16 6.68
CA ASP A 84 13.30 10.43 7.32
C ASP A 84 11.98 10.93 6.79
N GLU A 85 11.85 10.90 5.47
CA GLU A 85 10.67 11.35 4.79
C GLU A 85 9.47 10.50 5.11
N VAL A 86 9.64 9.19 5.08
CA VAL A 86 8.55 8.32 5.39
C VAL A 86 8.15 8.44 6.86
N VAL A 87 9.13 8.69 7.73
CA VAL A 87 8.88 8.90 9.12
C VAL A 87 7.94 10.08 9.33
N GLN A 88 8.29 11.23 8.75
CA GLN A 88 7.45 12.40 8.90
C GLN A 88 6.09 12.20 8.24
N TRP A 89 6.09 11.43 7.18
CA TRP A 89 4.88 11.19 6.44
C TRP A 89 3.97 10.26 7.23
N LEU A 90 4.54 9.18 7.77
CA LEU A 90 3.78 8.19 8.50
C LEU A 90 3.16 8.85 9.71
N ILE A 91 3.90 9.72 10.37
CA ILE A 91 3.34 10.36 11.51
C ILE A 91 2.28 11.36 11.15
N THR A 92 2.55 12.24 10.18
CA THR A 92 1.63 13.30 9.87
C THR A 92 0.35 12.77 9.18
N TYR A 93 0.45 11.59 8.62
CA TYR A 93 -0.65 11.02 7.90
C TYR A 93 -1.28 9.84 8.59
N VAL A 94 -0.47 8.88 8.98
CA VAL A 94 -0.98 7.69 9.62
C VAL A 94 -1.24 7.97 11.09
N GLU A 95 -0.52 8.97 11.63
CA GLU A 95 -0.70 9.43 13.00
C GLU A 95 -0.24 8.37 13.98
N LEU A 96 0.73 7.60 13.54
CA LEU A 96 1.34 6.58 14.36
C LEU A 96 2.64 7.14 14.95
N PRO A 97 2.64 7.51 16.22
CA PRO A 97 3.81 8.09 16.87
C PRO A 97 4.80 7.04 17.36
N GLN A 98 4.80 5.91 16.70
CA GLN A 98 5.67 4.78 17.02
C GLN A 98 6.88 4.80 16.06
N TYR A 99 7.04 5.91 15.42
CA TYR A 99 7.99 6.08 14.35
C TYR A 99 9.43 5.73 14.70
N GLU A 100 9.85 6.12 15.89
CA GLU A 100 11.23 5.88 16.36
C GLU A 100 11.50 4.38 16.31
N GLU A 101 10.63 3.63 16.99
CA GLU A 101 10.75 2.21 17.03
C GLU A 101 10.62 1.59 15.68
N THR A 102 9.57 1.91 14.96
CA THR A 102 9.32 1.23 13.70
C THR A 102 10.44 1.49 12.69
N PHE A 103 10.97 2.71 12.64
CA PHE A 103 12.02 2.96 11.70
C PHE A 103 13.27 2.21 12.11
N ARG A 104 13.56 2.14 13.39
CA ARG A 104 14.73 1.36 13.81
C ARG A 104 14.47 -0.17 13.72
N LYS A 105 13.19 -0.57 13.77
CA LYS A 105 12.81 -1.98 13.69
C LYS A 105 12.83 -2.52 12.24
N LEU A 106 12.21 -1.83 11.30
CA LEU A 106 12.20 -2.31 9.95
C LEU A 106 12.80 -1.37 8.91
N GLN A 107 13.14 -0.15 9.33
CA GLN A 107 13.68 0.89 8.43
C GLN A 107 12.78 1.11 7.24
N LEU A 108 11.80 1.94 7.42
CA LEU A 108 10.86 2.16 6.38
C LEU A 108 11.27 3.27 5.45
N SER A 109 10.63 3.34 4.29
CA SER A 109 10.94 4.29 3.25
C SER A 109 9.94 4.06 2.14
N GLY A 110 10.25 4.53 0.95
CA GLY A 110 9.41 4.34 -0.20
C GLY A 110 9.22 2.88 -0.58
N HIS A 111 10.15 2.02 -0.20
CA HIS A 111 10.03 0.57 -0.45
C HIS A 111 9.13 -0.02 0.62
N ALA A 112 9.27 0.53 1.81
CA ALA A 112 8.50 0.04 2.88
C ALA A 112 7.08 0.45 2.77
N MET A 113 6.82 1.60 2.17
CA MET A 113 5.45 2.07 1.95
C MET A 113 4.53 0.97 1.40
N PRO A 114 4.85 0.32 0.25
CA PRO A 114 4.07 -0.80 -0.17
C PRO A 114 4.29 -2.01 0.74
N ARG A 115 5.56 -2.29 1.15
CA ARG A 115 5.75 -3.49 2.02
C ARG A 115 4.96 -3.38 3.37
N LEU A 116 4.66 -2.16 3.82
CA LEU A 116 3.92 -2.00 5.07
C LEU A 116 2.42 -1.87 4.86
N ALA A 117 2.02 -1.63 3.61
CA ALA A 117 0.61 -1.47 3.27
C ALA A 117 -0.10 -2.82 3.24
N VAL A 118 0.68 -3.87 3.31
CA VAL A 118 0.15 -5.20 3.30
C VAL A 118 0.14 -5.78 4.72
N THR A 119 -1.06 -6.16 5.17
CA THR A 119 -1.32 -6.76 6.51
C THR A 119 -0.90 -5.82 7.64
N ASN A 120 -1.02 -6.28 8.85
CA ASN A 120 -0.50 -5.51 9.96
C ASN A 120 0.76 -6.20 10.46
N THR A 121 0.77 -7.53 10.30
CA THR A 121 1.81 -8.42 10.75
C THR A 121 3.19 -8.02 10.23
N THR A 122 3.23 -7.69 8.96
CA THR A 122 4.45 -7.33 8.29
C THR A 122 5.07 -6.02 8.84
N MET A 123 4.25 -5.03 9.06
CA MET A 123 4.73 -3.72 9.51
C MET A 123 5.02 -3.66 11.03
N THR A 124 4.34 -4.45 11.82
CA THR A 124 4.51 -4.37 13.27
C THR A 124 5.82 -5.02 13.76
N GLY A 125 6.92 -4.29 13.62
CA GLY A 125 8.19 -4.71 14.14
C GLY A 125 8.16 -4.62 15.64
N THR A 126 8.24 -5.78 16.28
CA THR A 126 8.05 -5.93 17.72
C THR A 126 6.57 -5.69 18.05
N VAL A 127 6.18 -4.43 18.07
CA VAL A 127 4.85 -4.04 18.34
C VAL A 127 4.68 -2.60 17.90
N LEU A 128 3.72 -2.39 17.06
CA LEU A 128 3.38 -1.07 16.60
C LEU A 128 2.03 -0.65 17.13
N LYS A 129 1.09 -1.54 17.03
CA LYS A 129 -0.25 -1.32 17.45
C LYS A 129 -0.91 -2.68 17.65
N MET A 130 -1.89 -2.76 18.54
CA MET A 130 -2.51 -4.04 18.83
C MET A 130 -3.70 -4.33 17.93
N THR A 131 -4.44 -3.31 17.55
CA THR A 131 -5.58 -3.51 16.68
C THR A 131 -5.15 -3.85 15.27
N ASP A 132 -5.29 -5.12 14.92
CA ASP A 132 -4.87 -5.67 13.64
C ASP A 132 -5.54 -4.91 12.50
N ARG A 133 -6.84 -4.70 12.65
CA ARG A 133 -7.67 -4.06 11.69
C ARG A 133 -7.33 -2.61 11.59
N SER A 134 -7.26 -1.95 12.69
CA SER A 134 -7.08 -0.54 12.69
C SER A 134 -5.65 -0.19 12.24
N HIS A 135 -4.68 -1.01 12.61
CA HIS A 135 -3.31 -0.81 12.22
C HIS A 135 -3.18 -0.95 10.72
N ARG A 136 -3.66 -2.07 10.16
CA ARG A 136 -3.57 -2.26 8.72
C ARG A 136 -4.34 -1.21 7.99
N GLN A 137 -5.48 -0.79 8.52
CA GLN A 137 -6.28 0.23 7.89
C GLN A 137 -5.54 1.56 7.83
N LYS A 138 -4.98 2.03 8.94
CA LYS A 138 -4.27 3.31 8.92
C LYS A 138 -3.08 3.24 7.92
N LEU A 139 -2.27 2.20 8.09
CA LEU A 139 -1.12 2.03 7.25
C LEU A 139 -1.48 1.81 5.80
N GLN A 140 -2.41 0.88 5.49
CA GLN A 140 -2.74 0.63 4.10
C GLN A 140 -3.41 1.83 3.49
N LEU A 141 -4.30 2.50 4.21
CA LEU A 141 -4.99 3.65 3.65
C LEU A 141 -4.01 4.69 3.18
N LYS A 142 -3.11 5.09 4.07
CA LYS A 142 -2.17 6.10 3.69
C LYS A 142 -1.09 5.58 2.72
N ALA A 143 -0.49 4.45 3.04
CA ALA A 143 0.59 3.89 2.23
C ALA A 143 0.13 3.47 0.86
N LEU A 144 -0.99 2.80 0.80
CA LEU A 144 -1.50 2.31 -0.45
C LEU A 144 -1.96 3.46 -1.32
N ASP A 145 -2.69 4.44 -0.74
CA ASP A 145 -3.10 5.60 -1.54
C ASP A 145 -1.85 6.33 -2.04
N THR A 146 -0.80 6.31 -1.24
CA THR A 146 0.46 6.92 -1.60
C THR A 146 1.20 6.15 -2.74
N VAL A 147 1.32 4.83 -2.62
CA VAL A 147 2.02 4.04 -3.67
C VAL A 147 1.24 4.04 -4.98
N LEU A 148 -0.07 4.26 -4.88
CA LEU A 148 -0.92 4.27 -6.05
C LEU A 148 -1.07 5.65 -6.66
N PHE A 149 -1.11 6.67 -5.83
CA PHE A 149 -1.28 8.02 -6.28
C PHE A 149 -0.06 8.83 -5.86
N GLY A 150 0.01 9.13 -4.57
CA GLY A 150 1.15 9.89 -4.02
C GLY A 150 1.29 11.30 -4.61
N GLY A 1 -5.78 -18.53 -7.83
CA GLY A 1 -4.55 -18.07 -7.19
C GLY A 1 -4.70 -18.04 -5.71
N SER A 2 -3.65 -17.69 -5.00
CA SER A 2 -3.72 -17.63 -3.56
C SER A 2 -4.37 -16.33 -3.13
N HIS A 3 -5.27 -16.40 -2.15
CA HIS A 3 -5.95 -15.22 -1.63
C HIS A 3 -4.96 -14.35 -0.87
N MET A 4 -3.94 -14.99 -0.28
CA MET A 4 -2.88 -14.25 0.38
C MET A 4 -2.18 -13.37 -0.65
N ALA A 5 -1.89 -13.97 -1.81
CA ALA A 5 -1.29 -13.38 -3.02
C ALA A 5 -0.53 -14.49 -3.70
N SER A 6 -0.30 -14.36 -4.98
CA SER A 6 0.39 -15.39 -5.69
C SER A 6 1.91 -15.24 -5.55
N SER A 7 2.43 -15.74 -4.44
CA SER A 7 3.83 -15.78 -4.15
C SER A 7 4.04 -16.61 -2.91
N GLU A 8 4.29 -17.85 -3.14
CA GLU A 8 4.47 -18.82 -2.11
C GLU A 8 5.93 -19.26 -2.15
N ASP A 9 6.35 -20.05 -1.17
CA ASP A 9 7.72 -20.61 -1.05
C ASP A 9 8.71 -19.56 -0.61
N GLU A 10 8.94 -18.60 -1.45
CA GLU A 10 9.86 -17.54 -1.17
C GLU A 10 9.11 -16.27 -0.84
N LYS A 11 9.82 -15.28 -0.36
CA LYS A 11 9.23 -14.01 0.00
C LYS A 11 10.03 -12.89 -0.61
N LEU A 12 9.48 -12.28 -1.62
CA LEU A 12 10.11 -11.17 -2.32
C LEU A 12 9.58 -9.84 -1.82
N SER A 13 10.06 -8.78 -2.39
CA SER A 13 9.55 -7.45 -2.12
C SER A 13 8.49 -7.15 -3.18
N PHE A 14 8.74 -7.69 -4.38
CA PHE A 14 7.86 -7.52 -5.53
C PHE A 14 6.48 -8.05 -5.20
N GLU A 15 6.46 -9.18 -4.52
CA GLU A 15 5.21 -9.83 -4.14
C GLU A 15 4.42 -8.94 -3.21
N ALA A 16 5.12 -8.24 -2.33
CA ALA A 16 4.49 -7.38 -1.36
C ALA A 16 3.83 -6.24 -2.08
N VAL A 17 4.56 -5.63 -3.01
CA VAL A 17 4.05 -4.51 -3.80
C VAL A 17 2.76 -4.92 -4.54
N ARG A 18 2.87 -5.98 -5.32
CA ARG A 18 1.75 -6.49 -6.08
C ARG A 18 0.63 -6.96 -5.16
N ASN A 19 1.01 -7.37 -3.95
CA ASN A 19 0.04 -7.84 -2.96
C ASN A 19 -0.89 -6.69 -2.58
N ILE A 20 -0.29 -5.54 -2.24
CA ILE A 20 -1.13 -4.43 -1.85
C ILE A 20 -1.96 -3.99 -3.04
N HIS A 21 -1.42 -4.16 -4.25
CA HIS A 21 -2.18 -3.87 -5.46
C HIS A 21 -3.32 -4.91 -5.67
N LYS A 22 -3.05 -6.17 -5.32
CA LYS A 22 -4.02 -7.27 -5.47
C LYS A 22 -5.18 -7.05 -4.52
N LEU A 23 -4.95 -6.29 -3.45
CA LEU A 23 -6.03 -5.89 -2.52
C LEU A 23 -7.25 -5.29 -3.24
N MET A 24 -7.05 -4.63 -4.37
CA MET A 24 -8.18 -4.08 -5.12
C MET A 24 -8.81 -5.15 -6.02
N ASP A 25 -8.00 -5.70 -6.93
CA ASP A 25 -8.45 -6.81 -7.79
C ASP A 25 -8.83 -8.04 -6.99
N ASP A 26 -10.12 -8.27 -6.88
CA ASP A 26 -10.64 -9.39 -6.07
C ASP A 26 -10.14 -10.75 -6.52
N ASP A 27 -10.11 -10.99 -7.82
CA ASP A 27 -9.73 -12.32 -8.31
C ASP A 27 -8.23 -12.44 -8.44
N ALA A 28 -7.57 -11.31 -8.27
CA ALA A 28 -6.13 -11.19 -8.32
C ALA A 28 -5.56 -11.83 -9.60
N ASN A 29 -5.97 -11.30 -10.73
CA ASN A 29 -5.55 -11.81 -12.02
C ASN A 29 -4.36 -11.03 -12.53
N GLY A 30 -3.96 -10.06 -11.73
CA GLY A 30 -2.81 -9.24 -12.05
C GLY A 30 -3.22 -7.87 -12.51
N ASP A 31 -4.49 -7.73 -12.80
CA ASP A 31 -5.06 -6.49 -13.21
C ASP A 31 -6.42 -6.28 -12.59
N VAL A 32 -6.54 -5.14 -11.99
CA VAL A 32 -7.70 -4.74 -11.27
C VAL A 32 -8.65 -4.08 -12.21
N ASP A 33 -9.75 -4.71 -12.49
CA ASP A 33 -10.77 -4.09 -13.30
C ASP A 33 -11.71 -3.28 -12.41
N VAL A 34 -12.41 -2.37 -13.02
CA VAL A 34 -13.33 -1.46 -12.37
C VAL A 34 -14.44 -2.19 -11.60
N GLU A 35 -14.90 -3.30 -12.12
CA GLU A 35 -15.99 -4.03 -11.48
C GLU A 35 -15.46 -4.84 -10.33
N GLU A 36 -14.19 -5.19 -10.41
CA GLU A 36 -13.54 -5.98 -9.38
C GLU A 36 -13.23 -5.10 -8.19
N SER A 37 -12.80 -3.91 -8.49
CA SER A 37 -12.44 -2.91 -7.52
C SER A 37 -13.61 -2.09 -6.97
N ASP A 38 -14.85 -2.41 -7.42
CA ASP A 38 -16.06 -1.55 -7.20
C ASP A 38 -16.14 -0.91 -5.82
N GLU A 39 -16.27 -1.66 -4.75
CA GLU A 39 -16.23 -1.02 -3.42
C GLU A 39 -14.78 -0.80 -2.98
N PHE A 40 -13.95 -1.78 -3.34
CA PHE A 40 -12.55 -1.88 -2.92
C PHE A 40 -11.77 -0.62 -3.07
N LEU A 41 -11.41 -0.26 -4.30
CA LEU A 41 -10.50 0.89 -4.53
C LEU A 41 -11.01 2.13 -3.80
N ARG A 42 -12.33 2.39 -3.96
CA ARG A 42 -12.99 3.56 -3.43
C ARG A 42 -12.74 3.70 -2.00
N GLU A 43 -13.22 2.76 -1.24
CA GLU A 43 -13.20 2.88 0.19
C GLU A 43 -11.83 2.60 0.70
N ASP A 44 -11.35 1.42 0.28
CA ASP A 44 -10.16 0.76 0.80
C ASP A 44 -8.94 1.64 0.73
N LEU A 45 -8.87 2.57 -0.23
CA LEU A 45 -7.78 3.52 -0.14
C LEU A 45 -8.18 4.93 -0.48
N ASN A 46 -9.27 5.10 -1.17
CA ASN A 46 -9.59 6.43 -1.61
C ASN A 46 -10.63 7.05 -0.74
N TYR A 47 -11.15 6.26 0.21
CA TYR A 47 -12.17 6.66 1.15
C TYR A 47 -13.52 6.91 0.45
N HIS A 48 -13.61 8.00 -0.27
CA HIS A 48 -14.85 8.44 -0.88
C HIS A 48 -15.01 7.91 -2.31
N ASP A 49 -14.22 8.42 -3.22
CA ASP A 49 -14.34 8.06 -4.62
C ASP A 49 -12.97 7.75 -5.18
N PRO A 50 -12.85 6.67 -5.94
CA PRO A 50 -11.57 6.20 -6.49
C PRO A 50 -11.24 6.82 -7.84
N THR A 51 -12.11 7.69 -8.31
CA THR A 51 -12.00 8.37 -9.57
C THR A 51 -10.64 9.04 -9.70
N VAL A 52 -10.16 9.58 -8.59
CA VAL A 52 -8.87 10.21 -8.53
C VAL A 52 -7.78 9.22 -8.95
N LYS A 53 -7.69 8.07 -8.30
CA LYS A 53 -6.67 7.13 -8.63
C LYS A 53 -6.97 6.39 -9.96
N HIS A 54 -8.23 6.04 -10.22
CA HIS A 54 -8.60 5.38 -11.49
C HIS A 54 -8.21 6.25 -12.69
N SER A 55 -8.62 7.52 -12.68
CA SER A 55 -8.31 8.40 -13.78
C SER A 55 -6.85 8.87 -13.80
N THR A 56 -6.21 8.94 -12.64
CA THR A 56 -4.80 9.29 -12.63
C THR A 56 -3.97 8.14 -13.23
N PHE A 57 -4.22 6.92 -12.77
CA PHE A 57 -3.42 5.80 -13.23
C PHE A 57 -3.78 5.37 -14.64
N HIS A 58 -5.02 4.99 -14.87
CA HIS A 58 -5.41 4.52 -16.17
C HIS A 58 -5.54 5.71 -17.11
N GLY A 59 -6.35 6.65 -16.68
CA GLY A 59 -6.66 7.81 -17.49
C GLY A 59 -8.11 7.82 -17.82
N GLU A 60 -8.51 6.80 -18.53
CA GLU A 60 -9.89 6.61 -18.96
C GLU A 60 -10.75 6.01 -17.81
N ASP A 61 -10.13 5.93 -16.64
CA ASP A 61 -10.77 5.52 -15.36
C ASP A 61 -11.09 4.04 -15.39
N LYS A 62 -10.03 3.22 -15.49
CA LYS A 62 -10.22 1.79 -15.65
C LYS A 62 -9.27 0.91 -14.82
N LEU A 63 -8.51 0.07 -15.50
CA LEU A 63 -7.72 -0.99 -14.88
C LEU A 63 -6.51 -0.47 -14.17
N ILE A 64 -6.18 -1.16 -13.12
CA ILE A 64 -5.03 -0.89 -12.31
C ILE A 64 -4.13 -2.14 -12.43
N SER A 65 -2.84 -1.97 -12.64
CA SER A 65 -1.95 -3.13 -12.85
C SER A 65 -0.68 -3.04 -12.03
N VAL A 66 -0.29 -4.18 -11.48
CA VAL A 66 0.79 -4.26 -10.51
C VAL A 66 2.15 -3.87 -11.11
N GLU A 67 2.41 -4.27 -12.34
CA GLU A 67 3.70 -3.98 -12.96
C GLU A 67 3.83 -2.49 -13.24
N ASP A 68 2.76 -1.90 -13.71
CA ASP A 68 2.78 -0.50 -14.10
C ASP A 68 2.71 0.39 -12.87
N LEU A 69 2.22 -0.19 -11.78
CA LEU A 69 2.23 0.46 -10.49
C LEU A 69 3.60 0.40 -9.88
N TRP A 70 4.28 -0.72 -10.07
CA TRP A 70 5.67 -0.88 -9.65
C TRP A 70 6.51 0.23 -10.34
N LYS A 71 6.26 0.42 -11.64
CA LYS A 71 6.87 1.52 -12.40
C LYS A 71 6.45 2.88 -11.86
N ALA A 72 5.15 3.03 -11.57
CA ALA A 72 4.61 4.29 -11.03
C ALA A 72 5.29 4.66 -9.74
N TRP A 73 5.38 3.69 -8.86
CA TRP A 73 6.07 3.82 -7.58
C TRP A 73 7.50 4.27 -7.79
N LYS A 74 8.20 3.61 -8.70
CA LYS A 74 9.59 3.95 -9.03
C LYS A 74 9.71 5.34 -9.69
N SER A 75 8.62 5.85 -10.19
CA SER A 75 8.58 7.14 -10.83
C SER A 75 7.90 8.17 -9.92
N SER A 76 7.52 7.74 -8.74
CA SER A 76 6.81 8.57 -7.82
C SER A 76 7.76 9.10 -6.77
N GLU A 77 7.30 10.04 -5.95
CA GLU A 77 8.10 10.54 -4.86
C GLU A 77 8.27 9.47 -3.81
N VAL A 78 7.35 8.50 -3.84
CA VAL A 78 7.30 7.42 -2.86
C VAL A 78 8.63 6.70 -2.79
N TYR A 79 9.07 6.20 -3.93
CA TYR A 79 10.29 5.41 -4.02
C TYR A 79 11.54 6.24 -3.67
N ASN A 80 11.46 7.55 -3.79
CA ASN A 80 12.60 8.40 -3.51
C ASN A 80 12.62 8.81 -2.03
N TRP A 81 11.48 8.68 -1.36
CA TRP A 81 11.36 9.01 0.05
C TRP A 81 12.23 8.13 0.93
N THR A 82 13.08 8.76 1.70
CA THR A 82 13.95 8.08 2.63
C THR A 82 13.18 7.83 3.95
N VAL A 83 13.88 7.31 4.95
CA VAL A 83 13.28 6.98 6.23
C VAL A 83 12.68 8.21 6.89
N ASP A 84 13.42 9.29 6.87
CA ASP A 84 12.98 10.57 7.46
C ASP A 84 11.66 11.06 6.84
N GLU A 85 11.55 10.88 5.55
CA GLU A 85 10.38 11.31 4.80
C GLU A 85 9.17 10.48 5.20
N VAL A 86 9.33 9.18 5.19
CA VAL A 86 8.24 8.29 5.54
C VAL A 86 7.86 8.45 7.00
N VAL A 87 8.84 8.70 7.85
CA VAL A 87 8.62 8.93 9.22
C VAL A 87 7.69 10.12 9.46
N GLN A 88 8.02 11.27 8.85
CA GLN A 88 7.19 12.45 9.02
C GLN A 88 5.82 12.23 8.37
N TRP A 89 5.81 11.44 7.31
CA TRP A 89 4.60 11.17 6.57
C TRP A 89 3.68 10.25 7.38
N LEU A 90 4.27 9.20 7.95
CA LEU A 90 3.53 8.23 8.69
C LEU A 90 2.92 8.88 9.90
N ILE A 91 3.64 9.76 10.54
CA ILE A 91 3.07 10.41 11.68
C ILE A 91 1.97 11.39 11.30
N THR A 92 2.25 12.29 10.32
CA THR A 92 1.30 13.34 9.97
C THR A 92 0.03 12.77 9.33
N TYR A 93 0.13 11.59 8.78
CA TYR A 93 -0.98 10.99 8.11
C TYR A 93 -1.53 9.79 8.82
N VAL A 94 -0.69 8.85 9.12
CA VAL A 94 -1.13 7.60 9.71
C VAL A 94 -1.46 7.81 11.19
N GLU A 95 -0.81 8.82 11.79
CA GLU A 95 -1.06 9.23 13.18
C GLU A 95 -0.47 8.22 14.14
N LEU A 96 0.58 7.57 13.71
CA LEU A 96 1.27 6.59 14.52
C LEU A 96 2.56 7.17 15.12
N PRO A 97 2.55 7.55 16.39
CA PRO A 97 3.70 8.17 17.05
C PRO A 97 4.70 7.14 17.59
N GLN A 98 4.58 5.93 17.11
CA GLN A 98 5.44 4.81 17.49
C GLN A 98 6.56 4.68 16.43
N TYR A 99 6.70 5.75 15.71
CA TYR A 99 7.59 5.84 14.60
C TYR A 99 9.02 5.55 14.96
N GLU A 100 9.46 6.05 16.11
CA GLU A 100 10.83 5.86 16.59
C GLU A 100 11.14 4.39 16.61
N GLU A 101 10.27 3.63 17.27
CA GLU A 101 10.41 2.20 17.40
C GLU A 101 10.43 1.52 16.05
N THR A 102 9.44 1.80 15.24
CA THR A 102 9.32 1.09 13.98
C THR A 102 10.45 1.45 13.00
N PHE A 103 10.84 2.71 12.94
CA PHE A 103 11.88 3.06 12.01
C PHE A 103 13.21 2.54 12.48
N ARG A 104 13.43 2.48 13.77
CA ARG A 104 14.68 1.92 14.27
C ARG A 104 14.68 0.38 14.11
N LYS A 105 13.49 -0.24 14.14
CA LYS A 105 13.35 -1.68 13.97
C LYS A 105 13.58 -2.17 12.54
N LEU A 106 12.92 -1.55 11.56
CA LEU A 106 13.07 -2.00 10.19
C LEU A 106 13.58 -0.95 9.20
N GLN A 107 13.63 0.31 9.63
CA GLN A 107 13.94 1.45 8.75
C GLN A 107 13.02 1.48 7.56
N LEU A 108 11.91 2.13 7.72
CA LEU A 108 10.98 2.23 6.66
C LEU A 108 11.32 3.37 5.75
N SER A 109 10.85 3.32 4.54
CA SER A 109 11.14 4.29 3.52
C SER A 109 10.22 4.02 2.35
N GLY A 110 10.61 4.47 1.17
CA GLY A 110 9.83 4.30 -0.03
C GLY A 110 9.58 2.86 -0.41
N HIS A 111 10.48 1.95 -0.06
CA HIS A 111 10.25 0.52 -0.35
C HIS A 111 9.45 -0.10 0.79
N ALA A 112 9.58 0.49 1.95
CA ALA A 112 8.85 0.00 3.05
C ALA A 112 7.42 0.38 2.94
N MET A 113 7.14 1.52 2.30
CA MET A 113 5.75 1.96 2.05
C MET A 113 4.87 0.83 1.49
N PRO A 114 5.24 0.17 0.35
CA PRO A 114 4.50 -0.95 -0.12
C PRO A 114 4.67 -2.15 0.82
N ARG A 115 5.90 -2.41 1.29
CA ARG A 115 6.06 -3.59 2.18
C ARG A 115 5.24 -3.46 3.51
N LEU A 116 4.93 -2.23 3.92
CA LEU A 116 4.17 -2.03 5.15
C LEU A 116 2.67 -1.92 4.89
N ALA A 117 2.32 -1.60 3.65
CA ALA A 117 0.91 -1.44 3.27
C ALA A 117 0.20 -2.78 3.24
N VAL A 118 0.98 -3.83 3.19
CA VAL A 118 0.43 -5.15 3.17
C VAL A 118 0.34 -5.70 4.60
N THR A 119 -0.88 -6.01 5.01
CA THR A 119 -1.22 -6.58 6.33
C THR A 119 -0.79 -5.64 7.47
N ASN A 120 -0.72 -6.18 8.66
CA ASN A 120 -0.26 -5.39 9.80
C ASN A 120 0.97 -6.05 10.39
N THR A 121 1.02 -7.36 10.24
CA THR A 121 2.05 -8.21 10.78
C THR A 121 3.38 -7.99 10.09
N THR A 122 3.31 -7.65 8.84
CA THR A 122 4.48 -7.42 8.05
C THR A 122 5.21 -6.12 8.48
N MET A 123 4.48 -5.08 8.81
CA MET A 123 5.12 -3.84 9.24
C MET A 123 5.57 -3.86 10.69
N THR A 124 4.71 -4.36 11.57
CA THR A 124 4.97 -4.33 12.99
C THR A 124 6.29 -5.08 13.35
N GLY A 125 7.28 -4.30 13.77
CA GLY A 125 8.55 -4.86 14.17
C GLY A 125 8.45 -5.56 15.50
N THR A 126 7.51 -5.13 16.30
CA THR A 126 7.24 -5.71 17.59
C THR A 126 5.76 -5.51 17.88
N VAL A 127 5.41 -4.38 18.42
CA VAL A 127 4.03 -4.04 18.64
C VAL A 127 3.86 -2.61 18.21
N LEU A 128 3.60 -2.43 16.95
CA LEU A 128 3.41 -1.12 16.39
C LEU A 128 2.00 -0.62 16.71
N LYS A 129 1.08 -1.57 16.86
CA LYS A 129 -0.27 -1.30 17.29
C LYS A 129 -0.88 -2.67 17.57
N MET A 130 -1.88 -2.74 18.42
CA MET A 130 -2.48 -4.04 18.78
C MET A 130 -3.66 -4.39 17.89
N THR A 131 -4.44 -3.39 17.53
CA THR A 131 -5.57 -3.58 16.66
C THR A 131 -5.11 -3.86 15.24
N ASP A 132 -5.16 -5.11 14.83
CA ASP A 132 -4.68 -5.53 13.53
C ASP A 132 -5.41 -4.83 12.41
N ARG A 133 -6.72 -4.67 12.55
CA ARG A 133 -7.48 -4.07 11.51
C ARG A 133 -7.23 -2.59 11.47
N SER A 134 -7.24 -1.96 12.62
CA SER A 134 -7.09 -0.54 12.70
C SER A 134 -5.69 -0.11 12.23
N HIS A 135 -4.71 -0.94 12.58
CA HIS A 135 -3.33 -0.70 12.20
C HIS A 135 -3.20 -0.79 10.70
N ARG A 136 -3.63 -1.92 10.12
CA ARG A 136 -3.53 -2.07 8.68
C ARG A 136 -4.34 -1.04 7.95
N GLN A 137 -5.49 -0.64 8.51
CA GLN A 137 -6.30 0.38 7.87
C GLN A 137 -5.55 1.68 7.77
N LYS A 138 -4.93 2.10 8.85
CA LYS A 138 -4.16 3.33 8.81
C LYS A 138 -3.00 3.23 7.81
N LEU A 139 -2.19 2.19 7.98
CA LEU A 139 -1.03 2.02 7.14
C LEU A 139 -1.37 1.76 5.69
N GLN A 140 -2.31 0.87 5.39
CA GLN A 140 -2.62 0.59 4.01
C GLN A 140 -3.27 1.79 3.36
N LEU A 141 -4.14 2.51 4.08
CA LEU A 141 -4.75 3.69 3.50
C LEU A 141 -3.70 4.67 3.05
N LYS A 142 -2.80 4.99 3.95
CA LYS A 142 -1.79 5.97 3.63
C LYS A 142 -0.75 5.43 2.67
N ALA A 143 -0.19 4.29 2.97
CA ALA A 143 0.90 3.75 2.18
C ALA A 143 0.42 3.28 0.82
N LEU A 144 -0.74 2.66 0.75
CA LEU A 144 -1.23 2.19 -0.51
C LEU A 144 -1.66 3.35 -1.38
N ASP A 145 -2.38 4.34 -0.81
CA ASP A 145 -2.74 5.52 -1.60
C ASP A 145 -1.47 6.20 -2.09
N THR A 146 -0.44 6.13 -1.26
CA THR A 146 0.84 6.68 -1.59
C THR A 146 1.55 5.90 -2.72
N VAL A 147 1.76 4.58 -2.57
CA VAL A 147 2.48 3.79 -3.60
C VAL A 147 1.72 3.76 -4.92
N LEU A 148 0.41 3.94 -4.86
CA LEU A 148 -0.39 3.98 -6.05
C LEU A 148 -0.37 5.37 -6.66
N PHE A 149 -0.57 6.37 -5.83
CA PHE A 149 -0.73 7.73 -6.28
C PHE A 149 0.20 8.72 -5.55
N GLY A 150 0.06 8.82 -4.23
CA GLY A 150 0.94 9.69 -3.43
C GLY A 150 0.83 11.16 -3.78
#